data_7MXP
#
_entry.id   7MXP
#
_cell.length_a   1.00
_cell.length_b   1.00
_cell.length_c   1.00
_cell.angle_alpha   90.00
_cell.angle_beta   90.00
_cell.angle_gamma   90.00
#
_symmetry.space_group_name_H-M   'P 1'
#
loop_
_entity.id
_entity.type
_entity.pdbx_description
1 polymer 'Spike glycoprotein'
2 polymer 'LP5 Fab Heavy Chain'
3 polymer 'LP5 Fab Light Chain'
4 branched 2-acetamido-2-deoxy-beta-D-glucopyranose-(1-2)-alpha-D-mannopyranose-(1-3)-[2-acetamido-2-deoxy-beta-D-glucopyranose-(1-2)][beta-D-mannopyranose-(1-6)]beta-D-mannopyranose-(1-4)-2-acetamido-2-deoxy-beta-D-glucopyranose-(1-4)-[alpha-L-fucopyranose-(1-6)]2-acetamido-2-deoxy-beta-D-glucopyranose
5 branched 2-acetamido-2-deoxy-beta-D-glucopyranose-(1-4)-2-acetamido-2-deoxy-beta-D-glucopyranose
6 branched beta-D-mannopyranose-(1-4)-2-acetamido-2-deoxy-beta-D-glucopyranose-(1-4)-2-acetamido-2-deoxy-beta-D-glucopyranose
7 non-polymer 2-acetamido-2-deoxy-beta-D-glucopyranose
#
loop_
_entity_poly.entity_id
_entity_poly.type
_entity_poly.pdbx_seq_one_letter_code
_entity_poly.pdbx_strand_id
1 'polypeptide(L)'
;MFVFLVLLPLVSSQCVNLTTRTQLPPAYTNSFTRGVYYPDKVFRSSVLHSTQDLFLPFFSNVTWFHAIHVSGTNGTKRFD
NPVLPFNDGVYFASTEKSNIIRGWIFGTTLDSKTQSLLIVNNATNVVIKVCEFQFCNDPFLGVYYHKNNKSWMESEFRVY
SSANNCTFEYVSQPFLMDLEGKQGNFKNLREFVFKNIDGYFKIYSKHTPINLVRDLPQGFSALEPLVDLPIGINITRFQT
LLALHRSYLTPGDSSSGWTAGAAAYYVGYLQPRTFLLKYNENGTITDAVDCALDPLSETKCTLKSFTVEKGIYQTSNFRV
QPTESIVRFPNITNLCPFGEVFNATRFASVYAWNRKRISNCVADYSVLYNSASFSTFKCYGVSPTKLNDLCFTNVYADSF
VIRGDEVRQIAPGQTGKIADYNYKLPDDFTGCVIAWNSNNLDSKVGGNYNYLYRLFRKSNLKPFERDISTEIYQAGSTPC
NGVEGFNCYFPLQSYGFQPTNGVGYQPYRVVVLSFELLHAPATVCGPKKSTNLVKNKCVNFNFNGLTGTGVLTESNKKFL
PFQQFGRDIADTTDAVRDPQTLEILDITPCSFGGVSVITPGTNTSNQVAVLYQDVNCTEVPVAIHADQLTPTWRVYSTGS
NVFQTRAGCLIGAEHVNNSYECDIPIGAGICASYQTQTNSPGSASSVASQSIIAYTMSLGVENSVAYSNNSIAIPTNFTI
SVTTEILPVSMTKTSVDCTMYICGDSTECSNLLLQYGSFCTQLNRALTGIAVEQDKNTQEVFAQVKQIYKTPPIKDFGGF
NFSQILPDPSKPSKRSFIEDLLFNKVTLADAGFIKQYGDCLGDIAARDLICAQKFNGLTVLPPLLTDEMIAQYTSALLAG
TITSGWTFGAGAALQIPFAMQMAYRFNGIGVTQNVLYENQKLIANQFNSAIGKIQDSLSSTASALGKLQDVVNQNAQALN
TLVKQLSSNFGAISSVLNDILSRLDKVEAEVQIDRLITGRLQSLQTYVTQQLIRAAEIRASANLAATKMSECVLGQSKRV
DFCGKGYHLMSFPQSAPHGVVFLHVTYVPAQEKNFTTAPAICHDGKAHFPREGVFVSNGTHWFVTQRNFYEPQIITTDNT
FVSGNCDVVIGIVNNTVYDPLQPELDSFKEELDKYFKNHTSPDVDLGDISGINASVVNIQKEIDRLNEVAKNLNESLIDL
QELGKYEQGSGYIPEAPRDGQAYVRKDGEWVLLSTFLGRSLEVLFQGPGHHHHHHHHSAWSHPQFEKGGGSGGGGSGGSA
WSHPQFEK
;
A,B,C
2 'polypeptide(L)'
;QVQLVESGGGVVQPGRSLRLSCAASGFTFSSYGMHWVRQAPGKGLEWVAVIWYDGSNKFYADSVKGRFTISRDNSKNTLY
LQMTSLRAEDTAVYYCARADYGDFFFDYWGQGTLVTVSS
;
G,I,H
3 'polypeptide(L)'
;SYELTQPPSVSVSPGQTARITCSGDALSKHYGYWYQQKPGQAPVLVIFKDSERPSGIPERFSGSSSGTTITLTVSGVQAE
DEADYYCQSADSSATYWVFGGGTKLTV
;
J,K,L
#
loop_
_chem_comp.id
_chem_comp.type
_chem_comp.name
_chem_comp.formula
BMA D-saccharide, beta linking beta-D-mannopyranose 'C6 H12 O6'
FUC L-saccharide, alpha linking alpha-L-fucopyranose 'C6 H12 O5'
MAN D-saccharide, alpha linking alpha-D-mannopyranose 'C6 H12 O6'
NAG D-saccharide, beta linking 2-acetamido-2-deoxy-beta-D-glucopyranose 'C8 H15 N O6'
#
# COMPACT_ATOMS: atom_id res chain seq x y z
N GLN A 14 -40.30 45.94 24.70
CA GLN A 14 -40.02 47.35 24.56
C GLN A 14 -38.73 47.75 25.28
N CYS A 15 -37.93 48.60 24.64
CA CYS A 15 -36.64 48.98 25.21
C CYS A 15 -36.80 49.99 26.34
N VAL A 16 -36.07 49.73 27.42
CA VAL A 16 -35.84 50.74 28.44
C VAL A 16 -34.34 51.02 28.41
N ASN A 17 -33.98 52.22 28.00
CA ASN A 17 -32.62 52.69 27.82
C ASN A 17 -31.92 52.82 29.16
N LEU A 18 -31.04 51.86 29.44
CA LEU A 18 -30.62 51.55 30.79
C LEU A 18 -29.10 51.59 30.91
N THR A 19 -28.39 51.76 29.80
CA THR A 19 -26.94 51.66 29.79
C THR A 19 -26.31 52.96 30.30
N THR A 20 -25.45 52.82 31.30
CA THR A 20 -24.74 53.92 31.94
C THR A 20 -23.53 54.22 31.05
N ARG A 21 -23.01 55.46 31.13
CA ARG A 21 -21.64 55.75 30.72
C ARG A 21 -20.67 54.85 31.49
N THR A 22 -19.68 54.31 30.76
CA THR A 22 -19.10 53.02 31.09
C THR A 22 -18.15 53.07 32.27
N GLN A 23 -17.97 51.90 32.90
CA GLN A 23 -17.08 51.73 34.03
C GLN A 23 -15.70 51.32 33.52
N LEU A 24 -14.86 50.86 34.42
CA LEU A 24 -13.51 50.46 34.06
C LEU A 24 -13.53 49.09 33.38
N PRO A 25 -12.64 48.84 32.42
CA PRO A 25 -12.37 47.46 31.96
C PRO A 25 -11.82 46.62 33.10
N PRO A 26 -12.23 45.35 33.20
CA PRO A 26 -12.11 44.64 34.48
C PRO A 26 -10.73 44.04 34.70
N ALA A 27 -10.63 43.31 35.79
CA ALA A 27 -9.55 42.35 35.93
C ALA A 27 -9.78 41.20 34.96
N TYR A 28 -8.69 40.63 34.46
CA TYR A 28 -8.79 39.56 33.50
C TYR A 28 -8.19 38.31 34.13
N THR A 29 -9.05 37.34 34.41
CA THR A 29 -8.74 36.29 35.36
C THR A 29 -7.95 35.17 34.67
N ASN A 30 -6.99 34.63 35.41
CA ASN A 30 -6.28 33.42 35.03
C ASN A 30 -7.26 32.24 34.96
N SER A 31 -7.15 31.46 33.89
CA SER A 31 -8.16 30.46 33.54
C SER A 31 -7.62 29.07 33.85
N PHE A 32 -7.96 28.54 35.03
CA PHE A 32 -7.19 27.46 35.64
C PHE A 32 -7.44 26.10 35.00
N THR A 33 -8.63 25.52 35.15
CA THR A 33 -9.10 24.69 34.06
C THR A 33 -10.47 25.17 33.64
N ARG A 34 -11.48 24.77 34.44
CA ARG A 34 -12.93 24.98 34.27
C ARG A 34 -13.45 24.87 32.83
N GLY A 35 -13.00 23.86 32.09
CA GLY A 35 -13.36 23.79 30.70
C GLY A 35 -13.54 22.39 30.16
N VAL A 36 -13.63 21.41 31.05
CA VAL A 36 -13.63 20.01 30.65
C VAL A 36 -15.05 19.62 30.26
N TYR A 37 -15.26 19.40 28.97
CA TYR A 37 -16.54 18.86 28.54
C TYR A 37 -16.33 17.46 27.99
N TYR A 38 -17.35 16.68 28.06
CA TYR A 38 -17.34 15.38 27.43
C TYR A 38 -17.89 15.54 26.02
N PRO A 39 -17.08 15.26 24.98
CA PRO A 39 -17.59 15.44 23.60
C PRO A 39 -18.52 14.33 23.18
N ASP A 40 -18.46 13.19 23.86
CA ASP A 40 -19.47 12.16 23.73
C ASP A 40 -19.72 11.58 25.11
N LYS A 41 -20.90 10.98 25.27
CA LYS A 41 -21.28 10.36 26.53
C LYS A 41 -21.06 8.85 26.49
N VAL A 42 -20.22 8.38 25.56
CA VAL A 42 -19.79 7.00 25.57
C VAL A 42 -18.73 6.81 26.66
N PHE A 43 -18.93 5.79 27.49
CA PHE A 43 -18.14 5.64 28.71
C PHE A 43 -16.80 5.01 28.40
N ARG A 44 -15.76 5.63 28.93
CA ARG A 44 -14.41 5.07 28.92
C ARG A 44 -13.89 5.13 30.35
N SER A 45 -13.37 4.01 30.82
CA SER A 45 -12.96 3.88 32.20
C SER A 45 -11.51 4.34 32.32
N SER A 46 -11.34 5.69 32.33
CA SER A 46 -10.06 6.42 32.39
C SER A 46 -9.11 6.02 31.26
N VAL A 47 -9.66 5.86 30.06
CA VAL A 47 -8.96 5.17 28.99
C VAL A 47 -8.02 6.06 28.20
N LEU A 48 -7.99 7.37 28.49
CA LEU A 48 -7.10 8.40 27.90
C LEU A 48 -7.24 8.51 26.39
N HIS A 49 -8.40 8.99 25.94
CA HIS A 49 -8.62 9.27 24.54
C HIS A 49 -8.10 10.68 24.19
N SER A 50 -7.71 10.87 22.94
CA SER A 50 -7.26 12.17 22.49
C SER A 50 -8.32 12.81 21.61
N THR A 51 -8.47 14.13 21.75
CA THR A 51 -9.53 14.87 21.08
C THR A 51 -8.95 16.03 20.27
N GLN A 52 -9.75 16.47 19.30
CA GLN A 52 -9.44 17.60 18.44
C GLN A 52 -10.69 18.48 18.36
N ASP A 53 -10.84 19.41 19.30
CA ASP A 53 -12.12 20.07 19.42
C ASP A 53 -11.88 21.51 19.85
N LEU A 54 -12.96 22.25 20.05
CA LEU A 54 -12.92 23.66 20.40
C LEU A 54 -12.83 23.83 21.90
N PHE A 55 -11.68 24.29 22.38
CA PHE A 55 -11.45 24.31 23.81
C PHE A 55 -11.07 25.70 24.27
N LEU A 56 -11.34 25.95 25.55
CA LEU A 56 -10.84 27.15 26.21
C LEU A 56 -9.33 27.05 26.35
N PRO A 57 -8.57 28.07 25.94
CA PRO A 57 -7.15 28.12 26.27
C PRO A 57 -6.95 28.33 27.76
N PHE A 58 -6.44 27.30 28.42
CA PHE A 58 -6.29 27.34 29.86
C PHE A 58 -5.05 28.15 30.20
N PHE A 59 -5.08 28.76 31.38
CA PHE A 59 -4.11 29.73 31.90
C PHE A 59 -3.93 30.92 30.98
N SER A 60 -5.04 31.39 30.43
CA SER A 60 -5.09 32.61 29.65
C SER A 60 -6.01 33.59 30.36
N ASN A 61 -6.28 34.71 29.68
CA ASN A 61 -7.23 35.69 30.17
C ASN A 61 -8.65 35.19 29.99
N VAL A 62 -9.46 35.32 31.03
CA VAL A 62 -10.91 35.31 30.89
C VAL A 62 -11.44 36.58 31.53
N THR A 63 -12.50 37.12 30.94
CA THR A 63 -13.09 38.34 31.45
C THR A 63 -14.33 38.02 32.25
N TRP A 64 -14.79 39.03 32.98
CA TRP A 64 -15.94 38.95 33.86
C TRP A 64 -16.39 40.38 34.06
N PHE A 65 -17.67 40.60 34.32
CA PHE A 65 -18.16 41.96 34.31
C PHE A 65 -18.95 42.28 35.56
N HIS A 66 -18.90 43.56 35.94
CA HIS A 66 -19.95 44.15 36.75
C HIS A 66 -21.00 44.72 35.81
N ALA A 67 -22.08 43.95 35.62
CA ALA A 67 -23.28 44.54 35.06
C ALA A 67 -24.08 45.25 36.14
N ILE A 68 -23.79 44.96 37.42
CA ILE A 68 -24.05 45.87 38.52
C ILE A 68 -22.70 46.18 39.16
N HIS A 69 -22.25 47.42 39.03
CA HIS A 69 -21.07 47.87 39.76
C HIS A 69 -21.56 48.30 41.13
N VAL A 70 -21.33 47.43 42.11
CA VAL A 70 -22.06 47.53 43.38
C VAL A 70 -21.45 48.60 44.26
N SER A 71 -22.07 49.76 44.25
CA SER A 71 -21.80 50.82 45.22
C SER A 71 -22.77 50.69 46.38
N GLY A 72 -22.59 51.51 47.40
CA GLY A 72 -23.37 51.38 48.61
C GLY A 72 -24.55 52.33 48.67
N THR A 73 -24.37 53.43 49.41
CA THR A 73 -25.41 54.45 49.55
C THR A 73 -25.63 55.19 48.24
N ASN A 74 -24.55 55.67 47.62
CA ASN A 74 -24.66 56.41 46.38
C ASN A 74 -24.08 55.57 45.26
N GLY A 75 -24.97 55.06 44.42
CA GLY A 75 -24.56 54.43 43.18
C GLY A 75 -25.18 55.20 42.04
N THR A 76 -25.19 54.55 40.88
CA THR A 76 -26.03 54.99 39.77
C THR A 76 -26.87 53.81 39.32
N LYS A 77 -27.52 53.95 38.18
CA LYS A 77 -27.87 52.78 37.41
C LYS A 77 -26.57 52.18 36.89
N ARG A 78 -26.45 50.87 37.01
CA ARG A 78 -25.13 50.29 36.93
C ARG A 78 -24.97 49.36 35.74
N PHE A 79 -26.00 49.35 34.89
CA PHE A 79 -26.14 48.45 33.75
C PHE A 79 -25.12 48.80 32.68
N ASP A 80 -24.16 47.92 32.49
CA ASP A 80 -23.08 48.12 31.55
C ASP A 80 -22.86 46.85 30.76
N ASN A 81 -23.94 46.25 30.28
CA ASN A 81 -23.86 44.98 29.61
C ASN A 81 -23.46 45.16 28.15
N PRO A 82 -22.38 44.56 27.68
CA PRO A 82 -22.03 44.65 26.27
C PRO A 82 -22.73 43.58 25.45
N VAL A 83 -22.89 43.88 24.18
CA VAL A 83 -23.28 42.86 23.21
C VAL A 83 -21.98 42.24 22.69
N LEU A 84 -21.60 41.15 23.26
CA LEU A 84 -20.32 40.55 23.00
C LEU A 84 -20.33 39.78 21.69
N PRO A 85 -19.20 39.68 21.00
CA PRO A 85 -19.13 38.79 19.83
C PRO A 85 -19.12 37.32 20.26
N PHE A 86 -19.58 36.48 19.35
CA PHE A 86 -19.52 35.03 19.47
C PHE A 86 -18.21 34.62 18.78
N ASN A 87 -17.09 34.81 19.47
CA ASN A 87 -15.80 34.45 18.90
C ASN A 87 -15.59 32.94 19.04
N ASP A 88 -16.00 32.24 17.96
CA ASP A 88 -15.79 30.81 17.63
C ASP A 88 -16.16 29.83 18.75
N GLY A 89 -17.14 30.17 19.58
CA GLY A 89 -17.43 29.35 20.73
C GLY A 89 -17.25 30.16 21.98
N VAL A 90 -18.30 30.23 22.80
CA VAL A 90 -18.33 31.13 23.93
C VAL A 90 -18.36 30.29 25.20
N TYR A 91 -17.37 30.49 26.05
CA TYR A 91 -17.42 29.97 27.40
C TYR A 91 -18.07 31.01 28.30
N PHE A 92 -19.05 30.57 29.07
CA PHE A 92 -19.73 31.40 30.02
C PHE A 92 -19.65 30.76 31.40
N ALA A 93 -19.52 31.59 32.42
CA ALA A 93 -19.69 31.11 33.78
C ALA A 93 -20.48 32.15 34.54
N SER A 94 -21.09 31.74 35.64
CA SER A 94 -21.97 32.61 36.41
C SER A 94 -21.92 32.20 37.87
N THR A 95 -21.39 33.09 38.71
CA THR A 95 -21.13 32.74 40.14
C THR A 95 -22.22 33.35 41.03
N GLU A 96 -23.36 33.73 40.44
CA GLU A 96 -24.46 34.39 41.19
C GLU A 96 -25.16 33.38 42.11
N LYS A 97 -26.02 33.84 43.03
CA LYS A 97 -26.68 32.95 43.96
C LYS A 97 -28.14 33.31 44.20
N SER A 98 -28.71 34.19 43.37
CA SER A 98 -30.13 34.54 43.51
C SER A 98 -30.83 34.61 42.16
N ASN A 99 -30.22 34.02 41.12
CA ASN A 99 -30.83 33.60 39.84
C ASN A 99 -31.31 34.80 39.01
N ILE A 100 -30.43 35.78 38.87
CA ILE A 100 -30.77 36.99 38.15
C ILE A 100 -30.70 36.84 36.65
N ILE A 101 -30.02 35.82 36.14
CA ILE A 101 -29.85 35.66 34.70
C ILE A 101 -30.84 34.60 34.23
N ARG A 102 -31.72 34.98 33.34
CA ARG A 102 -32.73 34.06 32.83
C ARG A 102 -32.79 34.04 31.32
N GLY A 103 -31.83 34.62 30.61
CA GLY A 103 -31.92 34.68 29.17
C GLY A 103 -30.59 35.07 28.54
N TRP A 104 -30.44 34.65 27.29
CA TRP A 104 -29.29 34.98 26.46
C TRP A 104 -29.82 35.12 25.04
N ILE A 105 -29.14 35.88 24.20
CA ILE A 105 -29.51 35.94 22.79
C ILE A 105 -28.27 35.72 21.94
N PHE A 106 -28.50 35.25 20.72
CA PHE A 106 -27.46 34.98 19.75
C PHE A 106 -27.90 35.56 18.42
N GLY A 107 -26.94 35.83 17.55
CA GLY A 107 -27.25 36.31 16.22
C GLY A 107 -26.03 36.97 15.65
N THR A 108 -26.23 37.64 14.51
CA THR A 108 -25.18 38.49 13.96
C THR A 108 -25.53 39.96 14.15
N THR A 109 -26.82 40.28 14.06
CA THR A 109 -27.29 41.63 13.85
C THR A 109 -28.33 42.02 14.89
N LEU A 110 -29.08 41.02 15.39
CA LEU A 110 -30.17 41.12 16.38
C LEU A 110 -31.26 42.09 15.93
N ASP A 111 -31.93 41.70 14.84
CA ASP A 111 -32.77 42.58 14.04
C ASP A 111 -33.69 41.64 13.24
N SER A 112 -34.53 42.21 12.37
CA SER A 112 -35.21 41.39 11.37
C SER A 112 -34.36 41.13 10.15
N LYS A 113 -33.17 41.74 10.05
CA LYS A 113 -32.30 41.52 8.90
C LYS A 113 -31.65 40.15 8.93
N THR A 114 -31.36 39.64 10.12
CA THR A 114 -30.84 38.30 10.32
C THR A 114 -31.83 37.53 11.16
N GLN A 115 -32.19 36.32 10.68
CA GLN A 115 -32.92 35.32 11.45
C GLN A 115 -32.13 34.98 12.71
N SER A 116 -32.72 35.36 13.84
CA SER A 116 -31.99 35.57 15.07
C SER A 116 -32.43 34.54 16.08
N LEU A 117 -31.89 34.65 17.29
CA LEU A 117 -31.97 33.57 18.27
C LEU A 117 -32.27 34.12 19.65
N LEU A 118 -33.11 33.42 20.38
CA LEU A 118 -33.42 33.75 21.76
C LEU A 118 -33.52 32.47 22.57
N ILE A 119 -32.77 32.40 23.67
CA ILE A 119 -32.97 31.36 24.67
C ILE A 119 -33.37 32.05 25.98
N VAL A 120 -34.36 31.50 26.67
CA VAL A 120 -34.89 32.15 27.86
C VAL A 120 -35.33 31.09 28.87
N ASN A 121 -34.91 31.30 30.10
CA ASN A 121 -35.18 30.44 31.25
C ASN A 121 -36.43 30.91 31.98
N ASN A 122 -37.13 29.95 32.58
CA ASN A 122 -38.34 30.17 33.35
C ASN A 122 -38.17 29.37 34.64
N ALA A 123 -38.97 29.68 35.66
CA ALA A 123 -38.95 28.90 36.89
C ALA A 123 -39.51 27.50 36.72
N THR A 124 -40.35 27.26 35.71
CA THR A 124 -40.96 25.97 35.47
C THR A 124 -40.55 25.29 34.16
N ASN A 125 -39.91 26.00 33.23
CA ASN A 125 -39.43 25.42 31.97
C ASN A 125 -38.28 26.25 31.43
N VAL A 126 -37.92 26.00 30.17
CA VAL A 126 -37.05 26.87 29.37
C VAL A 126 -37.70 27.02 28.00
N VAL A 127 -37.95 28.25 27.58
CA VAL A 127 -38.63 28.54 26.32
C VAL A 127 -37.55 28.83 25.28
N ILE A 128 -37.66 28.21 24.11
CA ILE A 128 -36.78 28.46 22.98
C ILE A 128 -37.59 29.04 21.84
N LYS A 129 -37.17 30.18 21.32
CA LYS A 129 -37.59 30.67 20.01
C LYS A 129 -36.40 31.21 19.26
N VAL A 130 -36.13 30.64 18.09
CA VAL A 130 -35.26 31.31 17.15
C VAL A 130 -36.13 31.86 16.03
N CYS A 131 -35.93 33.15 15.75
CA CYS A 131 -36.87 34.03 15.05
C CYS A 131 -36.13 35.34 14.84
N GLU A 132 -36.40 35.99 13.71
CA GLU A 132 -35.95 37.38 13.60
C GLU A 132 -36.91 38.31 14.34
N PHE A 133 -36.47 38.56 15.56
CA PHE A 133 -37.13 39.45 16.49
C PHE A 133 -36.58 40.86 16.30
N GLN A 134 -37.43 41.87 16.52
CA GLN A 134 -36.94 43.25 16.64
C GLN A 134 -36.37 43.50 18.02
N PHE A 135 -35.11 43.06 18.19
CA PHE A 135 -34.47 42.93 19.49
C PHE A 135 -34.13 44.25 20.13
N CYS A 136 -34.17 44.27 21.46
CA CYS A 136 -33.96 45.49 22.21
C CYS A 136 -32.49 45.87 22.29
N ASN A 137 -32.24 47.17 22.42
CA ASN A 137 -30.90 47.67 22.69
C ASN A 137 -30.46 47.33 24.10
N ASP A 138 -31.36 47.46 25.06
CA ASP A 138 -31.05 47.02 26.41
C ASP A 138 -32.03 45.90 26.80
N PRO A 139 -31.74 44.66 26.42
CA PRO A 139 -32.67 43.57 26.71
C PRO A 139 -32.54 43.09 28.15
N PHE A 140 -33.65 43.18 28.87
CA PHE A 140 -33.60 42.95 30.31
C PHE A 140 -34.93 42.38 30.77
N LEU A 141 -34.93 41.87 31.99
CA LEU A 141 -36.10 41.28 32.61
C LEU A 141 -36.29 41.94 33.96
N GLY A 142 -37.48 41.80 34.53
CA GLY A 142 -37.68 42.32 35.86
C GLY A 142 -38.55 41.45 36.72
N VAL A 143 -38.00 40.95 37.82
CA VAL A 143 -38.73 40.13 38.77
C VAL A 143 -38.79 40.88 40.08
N TYR A 144 -39.82 40.58 40.87
CA TYR A 144 -40.19 41.42 41.98
C TYR A 144 -40.97 40.58 42.98
N TYR A 145 -41.63 41.24 43.90
CA TYR A 145 -42.33 40.58 45.00
C TYR A 145 -43.78 41.04 45.07
N HIS A 146 -44.63 40.18 45.61
CA HIS A 146 -45.97 40.58 46.03
C HIS A 146 -45.92 41.21 47.42
N LYS A 147 -47.02 41.86 47.81
CA LYS A 147 -47.11 42.37 49.17
C LYS A 147 -47.89 41.45 50.08
N ASN A 148 -49.13 41.10 49.68
CA ASN A 148 -49.97 40.20 50.46
C ASN A 148 -49.45 38.78 50.42
N ASN A 149 -49.13 38.28 49.23
CA ASN A 149 -48.29 37.09 49.16
C ASN A 149 -46.85 37.51 49.44
N LYS A 150 -46.04 36.59 49.94
CA LYS A 150 -44.63 36.92 50.10
C LYS A 150 -43.89 36.90 48.77
N SER A 151 -43.82 35.75 48.09
CA SER A 151 -42.86 35.57 47.01
C SER A 151 -43.49 34.91 45.78
N TRP A 152 -43.96 35.74 44.84
CA TRP A 152 -44.17 35.33 43.46
C TRP A 152 -43.25 36.14 42.56
N MET A 153 -42.64 35.47 41.59
CA MET A 153 -41.49 36.02 40.86
C MET A 153 -41.80 36.29 39.40
N GLU A 154 -42.95 36.91 39.11
CA GLU A 154 -43.43 36.97 37.73
C GLU A 154 -42.73 38.09 36.96
N SER A 155 -42.69 37.93 35.63
CA SER A 155 -42.00 38.87 34.76
C SER A 155 -42.60 38.81 33.35
N GLU A 156 -42.15 39.74 32.51
CA GLU A 156 -42.60 39.86 31.13
C GLU A 156 -41.37 40.08 30.26
N PHE A 157 -41.40 39.57 29.03
CA PHE A 157 -40.32 39.89 28.10
C PHE A 157 -40.55 41.31 27.60
N ARG A 158 -39.46 42.05 27.44
CA ARG A 158 -39.48 43.38 26.85
C ARG A 158 -38.40 43.47 25.80
N VAL A 159 -37.82 42.33 25.47
CA VAL A 159 -36.54 42.30 24.80
C VAL A 159 -36.71 42.27 23.30
N TYR A 160 -37.95 42.14 22.83
CA TYR A 160 -38.25 42.45 21.46
C TYR A 160 -39.59 43.12 21.37
N SER A 161 -40.04 43.35 20.13
CA SER A 161 -41.40 43.77 19.86
C SER A 161 -42.11 42.86 18.87
N SER A 162 -41.45 42.44 17.79
CA SER A 162 -42.11 41.74 16.70
C SER A 162 -41.67 40.29 16.63
N ALA A 163 -42.64 39.38 16.68
CA ALA A 163 -42.42 37.96 16.48
C ALA A 163 -42.75 37.63 15.03
N ASN A 164 -41.87 38.01 14.11
CA ASN A 164 -42.16 37.84 12.68
C ASN A 164 -41.23 36.82 12.07
N ASN A 165 -41.85 35.93 11.27
CA ASN A 165 -41.25 34.76 10.58
C ASN A 165 -40.55 33.83 11.56
N CYS A 166 -41.23 33.47 12.65
CA CYS A 166 -40.63 32.60 13.66
C CYS A 166 -40.58 31.14 13.22
N THR A 167 -39.57 30.43 13.72
CA THR A 167 -39.19 29.14 13.16
C THR A 167 -39.32 27.97 14.12
N PHE A 168 -38.68 28.02 15.27
CA PHE A 168 -38.48 26.85 16.12
C PHE A 168 -38.99 27.09 17.53
N GLU A 169 -39.60 26.08 18.12
CA GLU A 169 -40.08 26.12 19.49
C GLU A 169 -39.60 24.89 20.26
N TYR A 170 -39.21 25.10 21.51
CA TYR A 170 -38.82 24.00 22.39
C TYR A 170 -39.08 24.41 23.83
N VAL A 171 -39.68 23.50 24.59
CA VAL A 171 -40.00 23.69 26.00
C VAL A 171 -39.24 22.63 26.79
N SER A 172 -38.52 23.05 27.83
CA SER A 172 -37.55 22.17 28.47
C SER A 172 -37.85 22.07 29.97
N GLN A 173 -36.90 21.47 30.69
CA GLN A 173 -36.81 21.55 32.14
C GLN A 173 -36.22 22.90 32.52
N PRO A 174 -36.41 23.37 33.77
CA PRO A 174 -35.57 24.47 34.28
C PRO A 174 -34.09 24.11 34.33
N PHE A 175 -33.26 25.07 33.95
CA PHE A 175 -31.83 24.81 33.90
C PHE A 175 -31.18 25.13 35.23
N LEU A 176 -31.44 26.30 35.78
CA LEU A 176 -30.80 26.76 37.00
C LEU A 176 -31.64 26.36 38.20
N MET A 177 -31.08 25.48 39.01
CA MET A 177 -31.66 25.11 40.29
C MET A 177 -30.78 25.68 41.38
N ASP A 178 -31.36 26.59 42.15
CA ASP A 178 -30.59 27.37 43.11
C ASP A 178 -30.49 26.64 44.45
N GLY A 184 -26.44 24.93 50.25
CA GLY A 184 -26.38 25.96 49.23
C GLY A 184 -26.22 27.35 49.82
N ASN A 185 -24.99 27.69 50.21
CA ASN A 185 -24.77 28.96 50.89
C ASN A 185 -23.69 29.80 50.22
N PHE A 186 -22.63 29.18 49.71
CA PHE A 186 -21.62 29.91 48.95
C PHE A 186 -21.98 29.90 47.47
N LYS A 187 -20.99 30.23 46.65
CA LYS A 187 -21.22 30.44 45.23
C LYS A 187 -21.37 29.13 44.48
N ASN A 188 -22.62 28.74 44.23
CA ASN A 188 -22.92 27.71 43.24
C ASN A 188 -22.66 28.32 41.88
N LEU A 189 -21.46 28.09 41.36
CA LEU A 189 -21.07 28.56 40.04
C LEU A 189 -21.80 27.71 39.01
N ARG A 190 -22.42 28.35 38.04
CA ARG A 190 -23.10 27.66 36.97
C ARG A 190 -22.53 28.12 35.65
N GLU A 191 -21.94 27.19 34.90
CA GLU A 191 -21.05 27.53 33.81
C GLU A 191 -21.48 26.84 32.53
N PHE A 192 -21.31 27.52 31.40
CA PHE A 192 -21.91 27.10 30.14
C PHE A 192 -20.95 27.30 28.98
N VAL A 193 -20.97 26.36 28.05
CA VAL A 193 -20.19 26.48 26.83
C VAL A 193 -21.14 26.43 25.65
N PHE A 194 -21.07 27.45 24.80
CA PHE A 194 -21.95 27.59 23.65
C PHE A 194 -21.17 27.25 22.39
N LYS A 195 -21.49 26.12 21.79
CA LYS A 195 -20.74 25.60 20.65
C LYS A 195 -21.64 25.53 19.43
N ASN A 196 -21.41 26.42 18.48
CA ASN A 196 -22.20 26.44 17.25
C ASN A 196 -21.43 25.69 16.17
N ILE A 197 -22.12 24.78 15.50
CA ILE A 197 -21.60 23.96 14.43
C ILE A 197 -22.53 24.26 13.27
N ASP A 198 -22.11 23.98 12.03
CA ASP A 198 -23.06 23.86 10.92
C ASP A 198 -24.03 22.73 11.22
N GLY A 199 -25.30 23.07 11.33
CA GLY A 199 -26.31 22.12 11.78
C GLY A 199 -26.66 22.23 13.26
N TYR A 200 -25.71 22.06 14.16
CA TYR A 200 -26.05 21.93 15.58
C TYR A 200 -25.55 23.11 16.38
N PHE A 201 -26.22 23.37 17.49
CA PHE A 201 -25.74 24.30 18.48
C PHE A 201 -25.77 23.63 19.85
N LYS A 202 -24.62 23.11 20.27
CA LYS A 202 -24.53 22.33 21.49
C LYS A 202 -24.22 23.24 22.68
N ILE A 203 -24.92 22.99 23.77
CA ILE A 203 -24.75 23.72 25.02
C ILE A 203 -24.27 22.76 26.09
N TYR A 204 -23.10 23.05 26.66
CA TYR A 204 -22.65 22.35 27.86
C TYR A 204 -23.09 23.10 29.09
N SER A 205 -23.12 22.38 30.21
CA SER A 205 -23.58 22.93 31.47
C SER A 205 -22.90 22.21 32.61
N LYS A 206 -22.83 22.89 33.77
CA LYS A 206 -22.44 22.31 35.05
C LYS A 206 -22.91 23.21 36.17
N HIS A 207 -23.59 22.62 37.15
CA HIS A 207 -23.74 23.22 38.47
C HIS A 207 -22.52 22.81 39.29
N THR A 208 -21.81 23.79 39.83
CA THR A 208 -20.84 23.42 40.83
C THR A 208 -21.50 23.28 42.18
N PRO A 209 -20.84 22.62 43.13
CA PRO A 209 -21.16 22.87 44.54
C PRO A 209 -20.64 24.21 45.04
N ILE A 210 -20.88 24.46 46.32
CA ILE A 210 -20.62 25.76 46.92
C ILE A 210 -19.13 25.91 47.23
N ASN A 211 -18.61 27.09 46.92
CA ASN A 211 -17.22 27.42 47.17
C ASN A 211 -17.13 28.93 47.30
N LEU A 212 -16.13 29.39 48.06
CA LEU A 212 -15.92 30.82 48.27
C LEU A 212 -14.55 31.19 47.71
N VAL A 213 -14.49 31.40 46.39
CA VAL A 213 -13.33 31.94 45.71
C VAL A 213 -13.77 33.21 45.01
N ARG A 214 -13.05 34.31 45.24
CA ARG A 214 -13.38 35.57 44.58
C ARG A 214 -13.00 35.54 43.11
N ASP A 215 -11.93 34.84 42.78
CA ASP A 215 -11.53 34.60 41.40
C ASP A 215 -12.15 33.29 40.93
N LEU A 216 -11.59 32.74 39.85
CA LEU A 216 -11.91 31.39 39.42
C LEU A 216 -11.46 30.38 40.47
N PRO A 217 -12.33 29.44 40.85
CA PRO A 217 -11.88 28.34 41.70
C PRO A 217 -11.02 27.37 40.91
N GLN A 218 -10.03 26.80 41.61
CA GLN A 218 -9.12 25.87 40.98
C GLN A 218 -9.77 24.50 40.88
N GLY A 219 -9.21 23.67 40.01
CA GLY A 219 -9.71 22.33 39.83
C GLY A 219 -10.52 22.17 38.56
N PHE A 220 -11.27 21.07 38.52
CA PHE A 220 -11.86 20.58 37.29
C PHE A 220 -13.37 20.60 37.40
N SER A 221 -14.02 20.82 36.27
CA SER A 221 -15.48 20.83 36.20
C SER A 221 -15.92 20.10 34.94
N ALA A 222 -16.55 18.95 35.13
CA ALA A 222 -17.01 18.11 34.02
C ALA A 222 -18.30 18.70 33.47
N LEU A 223 -18.25 19.21 32.25
CA LEU A 223 -19.39 19.83 31.61
C LEU A 223 -20.18 18.77 30.87
N GLU A 224 -21.33 18.47 31.36
CA GLU A 224 -22.22 17.56 30.67
C GLU A 224 -22.89 18.27 29.50
N PRO A 225 -23.21 17.55 28.43
CA PRO A 225 -24.08 18.12 27.39
C PRO A 225 -25.49 18.33 27.91
N LEU A 226 -25.90 19.58 27.93
CA LEU A 226 -27.25 19.91 28.33
C LEU A 226 -28.23 19.71 27.20
N VAL A 227 -28.04 20.42 26.09
CA VAL A 227 -28.89 20.31 24.91
C VAL A 227 -28.05 20.70 23.70
N ASP A 228 -28.25 19.97 22.60
CA ASP A 228 -27.85 20.44 21.29
C ASP A 228 -29.04 21.11 20.63
N LEU A 229 -28.81 22.24 19.99
CA LEU A 229 -29.88 22.90 19.25
C LEU A 229 -29.64 22.61 17.79
N PRO A 230 -30.44 21.74 17.16
CA PRO A 230 -30.18 21.38 15.76
C PRO A 230 -30.75 22.40 14.77
N ILE A 231 -30.17 23.59 14.77
CA ILE A 231 -30.61 24.68 13.91
C ILE A 231 -29.46 25.18 13.05
N GLY A 232 -28.37 25.60 13.68
CA GLY A 232 -27.14 25.93 13.00
C GLY A 232 -27.15 27.17 12.13
N ILE A 233 -27.76 28.26 12.59
CA ILE A 233 -27.83 29.48 11.82
C ILE A 233 -26.73 30.41 12.27
N ASN A 234 -26.53 31.49 11.51
CA ASN A 234 -25.37 32.37 11.62
C ASN A 234 -25.44 33.21 12.89
N ILE A 235 -24.39 33.07 13.70
CA ILE A 235 -24.22 33.82 14.95
C ILE A 235 -22.88 34.53 14.88
N THR A 236 -22.90 35.85 14.97
CA THR A 236 -21.68 36.61 15.20
C THR A 236 -21.67 37.26 16.57
N ARG A 237 -22.81 37.72 17.07
CA ARG A 237 -22.83 38.43 18.34
C ARG A 237 -23.68 37.70 19.38
N PHE A 238 -23.62 38.21 20.60
CA PHE A 238 -24.21 37.59 21.77
C PHE A 238 -24.51 38.66 22.80
N GLN A 239 -25.67 38.57 23.44
CA GLN A 239 -25.91 39.40 24.62
C GLN A 239 -26.62 38.52 25.65
N THR A 240 -26.35 38.77 26.93
CA THR A 240 -27.09 38.10 27.99
C THR A 240 -28.25 38.96 28.48
N LEU A 241 -29.15 38.34 29.22
CA LEU A 241 -30.38 38.97 29.65
C LEU A 241 -30.58 38.71 31.13
N LEU A 242 -30.83 39.79 31.87
CA LEU A 242 -30.79 39.74 33.33
C LEU A 242 -32.10 40.23 33.92
N ALA A 243 -32.38 39.79 35.14
CA ALA A 243 -33.63 40.12 35.83
C ALA A 243 -33.32 40.83 37.14
N LEU A 244 -33.95 41.99 37.35
CA LEU A 244 -33.77 42.78 38.57
C LEU A 244 -34.96 43.71 38.77
N HIS A 245 -35.24 44.02 40.04
CA HIS A 245 -36.18 45.09 40.42
C HIS A 245 -35.40 46.38 40.69
N ARG A 246 -35.52 47.31 39.76
CA ARG A 246 -34.73 48.53 39.83
C ARG A 246 -35.59 49.78 39.68
N SER A 247 -34.91 50.90 39.48
CA SER A 247 -35.52 52.22 39.40
C SER A 247 -35.36 52.82 38.00
N TYR A 248 -36.42 53.50 37.57
CA TYR A 248 -36.40 54.38 36.41
C TYR A 248 -36.12 55.82 36.82
N LEU A 249 -36.19 56.10 38.12
CA LEU A 249 -36.31 57.45 38.65
C LEU A 249 -35.01 57.99 39.22
N THR A 250 -34.50 57.34 40.27
CA THR A 250 -33.46 57.92 41.09
C THR A 250 -32.28 56.97 41.18
N PRO A 251 -31.18 57.24 40.47
CA PRO A 251 -30.05 56.32 40.49
C PRO A 251 -29.14 56.49 41.69
N GLY A 252 -29.07 57.71 42.24
CA GLY A 252 -28.28 57.95 43.43
C GLY A 252 -28.90 57.33 44.67
N ASP A 253 -30.20 57.53 44.85
CA ASP A 253 -30.97 56.78 45.81
C ASP A 253 -31.62 55.59 45.14
N SER A 254 -30.80 54.70 44.59
CA SER A 254 -31.32 53.47 43.99
C SER A 254 -31.79 52.50 45.05
N SER A 255 -31.10 52.50 46.21
CA SER A 255 -31.54 51.95 47.51
C SER A 255 -31.74 50.43 47.45
N SER A 256 -30.81 49.74 46.81
CA SER A 256 -31.14 48.42 46.30
C SER A 256 -30.88 47.30 47.32
N GLY A 257 -29.62 47.08 47.65
CA GLY A 257 -29.23 45.89 48.39
C GLY A 257 -29.49 44.58 47.67
N TRP A 258 -29.37 44.58 46.34
CA TRP A 258 -29.72 43.43 45.53
C TRP A 258 -28.45 42.78 44.99
N THR A 259 -28.19 41.54 45.43
CA THR A 259 -27.05 40.63 45.14
C THR A 259 -25.69 41.34 45.13
N ALA A 260 -25.36 41.91 46.28
CA ALA A 260 -24.26 42.85 46.41
C ALA A 260 -22.91 42.14 46.38
N GLY A 261 -22.12 42.42 45.36
CA GLY A 261 -20.82 41.81 45.17
C GLY A 261 -20.81 40.58 44.29
N ALA A 262 -21.97 39.96 44.05
CA ALA A 262 -22.03 38.71 43.29
C ALA A 262 -22.45 38.95 41.85
N ALA A 263 -22.13 40.12 41.30
CA ALA A 263 -22.55 40.50 39.95
C ALA A 263 -21.59 40.03 38.87
N ALA A 264 -20.53 39.32 39.24
CA ALA A 264 -19.55 38.78 38.32
C ALA A 264 -20.13 37.61 37.55
N TYR A 265 -19.74 37.52 36.28
CA TYR A 265 -20.20 36.47 35.39
C TYR A 265 -19.11 36.28 34.35
N TYR A 266 -18.51 35.10 34.32
CA TYR A 266 -17.19 34.95 33.75
C TYR A 266 -17.29 34.45 32.32
N VAL A 267 -16.68 35.21 31.41
CA VAL A 267 -16.88 35.02 29.97
C VAL A 267 -15.55 34.61 29.36
N GLY A 268 -15.55 33.47 28.66
CA GLY A 268 -14.38 33.03 27.94
C GLY A 268 -14.72 32.73 26.49
N TYR A 269 -13.69 32.38 25.74
CA TYR A 269 -13.84 32.02 24.34
C TYR A 269 -13.08 30.74 24.05
N LEU A 270 -13.50 30.05 23.00
CA LEU A 270 -12.88 28.78 22.69
C LEU A 270 -11.78 28.94 21.65
N GLN A 271 -11.10 27.83 21.37
CA GLN A 271 -10.00 27.76 20.42
C GLN A 271 -9.94 26.31 19.98
N PRO A 272 -9.71 26.03 18.68
CA PRO A 272 -9.56 24.63 18.24
C PRO A 272 -8.25 24.03 18.72
N ARG A 273 -8.35 23.18 19.73
CA ARG A 273 -7.22 22.85 20.56
C ARG A 273 -7.12 21.33 20.66
N THR A 274 -5.94 20.88 21.03
CA THR A 274 -5.54 19.49 20.93
C THR A 274 -5.41 18.90 22.32
N PHE A 275 -6.46 18.29 22.85
CA PHE A 275 -6.43 17.82 24.22
C PHE A 275 -6.67 16.32 24.29
N LEU A 276 -5.82 15.63 25.05
CA LEU A 276 -6.06 14.25 25.46
C LEU A 276 -7.03 14.27 26.63
N LEU A 277 -7.73 13.16 26.87
CA LEU A 277 -8.62 13.02 28.01
C LEU A 277 -8.03 12.10 29.06
N LYS A 278 -8.83 11.83 30.07
CA LYS A 278 -8.58 10.77 31.02
C LYS A 278 -9.30 9.49 30.61
N GLY A 283 -13.79 5.33 38.33
CA GLY A 283 -12.56 5.55 37.59
C GLY A 283 -12.84 5.97 36.17
N THR A 284 -13.56 7.08 36.03
CA THR A 284 -14.06 7.50 34.72
C THR A 284 -13.06 8.41 34.02
N ILE A 285 -13.50 9.10 32.99
CA ILE A 285 -12.77 10.25 32.48
C ILE A 285 -13.06 11.43 33.39
N THR A 286 -12.10 11.81 34.24
CA THR A 286 -12.36 12.92 35.14
C THR A 286 -11.57 14.16 34.74
N ASP A 287 -10.25 14.04 34.65
CA ASP A 287 -9.43 15.25 34.59
C ASP A 287 -8.26 15.08 33.64
N ALA A 288 -7.96 16.19 32.92
CA ALA A 288 -6.96 16.24 31.87
C ALA A 288 -6.62 17.68 31.52
N VAL A 289 -5.32 18.01 31.53
CA VAL A 289 -4.79 19.27 31.02
C VAL A 289 -3.68 18.93 30.03
N ASP A 290 -3.79 19.39 28.79
CA ASP A 290 -3.03 18.76 27.71
C ASP A 290 -2.50 19.80 26.74
N CYS A 291 -2.24 19.35 25.49
CA CYS A 291 -0.95 19.47 24.80
C CYS A 291 -0.46 20.90 24.63
N ALA A 292 -1.30 21.75 24.04
CA ALA A 292 -0.84 22.96 23.37
C ALA A 292 -0.63 24.13 24.30
N LEU A 293 -0.92 23.95 25.59
CA LEU A 293 -0.84 25.05 26.54
C LEU A 293 0.60 25.35 26.91
N ASP A 294 1.46 24.34 26.93
CA ASP A 294 2.80 24.46 27.46
C ASP A 294 3.66 23.40 26.78
N PRO A 295 5.00 23.58 26.74
CA PRO A 295 5.89 22.51 26.28
C PRO A 295 5.87 21.26 27.13
N LEU A 296 5.58 21.39 28.42
CA LEU A 296 5.55 20.22 29.30
C LEU A 296 4.30 19.37 29.06
N SER A 297 3.21 19.98 28.58
CA SER A 297 2.08 19.18 28.14
C SER A 297 2.32 18.60 26.77
N GLU A 298 3.21 19.22 25.99
CA GLU A 298 3.60 18.64 24.72
C GLU A 298 4.49 17.42 24.91
N THR A 299 5.25 17.40 26.01
CA THR A 299 5.92 16.17 26.42
C THR A 299 4.92 15.15 26.93
N LYS A 300 3.83 15.62 27.56
CA LYS A 300 2.82 14.73 28.11
C LYS A 300 2.03 14.04 27.01
N CYS A 301 1.80 14.74 25.91
CA CYS A 301 1.01 14.19 24.83
C CYS A 301 1.84 13.25 23.98
N THR A 302 3.11 13.58 23.79
CA THR A 302 3.96 12.74 22.96
C THR A 302 4.38 11.49 23.70
N LEU A 303 4.39 11.52 25.03
CA LEU A 303 4.52 10.30 25.80
C LEU A 303 3.22 9.54 25.92
N LYS A 304 2.08 10.22 25.68
CA LYS A 304 0.71 9.81 26.06
C LYS A 304 0.63 9.40 27.52
N SER A 305 1.22 10.23 28.38
CA SER A 305 1.31 9.94 29.80
C SER A 305 1.18 11.24 30.56
N PHE A 306 0.46 11.20 31.68
CA PHE A 306 0.36 12.38 32.52
C PHE A 306 1.65 12.65 33.27
N THR A 307 2.39 11.60 33.60
CA THR A 307 3.70 11.74 34.21
C THR A 307 4.79 11.68 33.15
N VAL A 308 5.68 12.66 33.16
CA VAL A 308 6.81 12.72 32.25
C VAL A 308 8.07 12.48 33.08
N GLU A 309 8.86 11.51 32.65
CA GLU A 309 10.09 11.10 33.30
C GLU A 309 11.23 12.06 32.91
N LYS A 310 12.36 11.94 33.60
CA LYS A 310 13.57 12.73 33.32
C LYS A 310 14.17 12.40 31.95
N GLY A 311 14.48 13.44 31.17
CA GLY A 311 15.42 13.25 30.10
C GLY A 311 15.14 14.10 28.88
N ILE A 312 15.76 13.68 27.78
CA ILE A 312 15.63 14.30 26.48
C ILE A 312 14.49 13.61 25.73
N TYR A 313 13.59 14.42 25.17
CA TYR A 313 12.42 13.91 24.48
C TYR A 313 12.18 14.77 23.27
N GLN A 314 12.35 14.18 22.09
CA GLN A 314 11.99 14.86 20.83
C GLN A 314 10.48 14.78 20.73
N THR A 315 9.81 15.87 21.09
CA THR A 315 8.35 15.86 21.09
C THR A 315 7.77 16.46 19.81
N SER A 316 8.02 17.75 19.59
CA SER A 316 7.45 18.45 18.45
C SER A 316 8.38 18.31 17.27
N ASN A 317 7.82 17.92 16.13
CA ASN A 317 8.65 17.77 14.95
C ASN A 317 8.44 19.03 14.07
N PHE A 318 7.83 20.05 14.65
CA PHE A 318 7.38 21.19 13.82
C PHE A 318 8.34 22.36 13.70
N ARG A 319 7.99 23.32 12.82
CA ARG A 319 8.79 24.53 12.55
C ARG A 319 8.26 25.03 11.20
N VAL A 320 9.02 25.84 10.44
CA VAL A 320 8.62 26.31 9.07
C VAL A 320 7.48 27.33 9.20
N GLN A 321 7.58 28.48 8.53
CA GLN A 321 6.55 29.52 8.75
C GLN A 321 6.35 30.48 7.58
N PRO A 322 5.12 30.66 7.05
CA PRO A 322 4.84 31.73 6.08
C PRO A 322 4.92 33.11 6.70
N THR A 323 5.60 34.05 6.05
CA THR A 323 5.54 35.43 6.53
C THR A 323 4.85 36.34 5.53
N GLU A 324 5.28 36.32 4.27
CA GLU A 324 4.70 37.20 3.26
C GLU A 324 4.29 36.38 2.06
N SER A 325 3.87 37.09 1.01
CA SER A 325 3.37 36.47 -0.21
C SER A 325 3.87 37.25 -1.41
N ILE A 326 4.82 36.70 -2.15
CA ILE A 326 5.17 37.19 -3.47
C ILE A 326 4.49 36.36 -4.55
N VAL A 327 3.80 37.04 -5.46
CA VAL A 327 3.29 36.47 -6.70
C VAL A 327 3.89 37.28 -7.84
N ARG A 328 4.64 36.61 -8.72
CA ARG A 328 5.22 37.28 -9.87
C ARG A 328 4.65 36.72 -11.16
N PHE A 329 3.79 37.52 -11.78
CA PHE A 329 3.24 37.30 -13.11
C PHE A 329 4.07 38.13 -14.08
N PRO A 330 4.03 37.83 -15.39
CA PRO A 330 4.85 38.64 -16.32
C PRO A 330 4.21 40.00 -16.60
N ASN A 331 4.93 40.81 -17.38
CA ASN A 331 4.55 42.20 -17.63
C ASN A 331 3.63 42.32 -18.84
N ILE A 332 2.46 41.69 -18.72
CA ILE A 332 1.54 41.56 -19.86
C ILE A 332 0.26 42.29 -19.50
N THR A 333 -0.20 43.14 -20.42
CA THR A 333 -1.39 43.95 -20.18
C THR A 333 -2.46 43.82 -21.26
N ASN A 334 -2.20 43.11 -22.35
CA ASN A 334 -3.12 43.09 -23.47
C ASN A 334 -4.14 41.97 -23.33
N LEU A 335 -5.30 42.18 -23.94
CA LEU A 335 -6.23 41.08 -24.12
C LEU A 335 -5.93 40.36 -25.42
N CYS A 336 -6.70 39.31 -25.68
CA CYS A 336 -6.44 38.43 -26.79
C CYS A 336 -7.75 37.78 -27.23
N PRO A 337 -7.86 37.27 -28.48
CA PRO A 337 -9.11 36.61 -28.89
C PRO A 337 -9.36 35.22 -28.31
N PHE A 338 -9.61 35.14 -27.01
CA PHE A 338 -9.93 33.87 -26.39
C PHE A 338 -11.42 33.73 -26.10
N GLY A 339 -12.18 34.82 -26.22
CA GLY A 339 -13.60 34.77 -25.96
C GLY A 339 -14.44 34.94 -27.20
N GLU A 340 -13.86 35.56 -28.22
CA GLU A 340 -14.59 35.91 -29.43
C GLU A 340 -14.38 34.91 -30.55
N VAL A 341 -14.02 33.68 -30.19
CA VAL A 341 -13.95 32.58 -31.13
C VAL A 341 -15.00 31.53 -30.82
N PHE A 342 -16.06 31.93 -30.13
CA PHE A 342 -17.19 31.07 -29.78
C PHE A 342 -18.46 31.54 -30.44
N ASN A 343 -18.70 32.85 -30.35
CA ASN A 343 -20.00 33.51 -30.49
C ASN A 343 -20.72 33.35 -31.84
N ALA A 344 -20.01 33.45 -32.95
CA ALA A 344 -20.69 33.85 -34.17
C ALA A 344 -20.40 32.85 -35.29
N THR A 345 -20.85 33.21 -36.49
CA THR A 345 -21.43 32.39 -37.55
C THR A 345 -20.55 31.27 -38.06
N ARG A 346 -19.43 31.61 -38.69
CA ARG A 346 -18.78 30.70 -39.63
C ARG A 346 -17.85 29.77 -38.86
N PHE A 347 -18.33 28.57 -38.60
CA PHE A 347 -17.55 27.51 -37.97
C PHE A 347 -17.34 26.38 -38.98
N ALA A 348 -16.75 25.29 -38.52
CA ALA A 348 -16.28 24.24 -39.41
C ALA A 348 -16.75 22.86 -38.98
N SER A 349 -16.44 21.87 -39.83
CA SER A 349 -16.80 20.48 -39.57
C SER A 349 -15.81 19.84 -38.62
N VAL A 350 -16.11 18.59 -38.25
CA VAL A 350 -15.40 17.94 -37.15
C VAL A 350 -14.07 17.37 -37.65
N TYR A 351 -14.09 16.73 -38.82
CA TYR A 351 -12.86 16.28 -39.46
C TYR A 351 -12.05 17.45 -40.01
N ALA A 352 -12.72 18.54 -40.38
CA ALA A 352 -12.11 19.74 -40.92
C ALA A 352 -12.00 20.82 -39.87
N TRP A 353 -11.61 20.39 -38.66
CA TRP A 353 -11.59 21.20 -37.45
C TRP A 353 -10.56 22.32 -37.53
N ASN A 354 -10.99 23.52 -37.17
CA ASN A 354 -10.12 24.67 -37.30
C ASN A 354 -9.41 24.95 -35.98
N ARG A 355 -8.11 25.16 -36.07
CA ARG A 355 -7.28 25.33 -34.90
C ARG A 355 -6.71 26.74 -34.88
N LYS A 356 -6.92 27.43 -33.77
CA LYS A 356 -6.28 28.72 -33.54
C LYS A 356 -5.29 28.56 -32.39
N ARG A 357 -4.08 29.07 -32.63
CA ARG A 357 -3.05 29.16 -31.60
C ARG A 357 -3.20 30.54 -30.99
N ILE A 358 -3.78 30.60 -29.81
CA ILE A 358 -4.06 31.88 -29.17
C ILE A 358 -2.91 32.21 -28.24
N SER A 359 -2.29 33.36 -28.46
CA SER A 359 -1.12 33.76 -27.69
C SER A 359 -1.34 35.16 -27.15
N ASN A 360 -0.44 35.55 -26.22
CA ASN A 360 -0.24 36.89 -25.66
C ASN A 360 -1.50 37.42 -24.95
N CYS A 361 -1.86 36.72 -23.89
CA CYS A 361 -3.13 36.93 -23.23
C CYS A 361 -2.98 37.29 -21.76
N VAL A 362 -3.80 38.24 -21.33
CA VAL A 362 -4.27 38.28 -19.94
C VAL A 362 -5.66 37.65 -19.96
N ALA A 363 -5.68 36.33 -19.80
CA ALA A 363 -6.86 35.53 -20.12
C ALA A 363 -7.66 35.25 -18.86
N ASP A 364 -8.82 35.88 -18.77
CA ASP A 364 -9.77 35.64 -17.68
C ASP A 364 -10.82 34.64 -18.16
N TYR A 365 -10.59 33.37 -17.85
CA TYR A 365 -11.53 32.31 -18.24
C TYR A 365 -12.72 32.20 -17.31
N SER A 366 -12.72 32.92 -16.19
CA SER A 366 -13.80 32.81 -15.22
C SER A 366 -15.07 33.47 -15.74
N VAL A 367 -14.93 34.46 -16.61
CA VAL A 367 -16.10 35.05 -17.25
C VAL A 367 -16.53 34.28 -18.48
N LEU A 368 -15.75 33.28 -18.91
CA LEU A 368 -16.09 32.53 -20.10
C LEU A 368 -17.20 31.53 -19.82
N TYR A 369 -16.98 30.64 -18.83
CA TYR A 369 -18.01 29.66 -18.51
C TYR A 369 -19.13 30.23 -17.66
N ASN A 370 -18.95 31.42 -17.06
CA ASN A 370 -20.04 32.04 -16.33
C ASN A 370 -20.99 32.77 -17.25
N SER A 371 -20.62 32.98 -18.52
CA SER A 371 -21.59 33.28 -19.55
C SER A 371 -22.50 32.07 -19.74
N ALA A 372 -23.80 32.29 -19.61
CA ALA A 372 -24.74 31.19 -19.46
C ALA A 372 -25.21 30.61 -20.78
N SER A 373 -24.68 31.09 -21.91
CA SER A 373 -24.99 30.49 -23.21
C SER A 373 -24.32 29.14 -23.37
N PHE A 374 -23.20 28.92 -22.70
CA PHE A 374 -22.42 27.69 -22.83
C PHE A 374 -23.08 26.61 -21.99
N SER A 375 -23.58 25.57 -22.67
CA SER A 375 -24.40 24.56 -22.02
C SER A 375 -23.56 23.50 -21.34
N THR A 376 -22.75 22.78 -22.10
CA THR A 376 -21.97 21.66 -21.60
C THR A 376 -20.54 22.10 -21.43
N PHE A 377 -20.04 22.03 -20.19
CA PHE A 377 -18.71 22.51 -19.85
C PHE A 377 -18.06 21.50 -18.93
N LYS A 378 -16.84 21.09 -19.27
CA LYS A 378 -16.04 20.28 -18.36
C LYS A 378 -14.58 20.59 -18.65
N CYS A 379 -13.72 20.24 -17.70
CA CYS A 379 -12.29 20.37 -17.84
C CYS A 379 -11.65 19.15 -17.17
N TYR A 380 -10.42 18.84 -17.54
CA TYR A 380 -9.87 17.52 -17.25
C TYR A 380 -8.70 17.55 -16.27
N GLY A 381 -7.64 18.28 -16.57
CA GLY A 381 -6.51 18.29 -15.65
C GLY A 381 -6.50 19.43 -14.68
N VAL A 382 -7.14 20.54 -15.03
CA VAL A 382 -7.29 21.69 -14.16
C VAL A 382 -8.77 21.75 -13.81
N SER A 383 -9.07 22.11 -12.56
CA SER A 383 -10.47 22.37 -12.25
C SER A 383 -10.89 23.72 -12.84
N PRO A 384 -12.19 23.93 -13.11
CA PRO A 384 -12.64 25.25 -13.58
C PRO A 384 -12.60 26.38 -12.56
N THR A 385 -12.42 26.07 -11.27
CA THR A 385 -12.27 27.09 -10.24
C THR A 385 -10.98 27.88 -10.37
N LYS A 386 -9.89 27.23 -10.75
CA LYS A 386 -8.59 27.88 -10.66
C LYS A 386 -7.92 27.97 -12.03
N LEU A 387 -8.71 28.21 -13.08
CA LEU A 387 -8.16 28.43 -14.41
C LEU A 387 -7.43 29.74 -14.51
N ASN A 388 -8.11 30.87 -14.28
CA ASN A 388 -7.53 32.19 -14.49
C ASN A 388 -6.67 32.71 -13.33
N ASP A 389 -6.17 31.82 -12.47
CA ASP A 389 -5.12 32.11 -11.51
C ASP A 389 -3.75 31.67 -11.98
N LEU A 390 -3.66 31.05 -13.15
CA LEU A 390 -2.44 30.39 -13.58
C LEU A 390 -1.93 30.94 -14.90
N CYS A 391 -0.87 30.31 -15.40
CA CYS A 391 -0.30 30.57 -16.71
C CYS A 391 -0.37 29.25 -17.47
N PHE A 392 -0.57 29.32 -18.79
CA PHE A 392 -0.80 28.10 -19.56
C PHE A 392 0.03 27.98 -20.81
N THR A 393 0.81 29.01 -21.15
CA THR A 393 1.79 29.21 -22.23
C THR A 393 1.18 29.35 -23.64
N ASN A 394 -0.11 29.05 -23.83
CA ASN A 394 -0.87 28.98 -25.08
C ASN A 394 -2.34 28.65 -24.81
N VAL A 395 -3.15 28.84 -25.86
CA VAL A 395 -4.40 28.12 -26.06
C VAL A 395 -4.39 27.59 -27.48
N TYR A 396 -4.44 26.27 -27.63
CA TYR A 396 -4.81 25.65 -28.90
C TYR A 396 -6.29 25.35 -28.82
N ALA A 397 -7.12 26.18 -29.44
CA ALA A 397 -8.55 25.93 -29.46
C ALA A 397 -8.92 25.31 -30.79
N ASP A 398 -9.49 24.11 -30.74
CA ASP A 398 -9.95 23.40 -31.92
C ASP A 398 -11.47 23.46 -31.96
N SER A 399 -12.01 24.10 -33.00
CA SER A 399 -13.39 24.55 -33.01
C SER A 399 -14.14 23.97 -34.19
N PHE A 400 -15.33 23.43 -33.91
CA PHE A 400 -16.09 22.58 -34.82
C PHE A 400 -17.52 22.43 -34.29
N VAL A 401 -18.41 21.99 -35.19
CA VAL A 401 -19.83 21.80 -34.90
C VAL A 401 -20.17 20.34 -35.09
N ILE A 402 -20.70 19.71 -34.04
CA ILE A 402 -21.25 18.36 -34.10
C ILE A 402 -22.76 18.48 -33.91
N ARG A 403 -23.51 17.55 -34.47
CA ARG A 403 -24.88 17.30 -34.04
C ARG A 403 -24.91 16.87 -32.58
N GLY A 404 -25.97 17.25 -31.88
CA GLY A 404 -25.96 17.21 -30.43
C GLY A 404 -26.18 15.82 -29.84
N ASP A 405 -26.56 14.85 -30.67
CA ASP A 405 -26.65 13.47 -30.20
C ASP A 405 -25.27 12.84 -30.08
N GLU A 406 -24.33 13.30 -30.87
CA GLU A 406 -23.03 12.65 -31.01
C GLU A 406 -21.94 13.29 -30.17
N VAL A 407 -22.30 13.95 -29.06
CA VAL A 407 -21.33 14.77 -28.35
C VAL A 407 -20.59 13.98 -27.29
N ARG A 408 -20.97 12.72 -27.09
CA ARG A 408 -20.35 11.93 -26.03
C ARG A 408 -19.06 11.22 -26.47
N GLN A 409 -18.73 11.25 -27.77
CA GLN A 409 -17.64 10.40 -28.28
C GLN A 409 -16.28 11.09 -28.27
N ILE A 410 -16.09 12.11 -27.44
CA ILE A 410 -14.99 13.07 -27.57
C ILE A 410 -14.14 12.99 -26.31
N ALA A 411 -14.70 12.34 -25.27
CA ALA A 411 -13.97 11.90 -24.10
C ALA A 411 -12.94 10.83 -24.46
N PRO A 412 -11.83 10.73 -23.69
CA PRO A 412 -10.90 9.62 -23.90
C PRO A 412 -11.49 8.28 -23.50
N GLY A 413 -11.13 7.26 -24.27
CA GLY A 413 -11.78 5.97 -24.12
C GLY A 413 -13.10 5.89 -24.86
N GLN A 414 -13.25 6.69 -25.91
CA GLN A 414 -14.41 6.63 -26.78
C GLN A 414 -13.97 6.32 -28.19
N THR A 415 -14.96 5.96 -29.03
CA THR A 415 -14.81 5.64 -30.44
C THR A 415 -16.19 5.70 -31.09
N GLY A 416 -16.22 5.30 -32.36
CA GLY A 416 -17.42 4.90 -33.06
C GLY A 416 -17.79 5.74 -34.26
N LYS A 417 -17.80 7.06 -34.11
CA LYS A 417 -17.86 7.96 -35.25
C LYS A 417 -16.88 9.11 -35.17
N ILE A 418 -16.67 9.70 -34.00
CA ILE A 418 -15.90 10.93 -33.92
C ILE A 418 -14.44 10.63 -33.62
N ALA A 419 -14.22 9.77 -32.62
CA ALA A 419 -12.85 9.53 -32.14
C ALA A 419 -12.08 8.62 -33.08
N ASP A 420 -12.75 7.65 -33.70
CA ASP A 420 -12.04 6.78 -34.62
C ASP A 420 -11.90 7.41 -36.01
N TYR A 421 -12.83 8.26 -36.41
CA TYR A 421 -12.79 8.78 -37.76
C TYR A 421 -12.60 10.28 -37.84
N ASN A 422 -13.43 11.06 -37.17
CA ASN A 422 -13.42 12.52 -37.33
C ASN A 422 -12.27 13.18 -36.59
N TYR A 423 -12.24 13.07 -35.25
CA TYR A 423 -11.26 13.80 -34.46
C TYR A 423 -11.05 13.08 -33.13
N LYS A 424 -9.79 12.74 -32.85
CA LYS A 424 -9.43 11.89 -31.73
C LYS A 424 -8.82 12.71 -30.62
N LEU A 425 -9.32 12.51 -29.43
CA LEU A 425 -8.64 13.03 -28.26
C LEU A 425 -7.83 11.92 -27.59
N PRO A 426 -6.58 12.21 -27.20
CA PRO A 426 -5.78 11.18 -26.54
C PRO A 426 -6.14 11.08 -25.07
N ASP A 427 -5.53 10.10 -24.41
CA ASP A 427 -5.92 9.79 -23.04
C ASP A 427 -5.25 10.70 -22.03
N ASP A 428 -4.26 11.49 -22.45
CA ASP A 428 -3.64 12.49 -21.61
C ASP A 428 -4.06 13.91 -21.97
N PHE A 429 -5.32 14.08 -22.40
CA PHE A 429 -5.83 15.41 -22.71
C PHE A 429 -6.17 16.14 -21.42
N THR A 430 -5.39 17.17 -21.10
CA THR A 430 -5.53 17.87 -19.84
C THR A 430 -6.48 19.05 -19.91
N GLY A 431 -6.98 19.41 -21.09
CA GLY A 431 -7.70 20.64 -21.29
C GLY A 431 -9.18 20.53 -20.97
N CYS A 432 -10.00 21.15 -21.82
CA CYS A 432 -11.40 21.37 -21.51
C CYS A 432 -12.28 21.08 -22.72
N VAL A 433 -13.56 20.79 -22.44
CA VAL A 433 -14.57 20.55 -23.46
C VAL A 433 -15.72 21.52 -23.24
N ILE A 434 -16.02 22.32 -24.27
CA ILE A 434 -17.11 23.31 -24.23
C ILE A 434 -18.09 22.94 -25.33
N ALA A 435 -19.37 22.80 -24.98
CA ALA A 435 -20.39 22.51 -25.99
C ALA A 435 -21.67 23.25 -25.67
N TRP A 436 -22.29 23.80 -26.71
CA TRP A 436 -23.55 24.52 -26.60
C TRP A 436 -24.21 24.56 -27.98
N ASN A 437 -25.53 24.72 -27.97
CA ASN A 437 -26.36 24.63 -29.16
C ASN A 437 -26.16 25.83 -30.08
N SER A 438 -26.30 25.57 -31.37
CA SER A 438 -26.26 26.60 -32.41
C SER A 438 -27.35 26.37 -33.43
N ASN A 439 -28.54 26.04 -32.96
CA ASN A 439 -29.67 25.75 -33.84
C ASN A 439 -30.20 27.01 -34.50
N ASN A 440 -30.04 28.16 -33.84
CA ASN A 440 -30.28 29.43 -34.50
C ASN A 440 -29.13 29.80 -35.43
N LEU A 441 -27.91 29.35 -35.13
CA LEU A 441 -26.77 29.71 -35.96
C LEU A 441 -26.56 28.75 -37.12
N ASP A 442 -26.36 27.46 -36.83
CA ASP A 442 -25.89 26.50 -37.82
C ASP A 442 -26.99 25.58 -38.32
N SER A 443 -28.26 25.95 -38.10
CA SER A 443 -29.35 25.15 -38.63
C SER A 443 -30.37 26.09 -39.27
N LYS A 444 -30.83 25.71 -40.46
CA LYS A 444 -31.80 26.52 -41.19
C LYS A 444 -33.19 26.34 -40.62
N GLY A 447 -33.03 22.98 -42.35
CA GLY A 447 -32.25 22.15 -43.25
C GLY A 447 -30.93 22.74 -43.68
N ASN A 448 -29.95 22.67 -42.78
CA ASN A 448 -28.58 23.07 -43.12
C ASN A 448 -27.76 21.83 -43.43
N TYR A 449 -27.01 21.88 -44.52
CA TYR A 449 -26.27 20.73 -45.02
C TYR A 449 -24.82 21.04 -45.35
N ASN A 450 -24.32 22.21 -44.94
CA ASN A 450 -22.94 22.58 -45.22
C ASN A 450 -21.95 21.85 -44.33
N TYR A 451 -22.34 21.56 -43.09
CA TYR A 451 -21.47 20.83 -42.17
C TYR A 451 -21.49 19.36 -42.53
N LEU A 452 -20.33 18.71 -42.45
CA LEU A 452 -20.18 17.32 -42.87
C LEU A 452 -19.49 16.52 -41.77
N TYR A 453 -19.36 15.21 -42.00
CA TYR A 453 -18.65 14.35 -41.08
C TYR A 453 -17.79 13.36 -41.83
N ARG A 454 -16.70 12.93 -41.20
CA ARG A 454 -16.00 11.74 -41.66
C ARG A 454 -16.69 10.50 -41.12
N LEU A 455 -17.14 9.65 -42.04
CA LEU A 455 -17.82 8.41 -41.68
C LEU A 455 -16.93 7.19 -41.78
N PHE A 456 -15.87 7.22 -42.59
CA PHE A 456 -15.01 6.07 -42.71
C PHE A 456 -13.56 6.49 -42.87
N ARG A 457 -12.68 5.71 -42.24
CA ARG A 457 -11.25 5.82 -42.47
C ARG A 457 -10.69 4.44 -42.73
N LYS A 458 -9.49 4.41 -43.28
CA LYS A 458 -8.76 3.16 -43.48
C LYS A 458 -8.33 2.55 -42.15
N SER A 459 -7.83 3.35 -41.22
CA SER A 459 -7.36 2.84 -39.94
C SER A 459 -7.93 3.70 -38.83
N ASN A 460 -7.43 3.47 -37.62
CA ASN A 460 -7.78 4.32 -36.50
C ASN A 460 -7.04 5.64 -36.57
N LEU A 461 -7.74 6.71 -36.23
CA LEU A 461 -7.15 8.04 -36.29
C LEU A 461 -6.27 8.31 -35.08
N LYS A 462 -5.01 8.65 -35.35
CA LYS A 462 -4.02 9.17 -34.42
C LYS A 462 -4.49 10.52 -33.90
N PRO A 463 -4.32 10.83 -32.61
CA PRO A 463 -4.88 12.07 -32.06
C PRO A 463 -4.08 13.31 -32.45
N PHE A 464 -4.81 14.44 -32.47
CA PHE A 464 -4.36 15.78 -32.87
C PHE A 464 -3.75 15.81 -34.27
N GLU A 465 -4.40 15.17 -35.23
CA GLU A 465 -4.08 15.36 -36.63
C GLU A 465 -5.36 15.68 -37.40
N ARG A 466 -5.20 16.35 -38.52
CA ARG A 466 -6.31 16.72 -39.37
C ARG A 466 -6.17 15.99 -40.70
N ASP A 467 -7.18 15.18 -41.04
CA ASP A 467 -7.16 14.42 -42.28
C ASP A 467 -8.27 14.97 -43.17
N ILE A 468 -7.93 15.28 -44.41
CA ILE A 468 -8.88 15.71 -45.40
C ILE A 468 -8.88 14.78 -46.61
N SER A 469 -8.58 13.51 -46.38
CA SER A 469 -8.63 12.52 -47.44
C SER A 469 -10.08 12.20 -47.81
N THR A 470 -10.35 12.18 -49.11
CA THR A 470 -11.73 12.08 -49.57
C THR A 470 -11.92 11.05 -50.68
N GLU A 471 -10.89 10.26 -51.00
CA GLU A 471 -11.10 9.06 -51.80
C GLU A 471 -11.81 8.02 -50.94
N ILE A 472 -12.54 7.12 -51.60
CA ILE A 472 -13.59 6.37 -50.90
C ILE A 472 -12.98 5.22 -50.12
N TYR A 473 -13.76 4.73 -49.17
CA TYR A 473 -13.33 3.59 -48.38
C TYR A 473 -13.99 2.33 -48.89
N GLN A 474 -13.15 1.41 -49.37
CA GLN A 474 -13.61 0.15 -49.93
C GLN A 474 -13.49 -0.89 -48.83
N ALA A 475 -14.60 -1.13 -48.13
CA ALA A 475 -14.60 -2.06 -47.00
C ALA A 475 -14.54 -3.51 -47.50
N GLY A 476 -15.10 -3.77 -48.67
CA GLY A 476 -15.00 -5.08 -49.27
C GLY A 476 -13.80 -5.18 -50.19
N SER A 477 -13.78 -6.29 -50.94
CA SER A 477 -12.69 -6.55 -51.87
C SER A 477 -12.91 -5.89 -53.23
N THR A 478 -14.06 -5.27 -53.44
CA THR A 478 -14.36 -4.60 -54.70
C THR A 478 -13.60 -3.28 -54.77
N PRO A 479 -12.80 -3.04 -55.82
CA PRO A 479 -12.19 -1.71 -56.00
C PRO A 479 -13.19 -0.73 -56.61
N CYS A 480 -14.07 -0.22 -55.75
CA CYS A 480 -15.10 0.71 -56.17
C CYS A 480 -14.49 2.09 -56.40
N ASN A 481 -15.19 2.89 -57.20
CA ASN A 481 -14.70 4.24 -57.51
C ASN A 481 -15.87 5.20 -57.41
N GLY A 482 -16.04 5.80 -56.24
CA GLY A 482 -17.01 6.86 -56.05
C GLY A 482 -18.42 6.44 -55.75
N VAL A 483 -18.71 5.14 -55.70
CA VAL A 483 -20.09 4.68 -55.57
C VAL A 483 -20.41 4.39 -54.12
N GLU A 484 -21.71 4.32 -53.83
CA GLU A 484 -22.25 4.08 -52.50
C GLU A 484 -23.02 2.77 -52.47
N GLY A 485 -22.43 1.71 -53.00
CA GLY A 485 -23.00 0.38 -52.95
C GLY A 485 -22.68 -0.34 -51.66
N PHE A 486 -22.83 -1.66 -51.67
CA PHE A 486 -22.44 -2.45 -50.52
C PHE A 486 -20.92 -2.59 -50.47
N ASN A 487 -20.40 -2.46 -49.22
CA ASN A 487 -18.99 -2.63 -48.78
C ASN A 487 -17.96 -1.79 -49.56
N CYS A 488 -18.39 -0.62 -50.06
CA CYS A 488 -17.56 0.42 -50.65
C CYS A 488 -18.28 1.77 -50.52
N TYR A 489 -17.70 2.70 -49.76
CA TYR A 489 -18.41 3.90 -49.38
C TYR A 489 -17.52 5.13 -49.42
N PHE A 490 -18.10 6.23 -49.93
CA PHE A 490 -17.52 7.55 -49.82
C PHE A 490 -17.54 8.01 -48.35
N PRO A 491 -16.45 8.59 -47.84
CA PRO A 491 -16.33 8.77 -46.39
C PRO A 491 -17.02 10.00 -45.83
N LEU A 492 -17.49 10.90 -46.69
CA LEU A 492 -18.00 12.19 -46.23
C LEU A 492 -19.48 12.33 -46.55
N GLN A 493 -20.31 12.47 -45.52
CA GLN A 493 -21.72 12.80 -45.70
C GLN A 493 -22.05 13.97 -44.79
N SER A 494 -23.19 14.60 -45.04
CA SER A 494 -23.50 15.88 -44.41
C SER A 494 -24.23 15.71 -43.10
N TYR A 495 -23.84 16.53 -42.12
CA TYR A 495 -24.77 16.94 -41.07
C TYR A 495 -25.95 17.66 -41.69
N GLY A 496 -27.10 16.98 -41.66
CA GLY A 496 -28.31 17.57 -42.14
C GLY A 496 -29.04 18.34 -41.07
N PHE A 497 -28.61 19.56 -40.75
CA PHE A 497 -29.14 20.31 -39.61
C PHE A 497 -30.51 20.92 -39.92
N GLN A 498 -31.52 20.05 -39.94
CA GLN A 498 -32.90 20.47 -39.86
C GLN A 498 -33.20 20.85 -38.42
N PRO A 499 -33.76 22.02 -38.15
CA PRO A 499 -34.00 22.43 -36.77
C PRO A 499 -35.20 21.74 -36.12
N THR A 500 -36.09 21.21 -36.96
CA THR A 500 -37.38 20.69 -36.51
C THR A 500 -37.32 19.17 -36.38
N ASN A 501 -36.47 18.70 -35.47
CA ASN A 501 -36.48 17.31 -35.06
C ASN A 501 -36.34 17.25 -33.54
N GLY A 502 -36.05 16.07 -33.04
CA GLY A 502 -35.97 15.85 -31.62
C GLY A 502 -34.65 16.29 -30.99
N VAL A 503 -34.50 15.92 -29.72
CA VAL A 503 -33.35 16.34 -28.94
C VAL A 503 -32.14 15.52 -29.32
N GLY A 504 -31.03 16.20 -29.58
CA GLY A 504 -29.85 15.58 -30.14
C GLY A 504 -29.63 15.89 -31.60
N TYR A 505 -30.66 16.34 -32.30
CA TYR A 505 -30.52 16.68 -33.70
C TYR A 505 -30.01 18.09 -33.92
N GLN A 506 -29.91 18.87 -32.86
CA GLN A 506 -29.51 20.26 -32.95
C GLN A 506 -28.00 20.39 -33.11
N PRO A 507 -27.53 21.40 -33.83
CA PRO A 507 -26.08 21.59 -33.97
C PRO A 507 -25.44 22.15 -32.71
N TYR A 508 -24.47 21.40 -32.19
CA TYR A 508 -23.74 21.83 -31.00
C TYR A 508 -22.35 22.27 -31.40
N ARG A 509 -22.05 23.53 -31.12
CA ARG A 509 -20.71 24.06 -31.35
C ARG A 509 -19.78 23.50 -30.29
N VAL A 510 -18.88 22.63 -30.68
CA VAL A 510 -18.02 21.93 -29.73
C VAL A 510 -16.59 22.40 -29.93
N VAL A 511 -16.09 23.15 -28.96
CA VAL A 511 -14.73 23.66 -28.98
C VAL A 511 -13.96 23.01 -27.85
N VAL A 512 -12.84 22.38 -28.18
CA VAL A 512 -11.93 21.83 -27.18
C VAL A 512 -10.74 22.76 -27.10
N LEU A 513 -10.09 22.78 -25.94
CA LEU A 513 -8.99 23.69 -25.67
C LEU A 513 -7.77 22.90 -25.26
N SER A 514 -6.67 23.08 -25.98
CA SER A 514 -5.45 22.37 -25.67
C SER A 514 -4.38 23.36 -25.26
N PHE A 515 -3.55 22.93 -24.31
CA PHE A 515 -2.49 23.70 -23.68
C PHE A 515 -1.60 22.72 -22.93
N GLU A 516 -0.43 23.22 -22.51
CA GLU A 516 0.52 22.42 -21.74
C GLU A 516 0.79 23.14 -20.44
N LEU A 517 1.16 22.37 -19.43
CA LEU A 517 1.26 22.90 -18.08
C LEU A 517 2.72 23.03 -17.65
N LEU A 518 3.06 24.23 -17.16
CA LEU A 518 4.34 24.66 -16.59
C LEU A 518 5.49 24.51 -17.61
N HIS A 519 5.26 24.98 -18.84
CA HIS A 519 6.34 25.04 -19.81
C HIS A 519 7.00 26.42 -19.72
N ALA A 520 8.21 26.53 -20.27
CA ALA A 520 9.11 27.61 -19.86
C ALA A 520 8.78 29.00 -20.44
N PRO A 521 8.52 29.23 -21.79
CA PRO A 521 7.98 30.56 -22.13
C PRO A 521 6.47 30.65 -21.90
N ALA A 522 6.09 31.38 -20.84
CA ALA A 522 4.69 31.57 -20.49
C ALA A 522 4.21 32.91 -21.04
N THR A 523 3.22 32.88 -21.93
CA THR A 523 2.70 34.12 -22.50
C THR A 523 1.18 34.21 -22.43
N VAL A 524 0.49 33.16 -21.99
CA VAL A 524 -0.95 33.21 -21.78
C VAL A 524 -1.18 32.94 -20.31
N CYS A 525 -1.70 33.93 -19.59
CA CYS A 525 -1.80 33.88 -18.15
C CYS A 525 -3.14 34.44 -17.71
N GLY A 526 -3.47 34.20 -16.44
CA GLY A 526 -4.65 34.77 -15.85
C GLY A 526 -4.45 36.20 -15.40
N PRO A 527 -5.55 36.87 -15.00
CA PRO A 527 -5.44 38.23 -14.47
C PRO A 527 -4.87 38.27 -13.06
N LYS A 528 -3.60 38.68 -12.95
CA LYS A 528 -2.93 38.88 -11.67
C LYS A 528 -1.81 39.88 -11.87
N LYS A 529 -1.82 40.94 -11.07
CA LYS A 529 -0.76 41.94 -11.09
C LYS A 529 0.45 41.41 -10.33
N SER A 530 1.63 41.69 -10.86
CA SER A 530 2.86 41.21 -10.24
C SER A 530 3.25 42.06 -9.05
N THR A 531 3.71 41.42 -7.99
CA THR A 531 4.22 42.09 -6.81
C THR A 531 5.71 42.38 -6.97
N ASN A 532 6.35 42.75 -5.87
CA ASN A 532 7.76 43.06 -5.95
C ASN A 532 8.57 42.21 -4.98
N LEU A 533 9.91 42.27 -5.13
CA LEU A 533 10.83 41.29 -4.58
C LEU A 533 11.02 41.45 -3.08
N VAL A 534 11.33 40.34 -2.42
CA VAL A 534 11.14 40.22 -0.98
C VAL A 534 12.44 40.15 -0.20
N LYS A 535 13.54 39.67 -0.81
CA LYS A 535 14.93 39.69 -0.31
C LYS A 535 15.13 38.97 1.03
N ASN A 536 15.17 37.64 0.96
CA ASN A 536 15.53 36.69 2.03
C ASN A 536 14.47 36.62 3.12
N LYS A 537 13.20 36.62 2.75
CA LYS A 537 12.13 36.47 3.74
C LYS A 537 11.36 35.19 3.49
N CYS A 538 10.71 34.68 4.55
CA CYS A 538 10.03 33.40 4.51
C CYS A 538 8.68 33.56 3.83
N VAL A 539 8.69 33.63 2.51
CA VAL A 539 7.54 34.13 1.78
C VAL A 539 6.79 32.97 1.15
N ASN A 540 5.52 33.20 0.86
CA ASN A 540 4.74 32.27 0.05
C ASN A 540 4.96 32.61 -1.40
N PHE A 541 5.96 32.00 -2.04
CA PHE A 541 6.35 32.43 -3.36
C PHE A 541 5.45 31.82 -4.43
N ASN A 542 5.40 32.52 -5.57
CA ASN A 542 4.62 32.06 -6.72
C ASN A 542 5.26 32.67 -7.96
N PHE A 543 5.64 31.82 -8.91
CA PHE A 543 6.29 32.23 -10.15
C PHE A 543 5.65 31.44 -11.27
N ASN A 544 4.67 32.08 -11.95
CA ASN A 544 3.92 31.57 -13.12
C ASN A 544 3.18 30.26 -12.82
N GLY A 545 2.68 30.14 -11.58
CA GLY A 545 2.02 28.95 -11.12
C GLY A 545 2.87 28.03 -10.28
N LEU A 546 4.20 28.11 -10.37
CA LEU A 546 5.11 27.31 -9.56
C LEU A 546 5.14 27.90 -8.16
N THR A 547 4.26 27.43 -7.30
CA THR A 547 4.04 28.06 -6.01
C THR A 547 4.64 27.24 -4.88
N GLY A 548 4.72 27.86 -3.70
CA GLY A 548 5.24 27.21 -2.52
C GLY A 548 5.69 28.20 -1.46
N THR A 549 6.38 27.71 -0.43
CA THR A 549 6.92 28.56 0.63
C THR A 549 8.44 28.46 0.63
N GLY A 550 9.11 29.61 0.61
CA GLY A 550 10.55 29.59 0.50
C GLY A 550 11.15 30.90 0.94
N VAL A 551 12.48 30.91 0.98
CA VAL A 551 13.28 32.09 1.26
C VAL A 551 14.12 32.34 0.02
N LEU A 552 13.98 33.52 -0.55
CA LEU A 552 14.46 33.78 -1.90
C LEU A 552 15.74 34.61 -1.84
N THR A 553 16.86 33.97 -2.19
CA THR A 553 18.18 34.56 -2.04
C THR A 553 18.73 34.92 -3.41
N GLU A 554 19.98 35.37 -3.45
CA GLU A 554 20.54 35.90 -4.69
C GLU A 554 21.47 34.88 -5.35
N SER A 555 21.90 35.20 -6.57
CA SER A 555 22.36 34.21 -7.53
C SER A 555 23.47 34.80 -8.41
N ASN A 556 24.64 34.13 -8.43
CA ASN A 556 25.86 34.76 -8.96
C ASN A 556 26.82 33.84 -9.73
N LYS A 557 26.39 32.68 -10.23
CA LYS A 557 27.36 31.69 -10.72
C LYS A 557 27.13 31.20 -12.16
N LYS A 558 26.15 31.75 -12.91
CA LYS A 558 26.02 31.80 -14.39
C LYS A 558 25.90 30.43 -15.09
N PHE A 559 24.63 30.01 -15.32
CA PHE A 559 24.36 29.13 -16.47
C PHE A 559 24.40 29.90 -17.83
N LEU A 560 23.81 29.23 -18.82
CA LEU A 560 23.57 29.45 -20.23
C LEU A 560 22.40 30.47 -20.41
N PRO A 561 21.88 30.75 -21.64
CA PRO A 561 20.75 31.72 -21.67
C PRO A 561 19.32 31.25 -21.41
N PHE A 562 18.88 30.03 -21.73
CA PHE A 562 17.51 29.95 -22.27
C PHE A 562 16.34 29.82 -21.26
N GLN A 563 16.11 28.67 -20.60
CA GLN A 563 14.74 28.41 -20.16
C GLN A 563 14.51 28.93 -18.75
N GLN A 564 13.29 28.72 -18.23
CA GLN A 564 12.84 29.28 -16.97
C GLN A 564 13.52 28.70 -15.74
N PHE A 565 13.40 27.41 -15.49
CA PHE A 565 13.76 26.86 -14.20
C PHE A 565 14.86 25.82 -14.35
N GLY A 566 15.68 25.72 -13.31
CA GLY A 566 16.42 24.52 -13.01
C GLY A 566 15.73 23.81 -11.86
N ARG A 567 16.07 22.54 -11.69
CA ARG A 567 15.47 21.75 -10.64
C ARG A 567 16.47 20.71 -10.18
N ASP A 568 16.20 20.12 -9.02
CA ASP A 568 17.22 19.38 -8.30
C ASP A 568 17.25 17.92 -8.75
N ILE A 569 17.93 17.08 -7.95
CA ILE A 569 17.93 15.65 -8.15
C ILE A 569 16.55 15.06 -7.82
N ALA A 570 15.86 15.64 -6.83
CA ALA A 570 14.58 15.12 -6.35
C ALA A 570 13.41 15.43 -7.26
N ASP A 571 13.61 16.33 -8.24
CA ASP A 571 12.80 17.02 -9.29
C ASP A 571 12.06 18.26 -8.80
N THR A 572 12.21 18.68 -7.54
CA THR A 572 11.61 19.93 -7.14
C THR A 572 12.51 21.08 -7.57
N THR A 573 11.92 22.27 -7.70
CA THR A 573 12.71 23.40 -8.15
C THR A 573 13.60 23.92 -7.02
N ASP A 574 14.78 24.37 -7.40
CA ASP A 574 15.76 24.89 -6.47
C ASP A 574 16.06 26.35 -6.70
N ALA A 575 15.80 26.83 -7.93
CA ALA A 575 16.15 28.17 -8.35
C ALA A 575 15.25 28.54 -9.51
N VAL A 576 14.65 29.73 -9.42
CA VAL A 576 13.45 30.03 -10.20
C VAL A 576 13.61 31.42 -10.84
N ARG A 577 13.01 31.59 -12.01
CA ARG A 577 13.09 32.81 -12.81
C ARG A 577 12.03 33.82 -12.41
N ASP A 578 12.45 35.06 -12.24
CA ASP A 578 11.48 36.15 -12.26
C ASP A 578 11.05 36.43 -13.69
N PRO A 579 9.73 36.43 -13.97
CA PRO A 579 9.27 36.58 -15.36
C PRO A 579 9.35 37.99 -15.92
N GLN A 580 9.67 39.00 -15.11
CA GLN A 580 9.80 40.35 -15.62
C GLN A 580 11.24 40.83 -15.59
N THR A 581 11.89 40.76 -14.44
CA THR A 581 13.23 41.32 -14.28
C THR A 581 14.31 40.41 -14.81
N LEU A 582 14.02 39.10 -14.87
CA LEU A 582 14.91 38.02 -15.33
C LEU A 582 16.21 37.93 -14.56
N GLU A 583 16.10 37.76 -13.24
CA GLU A 583 17.17 37.11 -12.51
C GLU A 583 16.61 35.89 -11.79
N ILE A 584 17.46 35.29 -10.97
CA ILE A 584 17.17 34.02 -10.35
C ILE A 584 17.12 34.23 -8.84
N LEU A 585 16.02 33.80 -8.22
CA LEU A 585 15.94 33.67 -6.78
C LEU A 585 16.10 32.21 -6.41
N ASP A 586 17.05 31.92 -5.53
CA ASP A 586 17.31 30.55 -5.08
C ASP A 586 16.36 30.27 -3.93
N ILE A 587 15.73 29.10 -3.94
CA ILE A 587 14.72 28.76 -2.94
C ILE A 587 15.41 27.90 -1.88
N THR A 588 15.53 28.43 -0.79
CA THR A 588 15.86 27.86 0.49
C THR A 588 14.63 27.92 1.40
N PRO A 589 14.45 27.01 2.36
CA PRO A 589 13.35 27.15 3.31
C PRO A 589 13.80 27.87 4.56
N CYS A 590 12.88 27.97 5.50
CA CYS A 590 13.23 28.32 6.87
C CYS A 590 12.49 27.37 7.79
N SER A 591 13.16 26.98 8.88
CA SER A 591 12.63 26.20 10.01
C SER A 591 12.11 24.82 9.61
N PHE A 592 12.91 24.05 8.90
CA PHE A 592 12.60 22.63 8.80
C PHE A 592 13.33 21.89 9.90
N GLY A 593 12.65 20.92 10.49
CA GLY A 593 13.21 20.22 11.63
C GLY A 593 12.31 20.29 12.83
N GLY A 594 12.80 19.84 13.99
CA GLY A 594 11.91 19.61 15.11
C GLY A 594 12.32 20.38 16.36
N VAL A 595 11.67 20.05 17.47
CA VAL A 595 11.98 20.60 18.79
C VAL A 595 12.09 19.43 19.77
N SER A 596 13.23 19.33 20.45
CA SER A 596 13.37 18.39 21.55
C SER A 596 13.39 19.13 22.88
N VAL A 597 12.91 18.46 23.92
CA VAL A 597 12.75 19.06 25.25
C VAL A 597 13.64 18.29 26.22
N ILE A 598 14.51 19.02 26.92
CA ILE A 598 15.21 18.49 28.07
C ILE A 598 14.36 18.72 29.30
N THR A 599 14.16 17.67 30.10
CA THR A 599 13.36 17.86 31.31
C THR A 599 13.88 17.00 32.45
N PRO A 600 13.65 17.40 33.70
CA PRO A 600 13.62 16.43 34.80
C PRO A 600 12.28 15.71 34.87
N GLY A 601 12.19 14.76 35.79
CA GLY A 601 10.95 14.02 35.93
C GLY A 601 9.88 14.86 36.62
N THR A 602 8.63 14.67 36.19
CA THR A 602 7.52 15.48 36.72
C THR A 602 7.07 15.02 38.09
N ASN A 603 7.49 13.82 38.49
CA ASN A 603 7.47 13.44 39.90
C ASN A 603 8.40 14.34 40.73
N THR A 604 9.54 14.74 40.17
CA THR A 604 10.46 15.64 40.85
C THR A 604 10.21 17.10 40.49
N SER A 605 10.32 17.46 39.21
CA SER A 605 10.43 18.88 38.85
C SER A 605 9.61 19.19 37.61
N ASN A 606 9.25 20.46 37.47
CA ASN A 606 8.40 20.88 36.37
C ASN A 606 8.96 22.06 35.59
N GLN A 607 10.24 22.37 35.75
CA GLN A 607 10.94 23.17 34.76
C GLN A 607 11.20 22.30 33.52
N VAL A 608 11.29 22.94 32.35
CA VAL A 608 11.74 22.25 31.15
C VAL A 608 12.88 23.05 30.54
N ALA A 609 13.44 22.52 29.45
CA ALA A 609 14.52 23.15 28.71
C ALA A 609 14.44 22.73 27.26
N VAL A 610 14.50 23.71 26.35
CA VAL A 610 14.12 23.52 24.96
C VAL A 610 15.35 23.71 24.08
N LEU A 611 15.70 22.68 23.32
CA LEU A 611 16.70 22.79 22.27
C LEU A 611 15.99 22.93 20.93
N TYR A 612 16.47 23.87 20.11
CA TYR A 612 16.16 23.90 18.69
C TYR A 612 17.36 23.29 17.96
N GLN A 613 17.09 22.31 17.09
CA GLN A 613 18.17 21.47 16.59
C GLN A 613 18.81 22.01 15.31
N ASP A 614 20.09 22.36 15.40
CA ASP A 614 20.91 22.70 14.24
C ASP A 614 20.55 23.99 13.55
N VAL A 615 20.23 25.03 14.32
CA VAL A 615 19.75 26.28 13.78
C VAL A 615 20.72 27.35 14.26
N ASN A 616 20.61 28.56 13.72
CA ASN A 616 21.22 29.73 14.35
C ASN A 616 20.19 30.41 15.25
N CYS A 617 20.65 30.97 16.37
CA CYS A 617 19.79 31.50 17.44
C CYS A 617 19.34 32.95 17.18
N THR A 618 19.48 33.47 15.96
CA THR A 618 18.89 34.76 15.62
C THR A 618 17.38 34.67 15.51
N GLU A 619 16.89 33.52 15.07
CA GLU A 619 15.54 33.34 14.58
C GLU A 619 14.62 32.72 15.61
N VAL A 620 14.69 33.16 16.85
CA VAL A 620 13.82 32.67 17.92
C VAL A 620 12.29 32.77 17.80
N PRO A 621 11.61 33.81 17.26
CA PRO A 621 10.15 33.87 17.48
C PRO A 621 9.33 33.08 16.46
N VAL A 622 9.65 31.82 16.20
CA VAL A 622 9.01 31.05 15.14
C VAL A 622 7.76 30.34 15.61
N ALA A 623 6.96 29.87 14.64
CA ALA A 623 5.80 29.05 14.91
C ALA A 623 6.18 27.58 14.96
N ILE A 624 5.84 26.93 16.08
CA ILE A 624 5.99 25.50 16.27
C ILE A 624 4.59 24.88 16.28
N HIS A 625 3.68 25.57 15.57
CA HIS A 625 2.26 25.80 15.88
C HIS A 625 2.06 26.29 17.33
N ALA A 626 2.96 27.18 17.77
CA ALA A 626 2.90 27.94 19.02
C ALA A 626 3.79 29.14 18.73
N ASP A 627 3.17 30.26 18.36
CA ASP A 627 3.93 31.39 17.84
C ASP A 627 3.80 32.61 18.73
N GLN A 628 2.58 33.02 19.06
CA GLN A 628 2.32 34.12 19.99
C GLN A 628 1.26 33.60 20.97
N LEU A 629 1.74 32.94 22.02
CA LEU A 629 0.90 32.17 22.94
C LEU A 629 1.16 32.64 24.36
N THR A 630 0.72 31.80 25.32
CA THR A 630 0.95 31.85 26.76
C THR A 630 2.45 31.89 27.04
N PRO A 631 2.93 32.64 28.05
CA PRO A 631 4.38 32.81 28.21
C PRO A 631 5.13 31.61 28.81
N THR A 632 4.49 30.47 29.05
CA THR A 632 5.24 29.23 29.16
C THR A 632 5.69 28.73 27.78
N TRP A 633 5.01 29.17 26.71
CA TRP A 633 5.57 29.00 25.37
C TRP A 633 6.43 30.18 24.92
N ARG A 634 6.43 31.30 25.65
CA ARG A 634 7.06 32.49 25.09
C ARG A 634 8.23 33.03 25.90
N VAL A 635 8.32 32.76 27.20
CA VAL A 635 9.62 32.82 27.87
C VAL A 635 10.48 31.64 27.40
N TYR A 636 9.83 30.50 27.13
CA TYR A 636 10.40 29.45 26.28
C TYR A 636 10.10 29.68 24.78
N SER A 637 10.26 30.92 24.30
CA SER A 637 10.59 31.23 22.92
C SER A 637 11.83 32.10 22.94
N THR A 638 11.80 33.10 23.81
CA THR A 638 12.90 34.04 23.99
C THR A 638 13.08 34.27 25.48
N GLY A 639 14.31 34.11 25.95
CA GLY A 639 14.58 34.28 27.37
C GLY A 639 16.02 34.70 27.59
N SER A 640 16.41 34.69 28.87
CA SER A 640 17.77 35.07 29.23
C SER A 640 18.76 33.98 28.87
N ASN A 641 18.41 32.72 29.12
CA ASN A 641 19.25 31.58 28.77
C ASN A 641 19.15 31.37 27.26
N VAL A 642 19.99 32.08 26.52
CA VAL A 642 20.15 31.88 25.09
C VAL A 642 21.61 31.58 24.80
N PHE A 643 21.84 30.52 24.03
CA PHE A 643 23.19 30.02 23.82
C PHE A 643 23.23 29.24 22.52
N GLN A 644 23.87 29.83 21.50
CA GLN A 644 23.98 29.19 20.20
C GLN A 644 25.06 28.13 20.30
N THR A 645 24.64 26.88 20.27
CA THR A 645 25.51 25.73 20.42
C THR A 645 25.61 25.06 19.05
N ARG A 646 26.63 24.19 18.86
CA ARG A 646 26.90 23.44 17.64
C ARG A 646 25.76 22.53 17.18
N ALA A 647 24.90 22.07 18.10
CA ALA A 647 23.66 21.42 17.72
C ALA A 647 22.49 22.38 17.62
N GLY A 648 22.72 23.69 17.50
CA GLY A 648 21.64 24.64 17.43
C GLY A 648 21.42 25.32 18.76
N CYS A 649 20.51 26.28 18.82
CA CYS A 649 20.34 27.03 20.05
C CYS A 649 19.47 26.28 21.03
N LEU A 650 19.92 26.21 22.27
CA LEU A 650 19.11 25.71 23.37
C LEU A 650 18.63 26.92 24.15
N ILE A 651 17.42 26.84 24.67
CA ILE A 651 16.87 27.86 25.55
C ILE A 651 16.31 27.19 26.81
N GLY A 652 16.23 27.98 27.88
CA GLY A 652 15.72 27.51 29.14
C GLY A 652 16.68 26.71 29.99
N ALA A 653 17.93 26.58 29.56
CA ALA A 653 18.93 25.84 30.31
C ALA A 653 20.14 26.73 30.53
N GLU A 654 20.67 26.66 31.75
CA GLU A 654 21.70 27.58 32.20
C GLU A 654 23.05 27.14 31.67
N HIS A 655 23.71 28.01 30.91
CA HIS A 655 25.06 27.69 30.47
C HIS A 655 26.05 27.92 31.60
N VAL A 656 26.70 26.84 32.03
CA VAL A 656 27.79 26.92 32.99
C VAL A 656 29.05 26.45 32.30
N ASN A 657 30.19 26.64 32.97
CA ASN A 657 31.46 26.25 32.37
C ASN A 657 32.02 24.96 32.96
N ASN A 658 31.54 24.54 34.12
CA ASN A 658 32.20 23.48 34.87
C ASN A 658 31.82 22.12 34.29
N SER A 659 32.75 21.18 34.38
CA SER A 659 32.62 19.92 33.70
C SER A 659 32.20 18.85 34.69
N TYR A 660 31.17 18.09 34.32
CA TYR A 660 30.60 17.07 35.16
C TYR A 660 30.42 15.82 34.33
N GLU A 661 29.94 14.75 34.97
CA GLU A 661 29.54 13.58 34.21
C GLU A 661 28.24 13.88 33.48
N CYS A 662 28.06 13.23 32.34
CA CYS A 662 26.94 13.57 31.48
C CYS A 662 25.67 12.89 31.98
N ASP A 663 24.80 13.68 32.59
CA ASP A 663 23.50 13.15 32.98
C ASP A 663 22.60 13.02 31.75
N ILE A 664 22.30 14.14 31.10
CA ILE A 664 21.42 14.12 29.94
C ILE A 664 22.24 14.51 28.73
N PRO A 665 22.33 13.67 27.70
CA PRO A 665 23.09 14.04 26.49
C PRO A 665 22.35 15.07 25.65
N ILE A 666 23.11 16.03 25.14
CA ILE A 666 22.56 17.00 24.20
C ILE A 666 23.16 16.77 22.83
N GLY A 667 24.46 16.92 22.74
CA GLY A 667 25.18 16.85 21.47
C GLY A 667 26.42 17.71 21.53
N ALA A 668 27.42 17.29 20.74
CA ALA A 668 28.74 17.92 20.55
C ALA A 668 29.53 18.09 21.86
N GLY A 669 29.38 17.12 22.76
CA GLY A 669 30.04 17.16 24.06
C GLY A 669 29.33 17.96 25.12
N ILE A 670 28.22 18.56 24.80
CA ILE A 670 27.49 19.35 25.77
C ILE A 670 26.49 18.44 26.45
N CYS A 671 26.38 18.53 27.77
CA CYS A 671 25.42 17.73 28.50
C CYS A 671 24.65 18.58 29.49
N ALA A 672 23.59 17.99 30.03
CA ALA A 672 22.62 18.73 30.82
C ALA A 672 22.33 18.00 32.12
N SER A 673 22.07 18.79 33.16
CA SER A 673 21.68 18.26 34.44
C SER A 673 20.82 19.28 35.17
N TYR A 674 20.23 18.83 36.27
CA TYR A 674 19.36 19.65 37.09
C TYR A 674 20.08 20.05 38.36
N GLN A 675 20.57 21.27 38.41
CA GLN A 675 21.25 21.79 39.58
C GLN A 675 20.21 22.17 40.63
N THR A 676 20.56 21.95 41.89
CA THR A 676 19.76 22.41 43.01
C THR A 676 19.86 23.92 43.16
N SER A 689 16.86 27.98 44.11
CA SER A 689 18.04 28.07 43.26
C SER A 689 18.09 26.93 42.28
N GLN A 690 16.98 26.21 42.15
CA GLN A 690 16.95 25.02 41.32
C GLN A 690 16.84 25.38 39.84
N SER A 691 17.73 24.82 39.04
CA SER A 691 17.83 25.20 37.64
C SER A 691 18.38 24.05 36.84
N ILE A 692 17.99 24.02 35.56
CA ILE A 692 18.58 23.09 34.61
C ILE A 692 19.86 23.73 34.08
N ILE A 693 20.98 23.08 34.32
CA ILE A 693 22.26 23.61 33.89
C ILE A 693 22.77 22.84 32.69
N ALA A 694 23.51 23.54 31.84
CA ALA A 694 24.04 22.98 30.61
C ALA A 694 25.54 23.17 30.60
N TYR A 695 26.25 22.09 30.25
CA TYR A 695 27.68 22.04 30.51
C TYR A 695 28.33 21.18 29.44
N THR A 696 29.55 21.57 29.06
CA THR A 696 30.47 20.63 28.45
C THR A 696 30.85 19.62 29.51
N MET A 697 30.93 18.35 29.14
CA MET A 697 31.03 17.30 30.14
C MET A 697 32.46 17.17 30.65
N SER A 698 32.61 16.37 31.71
CA SER A 698 33.91 15.87 32.06
C SER A 698 34.10 14.50 31.42
N LEU A 699 35.29 14.28 30.88
CA LEU A 699 35.60 13.00 30.28
C LEU A 699 36.00 11.97 31.31
N GLY A 700 36.32 12.42 32.52
CA GLY A 700 36.82 11.55 33.56
C GLY A 700 37.82 12.30 34.39
N VAL A 701 38.26 11.66 35.47
CA VAL A 701 39.20 12.30 36.37
C VAL A 701 40.61 12.24 35.78
N GLU A 702 41.28 13.39 35.75
CA GLU A 702 42.61 13.44 35.18
C GLU A 702 43.63 12.82 36.12
N ASN A 703 44.32 11.80 35.63
CA ASN A 703 45.35 11.15 36.43
C ASN A 703 46.68 11.36 35.70
N SER A 704 47.50 12.22 36.27
CA SER A 704 48.88 12.33 35.82
C SER A 704 49.63 11.12 36.35
N VAL A 705 50.07 10.25 35.43
CA VAL A 705 50.71 9.01 35.84
C VAL A 705 52.21 9.23 35.98
N ALA A 706 52.71 9.07 37.21
CA ALA A 706 54.12 9.30 37.50
C ALA A 706 54.95 8.09 37.07
N TYR A 707 55.43 8.16 35.83
CA TYR A 707 56.31 7.12 35.31
C TYR A 707 57.70 7.25 35.91
N SER A 708 58.27 6.10 36.26
CA SER A 708 59.70 5.98 36.44
C SER A 708 60.20 4.86 35.55
N ASN A 709 61.45 5.00 35.11
CA ASN A 709 62.05 3.92 34.34
C ASN A 709 62.71 2.87 35.21
N ASN A 710 62.69 3.05 36.53
CA ASN A 710 63.35 2.10 37.42
C ASN A 710 62.55 1.86 38.68
N SER A 711 61.28 2.23 38.70
CA SER A 711 60.47 2.10 39.91
C SER A 711 59.02 1.85 39.58
N ILE A 712 58.33 1.15 40.47
CA ILE A 712 56.97 0.68 40.30
C ILE A 712 56.14 1.02 41.52
N ALA A 713 54.86 0.67 41.48
CA ALA A 713 54.02 0.69 42.66
C ALA A 713 53.38 -0.68 42.81
N ILE A 714 53.23 -1.15 44.06
CA ILE A 714 52.70 -2.48 44.35
C ILE A 714 51.61 -2.37 45.42
N PRO A 715 50.40 -2.93 45.20
CA PRO A 715 49.38 -2.95 46.25
C PRO A 715 49.71 -3.93 47.37
N THR A 716 49.25 -3.61 48.58
CA THR A 716 49.44 -4.46 49.75
C THR A 716 48.14 -4.96 50.37
N ASN A 717 46.98 -4.63 49.81
CA ASN A 717 45.71 -5.12 50.32
C ASN A 717 44.75 -5.24 49.15
N PHE A 718 43.47 -5.35 49.45
CA PHE A 718 42.49 -5.57 48.40
C PHE A 718 41.11 -5.11 48.83
N THR A 719 40.22 -5.07 47.84
CA THR A 719 38.78 -5.01 48.03
C THR A 719 38.16 -6.00 47.07
N ILE A 720 37.57 -7.07 47.59
CA ILE A 720 36.83 -7.98 46.72
C ILE A 720 35.49 -7.30 46.41
N SER A 721 35.02 -7.47 45.19
CA SER A 721 33.94 -6.63 44.69
C SER A 721 32.94 -7.48 43.93
N VAL A 722 31.73 -7.56 44.45
CA VAL A 722 30.61 -8.08 43.70
C VAL A 722 30.03 -6.93 42.90
N THR A 723 29.95 -7.13 41.60
CA THR A 723 29.30 -6.19 40.71
C THR A 723 28.07 -6.88 40.13
N THR A 724 27.03 -6.10 39.90
CA THR A 724 25.79 -6.63 39.34
C THR A 724 25.74 -6.33 37.84
N GLU A 725 25.27 -7.31 37.07
CA GLU A 725 25.19 -7.22 35.63
C GLU A 725 23.87 -7.82 35.19
N ILE A 726 23.25 -7.22 34.17
CA ILE A 726 21.88 -7.53 33.82
C ILE A 726 21.84 -7.80 32.32
N LEU A 727 21.43 -9.00 31.95
CA LEU A 727 21.21 -9.28 30.54
C LEU A 727 19.81 -9.88 30.35
N PRO A 728 19.11 -9.49 29.29
CA PRO A 728 17.80 -10.08 29.03
C PRO A 728 17.91 -11.49 28.46
N VAL A 729 16.80 -12.23 28.55
CA VAL A 729 16.74 -13.60 28.05
C VAL A 729 15.77 -13.73 26.90
N SER A 730 14.52 -13.31 27.07
CA SER A 730 13.49 -13.67 26.11
C SER A 730 12.60 -12.47 25.83
N MET A 731 11.98 -12.51 24.66
CA MET A 731 10.99 -11.52 24.25
C MET A 731 9.65 -12.11 24.67
N THR A 732 8.65 -11.26 24.87
CA THR A 732 7.36 -11.78 25.29
C THR A 732 6.60 -12.34 24.10
N LYS A 733 6.19 -13.60 24.23
CA LYS A 733 5.69 -14.37 23.09
C LYS A 733 4.23 -13.99 22.83
N THR A 734 4.07 -13.05 21.91
CA THR A 734 2.75 -12.66 21.47
C THR A 734 2.48 -13.18 20.07
N SER A 735 1.22 -13.52 19.81
CA SER A 735 0.80 -13.89 18.47
C SER A 735 -0.64 -13.51 18.29
N VAL A 736 -1.06 -13.35 17.04
CA VAL A 736 -2.45 -13.04 16.72
C VAL A 736 -3.01 -14.22 15.94
N ASP A 737 -4.33 -14.25 15.85
CA ASP A 737 -4.99 -14.80 14.68
C ASP A 737 -5.02 -13.65 13.67
N CYS A 738 -4.58 -13.95 12.45
CA CYS A 738 -4.29 -12.91 11.48
C CYS A 738 -5.56 -12.28 10.91
N THR A 739 -6.51 -13.11 10.50
CA THR A 739 -7.73 -12.57 9.91
C THR A 739 -8.70 -12.05 10.96
N MET A 740 -8.54 -12.51 12.20
CA MET A 740 -9.36 -12.02 13.31
C MET A 740 -8.90 -10.65 13.73
N TYR A 741 -7.61 -10.37 13.58
CA TYR A 741 -7.10 -9.01 13.72
C TYR A 741 -7.60 -8.11 12.60
N ILE A 742 -7.69 -8.67 11.39
CA ILE A 742 -8.25 -7.92 10.27
C ILE A 742 -9.74 -7.76 10.40
N CYS A 743 -10.46 -8.85 10.64
CA CYS A 743 -11.91 -8.83 10.49
C CYS A 743 -12.55 -9.93 11.33
N GLY A 744 -13.17 -9.51 12.43
CA GLY A 744 -13.75 -10.47 13.35
C GLY A 744 -15.06 -11.01 12.82
N ASP A 745 -15.14 -12.35 12.73
CA ASP A 745 -16.28 -13.22 12.34
C ASP A 745 -16.97 -12.81 11.04
N SER A 746 -16.20 -12.33 10.08
CA SER A 746 -16.73 -11.81 8.82
C SER A 746 -16.16 -12.62 7.67
N THR A 747 -17.00 -13.48 7.10
CA THR A 747 -16.58 -14.27 5.95
C THR A 747 -16.57 -13.43 4.68
N GLU A 748 -17.36 -12.36 4.65
CA GLU A 748 -17.41 -11.46 3.51
C GLU A 748 -16.19 -10.55 3.47
N CYS A 749 -15.49 -10.41 4.60
CA CYS A 749 -14.09 -10.04 4.58
C CYS A 749 -13.21 -11.16 4.06
N SER A 750 -13.46 -12.39 4.51
CA SER A 750 -12.42 -13.42 4.54
C SER A 750 -12.20 -14.04 3.17
N ASN A 751 -13.18 -13.93 2.29
CA ASN A 751 -12.98 -14.31 0.91
C ASN A 751 -12.11 -13.29 0.17
N LEU A 752 -12.12 -12.03 0.62
CA LEU A 752 -11.32 -11.01 -0.04
C LEU A 752 -9.88 -11.05 0.40
N LEU A 753 -9.59 -11.78 1.48
CA LEU A 753 -8.23 -12.13 1.82
C LEU A 753 -7.63 -13.12 0.81
N LEU A 754 -8.47 -13.93 0.16
CA LEU A 754 -7.98 -15.07 -0.60
C LEU A 754 -7.42 -14.67 -1.95
N GLN A 755 -7.85 -13.53 -2.50
CA GLN A 755 -7.18 -13.02 -3.69
C GLN A 755 -5.83 -12.42 -3.35
N TYR A 756 -5.69 -11.88 -2.15
CA TYR A 756 -4.36 -11.63 -1.64
C TYR A 756 -3.69 -12.92 -1.21
N GLY A 757 -4.44 -13.85 -0.67
CA GLY A 757 -3.95 -15.19 -0.46
C GLY A 757 -3.32 -15.35 0.91
N SER A 758 -2.05 -15.79 0.92
CA SER A 758 -1.45 -16.43 2.06
C SER A 758 -0.64 -15.47 2.93
N PHE A 759 -1.07 -14.22 3.05
CA PHE A 759 -0.34 -13.28 3.88
C PHE A 759 -0.56 -13.56 5.36
N CYS A 760 -1.72 -14.11 5.69
CA CYS A 760 -1.95 -14.60 7.04
C CYS A 760 -1.19 -15.88 7.32
N THR A 761 -0.88 -16.65 6.27
CA THR A 761 -0.02 -17.82 6.45
C THR A 761 1.42 -17.39 6.71
N GLN A 762 1.87 -16.34 6.02
CA GLN A 762 3.26 -15.87 6.11
C GLN A 762 3.57 -15.22 7.44
N LEU A 763 2.66 -14.38 7.92
CA LEU A 763 2.97 -13.61 9.12
C LEU A 763 2.78 -14.44 10.38
N ASN A 764 1.86 -15.41 10.35
CA ASN A 764 1.71 -16.29 11.51
C ASN A 764 2.84 -17.29 11.59
N ARG A 765 3.39 -17.70 10.45
CA ARG A 765 4.55 -18.57 10.50
C ARG A 765 5.82 -17.78 10.78
N ALA A 766 5.78 -16.46 10.54
CA ALA A 766 6.78 -15.58 11.12
C ALA A 766 6.58 -15.45 12.63
N LEU A 767 5.31 -15.42 13.06
CA LEU A 767 4.99 -15.24 14.48
C LEU A 767 5.33 -16.45 15.31
N THR A 768 5.17 -17.64 14.74
CA THR A 768 5.61 -18.85 15.43
C THR A 768 7.12 -18.93 15.47
N GLY A 769 7.79 -18.43 14.42
CA GLY A 769 9.24 -18.41 14.40
C GLY A 769 9.83 -17.39 15.34
N ILE A 770 9.05 -16.36 15.68
CA ILE A 770 9.35 -15.56 16.86
C ILE A 770 9.16 -16.41 18.12
N ALA A 771 8.03 -17.12 18.20
CA ALA A 771 7.54 -17.63 19.49
C ALA A 771 8.28 -18.90 19.92
N VAL A 772 8.73 -19.72 18.97
CA VAL A 772 9.43 -20.94 19.37
C VAL A 772 10.88 -20.59 19.67
N GLU A 773 11.35 -19.45 19.16
CA GLU A 773 12.69 -18.99 19.39
C GLU A 773 12.90 -18.52 20.82
N GLN A 774 11.89 -17.89 21.43
CA GLN A 774 12.05 -17.30 22.76
C GLN A 774 12.08 -18.34 23.86
N ASP A 775 11.31 -19.42 23.73
CA ASP A 775 11.44 -20.51 24.67
C ASP A 775 12.70 -21.32 24.42
N LYS A 776 13.17 -21.36 23.17
CA LYS A 776 14.40 -22.10 22.92
C LYS A 776 15.63 -21.21 23.13
N ASN A 777 15.43 -19.88 23.25
CA ASN A 777 16.50 -18.99 23.72
C ASN A 777 16.84 -19.26 25.16
N THR A 778 15.81 -19.59 25.93
CA THR A 778 15.89 -19.91 27.36
C THR A 778 16.60 -21.24 27.61
N GLN A 779 16.67 -22.10 26.59
CA GLN A 779 17.18 -23.47 26.72
C GLN A 779 18.70 -23.49 26.92
N GLU A 780 19.43 -22.61 26.23
CA GLU A 780 20.87 -22.57 26.48
C GLU A 780 21.21 -21.66 27.63
N VAL A 781 20.25 -20.84 28.05
CA VAL A 781 20.41 -20.05 29.25
C VAL A 781 20.43 -20.94 30.48
N PHE A 782 19.51 -21.88 30.57
CA PHE A 782 19.38 -22.58 31.85
C PHE A 782 19.76 -24.04 31.80
N ALA A 783 19.39 -24.76 30.74
CA ALA A 783 19.66 -26.20 30.67
C ALA A 783 21.10 -26.45 30.22
N GLN A 784 22.01 -26.27 31.16
CA GLN A 784 23.44 -26.40 30.94
C GLN A 784 24.01 -27.53 31.78
N VAL A 785 23.39 -27.82 32.92
CA VAL A 785 23.62 -29.06 33.62
C VAL A 785 22.62 -30.09 33.13
N LYS A 786 22.88 -31.36 33.42
CA LYS A 786 21.93 -32.40 33.09
C LYS A 786 21.42 -33.08 34.36
N GLN A 787 21.73 -32.47 35.50
CA GLN A 787 21.72 -33.10 36.79
C GLN A 787 21.22 -32.07 37.80
N ILE A 788 20.28 -32.46 38.65
CA ILE A 788 19.63 -31.50 39.54
C ILE A 788 20.40 -31.55 40.85
N TYR A 789 21.30 -30.60 41.01
CA TYR A 789 22.15 -30.53 42.19
C TYR A 789 21.40 -29.93 43.36
N LYS A 790 21.45 -30.64 44.48
CA LYS A 790 20.72 -30.21 45.67
C LYS A 790 21.68 -29.66 46.69
N THR A 791 21.20 -28.67 47.44
CA THR A 791 22.01 -28.02 48.43
C THR A 791 22.13 -28.89 49.68
N PRO A 792 23.28 -28.87 50.34
CA PRO A 792 23.36 -29.46 51.68
C PRO A 792 22.64 -28.58 52.68
N PRO A 793 21.96 -29.18 53.66
CA PRO A 793 21.34 -28.36 54.71
C PRO A 793 22.32 -27.88 55.75
N ILE A 794 23.50 -28.49 55.82
CA ILE A 794 24.58 -28.02 56.67
C ILE A 794 25.19 -26.79 56.02
N LYS A 795 25.65 -25.86 56.85
CA LYS A 795 26.24 -24.60 56.40
C LYS A 795 27.69 -24.45 56.85
N ASP A 796 28.48 -25.51 56.68
CA ASP A 796 29.90 -25.49 57.04
C ASP A 796 30.77 -24.93 55.91
N PHE A 797 30.55 -23.68 55.54
CA PHE A 797 31.19 -23.09 54.38
C PHE A 797 32.22 -22.03 54.74
N GLY A 798 32.66 -22.02 56.00
CA GLY A 798 33.62 -21.01 56.40
C GLY A 798 33.01 -19.64 56.59
N GLY A 799 31.83 -19.57 57.21
CA GLY A 799 31.26 -18.32 57.64
C GLY A 799 30.66 -17.47 56.54
N PHE A 800 30.24 -18.08 55.44
CA PHE A 800 29.72 -17.29 54.33
C PHE A 800 28.21 -17.33 54.35
N ASN A 801 27.60 -16.16 54.51
CA ASN A 801 26.14 -16.06 54.65
C ASN A 801 25.54 -16.13 53.26
N PHE A 802 25.25 -17.35 52.82
CA PHE A 802 24.66 -17.62 51.51
C PHE A 802 23.14 -17.64 51.55
N SER A 803 22.54 -17.24 52.67
CA SER A 803 21.13 -17.53 52.95
C SER A 803 20.19 -16.68 52.10
N GLN A 804 20.54 -15.43 51.89
CA GLN A 804 19.85 -14.52 51.02
C GLN A 804 20.00 -14.86 49.54
N ILE A 805 21.05 -15.57 49.15
CA ILE A 805 21.13 -16.10 47.80
C ILE A 805 20.81 -17.60 47.74
N LEU A 806 20.60 -18.25 48.88
CA LEU A 806 19.96 -19.55 48.83
C LEU A 806 18.45 -19.39 48.69
N PRO A 807 17.79 -20.33 48.02
CA PRO A 807 16.34 -20.43 48.15
C PRO A 807 15.95 -20.94 49.52
N ASP A 808 14.72 -20.60 49.91
CA ASP A 808 14.20 -20.99 51.20
C ASP A 808 12.85 -21.67 50.99
N PRO A 809 12.45 -22.58 51.88
CA PRO A 809 11.08 -23.11 51.83
C PRO A 809 10.02 -22.19 52.41
N SER A 810 10.43 -21.06 53.02
CA SER A 810 9.49 -20.02 53.42
C SER A 810 8.80 -19.38 52.21
N LYS A 811 9.53 -19.13 51.15
CA LYS A 811 8.90 -18.84 49.89
C LYS A 811 8.32 -20.12 49.30
N PRO A 812 7.03 -20.10 48.87
CA PRO A 812 6.42 -21.28 48.23
C PRO A 812 7.05 -21.63 46.89
N SER A 813 7.06 -20.69 45.95
CA SER A 813 7.98 -20.75 44.84
C SER A 813 9.34 -20.36 45.40
N LYS A 814 10.21 -21.36 45.57
CA LYS A 814 11.44 -21.22 46.36
C LYS A 814 12.49 -20.40 45.58
N ARG A 815 12.30 -19.09 45.65
CA ARG A 815 13.25 -18.14 45.12
C ARG A 815 14.26 -17.85 46.21
N SER A 816 15.39 -17.25 45.83
CA SER A 816 16.23 -16.68 46.84
C SER A 816 15.68 -15.31 47.23
N PHE A 817 16.25 -14.76 48.29
CA PHE A 817 15.76 -13.51 48.86
C PHE A 817 16.16 -12.31 47.99
N ILE A 818 17.21 -12.47 47.21
CA ILE A 818 17.52 -11.52 46.16
C ILE A 818 16.49 -11.61 45.05
N GLU A 819 16.04 -12.82 44.72
CA GLU A 819 15.40 -13.11 43.44
C GLU A 819 13.95 -12.64 43.39
N ASP A 820 13.24 -12.71 44.51
CA ASP A 820 11.87 -12.21 44.52
C ASP A 820 11.83 -10.69 44.62
N LEU A 821 12.91 -10.09 45.09
CA LEU A 821 13.00 -8.64 45.14
C LEU A 821 13.18 -8.05 43.74
N LEU A 822 13.79 -8.82 42.84
CA LEU A 822 13.72 -8.53 41.42
C LEU A 822 12.29 -8.61 40.91
N PHE A 823 11.55 -9.64 41.33
CA PHE A 823 10.15 -9.78 40.98
C PHE A 823 9.28 -8.75 41.68
N ASN A 824 9.71 -8.29 42.85
CA ASN A 824 9.08 -7.14 43.47
C ASN A 824 9.32 -5.87 42.68
N LYS A 825 10.53 -5.69 42.15
CA LYS A 825 10.85 -4.43 41.49
C LYS A 825 10.30 -4.39 40.07
N VAL A 826 10.19 -5.55 39.42
CA VAL A 826 9.65 -5.62 38.06
C VAL A 826 8.14 -5.48 38.16
N THR A 827 7.61 -4.45 37.50
CA THR A 827 6.17 -4.19 37.48
C THR A 827 5.67 -4.45 36.06
N LEU A 828 4.86 -5.50 35.90
CA LEU A 828 4.21 -5.78 34.62
C LEU A 828 3.06 -4.81 34.45
N ALA A 829 3.20 -3.91 33.47
CA ALA A 829 2.10 -3.01 33.13
C ALA A 829 1.00 -3.76 32.40
N ASP A 830 1.38 -4.76 31.59
CA ASP A 830 0.40 -5.66 31.01
C ASP A 830 -0.03 -6.70 32.04
N ALA A 831 -1.32 -7.03 32.06
CA ALA A 831 -1.84 -7.95 33.06
C ALA A 831 -1.53 -9.39 32.69
N GLY A 832 -1.68 -10.29 33.65
CA GLY A 832 -1.26 -11.67 33.47
C GLY A 832 -2.29 -12.51 32.74
N PHE A 833 -2.10 -13.83 32.82
CA PHE A 833 -2.91 -14.76 32.05
C PHE A 833 -4.30 -14.98 32.65
N ILE A 834 -4.46 -14.65 33.92
CA ILE A 834 -5.76 -14.74 34.58
C ILE A 834 -6.59 -13.54 34.15
N LYS A 835 -7.75 -13.81 33.57
CA LYS A 835 -8.64 -12.74 33.12
C LYS A 835 -9.38 -12.11 34.29
N LEU A 849 -5.67 -4.89 31.53
CA LEU A 849 -5.34 -4.68 30.11
C LEU A 849 -5.70 -5.87 29.25
N ILE A 850 -5.56 -7.07 29.82
CA ILE A 850 -5.26 -8.27 29.05
C ILE A 850 -6.47 -8.80 28.28
N CYS A 851 -7.69 -8.47 28.74
CA CYS A 851 -8.89 -8.95 28.04
C CYS A 851 -9.19 -8.08 26.84
N ALA A 852 -8.75 -6.83 26.86
CA ALA A 852 -8.88 -5.95 25.70
C ALA A 852 -7.94 -6.39 24.59
N GLN A 853 -6.71 -6.78 24.94
CA GLN A 853 -5.80 -7.30 23.93
C GLN A 853 -6.14 -8.73 23.54
N LYS A 854 -6.88 -9.45 24.39
CA LYS A 854 -7.42 -10.77 24.02
C LYS A 854 -8.42 -10.67 22.89
N PHE A 855 -9.29 -9.66 22.95
CA PHE A 855 -10.51 -9.70 22.14
C PHE A 855 -10.33 -9.13 20.74
N ASN A 856 -9.09 -8.93 20.28
CA ASN A 856 -8.82 -8.57 18.90
C ASN A 856 -8.07 -9.68 18.16
N GLY A 857 -8.10 -10.89 18.70
CA GLY A 857 -7.39 -12.00 18.12
C GLY A 857 -5.97 -12.17 18.60
N LEU A 858 -5.41 -11.19 19.29
CA LEU A 858 -4.05 -11.26 19.79
C LEU A 858 -4.00 -12.09 21.06
N THR A 859 -3.02 -13.00 21.12
CA THR A 859 -2.80 -13.82 22.29
C THR A 859 -1.41 -13.54 22.82
N VAL A 860 -1.19 -13.93 24.07
CA VAL A 860 0.12 -13.86 24.70
C VAL A 860 0.44 -15.30 25.08
N LEU A 861 1.56 -15.81 24.60
CA LEU A 861 1.81 -17.22 24.81
C LEU A 861 2.55 -17.45 26.12
N PRO A 862 2.14 -18.43 26.91
CA PRO A 862 2.87 -18.76 28.13
C PRO A 862 4.13 -19.55 27.81
N PRO A 863 5.17 -19.41 28.63
CA PRO A 863 6.38 -20.20 28.39
C PRO A 863 6.19 -21.65 28.81
N LEU A 864 7.03 -22.51 28.24
CA LEU A 864 7.14 -23.86 28.77
C LEU A 864 7.79 -23.85 30.13
N LEU A 865 8.84 -23.05 30.28
CA LEU A 865 9.55 -22.96 31.54
C LEU A 865 8.90 -21.89 32.40
N THR A 866 8.35 -22.30 33.55
CA THR A 866 7.85 -21.32 34.49
C THR A 866 9.00 -20.75 35.31
N ASP A 867 8.67 -19.75 36.12
CA ASP A 867 9.71 -19.06 36.88
C ASP A 867 10.17 -19.89 38.07
N GLU A 868 9.33 -20.80 38.56
CA GLU A 868 9.75 -21.75 39.58
C GLU A 868 10.74 -22.76 39.03
N MET A 869 10.49 -23.24 37.81
CA MET A 869 11.35 -24.14 37.05
C MET A 869 12.70 -23.50 36.77
N ILE A 870 12.66 -22.21 36.46
CA ILE A 870 13.85 -21.39 36.35
C ILE A 870 14.56 -21.26 37.69
N ALA A 871 13.79 -21.06 38.77
CA ALA A 871 14.37 -20.96 40.11
C ALA A 871 14.79 -22.32 40.65
N GLN A 872 14.22 -23.40 40.10
CA GLN A 872 14.77 -24.72 40.36
C GLN A 872 16.13 -24.90 39.71
N TYR A 873 16.30 -24.32 38.52
CA TYR A 873 17.57 -24.41 37.80
C TYR A 873 18.65 -23.57 38.44
N THR A 874 18.35 -22.32 38.79
CA THR A 874 19.36 -21.38 39.23
C THR A 874 19.82 -21.67 40.66
N SER A 875 18.95 -22.31 41.44
CA SER A 875 19.39 -22.93 42.68
C SER A 875 20.34 -24.08 42.42
N ALA A 876 20.01 -24.94 41.44
CA ALA A 876 20.81 -26.12 41.19
C ALA A 876 22.10 -25.79 40.46
N LEU A 877 22.12 -24.66 39.74
CA LEU A 877 23.39 -24.14 39.23
C LEU A 877 24.28 -23.68 40.37
N LEU A 878 23.69 -23.00 41.34
CA LEU A 878 24.47 -22.41 42.43
C LEU A 878 24.86 -23.47 43.46
N ALA A 879 24.11 -24.57 43.51
CA ALA A 879 24.43 -25.67 44.42
C ALA A 879 25.68 -26.42 44.00
N GLY A 880 25.84 -26.66 42.69
CA GLY A 880 27.06 -27.29 42.22
C GLY A 880 28.23 -26.33 42.16
N THR A 881 27.92 -25.02 42.14
CA THR A 881 28.96 -24.00 42.23
C THR A 881 29.61 -24.00 43.61
N ILE A 882 28.82 -24.26 44.65
CA ILE A 882 29.40 -24.32 45.98
C ILE A 882 30.07 -25.67 46.21
N THR A 883 29.34 -26.75 45.93
CA THR A 883 29.81 -28.06 46.36
C THR A 883 30.78 -28.68 45.39
N SER A 884 30.46 -28.71 44.10
CA SER A 884 31.39 -29.25 43.12
C SER A 884 32.32 -28.21 42.52
N GLY A 885 32.02 -26.93 42.67
CA GLY A 885 32.93 -25.94 42.15
C GLY A 885 32.70 -25.71 40.68
N TRP A 886 33.52 -26.39 39.87
CA TRP A 886 33.50 -26.26 38.43
C TRP A 886 33.57 -27.63 37.78
N THR A 887 33.90 -28.66 38.57
CA THR A 887 34.28 -29.99 38.11
C THR A 887 33.11 -30.73 37.48
N PHE A 888 31.91 -30.44 37.96
CA PHE A 888 30.66 -30.88 37.37
C PHE A 888 30.41 -30.32 35.97
N GLY A 889 30.99 -29.16 35.63
CA GLY A 889 30.84 -28.62 34.30
C GLY A 889 31.56 -29.40 33.22
N ALA A 890 32.77 -29.89 33.50
CA ALA A 890 33.54 -30.60 32.50
C ALA A 890 33.33 -32.10 32.54
N GLY A 891 32.45 -32.59 33.41
CA GLY A 891 32.25 -34.02 33.51
C GLY A 891 31.35 -34.38 34.68
N ALA A 892 31.78 -35.35 35.46
CA ALA A 892 31.01 -35.77 36.62
C ALA A 892 31.16 -34.76 37.75
N ALA A 893 30.22 -34.79 38.69
CA ALA A 893 30.30 -33.90 39.84
C ALA A 893 31.31 -34.42 40.84
N LEU A 894 32.38 -33.66 41.04
CA LEU A 894 33.42 -34.02 41.98
C LEU A 894 33.44 -32.93 43.04
N GLN A 895 33.26 -33.31 44.31
CA GLN A 895 33.05 -32.30 45.32
C GLN A 895 34.36 -31.69 45.77
N ILE A 896 34.24 -30.50 46.34
CA ILE A 896 35.36 -29.71 46.83
C ILE A 896 34.83 -28.94 48.05
N PRO A 897 35.62 -28.81 49.11
CA PRO A 897 35.23 -27.88 50.16
C PRO A 897 35.61 -26.46 49.78
N PHE A 898 34.87 -25.51 50.34
CA PHE A 898 34.77 -24.20 49.71
C PHE A 898 35.96 -23.32 50.04
N ALA A 899 36.63 -23.58 51.17
CA ALA A 899 37.87 -22.89 51.47
C ALA A 899 38.99 -23.39 50.56
N MET A 900 38.99 -24.68 50.24
CA MET A 900 39.92 -25.19 49.25
C MET A 900 39.45 -24.94 47.82
N GLN A 901 38.20 -24.50 47.62
CA GLN A 901 37.81 -24.00 46.32
C GLN A 901 38.46 -22.65 46.05
N MET A 902 38.67 -21.86 47.10
CA MET A 902 39.20 -20.52 46.90
C MET A 902 40.70 -20.53 46.70
N ALA A 903 41.36 -21.62 47.08
CA ALA A 903 42.77 -21.81 46.74
C ALA A 903 42.92 -22.03 45.24
N TYR A 904 41.99 -22.77 44.64
CA TYR A 904 41.89 -22.84 43.19
C TYR A 904 41.49 -21.51 42.58
N ARG A 905 40.64 -20.74 43.27
CA ARG A 905 40.11 -19.52 42.65
C ARG A 905 41.08 -18.36 42.77
N PHE A 906 42.11 -18.50 43.60
CA PHE A 906 43.11 -17.45 43.66
C PHE A 906 44.29 -17.74 42.75
N ASN A 907 44.55 -19.02 42.50
CA ASN A 907 45.64 -19.39 41.60
C ASN A 907 45.29 -19.13 40.15
N GLY A 908 44.00 -19.08 39.83
CA GLY A 908 43.53 -18.65 38.53
C GLY A 908 43.83 -17.20 38.24
N ILE A 909 43.81 -16.34 39.24
CA ILE A 909 44.25 -14.96 39.04
C ILE A 909 45.66 -14.76 39.57
N GLY A 910 46.38 -15.87 39.82
CA GLY A 910 47.78 -15.78 40.15
C GLY A 910 48.11 -15.39 41.56
N VAL A 911 47.12 -15.29 42.43
CA VAL A 911 47.32 -15.03 43.85
C VAL A 911 47.71 -16.34 44.47
N THR A 912 48.81 -16.34 45.21
CA THR A 912 49.27 -17.55 45.88
C THR A 912 48.35 -17.91 47.04
N GLN A 913 48.16 -19.22 47.21
CA GLN A 913 47.02 -19.76 47.94
C GLN A 913 47.14 -19.63 49.45
N ASN A 914 48.34 -19.34 49.95
CA ASN A 914 48.54 -19.14 51.39
C ASN A 914 47.94 -17.85 51.90
N VAL A 915 47.77 -16.85 51.02
CA VAL A 915 47.32 -15.53 51.42
C VAL A 915 45.83 -15.56 51.71
N LEU A 916 45.12 -16.48 51.07
CA LEU A 916 43.79 -16.92 51.50
C LEU A 916 43.83 -17.47 52.91
N TYR A 917 44.77 -18.38 53.18
CA TYR A 917 44.81 -19.06 54.46
C TYR A 917 45.50 -18.22 55.53
N GLU A 918 46.14 -17.13 55.14
CA GLU A 918 46.52 -16.13 56.13
C GLU A 918 45.33 -15.30 56.57
N ASN A 919 44.45 -14.92 55.63
CA ASN A 919 43.66 -13.72 55.82
C ASN A 919 42.17 -13.95 55.62
N GLN A 920 41.69 -15.18 55.91
CA GLN A 920 40.37 -15.64 55.47
C GLN A 920 39.23 -15.00 56.26
N LYS A 921 39.53 -14.45 57.44
CA LYS A 921 38.51 -13.77 58.22
C LYS A 921 38.15 -12.43 57.60
N LEU A 922 39.16 -11.63 57.23
CA LEU A 922 38.93 -10.30 56.70
C LEU A 922 38.45 -10.36 55.26
N ILE A 923 38.80 -11.45 54.56
CA ILE A 923 38.16 -11.81 53.30
C ILE A 923 36.67 -12.04 53.50
N ALA A 924 36.31 -12.81 54.55
CA ALA A 924 34.91 -13.08 54.86
C ALA A 924 34.20 -11.86 55.40
N ASN A 925 34.95 -10.99 56.09
CA ASN A 925 34.42 -9.70 56.49
C ASN A 925 34.22 -8.79 55.28
N GLN A 926 35.09 -8.91 54.28
CA GLN A 926 34.84 -8.22 53.03
C GLN A 926 33.72 -8.89 52.25
N PHE A 927 33.57 -10.20 52.38
CA PHE A 927 32.62 -10.93 51.55
C PHE A 927 31.19 -10.75 52.05
N ASN A 928 30.98 -10.88 53.37
CA ASN A 928 29.64 -10.81 53.92
C ASN A 928 29.11 -9.39 53.95
N SER A 929 30.01 -8.42 53.96
CA SER A 929 29.61 -7.03 53.76
C SER A 929 29.13 -6.77 52.34
N ALA A 930 29.83 -7.32 51.34
CA ALA A 930 29.63 -6.92 49.96
C ALA A 930 28.35 -7.52 49.38
N ILE A 931 27.95 -8.69 49.89
CA ILE A 931 26.71 -9.31 49.42
C ILE A 931 25.51 -8.57 50.01
N GLY A 932 25.65 -7.99 51.20
CA GLY A 932 24.61 -7.12 51.71
C GLY A 932 24.63 -5.76 51.03
N LYS A 933 25.82 -5.34 50.56
CA LYS A 933 25.92 -4.08 49.86
C LYS A 933 25.40 -4.15 48.43
N ILE A 934 25.32 -5.36 47.88
CA ILE A 934 24.49 -5.57 46.72
C ILE A 934 23.02 -5.41 47.09
N GLN A 935 22.65 -5.95 48.26
CA GLN A 935 21.26 -6.11 48.64
C GLN A 935 20.63 -4.80 49.07
N ASP A 936 21.41 -3.90 49.69
CA ASP A 936 20.89 -2.57 49.95
C ASP A 936 20.86 -1.73 48.69
N SER A 937 21.75 -2.02 47.74
CA SER A 937 21.66 -1.39 46.43
C SER A 937 20.49 -1.95 45.64
N LEU A 938 20.19 -3.23 45.87
CA LEU A 938 18.90 -3.78 45.44
C LEU A 938 17.75 -3.14 46.19
N SER A 939 17.94 -2.87 47.48
CA SER A 939 16.92 -2.14 48.24
C SER A 939 16.92 -0.65 47.91
N SER A 940 17.99 -0.14 47.32
CA SER A 940 17.95 1.20 46.74
C SER A 940 17.10 1.18 45.49
N THR A 941 16.66 2.37 45.09
CA THR A 941 15.82 2.55 43.91
C THR A 941 16.61 2.70 42.59
N ALA A 942 17.53 1.75 42.34
CA ALA A 942 18.35 1.77 41.15
C ALA A 942 17.55 1.36 39.92
N SER A 943 17.83 2.02 38.81
CA SER A 943 17.09 1.85 37.56
C SER A 943 17.80 0.91 36.61
N ALA A 944 18.46 -0.12 37.15
CA ALA A 944 19.21 -1.06 36.33
C ALA A 944 18.30 -2.12 35.71
N LEU A 945 17.04 -2.18 36.13
CA LEU A 945 16.00 -3.00 35.51
C LEU A 945 15.30 -2.28 34.36
N GLY A 946 15.77 -1.07 34.02
CA GLY A 946 15.19 -0.34 32.91
C GLY A 946 15.58 -0.89 31.56
N LYS A 947 16.66 -1.67 31.51
CA LYS A 947 16.90 -2.60 30.40
C LYS A 947 15.75 -3.57 30.26
N LEU A 948 15.38 -4.23 31.36
CA LEU A 948 14.31 -5.21 31.33
C LEU A 948 12.94 -4.57 31.33
N GLN A 949 12.85 -3.31 31.75
CA GLN A 949 11.60 -2.59 31.59
C GLN A 949 11.35 -2.23 30.14
N ASP A 950 12.40 -2.01 29.36
CA ASP A 950 12.22 -1.72 27.95
C ASP A 950 11.96 -2.96 27.12
N VAL A 951 12.19 -4.14 27.69
CA VAL A 951 11.61 -5.35 27.13
C VAL A 951 10.09 -5.28 27.23
N VAL A 952 9.59 -4.84 28.38
CA VAL A 952 8.15 -4.70 28.60
C VAL A 952 7.62 -3.48 27.84
N ASN A 953 8.45 -2.43 27.73
CA ASN A 953 7.98 -1.20 27.10
C ASN A 953 7.92 -1.32 25.59
N GLN A 954 8.91 -1.95 24.96
CA GLN A 954 8.88 -2.10 23.51
C GLN A 954 7.96 -3.24 23.09
N ASN A 955 7.61 -4.13 24.03
CA ASN A 955 6.40 -4.91 23.85
C ASN A 955 5.18 -4.00 23.78
N ALA A 956 4.90 -3.29 24.88
CA ALA A 956 3.56 -2.77 25.12
C ALA A 956 3.30 -1.48 24.37
N GLN A 957 4.35 -0.86 23.84
CA GLN A 957 4.13 0.24 22.91
C GLN A 957 3.60 -0.28 21.58
N ALA A 958 4.13 -1.41 21.13
CA ALA A 958 3.74 -1.92 19.82
C ALA A 958 2.41 -2.65 19.88
N LEU A 959 2.01 -3.10 21.07
CA LEU A 959 0.64 -3.57 21.24
C LEU A 959 -0.33 -2.41 21.20
N ASN A 960 0.01 -1.32 21.88
CA ASN A 960 -0.90 -0.19 21.98
C ASN A 960 -0.87 0.65 20.72
N THR A 961 0.17 0.50 19.91
CA THR A 961 0.14 1.01 18.55
C THR A 961 -0.93 0.31 17.72
N LEU A 962 -0.89 -1.02 17.70
CA LEU A 962 -1.61 -1.74 16.65
C LEU A 962 -3.06 -1.97 17.02
N VAL A 963 -3.41 -1.72 18.28
CA VAL A 963 -4.83 -1.66 18.60
C VAL A 963 -5.40 -0.32 18.15
N LYS A 964 -4.56 0.71 18.04
CA LYS A 964 -5.02 2.01 17.60
C LYS A 964 -5.02 2.14 16.09
N GLN A 965 -4.42 1.18 15.38
CA GLN A 965 -4.46 1.27 13.93
C GLN A 965 -5.68 0.60 13.37
N LEU A 966 -6.44 -0.12 14.21
CA LEU A 966 -7.78 -0.50 13.85
C LEU A 966 -8.73 0.68 13.94
N SER A 967 -8.38 1.68 14.75
CA SER A 967 -9.12 2.94 14.80
C SER A 967 -8.78 3.86 13.63
N SER A 968 -7.74 3.56 12.87
CA SER A 968 -7.51 4.24 11.60
C SER A 968 -8.51 3.75 10.56
N ASN A 969 -8.76 4.55 9.53
CA ASN A 969 -9.76 4.19 8.54
C ASN A 969 -9.22 4.04 7.13
N PHE A 970 -8.03 4.61 6.85
CA PHE A 970 -7.27 4.52 5.59
C PHE A 970 -8.05 5.07 4.38
N GLY A 971 -8.79 6.14 4.58
CA GLY A 971 -9.54 6.73 3.50
C GLY A 971 -10.93 6.17 3.32
N ALA A 972 -11.33 5.18 4.11
CA ALA A 972 -12.68 4.70 4.04
C ALA A 972 -13.59 5.56 4.91
N ILE A 973 -14.87 5.18 4.96
CA ILE A 973 -15.83 5.98 5.70
C ILE A 973 -15.83 5.63 7.18
N SER A 974 -15.20 4.52 7.55
CA SER A 974 -15.31 4.02 8.91
C SER A 974 -14.08 3.21 9.24
N SER A 975 -13.64 3.34 10.49
CA SER A 975 -12.60 2.46 11.00
C SER A 975 -13.15 1.07 11.30
N VAL A 976 -14.35 1.01 11.87
CA VAL A 976 -14.91 -0.25 12.34
C VAL A 976 -15.58 -0.95 11.16
N LEU A 977 -15.58 -2.28 11.20
CA LEU A 977 -15.86 -3.10 10.02
C LEU A 977 -17.34 -3.14 9.66
N ASN A 978 -18.21 -3.46 10.62
CA ASN A 978 -19.56 -3.89 10.30
C ASN A 978 -20.49 -2.72 10.02
N ASP A 979 -20.05 -1.50 10.33
CA ASP A 979 -20.81 -0.29 10.07
C ASP A 979 -20.81 -0.02 8.57
N ILE A 980 -19.71 -0.38 7.90
CA ILE A 980 -19.64 -0.39 6.44
C ILE A 980 -20.59 -1.46 5.89
N LEU A 981 -20.62 -2.61 6.56
CA LEU A 981 -21.41 -3.74 6.10
C LEU A 981 -22.89 -3.53 6.37
N SER A 982 -23.21 -2.77 7.41
CA SER A 982 -24.61 -2.47 7.71
C SER A 982 -25.20 -1.42 6.79
N ARG A 983 -24.38 -0.66 6.07
CA ARG A 983 -24.87 0.44 5.27
C ARG A 983 -24.83 0.18 3.78
N LEU A 984 -23.77 -0.46 3.28
CA LEU A 984 -23.52 -0.50 1.85
C LEU A 984 -23.55 -1.93 1.31
N ASP A 985 -24.01 -2.06 0.08
CA ASP A 985 -23.99 -3.33 -0.63
C ASP A 985 -22.56 -3.67 -1.06
N LYS A 986 -22.24 -4.96 -0.96
CA LYS A 986 -20.86 -5.42 -1.26
C LYS A 986 -20.27 -4.63 -2.41
N VAL A 987 -20.88 -4.63 -3.62
CA VAL A 987 -20.35 -3.83 -4.69
C VAL A 987 -19.65 -2.60 -4.13
N GLU A 988 -20.42 -1.74 -3.47
CA GLU A 988 -19.88 -0.47 -2.98
C GLU A 988 -19.45 -0.52 -1.52
N ALA A 989 -19.72 -1.62 -0.81
CA ALA A 989 -19.01 -1.87 0.44
C ALA A 989 -17.64 -2.50 0.18
N GLU A 990 -17.45 -3.01 -1.04
CA GLU A 990 -16.20 -3.65 -1.44
C GLU A 990 -15.07 -2.64 -1.55
N VAL A 991 -15.37 -1.43 -2.00
CA VAL A 991 -14.30 -0.47 -2.27
C VAL A 991 -13.83 0.19 -1.00
N GLN A 992 -14.69 0.27 0.01
CA GLN A 992 -14.28 0.81 1.31
C GLN A 992 -13.41 -0.19 2.05
N ILE A 993 -13.74 -1.47 1.93
CA ILE A 993 -12.99 -2.50 2.63
C ILE A 993 -11.74 -2.86 1.83
N ASP A 994 -11.69 -2.45 0.56
CA ASP A 994 -10.47 -2.45 -0.22
C ASP A 994 -9.40 -1.53 0.36
N ARG A 995 -9.80 -0.33 0.77
CA ARG A 995 -8.86 0.59 1.40
C ARG A 995 -8.55 0.16 2.82
N LEU A 996 -9.49 -0.52 3.47
CA LEU A 996 -9.37 -0.83 4.87
C LEU A 996 -8.38 -1.95 5.17
N ILE A 997 -8.39 -3.02 4.37
CA ILE A 997 -7.56 -4.16 4.71
C ILE A 997 -6.13 -3.93 4.26
N THR A 998 -5.94 -3.07 3.26
CA THR A 998 -4.61 -2.77 2.77
C THR A 998 -3.87 -1.83 3.69
N GLY A 999 -4.60 -1.00 4.42
CA GLY A 999 -3.98 -0.32 5.54
C GLY A 999 -3.75 -1.26 6.69
N ARG A 1000 -4.65 -2.24 6.85
CA ARG A 1000 -4.56 -3.15 7.99
C ARG A 1000 -3.48 -4.19 7.79
N LEU A 1001 -3.24 -4.63 6.54
CA LEU A 1001 -2.21 -5.63 6.31
C LEU A 1001 -0.84 -4.99 6.40
N GLN A 1002 -0.74 -3.72 5.98
CA GLN A 1002 0.48 -2.92 6.06
C GLN A 1002 0.92 -2.71 7.49
N SER A 1003 -0.05 -2.52 8.38
CA SER A 1003 0.24 -2.23 9.77
C SER A 1003 0.75 -3.47 10.50
N LEU A 1004 0.20 -4.63 10.17
CA LEU A 1004 0.54 -5.84 10.91
C LEU A 1004 1.87 -6.41 10.47
N GLN A 1005 2.24 -6.25 9.19
CA GLN A 1005 3.55 -6.71 8.73
C GLN A 1005 4.65 -5.80 9.24
N THR A 1006 4.30 -4.53 9.46
CA THR A 1006 5.21 -3.57 10.06
C THR A 1006 5.51 -3.96 11.49
N TYR A 1007 4.47 -4.43 12.20
CA TYR A 1007 4.51 -4.80 13.61
C TYR A 1007 5.46 -5.95 13.90
N VAL A 1008 5.42 -6.97 13.04
CA VAL A 1008 6.23 -8.17 13.21
C VAL A 1008 7.70 -7.86 12.97
N THR A 1009 7.97 -6.90 12.07
CA THR A 1009 9.29 -6.55 11.58
C THR A 1009 10.15 -5.91 12.67
N GLN A 1010 9.53 -5.13 13.57
CA GLN A 1010 10.28 -4.63 14.71
C GLN A 1010 10.49 -5.69 15.78
N GLN A 1011 9.63 -6.70 15.87
CA GLN A 1011 9.95 -7.80 16.76
C GLN A 1011 11.04 -8.68 16.17
N LEU A 1012 11.13 -8.73 14.84
CA LEU A 1012 12.17 -9.50 14.17
C LEU A 1012 13.54 -8.89 14.35
N ILE A 1013 13.61 -7.56 14.40
CA ILE A 1013 14.89 -6.93 14.68
C ILE A 1013 15.20 -6.99 16.19
N ARG A 1014 14.16 -6.98 17.04
CA ARG A 1014 14.41 -6.93 18.48
C ARG A 1014 14.78 -8.30 19.02
N ALA A 1015 14.07 -9.35 18.60
CA ALA A 1015 14.31 -10.67 19.18
C ALA A 1015 15.57 -11.30 18.63
N ALA A 1016 16.04 -10.83 17.46
CA ALA A 1016 17.39 -11.15 17.02
C ALA A 1016 18.44 -10.50 17.92
N GLU A 1017 18.17 -9.28 18.39
CA GLU A 1017 19.07 -8.60 19.30
C GLU A 1017 19.00 -9.22 20.70
N ILE A 1018 17.82 -9.76 21.05
CA ILE A 1018 17.64 -10.46 22.32
C ILE A 1018 18.44 -11.76 22.36
N ARG A 1019 18.44 -12.53 21.26
CA ARG A 1019 19.19 -13.79 21.25
C ARG A 1019 20.68 -13.53 21.07
N ALA A 1020 21.04 -12.40 20.46
CA ALA A 1020 22.43 -11.95 20.44
C ALA A 1020 22.89 -11.58 21.83
N SER A 1021 22.01 -10.98 22.62
CA SER A 1021 22.30 -10.77 24.02
C SER A 1021 22.25 -12.06 24.82
N ALA A 1022 21.42 -13.02 24.39
CA ALA A 1022 21.30 -14.26 25.14
C ALA A 1022 22.47 -15.19 24.90
N ASN A 1023 22.99 -15.20 23.67
CA ASN A 1023 24.17 -16.00 23.38
C ASN A 1023 25.42 -15.35 23.94
N LEU A 1024 25.37 -14.03 24.10
CA LEU A 1024 26.35 -13.35 24.95
C LEU A 1024 26.22 -13.81 26.39
N ALA A 1025 24.99 -13.93 26.88
CA ALA A 1025 24.74 -14.27 28.29
C ALA A 1025 25.04 -15.73 28.57
N ALA A 1026 24.82 -16.60 27.59
CA ALA A 1026 25.09 -18.02 27.76
C ALA A 1026 26.58 -18.31 27.72
N THR A 1027 27.33 -17.42 27.09
CA THR A 1027 28.78 -17.49 27.13
C THR A 1027 29.31 -17.14 28.52
N LYS A 1028 28.62 -16.26 29.24
CA LYS A 1028 28.97 -15.99 30.64
C LYS A 1028 28.65 -17.18 31.53
N MET A 1029 27.54 -17.85 31.28
CA MET A 1029 27.19 -18.99 32.12
C MET A 1029 27.96 -20.23 31.75
N SER A 1030 28.52 -20.27 30.55
CA SER A 1030 29.49 -21.30 30.23
C SER A 1030 30.84 -21.01 30.89
N GLU A 1031 31.21 -19.73 31.01
CA GLU A 1031 32.60 -19.45 31.37
C GLU A 1031 32.76 -18.71 32.69
N CYS A 1032 32.05 -17.59 32.87
CA CYS A 1032 32.23 -16.77 34.06
C CYS A 1032 31.55 -17.42 35.26
N VAL A 1033 30.37 -17.97 35.05
CA VAL A 1033 29.63 -18.59 36.13
C VAL A 1033 30.19 -19.96 36.44
N LEU A 1034 30.35 -20.78 35.40
CA LEU A 1034 30.77 -22.15 35.54
C LEU A 1034 32.24 -22.31 35.87
N GLY A 1035 33.12 -21.53 35.26
CA GLY A 1035 34.53 -21.63 35.59
C GLY A 1035 35.04 -20.30 36.08
N GLN A 1036 36.37 -20.20 36.16
CA GLN A 1036 37.04 -18.95 36.43
C GLN A 1036 37.81 -18.56 35.18
N SER A 1037 37.37 -17.51 34.50
CA SER A 1037 37.91 -17.19 33.20
C SER A 1037 39.01 -16.14 33.31
N LYS A 1038 39.82 -16.05 32.27
CA LYS A 1038 40.83 -15.00 32.18
C LYS A 1038 40.38 -13.85 31.31
N ARG A 1039 39.12 -13.83 30.92
CA ARG A 1039 38.62 -12.84 29.98
C ARG A 1039 38.43 -11.50 30.69
N VAL A 1040 39.17 -10.49 30.23
CA VAL A 1040 39.23 -9.20 30.90
C VAL A 1040 37.95 -8.43 30.63
N ASP A 1041 37.13 -8.30 31.68
CA ASP A 1041 35.86 -7.57 31.79
C ASP A 1041 34.73 -8.12 30.94
N PHE A 1042 34.89 -9.30 30.36
CA PHE A 1042 33.75 -10.12 30.00
C PHE A 1042 33.10 -10.66 31.26
N CYS A 1043 33.91 -10.97 32.26
CA CYS A 1043 33.41 -11.47 33.53
C CYS A 1043 33.44 -10.37 34.60
N GLY A 1044 33.18 -9.14 34.17
CA GLY A 1044 33.09 -8.03 35.09
C GLY A 1044 34.44 -7.39 35.37
N LYS A 1045 34.38 -6.19 35.92
CA LYS A 1045 35.57 -5.36 36.10
C LYS A 1045 36.34 -5.76 37.34
N GLY A 1046 37.61 -6.09 37.15
CA GLY A 1046 38.42 -6.65 38.20
C GLY A 1046 38.84 -8.06 37.88
N TYR A 1047 39.62 -8.63 38.79
CA TYR A 1047 40.11 -9.99 38.61
C TYR A 1047 39.00 -10.95 39.01
N HIS A 1048 38.47 -11.68 38.03
CA HIS A 1048 37.23 -12.42 38.21
C HIS A 1048 37.44 -13.67 39.05
N LEU A 1049 36.59 -13.83 40.05
CA LEU A 1049 36.68 -14.96 40.97
C LEU A 1049 35.64 -16.02 40.66
N MET A 1050 34.36 -15.66 40.72
CA MET A 1050 33.25 -16.52 40.33
C MET A 1050 32.09 -15.58 40.03
N SER A 1051 31.03 -16.16 39.46
CA SER A 1051 29.87 -15.36 39.08
C SER A 1051 28.60 -16.07 39.53
N PHE A 1052 27.54 -15.29 39.75
CA PHE A 1052 26.31 -15.85 40.28
C PHE A 1052 25.11 -15.42 39.46
N PRO A 1053 24.21 -16.34 39.13
CA PRO A 1053 22.98 -15.95 38.43
C PRO A 1053 21.81 -15.68 39.36
N GLN A 1054 21.05 -14.63 39.03
CA GLN A 1054 19.81 -14.34 39.74
C GLN A 1054 18.71 -14.14 38.71
N SER A 1055 17.58 -14.80 38.92
CA SER A 1055 16.54 -14.85 37.91
C SER A 1055 15.61 -13.65 37.99
N ALA A 1056 15.48 -12.95 36.87
CA ALA A 1056 14.58 -11.84 36.69
C ALA A 1056 13.47 -12.29 35.74
N PRO A 1057 12.37 -11.53 35.66
CA PRO A 1057 11.47 -11.72 34.51
C PRO A 1057 12.15 -11.30 33.21
N HIS A 1058 12.14 -12.23 32.24
CA HIS A 1058 12.76 -12.13 30.89
C HIS A 1058 14.26 -11.87 30.92
N GLY A 1059 14.96 -12.23 31.99
CA GLY A 1059 16.35 -11.82 32.15
C GLY A 1059 16.99 -12.57 33.29
N VAL A 1060 18.33 -12.57 33.27
CA VAL A 1060 19.13 -13.08 34.38
C VAL A 1060 20.04 -11.96 34.87
N VAL A 1061 20.00 -11.71 36.17
CA VAL A 1061 20.96 -10.84 36.81
C VAL A 1061 22.22 -11.64 37.10
N PHE A 1062 23.34 -11.15 36.60
CA PHE A 1062 24.65 -11.75 36.85
C PHE A 1062 25.34 -11.02 37.98
N LEU A 1063 26.04 -11.76 38.82
CA LEU A 1063 26.75 -11.17 39.95
C LEU A 1063 28.23 -11.48 39.81
N HIS A 1064 28.96 -10.61 39.10
CA HIS A 1064 30.38 -10.83 38.90
C HIS A 1064 31.13 -10.42 40.15
N VAL A 1065 31.55 -11.41 40.91
CA VAL A 1065 32.39 -11.19 42.08
C VAL A 1065 33.83 -11.11 41.64
N THR A 1066 34.41 -9.92 41.74
CA THR A 1066 35.75 -9.69 41.25
C THR A 1066 36.65 -9.21 42.37
N TYR A 1067 37.94 -9.17 42.06
CA TYR A 1067 38.99 -8.75 42.97
C TYR A 1067 39.46 -7.39 42.50
N VAL A 1068 39.58 -6.44 43.42
CA VAL A 1068 40.25 -5.16 43.18
C VAL A 1068 41.32 -5.01 44.25
N PRO A 1069 42.60 -4.83 43.89
CA PRO A 1069 43.64 -4.63 44.90
C PRO A 1069 43.60 -3.23 45.49
N ALA A 1070 44.28 -3.07 46.62
CA ALA A 1070 44.25 -1.82 47.36
C ALA A 1070 45.53 -1.65 48.16
N GLN A 1071 45.66 -0.46 48.78
CA GLN A 1071 46.72 -0.03 49.70
C GLN A 1071 48.11 -0.10 49.05
N GLU A 1072 48.29 0.79 48.08
CA GLU A 1072 49.41 0.73 47.17
C GLU A 1072 50.59 1.51 47.73
N LYS A 1073 51.79 1.19 47.22
CA LYS A 1073 53.02 1.74 47.76
C LYS A 1073 54.09 1.70 46.68
N ASN A 1074 54.84 2.80 46.53
CA ASN A 1074 55.92 2.87 45.56
C ASN A 1074 57.09 1.99 45.97
N PHE A 1075 57.70 1.33 44.98
CA PHE A 1075 58.89 0.52 45.23
C PHE A 1075 59.86 0.66 44.08
N THR A 1076 61.12 0.36 44.36
CA THR A 1076 62.14 0.46 43.34
C THR A 1076 62.44 -0.91 42.78
N THR A 1077 62.36 -1.04 41.46
CA THR A 1077 62.48 -2.34 40.84
C THR A 1077 63.80 -2.45 40.09
N ALA A 1078 64.17 -3.69 39.79
CA ALA A 1078 65.29 -4.02 38.93
C ALA A 1078 64.82 -5.04 37.90
N PRO A 1079 65.31 -4.96 36.67
CA PRO A 1079 65.01 -6.03 35.72
C PRO A 1079 65.81 -7.29 35.98
N ALA A 1080 67.04 -7.17 36.45
CA ALA A 1080 67.87 -8.34 36.71
C ALA A 1080 68.89 -8.00 37.77
N ILE A 1081 69.39 -9.06 38.40
CA ILE A 1081 70.47 -8.99 39.38
C ILE A 1081 71.49 -10.04 38.97
N CYS A 1082 72.75 -9.62 38.81
CA CYS A 1082 73.82 -10.59 38.66
C CYS A 1082 74.61 -10.63 39.96
N HIS A 1083 75.09 -11.82 40.29
CA HIS A 1083 75.68 -12.09 41.60
C HIS A 1083 77.16 -12.38 41.47
N ASP A 1084 77.53 -13.36 40.67
CA ASP A 1084 78.93 -13.73 40.51
C ASP A 1084 79.40 -13.43 39.10
N GLY A 1085 78.75 -12.43 38.50
CA GLY A 1085 78.90 -12.14 37.08
C GLY A 1085 77.81 -12.77 36.27
N LYS A 1086 77.33 -13.94 36.67
CA LYS A 1086 76.25 -14.60 35.98
C LYS A 1086 74.91 -13.97 36.36
N ALA A 1087 74.06 -13.77 35.37
CA ALA A 1087 72.86 -12.98 35.50
C ALA A 1087 71.68 -13.84 35.96
N HIS A 1088 71.06 -13.44 37.07
CA HIS A 1088 69.91 -14.13 37.62
C HIS A 1088 68.64 -13.35 37.34
N PHE A 1089 67.59 -14.06 37.01
CA PHE A 1089 66.27 -13.58 36.67
C PHE A 1089 65.26 -14.32 37.52
N PRO A 1090 64.14 -13.70 37.90
CA PRO A 1090 63.17 -14.41 38.77
C PRO A 1090 62.40 -15.46 38.01
N ARG A 1091 62.21 -16.62 38.66
CA ARG A 1091 61.41 -17.69 38.07
C ARG A 1091 59.94 -17.32 38.08
N GLU A 1092 59.52 -16.56 39.09
CA GLU A 1092 58.23 -15.92 39.12
C GLU A 1092 58.42 -14.63 39.91
N GLY A 1093 57.52 -13.68 39.72
CA GLY A 1093 57.51 -12.47 40.51
C GLY A 1093 58.59 -11.48 40.10
N VAL A 1094 58.71 -10.41 40.90
CA VAL A 1094 59.44 -9.23 40.50
C VAL A 1094 60.52 -8.87 41.52
N PHE A 1095 61.69 -8.48 41.01
CA PHE A 1095 62.79 -7.98 41.83
C PHE A 1095 62.44 -6.62 42.44
N VAL A 1096 62.19 -6.59 43.74
CA VAL A 1096 61.69 -5.38 44.39
C VAL A 1096 62.63 -4.91 45.49
N SER A 1097 62.58 -3.61 45.75
CA SER A 1097 63.38 -3.03 46.82
C SER A 1097 62.54 -2.08 47.65
N ASN A 1098 62.76 -2.12 48.97
CA ASN A 1098 62.34 -1.06 49.87
C ASN A 1098 63.38 0.03 49.98
N GLY A 1099 64.57 -0.23 49.46
CA GLY A 1099 65.68 0.68 49.59
C GLY A 1099 66.76 0.08 50.46
N THR A 1100 66.36 -0.51 51.57
CA THR A 1100 67.31 -1.18 52.44
C THR A 1100 67.72 -2.53 51.89
N HIS A 1101 66.80 -3.26 51.29
CA HIS A 1101 67.00 -4.64 50.91
C HIS A 1101 66.37 -4.90 49.56
N TRP A 1102 66.98 -5.77 48.78
CA TRP A 1102 66.41 -6.20 47.50
C TRP A 1102 65.64 -7.49 47.69
N PHE A 1103 64.32 -7.38 47.68
CA PHE A 1103 63.45 -8.53 47.91
C PHE A 1103 62.93 -9.07 46.59
N VAL A 1104 62.04 -10.04 46.70
CA VAL A 1104 61.20 -10.48 45.60
C VAL A 1104 59.79 -10.72 46.13
N THR A 1105 58.79 -10.18 45.44
CA THR A 1105 57.40 -10.50 45.70
C THR A 1105 56.76 -10.86 44.38
N GLN A 1106 55.49 -11.26 44.42
CA GLN A 1106 54.78 -11.55 43.19
C GLN A 1106 54.33 -10.25 42.52
N ARG A 1107 53.87 -10.39 41.27
CA ARG A 1107 53.38 -9.28 40.47
C ARG A 1107 52.11 -8.66 41.04
N ASN A 1108 51.20 -9.46 41.58
CA ASN A 1108 49.91 -8.96 42.02
C ASN A 1108 49.92 -8.35 43.41
N PHE A 1109 50.91 -8.66 44.24
CA PHE A 1109 50.74 -8.45 45.67
C PHE A 1109 52.10 -8.33 46.35
N TYR A 1110 52.19 -7.45 47.33
CA TYR A 1110 53.38 -7.31 48.17
C TYR A 1110 53.46 -8.45 49.16
N GLU A 1111 54.32 -9.41 48.88
CA GLU A 1111 54.78 -10.37 49.88
C GLU A 1111 56.29 -10.64 49.71
N PRO A 1112 57.15 -9.93 50.46
CA PRO A 1112 58.57 -9.91 50.11
C PRO A 1112 59.33 -11.15 50.55
N GLN A 1113 60.19 -11.62 49.66
CA GLN A 1113 60.97 -12.81 49.93
C GLN A 1113 62.43 -12.51 49.74
N ILE A 1114 63.25 -13.14 50.58
CA ILE A 1114 64.68 -13.16 50.41
C ILE A 1114 65.01 -13.92 49.13
N ILE A 1115 65.86 -13.32 48.31
CA ILE A 1115 66.16 -13.86 46.99
C ILE A 1115 67.10 -15.05 47.13
N THR A 1116 66.60 -16.23 46.77
CA THR A 1116 67.35 -17.46 46.89
C THR A 1116 67.83 -17.90 45.53
N THR A 1117 68.39 -19.10 45.49
CA THR A 1117 68.54 -19.82 44.24
C THR A 1117 67.24 -20.43 43.77
N ASP A 1118 66.33 -20.73 44.69
CA ASP A 1118 65.21 -21.59 44.37
C ASP A 1118 64.09 -20.81 43.70
N ASN A 1119 64.08 -19.50 43.88
CA ASN A 1119 63.07 -18.65 43.29
C ASN A 1119 63.55 -17.91 42.04
N THR A 1120 64.82 -18.06 41.69
CA THR A 1120 65.45 -17.26 40.65
C THR A 1120 66.30 -18.10 39.74
N PHE A 1121 66.11 -17.99 38.43
CA PHE A 1121 66.89 -18.78 37.49
C PHE A 1121 68.02 -17.94 36.93
N VAL A 1122 69.14 -18.58 36.74
CA VAL A 1122 70.34 -17.94 36.20
C VAL A 1122 70.37 -18.17 34.70
N SER A 1123 70.74 -17.13 33.95
CA SER A 1123 70.86 -17.22 32.50
C SER A 1123 71.92 -16.21 32.06
N GLY A 1124 72.99 -16.70 31.43
CA GLY A 1124 73.98 -15.83 30.83
C GLY A 1124 74.86 -15.13 31.85
N ASN A 1125 75.49 -14.06 31.39
CA ASN A 1125 76.27 -13.18 32.25
C ASN A 1125 75.74 -11.76 32.13
N CYS A 1126 76.05 -10.94 33.14
CA CYS A 1126 75.45 -9.60 33.22
C CYS A 1126 76.21 -8.61 32.34
N ASP A 1127 75.96 -8.70 31.04
CA ASP A 1127 76.59 -7.82 30.07
C ASP A 1127 75.62 -7.07 29.19
N VAL A 1128 74.54 -7.68 28.75
CA VAL A 1128 73.64 -7.04 27.81
C VAL A 1128 72.50 -6.34 28.58
N VAL A 1129 72.39 -6.59 29.87
CA VAL A 1129 71.30 -6.10 30.68
C VAL A 1129 71.54 -4.66 31.08
N ILE A 1130 70.58 -3.79 30.75
CA ILE A 1130 70.53 -2.44 31.26
C ILE A 1130 69.88 -2.51 32.64
N GLY A 1131 70.40 -1.75 33.60
CA GLY A 1131 69.81 -1.71 34.91
C GLY A 1131 70.16 -2.88 35.81
N ILE A 1132 71.39 -3.36 35.73
CA ILE A 1132 71.76 -4.51 36.54
C ILE A 1132 72.08 -4.05 37.97
N VAL A 1133 71.75 -4.89 38.94
CA VAL A 1133 72.02 -4.61 40.34
C VAL A 1133 73.01 -5.64 40.86
N ASN A 1134 74.12 -5.16 41.41
CA ASN A 1134 75.17 -6.02 41.92
C ASN A 1134 75.01 -6.20 43.43
N ASN A 1135 74.42 -7.32 43.84
CA ASN A 1135 74.41 -7.75 45.23
C ASN A 1135 74.31 -9.28 45.28
N THR A 1136 74.04 -9.80 46.47
CA THR A 1136 74.18 -11.23 46.70
C THR A 1136 72.97 -12.01 46.22
N VAL A 1137 73.17 -13.31 46.08
CA VAL A 1137 72.10 -14.29 45.93
C VAL A 1137 72.31 -15.34 47.00
N TYR A 1138 71.29 -15.57 47.82
CA TYR A 1138 71.42 -16.48 48.95
C TYR A 1138 71.33 -17.93 48.45
N ASP A 1139 72.16 -18.81 49.02
CA ASP A 1139 72.05 -20.23 48.78
C ASP A 1139 71.56 -20.89 50.08
N PRO A 1140 70.48 -21.69 50.04
CA PRO A 1140 69.98 -22.30 51.29
C PRO A 1140 70.85 -23.38 51.88
N LEU A 1141 71.49 -24.21 51.06
CA LEU A 1141 72.30 -25.30 51.58
C LEU A 1141 73.73 -24.90 51.87
N GLN A 1142 74.08 -23.63 51.66
CA GLN A 1142 75.42 -23.16 51.95
C GLN A 1142 75.76 -23.08 53.45
N PRO A 1143 74.83 -22.79 54.39
CA PRO A 1143 75.10 -23.22 55.77
C PRO A 1143 75.05 -24.72 55.99
N GLU A 1144 74.34 -25.47 55.14
CA GLU A 1144 73.97 -26.82 55.49
C GLU A 1144 74.94 -27.89 55.02
N LEU A 1145 76.04 -27.52 54.35
CA LEU A 1145 76.99 -28.56 53.99
C LEU A 1145 78.11 -28.72 55.02
N ASP A 1146 77.94 -28.19 56.23
CA ASP A 1146 78.86 -28.46 57.33
C ASP A 1146 78.76 -29.92 57.78
N SER A 1147 79.68 -30.73 57.27
CA SER A 1147 79.66 -32.17 57.49
C SER A 1147 81.07 -32.71 57.69
N GLN B 14 9.16 32.21 -57.67
CA GLN B 14 8.61 31.32 -58.68
C GLN B 14 9.52 30.14 -59.03
N CYS B 15 9.04 29.30 -59.94
CA CYS B 15 9.83 28.20 -60.44
C CYS B 15 10.61 28.59 -61.68
N VAL B 16 11.86 28.97 -61.46
CA VAL B 16 12.89 28.59 -62.41
C VAL B 16 13.31 27.25 -61.84
N ASN B 17 12.99 26.16 -62.57
CA ASN B 17 13.24 24.78 -62.15
C ASN B 17 14.71 24.45 -61.97
N LEU B 18 15.12 24.27 -60.71
CA LEU B 18 16.50 23.98 -60.39
C LEU B 18 16.67 22.59 -59.77
N THR B 19 15.99 21.59 -60.31
CA THR B 19 16.33 20.20 -60.03
C THR B 19 17.36 19.69 -61.04
N THR B 20 18.47 19.19 -60.50
CA THR B 20 19.62 18.75 -61.27
C THR B 20 19.66 17.24 -61.20
N ARG B 21 19.89 16.62 -62.36
CA ARG B 21 20.23 15.21 -62.39
C ARG B 21 21.62 15.07 -61.80
N THR B 22 21.66 14.41 -60.63
CA THR B 22 22.51 14.81 -59.51
C THR B 22 23.98 14.50 -59.77
N GLN B 23 24.83 15.48 -59.49
CA GLN B 23 26.24 15.53 -59.85
C GLN B 23 27.09 14.75 -58.84
N LEU B 24 28.37 15.14 -58.74
CA LEU B 24 29.41 14.40 -58.00
C LEU B 24 29.10 14.34 -56.49
N PRO B 25 29.09 13.14 -55.90
CA PRO B 25 28.50 12.95 -54.56
C PRO B 25 29.43 13.42 -53.46
N PRO B 26 28.91 13.75 -52.28
CA PRO B 26 29.79 14.11 -51.16
C PRO B 26 30.34 12.91 -50.43
N ALA B 27 31.47 13.14 -49.77
CA ALA B 27 31.90 12.25 -48.71
C ALA B 27 31.18 12.63 -47.42
N TYR B 28 31.25 11.76 -46.42
CA TYR B 28 30.65 12.02 -45.12
C TYR B 28 31.76 12.09 -44.08
N THR B 29 32.22 13.32 -43.82
CA THR B 29 33.39 13.56 -42.97
C THR B 29 32.95 13.57 -41.51
N ASN B 30 33.90 13.26 -40.61
CA ASN B 30 33.65 13.11 -39.17
C ASN B 30 33.25 14.42 -38.50
N SER B 31 32.19 14.34 -37.70
CA SER B 31 31.75 15.42 -36.84
C SER B 31 32.32 15.15 -35.45
N PHE B 32 33.09 16.10 -34.93
CA PHE B 32 33.86 15.79 -33.74
C PHE B 32 33.02 16.01 -32.49
N THR B 33 32.69 17.26 -32.14
CA THR B 33 31.46 17.44 -31.38
C THR B 33 30.56 18.49 -32.05
N ARG B 34 30.93 19.79 -31.97
CA ARG B 34 30.25 20.98 -32.57
C ARG B 34 28.73 21.13 -32.35
N GLY B 35 28.14 20.44 -31.36
CA GLY B 35 26.71 20.24 -31.43
C GLY B 35 25.93 20.30 -30.14
N VAL B 36 26.49 20.94 -29.12
CA VAL B 36 25.83 21.04 -27.84
C VAL B 36 25.24 22.44 -27.71
N TYR B 37 23.92 22.51 -27.57
CA TYR B 37 23.19 23.74 -27.33
C TYR B 37 22.96 23.94 -25.84
N TYR B 38 22.19 25.01 -25.52
CA TYR B 38 22.27 25.57 -24.18
C TYR B 38 20.90 25.55 -23.49
N PRO B 39 20.72 24.77 -22.40
CA PRO B 39 19.37 24.62 -21.81
C PRO B 39 18.73 25.82 -21.10
N ASP B 40 19.39 26.49 -20.16
CA ASP B 40 18.70 27.08 -19.00
C ASP B 40 19.44 28.33 -18.51
N LYS B 41 18.76 29.23 -17.75
CA LYS B 41 19.21 30.61 -17.47
C LYS B 41 19.88 30.80 -16.09
N VAL B 42 19.99 29.74 -15.28
CA VAL B 42 20.12 29.76 -13.81
C VAL B 42 21.58 30.12 -13.36
N PHE B 43 21.85 30.19 -12.07
CA PHE B 43 23.20 30.52 -11.62
C PHE B 43 23.84 29.40 -10.80
N ARG B 44 24.47 28.42 -11.49
CA ARG B 44 25.44 27.50 -10.91
C ARG B 44 26.66 27.48 -11.83
N SER B 45 27.83 27.10 -11.29
CA SER B 45 29.05 26.99 -12.09
C SER B 45 29.60 25.57 -12.00
N SER B 46 29.60 24.86 -13.15
CA SER B 46 30.24 23.56 -13.41
C SER B 46 29.75 22.44 -12.47
N VAL B 47 28.46 22.13 -12.55
CA VAL B 47 27.83 21.39 -11.46
C VAL B 47 27.46 19.94 -11.79
N LEU B 48 28.00 19.37 -12.88
CA LEU B 48 27.89 17.94 -13.27
C LEU B 48 26.44 17.47 -13.43
N HIS B 49 25.71 18.14 -14.30
CA HIS B 49 24.26 18.20 -14.14
C HIS B 49 23.55 17.19 -15.03
N SER B 50 22.76 16.32 -14.40
CA SER B 50 21.89 15.39 -15.09
C SER B 50 20.56 16.05 -15.41
N THR B 51 20.54 16.81 -16.51
CA THR B 51 19.26 17.18 -17.09
C THR B 51 19.08 16.33 -18.34
N GLN B 52 17.86 16.29 -18.86
CA GLN B 52 17.53 15.41 -19.98
C GLN B 52 16.96 16.24 -21.13
N ASP B 53 17.69 16.30 -22.24
CA ASP B 53 17.24 16.96 -23.47
C ASP B 53 17.93 16.28 -24.64
N LEU B 54 17.44 16.52 -25.85
CA LEU B 54 17.86 15.74 -27.02
C LEU B 54 19.06 16.36 -27.72
N PHE B 55 20.20 15.67 -27.67
CA PHE B 55 21.46 16.23 -28.13
C PHE B 55 22.07 15.32 -29.19
N LEU B 56 23.26 15.71 -29.64
CA LEU B 56 23.85 15.13 -30.85
C LEU B 56 24.62 13.85 -30.53
N PRO B 57 24.48 12.78 -31.32
CA PRO B 57 25.43 11.66 -31.23
C PRO B 57 26.73 12.00 -31.94
N PHE B 58 27.83 11.44 -31.45
CA PHE B 58 29.14 11.79 -31.98
C PHE B 58 29.81 10.58 -32.58
N PHE B 59 30.64 10.83 -33.61
CA PHE B 59 31.47 9.89 -34.37
C PHE B 59 30.67 8.78 -35.03
N SER B 60 29.50 9.15 -35.56
CA SER B 60 28.68 8.35 -36.44
C SER B 60 28.57 9.10 -37.78
N ASN B 61 27.66 8.69 -38.66
CA ASN B 61 27.44 9.41 -39.91
C ASN B 61 26.71 10.74 -39.73
N VAL B 62 27.13 11.74 -40.52
CA VAL B 62 26.39 12.94 -40.85
C VAL B 62 26.46 13.08 -42.35
N THR B 63 25.93 14.19 -42.87
CA THR B 63 26.17 14.52 -44.26
C THR B 63 26.35 16.01 -44.45
N TRP B 64 27.14 16.34 -45.45
CA TRP B 64 27.20 17.66 -46.05
C TRP B 64 26.92 17.45 -47.53
N PHE B 65 26.79 18.52 -48.29
CA PHE B 65 26.57 18.45 -49.73
C PHE B 65 27.26 19.64 -50.41
N HIS B 66 27.46 19.52 -51.72
CA HIS B 66 28.03 20.63 -52.51
C HIS B 66 26.91 21.63 -52.80
N ALA B 67 27.13 22.87 -52.38
CA ALA B 67 26.10 23.89 -52.53
C ALA B 67 26.05 24.44 -53.95
N ILE B 68 27.12 25.13 -54.38
CA ILE B 68 27.30 25.51 -55.77
C ILE B 68 28.64 24.90 -56.14
N HIS B 69 28.61 23.72 -56.75
CA HIS B 69 29.79 22.92 -57.04
C HIS B 69 30.49 23.53 -58.26
N VAL B 70 31.34 24.52 -58.00
CA VAL B 70 31.93 25.30 -59.07
C VAL B 70 33.05 24.50 -59.73
N SER B 71 32.90 24.25 -61.02
CA SER B 71 33.80 23.43 -61.80
C SER B 71 34.98 24.27 -62.30
N GLY B 72 35.71 23.73 -63.26
CA GLY B 72 36.87 24.40 -63.78
C GLY B 72 36.50 25.25 -64.98
N THR B 73 36.91 24.81 -66.18
CA THR B 73 36.59 25.56 -67.38
C THR B 73 35.14 25.37 -67.79
N ASN B 74 34.67 24.12 -67.87
CA ASN B 74 33.30 23.85 -68.27
C ASN B 74 32.59 23.05 -67.21
N GLY B 75 31.31 23.38 -67.04
CA GLY B 75 30.43 22.59 -66.21
C GLY B 75 29.01 22.78 -66.66
N THR B 76 28.10 22.76 -65.69
CA THR B 76 26.70 23.10 -65.88
C THR B 76 26.33 24.26 -64.96
N LYS B 77 25.07 24.66 -64.99
CA LYS B 77 24.50 25.47 -63.92
C LYS B 77 24.37 24.62 -62.66
N ARG B 78 24.61 25.24 -61.51
CA ARG B 78 24.98 24.46 -60.32
C ARG B 78 24.08 24.69 -59.11
N PHE B 79 22.86 25.17 -59.28
CA PHE B 79 21.96 25.31 -58.13
C PHE B 79 21.27 23.97 -57.90
N ASP B 80 21.62 23.30 -56.80
CA ASP B 80 21.17 21.93 -56.50
C ASP B 80 20.72 21.82 -55.03
N ASN B 81 19.84 22.70 -54.59
CA ASN B 81 19.48 22.77 -53.17
C ASN B 81 18.31 21.82 -52.87
N PRO B 82 18.52 20.75 -52.09
CA PRO B 82 17.59 19.61 -52.12
C PRO B 82 16.52 19.56 -51.02
N VAL B 83 15.48 18.79 -51.31
CA VAL B 83 14.37 18.60 -50.39
C VAL B 83 14.55 17.28 -49.66
N LEU B 84 14.58 17.34 -48.29
CA LEU B 84 14.93 16.25 -47.38
C LEU B 84 13.85 16.05 -46.32
N PRO B 85 13.67 14.83 -45.82
CA PRO B 85 12.85 14.63 -44.61
C PRO B 85 13.56 15.09 -43.34
N PHE B 86 12.80 15.13 -42.25
CA PHE B 86 13.22 15.71 -40.96
C PHE B 86 12.83 14.74 -39.83
N ASN B 87 13.82 14.28 -39.06
CA ASN B 87 13.56 13.36 -37.94
C ASN B 87 13.46 14.14 -36.62
N ASP B 88 12.62 15.19 -36.63
CA ASP B 88 12.25 16.06 -35.48
C ASP B 88 13.42 16.78 -34.81
N GLY B 89 14.56 16.91 -35.50
CA GLY B 89 15.65 17.73 -35.03
C GLY B 89 16.92 17.42 -35.78
N VAL B 90 17.61 18.47 -36.24
CA VAL B 90 18.80 18.43 -37.08
C VAL B 90 19.76 19.52 -36.61
N TYR B 91 21.02 19.13 -36.35
CA TYR B 91 22.12 20.07 -36.30
C TYR B 91 22.47 20.55 -37.71
N PHE B 92 22.53 21.86 -37.88
CA PHE B 92 22.91 22.44 -39.15
C PHE B 92 24.24 23.15 -38.95
N ALA B 93 25.08 23.14 -39.97
CA ALA B 93 26.31 23.91 -39.91
C ALA B 93 26.49 24.60 -41.24
N SER B 94 27.30 25.65 -41.26
CA SER B 94 27.51 26.40 -42.50
C SER B 94 28.89 27.02 -42.51
N THR B 95 29.77 26.50 -43.38
CA THR B 95 31.11 27.02 -43.61
C THR B 95 31.10 28.42 -44.24
N GLU B 96 30.05 28.76 -45.00
CA GLU B 96 29.92 29.97 -45.83
C GLU B 96 29.92 31.27 -45.03
N LYS B 97 30.58 32.28 -45.59
CA LYS B 97 30.90 33.52 -44.88
C LYS B 97 30.28 34.75 -45.55
N SER B 98 29.88 34.64 -46.82
CA SER B 98 29.49 35.79 -47.62
C SER B 98 27.98 35.87 -47.79
N ASN B 99 27.24 35.13 -46.96
CA ASN B 99 25.81 35.28 -46.65
C ASN B 99 24.92 34.97 -47.86
N ILE B 100 25.14 33.78 -48.43
CA ILE B 100 24.20 33.30 -49.45
C ILE B 100 23.03 32.56 -48.85
N ILE B 101 23.12 32.12 -47.59
CA ILE B 101 21.98 31.46 -46.97
C ILE B 101 21.08 32.56 -46.47
N ARG B 102 19.90 32.69 -47.07
CA ARG B 102 18.96 33.68 -46.65
C ARG B 102 17.66 33.09 -46.16
N GLY B 103 17.67 31.85 -45.66
CA GLY B 103 16.52 31.33 -44.98
C GLY B 103 16.36 29.84 -45.16
N TRP B 104 15.13 29.37 -44.89
CA TRP B 104 14.77 27.95 -44.94
C TRP B 104 13.28 27.84 -45.24
N ILE B 105 12.83 26.76 -45.88
CA ILE B 105 11.39 26.52 -46.01
C ILE B 105 11.04 25.10 -45.60
N PHE B 106 9.81 24.91 -45.14
CA PHE B 106 9.37 23.66 -44.53
C PHE B 106 7.95 23.34 -44.93
N GLY B 107 7.53 22.12 -44.67
CA GLY B 107 6.17 21.68 -44.90
C GLY B 107 6.14 20.18 -44.87
N THR B 108 4.96 19.64 -44.57
CA THR B 108 4.77 18.19 -44.58
C THR B 108 4.35 17.70 -45.95
N THR B 109 3.24 18.21 -46.46
CA THR B 109 2.83 18.01 -47.84
C THR B 109 3.67 18.87 -48.78
N LEU B 110 4.22 19.98 -48.24
CA LEU B 110 4.99 21.03 -48.94
C LEU B 110 4.19 21.60 -50.10
N ASP B 111 2.93 21.88 -49.81
CA ASP B 111 1.95 22.24 -50.82
C ASP B 111 0.99 23.19 -50.12
N SER B 112 -0.19 23.41 -50.71
CA SER B 112 -1.19 24.26 -50.08
C SER B 112 -2.09 23.51 -49.11
N LYS B 113 -1.82 22.23 -48.86
CA LYS B 113 -2.68 21.46 -47.95
C LYS B 113 -2.31 21.72 -46.50
N THR B 114 -1.02 21.91 -46.23
CA THR B 114 -0.51 22.09 -44.87
C THR B 114 0.13 23.47 -44.79
N GLN B 115 -0.19 24.20 -43.72
CA GLN B 115 0.48 25.46 -43.37
C GLN B 115 1.97 25.23 -43.16
N SER B 116 2.76 26.12 -43.75
CA SER B 116 4.11 25.79 -44.10
C SER B 116 5.02 26.90 -43.62
N LEU B 117 6.13 26.50 -42.99
CA LEU B 117 7.02 27.46 -42.37
C LEU B 117 7.88 28.15 -43.41
N LEU B 118 7.70 29.46 -43.50
CA LEU B 118 8.60 30.34 -44.20
C LEU B 118 9.41 31.06 -43.14
N ILE B 119 10.72 30.86 -43.17
CA ILE B 119 11.69 31.66 -42.45
C ILE B 119 12.70 32.19 -43.46
N VAL B 120 12.78 33.51 -43.59
CA VAL B 120 13.57 34.04 -44.70
C VAL B 120 14.33 35.29 -44.23
N ASN B 121 15.65 35.24 -44.39
CA ASN B 121 16.54 36.29 -43.97
C ASN B 121 16.62 37.37 -45.06
N ASN B 122 16.90 38.58 -44.62
CA ASN B 122 16.79 39.81 -45.39
C ASN B 122 17.85 40.73 -44.82
N ALA B 123 18.15 41.84 -45.51
CA ALA B 123 19.22 42.76 -45.17
C ALA B 123 19.03 43.50 -43.84
N THR B 124 17.80 43.64 -43.34
CA THR B 124 17.57 44.24 -42.03
C THR B 124 16.73 43.39 -41.05
N ASN B 125 16.16 42.25 -41.47
CA ASN B 125 15.30 41.42 -40.61
C ASN B 125 15.33 39.95 -41.07
N VAL B 126 14.68 39.07 -40.30
CA VAL B 126 14.33 37.73 -40.78
C VAL B 126 12.83 37.58 -40.61
N VAL B 127 12.12 37.41 -41.74
CA VAL B 127 10.69 37.25 -41.74
C VAL B 127 10.39 35.81 -41.34
N ILE B 128 9.45 35.60 -40.43
CA ILE B 128 9.03 34.26 -40.03
C ILE B 128 7.55 34.15 -40.37
N LYS B 129 7.17 33.13 -41.17
CA LYS B 129 5.78 33.02 -41.59
C LYS B 129 5.30 31.57 -41.58
N VAL B 130 4.05 31.36 -41.16
CA VAL B 130 3.39 30.06 -41.19
C VAL B 130 2.11 30.22 -42.01
N CYS B 131 2.07 29.57 -43.18
CA CYS B 131 1.03 29.76 -44.18
C CYS B 131 1.15 28.64 -45.21
N GLU B 132 0.01 28.14 -45.70
CA GLU B 132 0.06 27.14 -46.76
C GLU B 132 0.32 27.81 -48.11
N PHE B 133 1.55 27.63 -48.58
CA PHE B 133 1.97 28.23 -49.84
C PHE B 133 1.98 27.19 -50.96
N GLN B 134 1.67 27.62 -52.19
CA GLN B 134 2.00 26.82 -53.38
C GLN B 134 3.50 26.88 -53.56
N PHE B 135 4.17 25.81 -53.16
CA PHE B 135 5.61 25.74 -53.32
C PHE B 135 6.03 25.48 -54.76
N CYS B 136 6.91 26.35 -55.23
CA CYS B 136 7.84 26.00 -56.29
C CYS B 136 8.72 24.83 -55.85
N ASN B 137 9.04 23.97 -56.82
CA ASN B 137 9.78 22.75 -56.51
C ASN B 137 11.25 23.03 -56.23
N ASP B 138 11.83 24.00 -56.94
CA ASP B 138 13.15 24.53 -56.59
C ASP B 138 13.27 26.02 -56.84
N PRO B 139 12.83 26.89 -55.92
CA PRO B 139 13.06 28.33 -56.12
C PRO B 139 14.46 28.73 -55.70
N PHE B 140 14.80 29.99 -55.92
CA PHE B 140 16.12 30.51 -55.57
C PHE B 140 16.03 32.02 -55.38
N LEU B 141 17.01 32.56 -54.67
CA LEU B 141 17.03 33.99 -54.37
C LEU B 141 18.24 34.57 -55.07
N GLY B 142 18.28 35.89 -55.22
CA GLY B 142 19.35 36.47 -56.02
C GLY B 142 20.06 37.65 -55.39
N VAL B 143 21.39 37.56 -55.24
CA VAL B 143 22.21 38.70 -54.88
C VAL B 143 23.32 38.90 -55.92
N TYR B 144 23.36 40.12 -56.43
CA TYR B 144 24.07 40.45 -57.67
C TYR B 144 25.01 41.59 -57.38
N TYR B 145 25.49 42.23 -58.44
CA TYR B 145 26.10 43.54 -58.32
C TYR B 145 25.47 44.52 -59.30
N HIS B 146 25.19 45.71 -58.77
CA HIS B 146 24.82 46.85 -59.57
C HIS B 146 26.04 47.38 -60.32
N LYS B 147 25.78 48.19 -61.36
CA LYS B 147 26.89 48.89 -61.99
C LYS B 147 27.18 50.20 -61.23
N ASN B 148 26.13 50.85 -60.74
CA ASN B 148 26.26 52.21 -60.22
C ASN B 148 26.55 52.23 -58.72
N ASN B 149 25.63 51.70 -57.91
CA ASN B 149 25.94 51.50 -56.49
C ASN B 149 26.87 50.29 -56.37
N LYS B 150 27.67 50.28 -55.31
CA LYS B 150 28.62 49.18 -55.19
C LYS B 150 27.95 47.94 -54.60
N SER B 151 27.48 48.04 -53.37
CA SER B 151 26.86 46.92 -52.69
C SER B 151 25.49 47.35 -52.17
N TRP B 152 24.51 47.33 -53.06
CA TRP B 152 23.12 47.46 -52.68
C TRP B 152 22.47 46.09 -52.81
N MET B 153 22.16 45.51 -51.66
CA MET B 153 21.79 44.10 -51.51
C MET B 153 20.31 43.93 -51.18
N GLU B 154 19.47 44.59 -51.96
CA GLU B 154 18.05 44.23 -52.02
C GLU B 154 17.90 42.78 -52.50
N SER B 155 16.98 42.06 -51.86
CA SER B 155 16.87 40.62 -52.05
C SER B 155 15.50 40.29 -52.59
N GLU B 156 15.47 39.48 -53.66
CA GLU B 156 14.23 39.13 -54.34
C GLU B 156 13.73 37.79 -53.83
N PHE B 157 12.62 37.82 -53.09
CA PHE B 157 12.11 36.62 -52.44
C PHE B 157 11.20 35.85 -53.39
N ARG B 158 11.73 34.79 -54.00
CA ARG B 158 11.02 34.01 -55.00
C ARG B 158 10.43 32.71 -54.45
N VAL B 159 10.19 32.61 -53.14
CA VAL B 159 9.92 31.31 -52.57
C VAL B 159 8.45 31.13 -52.18
N TYR B 160 7.73 32.20 -51.87
CA TYR B 160 6.34 32.10 -51.45
C TYR B 160 5.42 32.72 -52.50
N SER B 161 4.45 31.94 -52.94
CA SER B 161 3.57 32.35 -54.04
C SER B 161 2.12 32.50 -53.63
N SER B 162 1.49 31.46 -53.09
CA SER B 162 0.07 31.50 -52.79
C SER B 162 -0.16 31.77 -51.31
N ALA B 163 -0.37 33.04 -50.98
CA ALA B 163 -0.60 33.47 -49.61
C ALA B 163 -2.07 33.22 -49.27
N ASN B 164 -2.37 31.99 -48.86
CA ASN B 164 -3.73 31.59 -48.52
C ASN B 164 -3.72 31.09 -47.08
N ASN B 165 -4.57 31.72 -46.23
CA ASN B 165 -4.65 31.50 -44.77
C ASN B 165 -3.31 31.67 -44.06
N CYS B 166 -2.78 32.89 -44.06
CA CYS B 166 -1.56 33.18 -43.32
C CYS B 166 -1.90 33.92 -42.04
N THR B 167 -1.26 33.51 -40.94
CA THR B 167 -1.49 34.13 -39.63
C THR B 167 -0.21 34.69 -39.01
N PHE B 168 0.94 34.09 -39.30
CA PHE B 168 2.14 34.36 -38.53
C PHE B 168 3.03 35.34 -39.29
N GLU B 169 3.36 36.45 -38.65
CA GLU B 169 4.26 37.45 -39.19
C GLU B 169 5.17 37.96 -38.09
N TYR B 170 6.48 37.90 -38.33
CA TYR B 170 7.47 38.25 -37.31
C TYR B 170 8.67 38.95 -37.92
N VAL B 171 9.09 40.04 -37.28
CA VAL B 171 10.24 40.85 -37.68
C VAL B 171 11.30 40.70 -36.59
N SER B 172 12.51 40.31 -36.98
CA SER B 172 13.56 39.98 -36.02
C SER B 172 14.84 40.68 -36.44
N GLN B 173 15.95 40.29 -35.80
CA GLN B 173 17.28 40.65 -36.27
C GLN B 173 17.68 39.70 -37.41
N PRO B 174 18.62 40.10 -38.28
CA PRO B 174 19.19 39.13 -39.23
C PRO B 174 19.97 38.02 -38.54
N PHE B 175 19.71 36.78 -38.98
CA PHE B 175 20.21 35.62 -38.25
C PHE B 175 21.64 35.32 -38.66
N LEU B 176 21.90 35.35 -39.96
CA LEU B 176 23.22 35.27 -40.53
C LEU B 176 23.68 36.67 -40.89
N MET B 177 24.79 37.11 -40.31
CA MET B 177 25.33 38.42 -40.58
C MET B 177 26.80 38.30 -40.96
N ASP B 178 27.32 39.35 -41.57
CA ASP B 178 28.72 39.40 -41.98
C ASP B 178 29.38 40.68 -41.48
N GLY B 184 37.79 39.05 -40.36
CA GLY B 184 36.85 38.37 -41.23
C GLY B 184 37.50 37.71 -42.44
N ASN B 185 38.69 37.13 -42.25
CA ASN B 185 39.37 36.47 -43.36
C ASN B 185 38.99 35.00 -43.47
N PHE B 186 39.03 34.26 -42.36
CA PHE B 186 39.04 32.81 -42.40
C PHE B 186 37.58 32.32 -42.33
N LYS B 187 37.35 31.00 -42.27
CA LYS B 187 35.98 30.50 -42.41
C LYS B 187 35.25 30.56 -41.09
N ASN B 188 34.16 31.32 -41.07
CA ASN B 188 33.26 31.44 -39.92
C ASN B 188 32.18 30.40 -40.03
N LEU B 189 32.20 29.40 -39.15
CA LEU B 189 31.13 28.42 -39.05
C LEU B 189 29.93 29.08 -38.39
N ARG B 190 28.82 29.17 -39.12
CA ARG B 190 27.59 29.74 -38.59
C ARG B 190 26.56 28.62 -38.45
N GLU B 191 26.55 27.96 -37.29
CA GLU B 191 25.93 26.64 -37.15
C GLU B 191 24.67 26.70 -36.28
N PHE B 192 23.77 25.75 -36.51
CA PHE B 192 22.40 25.82 -36.03
C PHE B 192 21.94 24.48 -35.49
N VAL B 193 21.08 24.49 -34.48
CA VAL B 193 20.29 23.30 -34.15
C VAL B 193 18.81 23.71 -34.17
N PHE B 194 18.06 23.09 -35.06
CA PHE B 194 16.62 23.24 -35.08
C PHE B 194 16.03 21.94 -34.59
N LYS B 195 14.84 21.99 -34.02
CA LYS B 195 14.27 20.85 -33.33
C LYS B 195 12.75 20.94 -33.37
N ASN B 196 12.11 20.10 -34.18
CA ASN B 196 10.66 20.01 -34.23
C ASN B 196 10.21 19.31 -32.96
N ILE B 197 9.48 20.04 -32.13
CA ILE B 197 8.67 19.49 -31.07
C ILE B 197 7.26 20.00 -31.34
N ASP B 198 6.26 19.12 -31.21
CA ASP B 198 4.87 19.51 -31.25
C ASP B 198 4.54 20.45 -30.09
N GLY B 199 3.87 21.56 -30.39
CA GLY B 199 3.61 22.61 -29.41
C GLY B 199 4.50 23.85 -29.46
N TYR B 200 5.79 23.72 -29.16
CA TYR B 200 6.78 24.78 -29.39
C TYR B 200 7.94 24.26 -30.23
N PHE B 201 8.46 25.12 -31.10
CA PHE B 201 9.57 24.77 -31.98
C PHE B 201 10.82 25.52 -31.52
N LYS B 202 11.96 24.84 -31.51
CA LYS B 202 13.16 25.35 -30.85
C LYS B 202 14.30 25.64 -31.83
N ILE B 203 14.96 26.77 -31.57
CA ILE B 203 16.02 27.33 -32.39
C ILE B 203 17.27 27.55 -31.52
N TYR B 204 18.40 27.01 -31.95
CA TYR B 204 19.64 26.96 -31.18
C TYR B 204 20.82 27.20 -32.11
N SER B 205 21.49 28.36 -32.00
CA SER B 205 22.40 28.76 -33.07
C SER B 205 23.73 29.30 -32.54
N LYS B 206 24.76 29.21 -33.38
CA LYS B 206 26.11 29.66 -33.08
C LYS B 206 26.72 30.24 -34.35
N HIS B 207 27.37 31.41 -34.23
CA HIS B 207 28.31 31.89 -35.21
C HIS B 207 29.71 31.89 -34.61
N THR B 208 30.60 31.10 -35.18
CA THR B 208 31.95 31.05 -34.65
C THR B 208 32.81 32.16 -35.22
N PRO B 209 33.92 32.50 -34.56
CA PRO B 209 34.98 33.26 -35.23
C PRO B 209 35.78 32.47 -36.26
N ILE B 210 36.83 33.12 -36.71
CA ILE B 210 37.51 32.78 -37.94
C ILE B 210 38.45 31.60 -37.75
N ASN B 211 38.32 30.59 -38.63
CA ASN B 211 39.06 29.34 -38.52
C ASN B 211 39.29 28.72 -39.90
N LEU B 212 40.49 28.21 -40.13
CA LEU B 212 40.79 27.50 -41.39
C LEU B 212 40.88 26.01 -41.11
N VAL B 213 39.72 25.35 -41.08
CA VAL B 213 39.66 23.90 -41.08
C VAL B 213 38.74 23.55 -42.24
N ARG B 214 39.19 22.67 -43.14
CA ARG B 214 38.37 22.30 -44.28
C ARG B 214 37.43 21.15 -43.91
N ASP B 215 37.65 20.54 -42.75
CA ASP B 215 36.62 19.80 -42.05
C ASP B 215 35.72 20.80 -41.28
N LEU B 216 34.74 20.29 -40.54
CA LEU B 216 33.90 21.18 -39.74
C LEU B 216 34.72 21.65 -38.52
N PRO B 217 34.85 22.97 -38.32
CA PRO B 217 36.01 23.53 -37.59
C PRO B 217 36.01 23.24 -36.11
N GLN B 218 37.20 23.34 -35.53
CA GLN B 218 37.47 22.53 -34.36
C GLN B 218 37.04 23.29 -33.10
N GLY B 219 36.88 22.53 -32.03
CA GLY B 219 36.28 23.03 -30.82
C GLY B 219 34.84 22.56 -30.65
N PHE B 220 34.24 23.01 -29.56
CA PHE B 220 32.83 22.78 -29.29
C PHE B 220 32.04 23.94 -29.88
N SER B 221 30.73 23.90 -29.70
CA SER B 221 29.87 25.01 -30.12
C SER B 221 29.14 25.57 -28.93
N ALA B 222 29.10 26.91 -28.87
CA ALA B 222 28.33 27.66 -27.91
C ALA B 222 27.01 28.05 -28.57
N LEU B 223 26.18 27.04 -28.90
CA LEU B 223 24.95 27.21 -29.65
C LEU B 223 23.89 27.91 -28.80
N GLU B 224 23.84 29.33 -28.91
CA GLU B 224 23.01 30.17 -28.05
C GLU B 224 21.60 30.27 -28.60
N PRO B 225 20.59 30.49 -27.76
CA PRO B 225 19.23 30.65 -28.27
C PRO B 225 18.87 32.11 -28.49
N LEU B 226 18.18 32.37 -29.60
CA LEU B 226 17.85 33.72 -30.02
C LEU B 226 16.36 34.00 -30.04
N VAL B 227 15.56 33.16 -30.71
CA VAL B 227 14.14 33.43 -30.84
C VAL B 227 13.42 32.08 -30.76
N ASP B 228 12.18 32.11 -30.27
CA ASP B 228 11.33 30.93 -30.18
C ASP B 228 10.12 31.08 -31.10
N LEU B 229 9.68 29.95 -31.67
CA LEU B 229 8.48 29.92 -32.50
C LEU B 229 7.34 29.24 -31.74
N PRO B 230 6.29 29.98 -31.33
CA PRO B 230 5.12 29.37 -30.66
C PRO B 230 4.07 28.89 -31.67
N ILE B 231 4.45 27.94 -32.52
CA ILE B 231 3.53 27.34 -33.48
C ILE B 231 3.40 25.84 -33.26
N GLY B 232 4.50 25.11 -33.42
CA GLY B 232 4.62 23.72 -33.00
C GLY B 232 3.74 22.71 -33.70
N ILE B 233 3.55 22.85 -35.00
CA ILE B 233 2.71 21.97 -35.78
C ILE B 233 3.46 20.72 -36.20
N ASN B 234 2.77 19.87 -36.96
CA ASN B 234 3.42 18.85 -37.76
C ASN B 234 4.42 19.47 -38.74
N ILE B 235 5.67 18.97 -38.69
CA ILE B 235 6.70 19.23 -39.69
C ILE B 235 7.30 17.89 -40.12
N THR B 236 7.27 17.59 -41.43
CA THR B 236 7.88 16.37 -41.97
C THR B 236 9.10 16.65 -42.85
N ARG B 237 9.08 17.69 -43.70
CA ARG B 237 10.11 17.83 -44.73
C ARG B 237 10.69 19.24 -44.81
N PHE B 238 11.90 19.30 -45.38
CA PHE B 238 12.88 20.38 -45.23
C PHE B 238 13.39 20.86 -46.58
N GLN B 239 13.61 22.18 -46.71
CA GLN B 239 14.46 22.76 -47.75
C GLN B 239 15.09 24.07 -47.29
N THR B 240 16.42 24.16 -47.33
CA THR B 240 17.09 25.42 -47.05
C THR B 240 17.22 26.28 -48.30
N LEU B 241 17.69 27.51 -48.10
CA LEU B 241 17.67 28.53 -49.14
C LEU B 241 19.09 29.01 -49.40
N LEU B 242 19.41 29.20 -50.69
CA LEU B 242 20.66 29.79 -51.14
C LEU B 242 20.38 30.96 -52.07
N ALA B 243 21.03 32.11 -51.82
CA ALA B 243 20.81 33.32 -52.61
C ALA B 243 21.92 33.46 -53.63
N LEU B 244 21.56 33.36 -54.91
CA LEU B 244 22.55 33.52 -55.97
C LEU B 244 21.90 34.16 -57.17
N HIS B 245 22.52 35.24 -57.65
CA HIS B 245 22.20 35.76 -58.98
C HIS B 245 22.72 34.80 -60.05
N ARG B 246 21.87 33.84 -60.39
CA ARG B 246 22.08 33.01 -61.54
C ARG B 246 21.37 33.63 -62.73
N SER B 247 22.09 33.70 -63.84
CA SER B 247 21.52 34.24 -65.06
C SER B 247 20.74 33.15 -65.79
N TYR B 248 19.97 33.56 -66.79
CA TYR B 248 19.18 32.64 -67.58
C TYR B 248 19.99 31.98 -68.70
N LEU B 249 21.19 32.48 -68.97
CA LEU B 249 21.70 32.59 -70.35
C LEU B 249 22.54 31.41 -70.81
N THR B 250 23.66 31.16 -70.14
CA THR B 250 24.62 30.24 -70.67
C THR B 250 24.97 29.26 -69.55
N PRO B 251 24.70 27.95 -69.71
CA PRO B 251 25.04 27.01 -68.63
C PRO B 251 26.52 26.68 -68.57
N GLY B 252 27.20 26.63 -69.73
CA GLY B 252 28.63 26.40 -69.74
C GLY B 252 29.42 27.60 -69.26
N ASP B 253 29.06 28.79 -69.74
CA ASP B 253 29.50 30.03 -69.16
C ASP B 253 28.53 30.50 -68.10
N SER B 254 28.54 29.77 -66.97
CA SER B 254 27.60 30.01 -65.87
C SER B 254 27.83 31.35 -65.19
N SER B 255 29.07 31.60 -64.76
CA SER B 255 29.67 32.93 -64.49
C SER B 255 29.03 33.67 -63.32
N SER B 256 28.44 32.93 -62.39
CA SER B 256 28.05 33.54 -61.12
C SER B 256 29.28 33.75 -60.26
N GLY B 257 29.92 32.66 -59.85
CA GLY B 257 31.23 32.74 -59.20
C GLY B 257 31.22 33.21 -57.78
N TRP B 258 30.09 33.16 -57.09
CA TRP B 258 29.98 33.58 -55.70
C TRP B 258 30.20 32.34 -54.84
N THR B 259 31.16 32.44 -53.89
CA THR B 259 31.62 31.43 -52.90
C THR B 259 31.82 30.01 -53.47
N ALA B 260 32.85 29.91 -54.33
CA ALA B 260 33.20 28.66 -55.00
C ALA B 260 33.80 27.65 -54.01
N GLY B 261 32.97 26.72 -53.53
CA GLY B 261 33.43 25.56 -52.79
C GLY B 261 33.41 25.67 -51.27
N ALA B 262 33.34 26.88 -50.70
CA ALA B 262 33.32 27.02 -49.25
C ALA B 262 31.92 27.24 -48.73
N ALA B 263 30.91 27.01 -49.58
CA ALA B 263 29.52 27.21 -49.23
C ALA B 263 28.86 25.94 -48.71
N ALA B 264 29.67 24.90 -48.45
CA ALA B 264 29.24 23.58 -48.02
C ALA B 264 28.61 23.63 -46.64
N TYR B 265 27.40 23.08 -46.56
CA TYR B 265 26.61 23.13 -45.34
C TYR B 265 26.24 21.71 -44.90
N TYR B 266 26.20 21.52 -43.57
CA TYR B 266 26.40 20.21 -42.97
C TYR B 266 25.18 19.81 -42.15
N VAL B 267 24.65 18.62 -42.41
CA VAL B 267 23.35 18.20 -41.89
C VAL B 267 23.54 17.12 -40.85
N GLY B 268 23.03 17.36 -39.64
CA GLY B 268 23.10 16.38 -38.57
C GLY B 268 21.83 15.57 -38.48
N TYR B 269 21.75 14.77 -37.42
CA TYR B 269 20.57 13.99 -37.06
C TYR B 269 20.50 13.91 -35.54
N LEU B 270 19.30 13.66 -35.02
CA LEU B 270 19.14 13.34 -33.60
C LEU B 270 18.42 12.00 -33.40
N GLN B 271 18.67 11.39 -32.22
CA GLN B 271 18.10 10.09 -31.87
C GLN B 271 17.93 10.14 -30.36
N PRO B 272 16.94 9.40 -29.75
CA PRO B 272 16.79 9.37 -28.28
C PRO B 272 17.97 8.80 -27.48
N ARG B 273 18.53 9.64 -26.60
CA ARG B 273 19.88 9.50 -26.09
C ARG B 273 20.06 10.43 -24.89
N THR B 274 20.84 10.00 -23.89
CA THR B 274 20.90 10.66 -22.58
C THR B 274 22.33 11.07 -22.22
N PHE B 275 22.49 12.12 -21.38
CA PHE B 275 23.77 12.82 -21.24
C PHE B 275 23.94 13.45 -19.86
N LEU B 276 25.14 14.01 -19.61
CA LEU B 276 25.45 14.84 -18.45
C LEU B 276 25.96 16.22 -18.88
N LEU B 277 25.55 17.25 -18.15
CA LEU B 277 26.14 18.58 -18.32
C LEU B 277 27.40 18.72 -17.47
N LYS B 278 28.07 19.85 -17.62
CA LYS B 278 29.18 20.20 -16.75
C LYS B 278 28.69 21.03 -15.59
N GLY B 283 34.69 27.56 -16.93
CA GLY B 283 34.46 27.57 -15.50
C GLY B 283 33.00 27.48 -15.14
N THR B 284 32.14 27.46 -16.15
CA THR B 284 30.70 27.40 -15.99
C THR B 284 30.21 25.98 -16.27
N ILE B 285 28.90 25.81 -16.32
CA ILE B 285 28.35 24.60 -16.91
C ILE B 285 28.43 24.71 -18.42
N THR B 286 28.79 23.51 -18.97
CA THR B 286 28.87 23.25 -20.43
C THR B 286 28.08 21.96 -20.81
N ASP B 287 28.61 20.70 -20.74
CA ASP B 287 27.87 19.46 -21.19
C ASP B 287 28.60 18.09 -21.06
N ALA B 288 28.03 16.96 -21.61
CA ALA B 288 28.57 15.55 -21.55
C ALA B 288 27.47 14.50 -21.90
N VAL B 289 27.37 13.30 -21.25
CA VAL B 289 26.61 12.10 -21.83
C VAL B 289 26.02 11.09 -20.79
N ASP B 290 25.18 10.12 -21.22
CA ASP B 290 24.48 9.10 -20.32
C ASP B 290 23.64 8.05 -21.08
N CYS B 291 24.02 7.56 -22.28
CA CYS B 291 23.41 6.61 -23.19
C CYS B 291 24.08 5.25 -23.04
N ALA B 292 23.33 4.20 -23.36
CA ALA B 292 23.81 2.82 -23.28
C ALA B 292 23.91 2.26 -24.69
N LEU B 293 25.13 2.09 -25.18
CA LEU B 293 25.36 1.57 -26.53
C LEU B 293 26.15 0.27 -26.57
N ASP B 294 27.25 0.15 -25.84
CA ASP B 294 28.01 -1.08 -25.75
C ASP B 294 27.68 -1.67 -24.38
N PRO B 295 28.22 -2.87 -24.02
CA PRO B 295 28.13 -3.30 -22.61
C PRO B 295 28.83 -2.39 -21.59
N LEU B 296 29.86 -1.65 -22.01
CA LEU B 296 30.54 -0.74 -21.08
C LEU B 296 29.67 0.47 -20.76
N SER B 297 28.98 1.02 -21.76
CA SER B 297 28.05 2.11 -21.48
C SER B 297 26.75 1.60 -20.90
N GLU B 298 26.45 0.30 -21.10
CA GLU B 298 25.37 -0.33 -20.36
C GLU B 298 25.71 -0.44 -18.88
N THR B 299 26.98 -0.72 -18.58
CA THR B 299 27.45 -0.77 -17.20
C THR B 299 27.47 0.61 -16.57
N LYS B 300 27.84 1.62 -17.36
CA LYS B 300 27.80 3.00 -16.88
C LYS B 300 26.38 3.52 -16.80
N CYS B 301 25.46 2.92 -17.56
CA CYS B 301 24.04 3.25 -17.43
C CYS B 301 23.46 2.67 -16.15
N THR B 302 23.77 1.40 -15.87
CA THR B 302 23.17 0.74 -14.71
C THR B 302 23.80 1.19 -13.40
N LEU B 303 25.08 1.52 -13.40
CA LEU B 303 25.69 2.02 -12.17
C LEU B 303 25.42 3.51 -11.98
N LYS B 304 24.99 4.21 -13.04
CA LYS B 304 24.86 5.67 -13.16
C LYS B 304 26.16 6.39 -12.80
N SER B 305 27.29 5.86 -13.25
CA SER B 305 28.60 6.36 -12.88
C SER B 305 29.51 6.28 -14.09
N PHE B 306 30.33 7.32 -14.26
CA PHE B 306 31.17 7.40 -15.45
C PHE B 306 32.45 6.62 -15.28
N THR B 307 32.99 6.60 -14.07
CA THR B 307 34.03 5.63 -13.79
C THR B 307 33.42 4.40 -13.11
N VAL B 308 33.82 3.24 -13.60
CA VAL B 308 33.41 1.95 -13.07
C VAL B 308 34.68 1.22 -12.68
N GLU B 309 34.71 0.68 -11.47
CA GLU B 309 35.91 0.08 -10.90
C GLU B 309 36.07 -1.36 -11.37
N LYS B 310 37.06 -2.02 -10.78
CA LYS B 310 37.34 -3.39 -11.14
C LYS B 310 36.35 -4.34 -10.47
N GLY B 311 35.74 -5.21 -11.27
CA GLY B 311 34.96 -6.28 -10.70
C GLY B 311 33.97 -6.83 -11.70
N ILE B 312 33.21 -7.80 -11.22
CA ILE B 312 32.07 -8.35 -11.94
C ILE B 312 30.82 -7.59 -11.51
N TYR B 313 30.04 -7.14 -12.51
CA TYR B 313 28.87 -6.31 -12.25
C TYR B 313 27.71 -6.86 -13.04
N GLN B 314 26.65 -7.24 -12.35
CA GLN B 314 25.41 -7.66 -13.00
C GLN B 314 24.69 -6.41 -13.48
N THR B 315 24.61 -6.24 -14.80
CA THR B 315 24.02 -5.02 -15.33
C THR B 315 22.56 -5.20 -15.71
N SER B 316 22.27 -6.10 -16.65
CA SER B 316 20.95 -6.16 -17.24
C SER B 316 20.59 -7.63 -17.43
N ASN B 317 19.55 -7.89 -18.20
CA ASN B 317 19.00 -9.23 -18.32
C ASN B 317 18.82 -9.60 -19.78
N PHE B 318 19.11 -10.84 -20.12
CA PHE B 318 18.89 -11.29 -21.47
C PHE B 318 17.63 -12.15 -21.50
N ARG B 319 16.98 -12.20 -22.67
CA ARG B 319 15.86 -13.11 -22.91
C ARG B 319 15.78 -13.50 -24.37
N VAL B 320 15.56 -14.79 -24.63
CA VAL B 320 15.41 -15.34 -25.98
C VAL B 320 14.13 -14.80 -26.59
N GLN B 321 14.26 -14.24 -27.77
CA GLN B 321 13.22 -13.40 -28.34
C GLN B 321 12.23 -14.25 -29.15
N PRO B 322 10.98 -13.77 -29.31
CA PRO B 322 10.05 -14.46 -30.21
C PRO B 322 10.46 -14.35 -31.67
N THR B 323 10.56 -15.50 -32.33
CA THR B 323 11.03 -15.54 -33.71
C THR B 323 9.90 -15.24 -34.68
N GLU B 324 8.71 -15.77 -34.42
CA GLU B 324 7.56 -15.49 -35.28
C GLU B 324 6.29 -15.55 -34.44
N SER B 325 5.16 -15.51 -35.12
CA SER B 325 3.87 -15.64 -34.47
C SER B 325 3.01 -16.68 -35.17
N ILE B 326 2.31 -17.48 -34.37
CA ILE B 326 1.33 -18.43 -34.88
C ILE B 326 0.03 -18.25 -34.11
N VAL B 327 -1.08 -18.45 -34.80
CA VAL B 327 -2.41 -18.45 -34.21
C VAL B 327 -2.97 -19.85 -34.39
N ARG B 328 -3.51 -20.43 -33.32
CA ARG B 328 -4.12 -21.75 -33.38
C ARG B 328 -5.59 -21.67 -33.04
N PHE B 329 -6.42 -21.86 -34.05
CA PHE B 329 -7.88 -21.76 -34.02
C PHE B 329 -8.45 -23.04 -34.61
N PRO B 330 -9.63 -23.49 -34.12
CA PRO B 330 -10.14 -24.79 -34.57
C PRO B 330 -10.83 -24.70 -35.92
N ASN B 331 -11.24 -25.86 -36.41
CA ASN B 331 -11.79 -26.00 -37.76
C ASN B 331 -13.31 -25.75 -37.73
N ILE B 332 -13.73 -24.49 -37.84
CA ILE B 332 -15.14 -24.14 -38.01
C ILE B 332 -15.26 -23.25 -39.24
N THR B 333 -16.43 -23.28 -39.88
CA THR B 333 -16.53 -22.60 -41.18
C THR B 333 -17.70 -21.62 -41.26
N ASN B 334 -18.87 -22.02 -40.75
CA ASN B 334 -20.06 -21.16 -40.83
C ASN B 334 -20.02 -19.97 -39.87
N LEU B 335 -20.96 -19.06 -40.03
CA LEU B 335 -20.96 -17.88 -39.20
C LEU B 335 -22.16 -17.88 -38.26
N CYS B 336 -22.08 -17.04 -37.24
CA CYS B 336 -23.02 -17.05 -36.14
C CYS B 336 -24.28 -16.26 -36.49
N PRO B 337 -25.46 -16.69 -35.96
CA PRO B 337 -26.72 -15.99 -36.31
C PRO B 337 -26.89 -14.65 -35.62
N PHE B 338 -26.21 -13.62 -36.14
CA PHE B 338 -26.44 -12.27 -35.68
C PHE B 338 -27.75 -11.71 -36.22
N GLY B 339 -28.04 -11.94 -37.51
CA GLY B 339 -29.23 -11.35 -38.13
C GLY B 339 -30.54 -12.02 -37.75
N GLU B 340 -30.46 -13.19 -37.13
CA GLU B 340 -31.60 -13.91 -36.61
C GLU B 340 -32.12 -13.35 -35.29
N VAL B 341 -31.41 -12.41 -34.66
CA VAL B 341 -31.97 -11.57 -33.61
C VAL B 341 -31.88 -10.08 -33.94
N PHE B 342 -30.81 -9.63 -34.60
CA PHE B 342 -30.64 -8.19 -34.81
C PHE B 342 -31.44 -7.69 -36.00
N ASN B 343 -31.75 -8.56 -36.96
CA ASN B 343 -32.68 -8.23 -38.03
C ASN B 343 -33.93 -9.11 -38.00
N ALA B 344 -34.36 -9.52 -36.82
CA ALA B 344 -35.48 -10.44 -36.71
C ALA B 344 -36.79 -9.67 -36.59
N THR B 345 -37.84 -10.40 -36.16
CA THR B 345 -39.17 -9.82 -36.08
C THR B 345 -39.32 -8.93 -34.86
N ARG B 346 -39.26 -9.52 -33.67
CA ARG B 346 -39.47 -8.79 -32.43
C ARG B 346 -38.79 -9.56 -31.31
N PHE B 347 -38.70 -8.93 -30.14
CA PHE B 347 -38.17 -9.61 -28.98
C PHE B 347 -39.27 -9.84 -27.94
N ALA B 348 -38.86 -10.39 -26.81
CA ALA B 348 -39.79 -10.87 -25.81
C ALA B 348 -40.11 -9.78 -24.79
N SER B 349 -40.76 -10.19 -23.70
CA SER B 349 -40.90 -9.37 -22.52
C SER B 349 -39.74 -9.66 -21.56
N VAL B 350 -39.57 -8.75 -20.60
CA VAL B 350 -38.36 -8.71 -19.79
C VAL B 350 -38.39 -9.78 -18.70
N TYR B 351 -39.59 -10.16 -18.25
CA TYR B 351 -39.71 -11.30 -17.36
C TYR B 351 -39.58 -12.63 -18.11
N ALA B 352 -39.89 -12.64 -19.40
CA ALA B 352 -39.83 -13.81 -20.27
C ALA B 352 -38.59 -13.77 -21.14
N TRP B 353 -37.47 -13.41 -20.50
CA TRP B 353 -36.25 -13.04 -21.19
C TRP B 353 -35.56 -14.27 -21.79
N ASN B 354 -35.09 -14.11 -23.03
CA ASN B 354 -34.75 -15.25 -23.87
C ASN B 354 -33.38 -15.82 -23.50
N ARG B 355 -33.12 -17.02 -23.99
CA ARG B 355 -31.79 -17.56 -24.18
C ARG B 355 -31.69 -18.05 -25.60
N LYS B 356 -30.59 -17.77 -26.28
CA LYS B 356 -30.36 -18.45 -27.55
C LYS B 356 -28.89 -18.78 -27.64
N ARG B 357 -28.59 -19.98 -28.12
CA ARG B 357 -27.24 -20.52 -28.05
C ARG B 357 -26.43 -19.96 -29.21
N ILE B 358 -25.15 -19.66 -28.96
CA ILE B 358 -24.17 -19.41 -30.01
C ILE B 358 -22.97 -20.32 -29.74
N SER B 359 -22.76 -21.28 -30.64
CA SER B 359 -21.54 -22.08 -30.62
C SER B 359 -21.21 -22.52 -32.03
N ASN B 360 -19.99 -23.09 -32.15
CA ASN B 360 -19.29 -23.68 -33.32
C ASN B 360 -19.49 -22.94 -34.64
N CYS B 361 -19.36 -21.62 -34.57
CA CYS B 361 -19.51 -20.78 -35.73
C CYS B 361 -18.46 -19.68 -35.68
N VAL B 362 -18.16 -19.10 -36.84
CA VAL B 362 -17.18 -18.02 -36.90
C VAL B 362 -17.89 -16.76 -36.43
N ALA B 363 -17.39 -16.17 -35.35
CA ALA B 363 -18.06 -15.05 -34.72
C ALA B 363 -17.38 -13.75 -35.14
N ASP B 364 -17.83 -13.18 -36.23
CA ASP B 364 -17.37 -11.87 -36.69
C ASP B 364 -18.09 -10.81 -35.86
N TYR B 365 -17.34 -10.14 -34.99
CA TYR B 365 -17.95 -9.11 -34.14
C TYR B 365 -17.93 -7.76 -34.83
N SER B 366 -17.14 -7.63 -35.90
CA SER B 366 -16.81 -6.33 -36.47
C SER B 366 -17.94 -5.74 -37.28
N VAL B 367 -18.92 -6.58 -37.65
CA VAL B 367 -20.11 -6.11 -38.33
C VAL B 367 -21.19 -5.66 -37.36
N LEU B 368 -20.93 -5.75 -36.05
CA LEU B 368 -21.93 -5.36 -35.07
C LEU B 368 -21.67 -3.95 -34.54
N TYR B 369 -20.47 -3.70 -34.00
CA TYR B 369 -20.25 -2.46 -33.28
C TYR B 369 -19.98 -1.26 -34.18
N ASN B 370 -19.74 -1.46 -35.47
CA ASN B 370 -19.67 -0.34 -36.39
C ASN B 370 -21.04 0.20 -36.77
N SER B 371 -22.10 -0.59 -36.57
CA SER B 371 -23.44 -0.18 -36.94
C SER B 371 -23.98 0.82 -35.92
N ALA B 372 -24.37 1.99 -36.42
CA ALA B 372 -24.84 3.07 -35.56
C ALA B 372 -26.34 3.06 -35.36
N SER B 373 -27.03 2.00 -35.81
CA SER B 373 -28.47 1.88 -35.57
C SER B 373 -28.76 1.53 -34.12
N PHE B 374 -27.80 0.90 -33.44
CA PHE B 374 -27.94 0.57 -32.03
C PHE B 374 -27.69 1.85 -31.24
N SER B 375 -28.63 2.18 -30.35
CA SER B 375 -28.57 3.45 -29.63
C SER B 375 -27.51 3.42 -28.54
N THR B 376 -27.43 2.31 -27.80
CA THR B 376 -26.53 2.22 -26.66
C THR B 376 -25.74 0.92 -26.73
N PHE B 377 -24.42 1.07 -26.69
CA PHE B 377 -23.53 -0.09 -26.72
C PHE B 377 -22.36 0.18 -25.79
N LYS B 378 -22.20 -0.66 -24.78
CA LYS B 378 -20.99 -0.66 -23.94
C LYS B 378 -20.82 -2.06 -23.39
N CYS B 379 -19.63 -2.33 -22.87
CA CYS B 379 -19.28 -3.65 -22.38
C CYS B 379 -18.77 -3.54 -20.94
N TYR B 380 -18.76 -4.68 -20.25
CA TYR B 380 -18.47 -4.70 -18.82
C TYR B 380 -17.35 -5.64 -18.44
N GLY B 381 -16.85 -6.45 -19.35
CA GLY B 381 -15.76 -7.33 -19.02
C GLY B 381 -14.72 -7.39 -20.13
N VAL B 382 -14.92 -6.62 -21.18
CA VAL B 382 -14.19 -6.84 -22.41
C VAL B 382 -14.03 -5.50 -23.14
N SER B 383 -12.91 -5.37 -23.86
CA SER B 383 -12.80 -4.37 -24.90
C SER B 383 -13.71 -4.75 -26.07
N PRO B 384 -14.37 -3.77 -26.68
CA PRO B 384 -15.06 -4.04 -27.95
C PRO B 384 -14.09 -4.20 -29.11
N THR B 385 -12.91 -3.58 -29.01
CA THR B 385 -11.91 -3.68 -30.05
C THR B 385 -11.25 -5.04 -30.09
N LYS B 386 -11.13 -5.70 -28.93
CA LYS B 386 -10.46 -6.98 -28.84
C LYS B 386 -11.43 -8.15 -28.90
N LEU B 387 -12.63 -7.93 -29.43
CA LEU B 387 -13.63 -8.99 -29.54
C LEU B 387 -13.25 -10.00 -30.61
N ASN B 388 -12.68 -9.52 -31.73
CA ASN B 388 -12.27 -10.35 -32.85
C ASN B 388 -11.07 -11.22 -32.51
N ASP B 389 -10.27 -10.82 -31.53
CA ASP B 389 -9.14 -11.59 -31.07
C ASP B 389 -9.55 -12.79 -30.23
N LEU B 390 -10.74 -12.77 -29.65
CA LEU B 390 -11.09 -13.78 -28.68
C LEU B 390 -11.83 -14.94 -29.34
N CYS B 391 -12.02 -16.01 -28.56
CA CYS B 391 -12.46 -17.28 -29.10
C CYS B 391 -13.12 -18.04 -27.95
N PHE B 392 -14.45 -18.03 -27.91
CA PHE B 392 -15.24 -18.28 -26.71
C PHE B 392 -15.75 -19.71 -26.66
N THR B 393 -16.60 -19.95 -25.66
CA THR B 393 -17.44 -21.15 -25.55
C THR B 393 -18.88 -20.70 -25.32
N ASN B 394 -19.81 -21.25 -26.12
CA ASN B 394 -21.23 -21.50 -25.80
C ASN B 394 -22.01 -20.24 -25.39
N VAL B 395 -22.04 -19.30 -26.30
CA VAL B 395 -22.38 -17.93 -25.95
C VAL B 395 -23.90 -17.78 -25.97
N TYR B 396 -24.45 -17.12 -24.95
CA TYR B 396 -25.89 -16.94 -24.91
C TYR B 396 -26.25 -15.47 -25.01
N ALA B 397 -27.45 -15.20 -25.50
CA ALA B 397 -27.96 -13.85 -25.70
C ALA B 397 -29.38 -13.79 -25.15
N ASP B 398 -29.75 -12.64 -24.60
CA ASP B 398 -30.99 -12.51 -23.85
C ASP B 398 -31.86 -11.47 -24.51
N SER B 399 -32.92 -11.91 -25.18
CA SER B 399 -33.71 -11.05 -26.05
C SER B 399 -35.05 -10.72 -25.40
N PHE B 400 -35.31 -9.41 -25.25
CA PHE B 400 -36.47 -8.88 -24.57
C PHE B 400 -36.62 -7.42 -24.97
N VAL B 401 -37.65 -6.76 -24.44
CA VAL B 401 -37.98 -5.37 -24.77
C VAL B 401 -38.27 -4.63 -23.47
N ILE B 402 -37.60 -3.50 -23.24
CA ILE B 402 -37.77 -2.72 -22.02
C ILE B 402 -38.21 -1.29 -22.31
N ARG B 403 -38.51 -0.58 -21.22
CA ARG B 403 -38.75 0.86 -21.21
C ARG B 403 -37.48 1.62 -21.60
N GLY B 404 -37.66 2.74 -22.31
CA GLY B 404 -36.52 3.56 -22.68
C GLY B 404 -35.89 4.33 -21.52
N ASP B 405 -36.63 4.51 -20.43
CA ASP B 405 -36.03 5.08 -19.22
C ASP B 405 -35.43 4.03 -18.31
N GLU B 406 -35.60 2.75 -18.61
CA GLU B 406 -35.03 1.69 -17.81
C GLU B 406 -33.68 1.23 -18.31
N VAL B 407 -32.96 2.09 -19.03
CA VAL B 407 -31.67 1.70 -19.63
C VAL B 407 -30.54 1.79 -18.63
N ARG B 408 -30.77 2.46 -17.49
CA ARG B 408 -29.76 2.47 -16.44
C ARG B 408 -29.71 1.13 -15.72
N GLN B 409 -30.86 0.44 -15.63
CA GLN B 409 -31.05 -0.71 -14.75
C GLN B 409 -30.30 -1.94 -15.25
N ILE B 410 -30.04 -2.03 -16.55
CA ILE B 410 -29.23 -3.12 -17.08
C ILE B 410 -27.78 -2.63 -16.97
N ALA B 411 -27.21 -2.84 -15.79
CA ALA B 411 -25.81 -2.57 -15.50
C ALA B 411 -25.39 -3.48 -14.37
N PRO B 412 -24.16 -3.99 -14.41
CA PRO B 412 -23.66 -4.79 -13.27
C PRO B 412 -23.37 -3.90 -12.07
N GLY B 413 -24.07 -4.19 -10.98
CA GLY B 413 -24.03 -3.33 -9.81
C GLY B 413 -25.15 -2.31 -9.80
N GLN B 414 -26.16 -2.51 -10.64
CA GLN B 414 -27.34 -1.67 -10.59
C GLN B 414 -28.53 -2.42 -10.02
N THR B 415 -29.25 -1.75 -9.14
CA THR B 415 -30.53 -2.23 -8.63
C THR B 415 -31.64 -1.71 -9.54
N GLY B 416 -32.87 -1.95 -9.11
CA GLY B 416 -34.02 -1.57 -9.89
C GLY B 416 -34.95 -2.75 -10.08
N LYS B 417 -36.17 -2.44 -10.53
CA LYS B 417 -37.25 -3.41 -10.45
C LYS B 417 -37.20 -4.43 -11.58
N ILE B 418 -36.41 -4.17 -12.61
CA ILE B 418 -36.03 -5.23 -13.55
C ILE B 418 -35.18 -6.27 -12.83
N ALA B 419 -34.19 -5.81 -12.06
CA ALA B 419 -33.33 -6.71 -11.30
C ALA B 419 -34.05 -7.27 -10.09
N ASP B 420 -35.02 -6.54 -9.53
CA ASP B 420 -35.77 -7.04 -8.40
C ASP B 420 -36.81 -8.07 -8.83
N TYR B 421 -37.49 -7.83 -9.95
CA TYR B 421 -38.72 -8.53 -10.27
C TYR B 421 -38.70 -9.29 -11.59
N ASN B 422 -37.92 -8.85 -12.57
CA ASN B 422 -38.03 -9.32 -13.94
C ASN B 422 -36.80 -10.06 -14.43
N TYR B 423 -35.63 -9.42 -14.37
CA TYR B 423 -34.40 -10.00 -14.87
C TYR B 423 -33.19 -9.37 -14.19
N LYS B 424 -32.41 -10.18 -13.48
CA LYS B 424 -31.20 -9.68 -12.86
C LYS B 424 -29.99 -10.23 -13.59
N LEU B 425 -29.03 -9.33 -13.82
CA LEU B 425 -27.72 -9.61 -14.38
C LEU B 425 -26.71 -9.65 -13.24
N PRO B 426 -25.66 -10.48 -13.34
CA PRO B 426 -24.66 -10.52 -12.28
C PRO B 426 -23.74 -9.31 -12.31
N ASP B 427 -23.11 -9.10 -11.16
CA ASP B 427 -22.19 -7.97 -10.98
C ASP B 427 -20.85 -8.21 -11.65
N ASP B 428 -20.48 -9.47 -11.81
CA ASP B 428 -19.20 -9.86 -12.39
C ASP B 428 -19.30 -10.18 -13.88
N PHE B 429 -20.12 -9.43 -14.60
CA PHE B 429 -20.59 -9.84 -15.91
C PHE B 429 -19.56 -9.56 -17.00
N THR B 430 -19.33 -10.58 -17.82
CA THR B 430 -18.45 -10.48 -18.99
C THR B 430 -19.34 -10.43 -20.22
N GLY B 431 -19.41 -9.27 -20.86
CA GLY B 431 -20.22 -9.14 -22.05
C GLY B 431 -20.66 -7.71 -22.24
N CYS B 432 -21.55 -7.53 -23.22
CA CYS B 432 -21.93 -6.20 -23.66
C CYS B 432 -23.44 -6.07 -23.76
N VAL B 433 -23.93 -4.83 -23.68
CA VAL B 433 -25.33 -4.51 -23.89
C VAL B 433 -25.52 -3.94 -25.29
N ILE B 434 -26.66 -4.28 -25.89
CA ILE B 434 -27.13 -3.64 -27.12
C ILE B 434 -28.50 -3.05 -26.84
N ALA B 435 -28.67 -1.77 -27.14
CA ALA B 435 -29.98 -1.15 -27.11
C ALA B 435 -30.19 -0.37 -28.39
N TRP B 436 -31.42 -0.36 -28.87
CA TRP B 436 -31.83 0.57 -29.91
C TRP B 436 -33.29 0.91 -29.67
N ASN B 437 -33.73 2.00 -30.28
CA ASN B 437 -35.12 2.39 -30.18
C ASN B 437 -35.99 1.49 -31.05
N SER B 438 -37.10 1.06 -30.48
CA SER B 438 -38.07 0.24 -31.20
C SER B 438 -39.36 1.02 -31.38
N ASN B 439 -39.25 2.32 -31.63
CA ASN B 439 -40.41 3.10 -32.09
C ASN B 439 -40.80 2.71 -33.50
N ASN B 440 -39.80 2.34 -34.32
CA ASN B 440 -40.03 1.89 -35.68
C ASN B 440 -40.75 0.55 -35.72
N LEU B 441 -40.42 -0.36 -34.81
CA LEU B 441 -41.11 -1.63 -34.77
C LEU B 441 -42.35 -1.59 -33.88
N ASP B 442 -42.19 -1.26 -32.60
CA ASP B 442 -43.30 -1.35 -31.65
C ASP B 442 -44.06 -0.03 -31.66
N SER B 443 -45.00 0.06 -32.60
CA SER B 443 -45.95 1.15 -32.68
C SER B 443 -47.22 0.59 -33.32
N LYS B 444 -48.37 1.01 -32.81
CA LYS B 444 -49.63 0.43 -33.29
C LYS B 444 -50.65 1.48 -33.69
N GLY B 447 -50.61 1.24 -27.52
CA GLY B 447 -50.98 0.23 -28.49
C GLY B 447 -50.25 -1.07 -28.24
N ASN B 448 -48.94 -1.01 -28.01
CA ASN B 448 -48.12 -2.21 -27.84
C ASN B 448 -48.26 -2.78 -26.43
N TYR B 449 -49.39 -3.46 -26.20
CA TYR B 449 -49.75 -3.97 -24.89
C TYR B 449 -49.29 -5.40 -24.69
N ASN B 450 -48.66 -6.00 -25.70
CA ASN B 450 -48.15 -7.36 -25.56
C ASN B 450 -46.89 -7.41 -24.71
N TYR B 451 -46.17 -6.29 -24.63
CA TYR B 451 -44.98 -6.27 -23.79
C TYR B 451 -45.37 -6.11 -22.33
N LEU B 452 -44.64 -6.82 -21.47
CA LEU B 452 -45.15 -7.25 -20.18
C LEU B 452 -44.01 -7.25 -19.18
N TYR B 453 -44.36 -7.23 -17.90
CA TYR B 453 -43.44 -6.77 -16.88
C TYR B 453 -43.94 -7.24 -15.52
N ARG B 454 -43.03 -7.79 -14.73
CA ARG B 454 -43.34 -8.13 -13.36
C ARG B 454 -43.37 -6.87 -12.52
N LEU B 455 -44.57 -6.45 -12.15
CA LEU B 455 -44.75 -5.32 -11.24
C LEU B 455 -44.51 -5.72 -9.79
N PHE B 456 -44.55 -7.01 -9.48
CA PHE B 456 -44.43 -7.50 -8.11
C PHE B 456 -43.76 -8.86 -8.05
N ARG B 457 -43.26 -9.18 -6.86
CA ARG B 457 -42.86 -10.49 -6.39
C ARG B 457 -42.83 -10.37 -4.87
N LYS B 458 -42.77 -11.51 -4.18
CA LYS B 458 -42.64 -11.48 -2.73
C LYS B 458 -41.22 -11.13 -2.29
N SER B 459 -40.22 -11.25 -3.16
CA SER B 459 -38.85 -10.95 -2.82
C SER B 459 -38.09 -10.50 -4.05
N ASN B 460 -36.80 -10.27 -3.86
CA ASN B 460 -35.90 -10.01 -4.97
C ASN B 460 -35.55 -11.31 -5.70
N LEU B 461 -35.01 -11.18 -6.90
CA LEU B 461 -34.59 -12.33 -7.68
C LEU B 461 -33.19 -12.77 -7.30
N LYS B 462 -32.70 -13.72 -8.06
CA LYS B 462 -31.34 -14.17 -8.28
C LYS B 462 -30.91 -13.72 -9.66
N PRO B 463 -29.60 -13.60 -9.96
CA PRO B 463 -29.21 -13.38 -11.35
C PRO B 463 -29.38 -14.63 -12.19
N PHE B 464 -29.83 -14.39 -13.44
CA PHE B 464 -30.15 -15.40 -14.47
C PHE B 464 -31.21 -16.40 -14.01
N GLU B 465 -32.42 -15.89 -13.80
CA GLU B 465 -33.57 -16.77 -13.69
C GLU B 465 -34.76 -16.15 -14.42
N ARG B 466 -35.62 -17.00 -14.92
CA ARG B 466 -36.94 -16.58 -15.38
C ARG B 466 -37.97 -16.82 -14.29
N ASP B 467 -38.94 -15.91 -14.23
CA ASP B 467 -40.03 -16.09 -13.28
C ASP B 467 -41.32 -15.97 -14.09
N ILE B 468 -41.91 -17.13 -14.38
CA ILE B 468 -43.02 -17.27 -15.33
C ILE B 468 -44.16 -17.74 -14.40
N SER B 469 -44.10 -17.28 -13.16
CA SER B 469 -45.10 -17.65 -12.18
C SER B 469 -46.35 -16.80 -12.35
N THR B 470 -47.32 -17.29 -13.11
CA THR B 470 -48.61 -16.63 -13.24
C THR B 470 -49.44 -16.97 -11.99
N GLU B 471 -49.28 -16.11 -11.00
CA GLU B 471 -49.89 -16.31 -9.69
C GLU B 471 -50.07 -14.94 -9.07
N ILE B 472 -51.19 -14.76 -8.37
CA ILE B 472 -51.59 -13.43 -7.89
C ILE B 472 -50.77 -13.08 -6.66
N TYR B 473 -50.04 -11.97 -6.77
CA TYR B 473 -49.29 -11.41 -5.65
C TYR B 473 -50.28 -10.85 -4.63
N GLN B 474 -50.00 -11.10 -3.36
CA GLN B 474 -50.73 -10.48 -2.27
C GLN B 474 -49.74 -9.70 -1.42
N ALA B 475 -50.07 -8.43 -1.14
CA ALA B 475 -49.21 -7.56 -0.37
C ALA B 475 -49.44 -7.67 1.14
N GLY B 476 -50.68 -7.49 1.58
CA GLY B 476 -50.98 -7.54 3.00
C GLY B 476 -51.09 -8.95 3.52
N SER B 477 -51.43 -9.06 4.81
CA SER B 477 -51.46 -10.36 5.46
C SER B 477 -52.75 -11.13 5.21
N THR B 478 -53.76 -10.50 4.61
CA THR B 478 -55.00 -11.20 4.30
C THR B 478 -54.78 -12.10 3.10
N PRO B 479 -54.93 -13.43 3.24
CA PRO B 479 -54.57 -14.34 2.15
C PRO B 479 -55.61 -14.35 1.04
N CYS B 480 -55.12 -14.59 -0.17
CA CYS B 480 -55.87 -14.28 -1.37
C CYS B 480 -55.50 -15.28 -2.45
N ASN B 481 -56.40 -16.22 -2.71
CA ASN B 481 -56.08 -17.32 -3.58
C ASN B 481 -57.09 -17.38 -4.72
N GLY B 482 -56.58 -17.41 -5.94
CA GLY B 482 -57.42 -17.54 -7.13
C GLY B 482 -57.99 -16.27 -7.72
N VAL B 483 -58.44 -15.34 -6.88
CA VAL B 483 -59.14 -14.14 -7.32
C VAL B 483 -58.36 -12.92 -6.85
N GLU B 484 -58.82 -11.75 -7.28
CA GLU B 484 -58.25 -10.49 -6.83
C GLU B 484 -58.92 -10.04 -5.53
N GLY B 485 -58.66 -8.79 -5.15
CA GLY B 485 -59.29 -8.27 -3.95
C GLY B 485 -58.40 -7.24 -3.27
N PHE B 486 -58.48 -7.23 -1.94
CA PHE B 486 -57.76 -6.24 -1.13
C PHE B 486 -56.28 -6.60 -1.07
N ASN B 487 -55.46 -5.71 -1.66
CA ASN B 487 -54.01 -5.83 -1.89
C ASN B 487 -53.62 -7.09 -2.65
N CYS B 488 -54.50 -7.57 -3.53
CA CYS B 488 -54.22 -8.73 -4.35
C CYS B 488 -53.86 -8.21 -5.73
N TYR B 489 -52.71 -8.61 -6.22
CA TYR B 489 -52.20 -8.01 -7.44
C TYR B 489 -51.89 -9.10 -8.45
N PHE B 490 -52.39 -8.92 -9.65
CA PHE B 490 -51.87 -9.67 -10.76
C PHE B 490 -50.56 -8.98 -11.14
N PRO B 491 -49.40 -9.63 -10.98
CA PRO B 491 -48.13 -8.91 -11.02
C PRO B 491 -47.64 -8.63 -12.42
N LEU B 492 -48.24 -9.26 -13.41
CA LEU B 492 -47.75 -9.16 -14.79
C LEU B 492 -48.31 -7.87 -15.39
N GLN B 493 -47.61 -6.77 -15.15
CA GLN B 493 -48.03 -5.47 -15.66
C GLN B 493 -47.70 -5.38 -17.14
N SER B 494 -48.66 -4.95 -17.93
CA SER B 494 -48.38 -4.69 -19.33
C SER B 494 -47.81 -3.28 -19.47
N TYR B 495 -46.64 -3.22 -20.09
CA TYR B 495 -46.19 -2.03 -20.80
C TYR B 495 -47.24 -1.54 -21.78
N GLY B 496 -47.73 -0.34 -21.51
CA GLY B 496 -48.75 0.30 -22.30
C GLY B 496 -48.15 1.18 -23.36
N PHE B 497 -47.36 0.60 -24.26
CA PHE B 497 -46.61 1.42 -25.20
C PHE B 497 -47.46 1.91 -26.35
N GLN B 498 -47.44 3.21 -26.58
CA GLN B 498 -48.26 3.84 -27.59
C GLN B 498 -47.68 3.61 -28.98
N PRO B 499 -48.48 3.82 -30.02
CA PRO B 499 -47.91 4.17 -31.32
C PRO B 499 -47.05 5.42 -31.29
N THR B 500 -47.45 6.44 -30.54
CA THR B 500 -46.69 7.67 -30.39
C THR B 500 -46.26 7.75 -28.93
N ASN B 501 -45.12 7.14 -28.62
CA ASN B 501 -44.63 7.08 -27.26
C ASN B 501 -43.99 8.41 -26.86
N GLY B 502 -43.95 8.65 -25.55
CA GLY B 502 -43.31 9.81 -25.00
C GLY B 502 -41.80 9.66 -24.98
N VAL B 503 -41.12 10.76 -24.65
CA VAL B 503 -39.67 10.77 -24.61
C VAL B 503 -39.20 10.09 -23.33
N GLY B 504 -38.48 8.99 -23.49
CA GLY B 504 -38.13 8.13 -22.38
C GLY B 504 -39.11 6.99 -22.18
N TYR B 505 -40.31 7.10 -22.75
CA TYR B 505 -41.34 6.09 -22.61
C TYR B 505 -41.12 4.90 -23.55
N GLN B 506 -40.16 5.00 -24.49
CA GLN B 506 -40.05 4.18 -25.69
C GLN B 506 -39.81 2.70 -25.42
N PRO B 507 -40.43 1.84 -26.24
CA PRO B 507 -39.96 0.46 -26.37
C PRO B 507 -38.52 0.46 -26.88
N TYR B 508 -37.65 -0.18 -26.12
CA TYR B 508 -36.28 -0.40 -26.54
C TYR B 508 -36.08 -1.89 -26.74
N ARG B 509 -35.91 -2.31 -27.99
CA ARG B 509 -35.66 -3.69 -28.31
C ARG B 509 -34.21 -3.99 -27.96
N VAL B 510 -33.99 -4.76 -26.89
CA VAL B 510 -32.69 -4.82 -26.24
C VAL B 510 -32.18 -6.25 -26.17
N VAL B 511 -30.87 -6.42 -26.23
CA VAL B 511 -30.24 -7.72 -26.06
C VAL B 511 -28.89 -7.53 -25.36
N VAL B 512 -28.63 -8.38 -24.37
CA VAL B 512 -27.35 -8.43 -23.67
C VAL B 512 -26.70 -9.78 -24.03
N LEU B 513 -25.38 -9.78 -24.17
CA LEU B 513 -24.66 -10.91 -24.74
C LEU B 513 -23.79 -11.54 -23.66
N SER B 514 -24.12 -12.78 -23.29
CA SER B 514 -23.48 -13.45 -22.17
C SER B 514 -22.34 -14.32 -22.64
N PHE B 515 -21.25 -14.33 -21.89
CA PHE B 515 -20.08 -15.14 -22.21
C PHE B 515 -19.71 -16.08 -21.08
N GLU B 516 -19.25 -17.26 -21.46
CA GLU B 516 -18.37 -18.09 -20.64
C GLU B 516 -17.17 -18.43 -21.50
N LEU B 517 -16.04 -18.73 -20.86
CA LEU B 517 -14.77 -18.68 -21.56
C LEU B 517 -13.71 -19.53 -20.89
N LEU B 518 -12.97 -20.27 -21.71
CA LEU B 518 -11.60 -20.77 -21.49
C LEU B 518 -11.54 -21.82 -20.37
N HIS B 519 -12.46 -22.76 -20.45
CA HIS B 519 -12.39 -24.00 -19.68
C HIS B 519 -12.56 -25.21 -20.56
N ALA B 520 -13.45 -25.13 -21.54
CA ALA B 520 -13.86 -26.18 -22.45
C ALA B 520 -12.95 -26.16 -23.67
N PRO B 521 -13.13 -27.04 -24.67
CA PRO B 521 -12.70 -26.67 -26.02
C PRO B 521 -13.38 -25.39 -26.48
N ALA B 522 -12.58 -24.42 -26.91
CA ALA B 522 -13.10 -23.13 -27.32
C ALA B 522 -13.72 -23.23 -28.69
N THR B 523 -15.04 -23.29 -28.72
CA THR B 523 -15.77 -23.75 -29.89
C THR B 523 -16.29 -22.63 -30.78
N VAL B 524 -16.70 -21.50 -30.23
CA VAL B 524 -17.13 -20.36 -31.02
C VAL B 524 -15.99 -19.34 -31.01
N CYS B 525 -15.68 -18.80 -32.19
CA CYS B 525 -14.34 -18.27 -32.30
C CYS B 525 -14.37 -17.09 -33.26
N GLY B 526 -13.34 -16.24 -33.18
CA GLY B 526 -13.31 -15.00 -33.90
C GLY B 526 -13.06 -15.14 -35.39
N PRO B 527 -13.13 -14.03 -36.14
CA PRO B 527 -13.01 -14.12 -37.59
C PRO B 527 -11.57 -14.13 -38.10
N LYS B 528 -10.59 -14.04 -37.19
CA LYS B 528 -9.19 -14.27 -37.53
C LYS B 528 -9.01 -15.74 -37.89
N LYS B 529 -8.13 -16.01 -38.85
CA LYS B 529 -7.82 -17.38 -39.19
C LYS B 529 -6.70 -17.92 -38.30
N SER B 530 -6.42 -19.20 -38.45
CA SER B 530 -5.32 -19.82 -37.73
C SER B 530 -4.04 -19.71 -38.53
N THR B 531 -2.98 -20.35 -38.02
CA THR B 531 -1.70 -20.42 -38.69
C THR B 531 -1.25 -21.86 -38.47
N ASN B 532 -0.49 -22.42 -39.43
CA ASN B 532 0.08 -23.75 -39.29
C ASN B 532 1.11 -23.79 -38.16
N LEU B 533 1.24 -24.94 -37.53
CA LEU B 533 2.00 -25.04 -36.29
C LEU B 533 3.46 -25.40 -36.56
N VAL B 534 4.34 -24.78 -35.78
CA VAL B 534 5.76 -25.08 -35.79
C VAL B 534 6.13 -25.57 -34.39
N LYS B 535 7.39 -25.92 -34.19
CA LYS B 535 7.87 -26.37 -32.88
C LYS B 535 9.30 -25.95 -32.64
N ASN B 536 9.67 -26.04 -31.36
CA ASN B 536 11.06 -26.07 -30.85
C ASN B 536 11.80 -24.75 -31.10
N LYS B 537 11.05 -23.65 -31.15
CA LYS B 537 11.63 -22.33 -31.28
C LYS B 537 10.68 -21.34 -30.63
N CYS B 538 11.25 -20.26 -30.10
CA CYS B 538 10.47 -19.29 -29.34
C CYS B 538 9.62 -18.47 -30.27
N VAL B 539 8.31 -18.67 -30.20
CA VAL B 539 7.35 -18.06 -31.11
C VAL B 539 6.35 -17.26 -30.29
N ASN B 540 5.48 -16.53 -30.98
CA ASN B 540 4.34 -15.87 -30.35
C ASN B 540 3.08 -16.68 -30.65
N PHE B 541 2.85 -17.69 -29.82
CA PHE B 541 1.72 -18.58 -30.07
C PHE B 541 0.41 -17.92 -29.64
N ASN B 542 -0.68 -18.41 -30.23
CA ASN B 542 -2.01 -17.92 -29.88
C ASN B 542 -2.96 -19.10 -29.98
N PHE B 543 -3.16 -19.77 -28.86
CA PHE B 543 -3.99 -20.96 -28.79
C PHE B 543 -5.35 -20.54 -28.27
N ASN B 544 -6.30 -20.34 -29.22
CA ASN B 544 -7.72 -19.99 -29.00
C ASN B 544 -7.88 -18.67 -28.24
N GLY B 545 -7.07 -17.69 -28.61
CA GLY B 545 -7.09 -16.41 -27.94
C GLY B 545 -6.12 -16.28 -26.77
N LEU B 546 -5.57 -17.38 -26.29
CA LEU B 546 -4.55 -17.33 -25.25
C LEU B 546 -3.21 -17.08 -25.95
N THR B 547 -2.80 -15.82 -25.96
CA THR B 547 -1.50 -15.49 -26.51
C THR B 547 -0.41 -15.83 -25.51
N GLY B 548 0.81 -15.95 -26.00
CA GLY B 548 1.94 -16.27 -25.15
C GLY B 548 3.21 -16.43 -25.95
N THR B 549 4.31 -16.58 -25.22
CA THR B 549 5.64 -16.63 -25.82
C THR B 549 6.45 -17.76 -25.20
N GLY B 550 7.07 -18.55 -26.06
CA GLY B 550 7.91 -19.65 -25.62
C GLY B 550 8.14 -20.63 -26.74
N VAL B 551 8.92 -21.65 -26.45
CA VAL B 551 9.12 -22.73 -27.42
C VAL B 551 7.99 -23.73 -27.26
N LEU B 552 7.83 -24.59 -28.26
CA LEU B 552 6.78 -25.61 -28.22
C LEU B 552 7.40 -26.97 -28.45
N THR B 553 7.06 -27.92 -27.60
CA THR B 553 7.59 -29.26 -27.68
C THR B 553 6.42 -30.23 -27.57
N GLU B 554 6.39 -31.26 -28.41
CA GLU B 554 5.46 -32.34 -28.19
C GLU B 554 5.91 -33.16 -26.98
N SER B 555 4.96 -33.77 -26.29
CA SER B 555 5.22 -34.26 -24.96
C SER B 555 4.96 -35.76 -24.83
N ASN B 556 5.44 -36.33 -23.73
CA ASN B 556 5.00 -37.61 -23.26
C ASN B 556 3.99 -37.48 -22.12
N LYS B 557 3.51 -36.26 -21.87
CA LYS B 557 2.54 -36.01 -20.82
C LYS B 557 1.18 -36.56 -21.23
N LYS B 558 0.40 -36.98 -20.25
CA LYS B 558 -0.95 -37.48 -20.50
C LYS B 558 -1.97 -36.41 -20.09
N PHE B 559 -2.86 -36.07 -21.00
CA PHE B 559 -4.07 -35.38 -20.59
C PHE B 559 -5.26 -36.32 -20.51
N LEU B 560 -6.17 -35.98 -19.63
CA LEU B 560 -7.50 -36.53 -19.65
C LEU B 560 -8.26 -35.96 -20.85
N PRO B 561 -9.21 -36.71 -21.43
CA PRO B 561 -9.88 -36.24 -22.67
C PRO B 561 -10.82 -35.05 -22.51
N PHE B 562 -11.22 -34.71 -21.29
CA PHE B 562 -11.91 -33.44 -21.08
C PHE B 562 -10.95 -32.25 -21.00
N GLN B 563 -9.67 -32.51 -20.76
CA GLN B 563 -8.74 -31.41 -20.51
C GLN B 563 -8.28 -30.77 -21.80
N GLN B 564 -7.96 -29.49 -21.71
CA GLN B 564 -7.45 -28.72 -22.82
C GLN B 564 -6.03 -28.24 -22.64
N PHE B 565 -5.61 -28.01 -21.40
CA PHE B 565 -4.29 -27.45 -21.16
C PHE B 565 -3.82 -27.90 -19.78
N GLY B 566 -2.52 -27.72 -19.55
CA GLY B 566 -1.94 -27.97 -18.25
C GLY B 566 -1.44 -26.70 -17.61
N ARG B 567 -1.20 -26.77 -16.30
CA ARG B 567 -0.65 -25.63 -15.59
C ARG B 567 0.45 -26.08 -14.66
N ASP B 568 1.33 -25.14 -14.31
CA ASP B 568 2.36 -25.39 -13.31
C ASP B 568 1.85 -25.04 -11.92
N ILE B 569 2.78 -24.94 -10.97
CA ILE B 569 2.44 -24.47 -9.65
C ILE B 569 2.26 -22.95 -9.61
N ALA B 570 2.82 -22.23 -10.58
CA ALA B 570 2.64 -20.80 -10.70
C ALA B 570 1.53 -20.42 -11.68
N ASP B 571 0.59 -21.34 -11.90
CA ASP B 571 -0.68 -21.31 -12.68
C ASP B 571 -0.62 -20.59 -14.05
N THR B 572 0.52 -20.66 -14.72
CA THR B 572 0.63 -20.30 -16.12
C THR B 572 0.60 -21.59 -16.90
N THR B 573 0.39 -21.51 -18.22
CA THR B 573 0.37 -22.73 -19.00
C THR B 573 1.77 -23.24 -19.26
N ASP B 574 1.91 -24.56 -19.24
CA ASP B 574 3.16 -25.22 -19.56
C ASP B 574 2.91 -26.38 -20.51
N ALA B 575 1.65 -26.73 -20.71
CA ALA B 575 1.21 -27.78 -21.61
C ALA B 575 -0.17 -27.43 -22.11
N VAL B 576 -0.41 -27.65 -23.40
CA VAL B 576 -1.71 -27.38 -24.03
C VAL B 576 -2.08 -28.53 -24.94
N ARG B 577 -3.27 -28.43 -25.51
CA ARG B 577 -3.62 -29.16 -26.72
C ARG B 577 -3.62 -28.17 -27.88
N ASP B 578 -3.39 -28.66 -29.08
CA ASP B 578 -3.65 -27.87 -30.26
C ASP B 578 -5.10 -28.03 -30.69
N PRO B 579 -5.80 -26.94 -31.07
CA PRO B 579 -7.23 -27.07 -31.40
C PRO B 579 -7.51 -27.72 -32.74
N GLN B 580 -6.53 -27.72 -33.64
CA GLN B 580 -6.74 -28.37 -34.93
C GLN B 580 -6.60 -29.87 -34.80
N THR B 581 -5.45 -30.34 -34.32
CA THR B 581 -5.22 -31.73 -34.01
C THR B 581 -4.94 -31.83 -32.52
N LEU B 582 -5.70 -32.67 -31.81
CA LEU B 582 -5.87 -32.52 -30.37
C LEU B 582 -4.81 -33.26 -29.54
N GLU B 583 -3.58 -33.31 -30.03
CA GLU B 583 -2.49 -34.03 -29.38
C GLU B 583 -1.88 -33.21 -28.24
N ILE B 584 -0.94 -33.85 -27.53
CA ILE B 584 -0.26 -33.21 -26.42
C ILE B 584 0.89 -32.33 -26.90
N LEU B 585 1.04 -31.16 -26.28
CA LEU B 585 2.15 -30.26 -26.60
C LEU B 585 2.56 -29.57 -25.31
N ASP B 586 3.80 -29.76 -24.87
CA ASP B 586 4.33 -28.88 -23.83
C ASP B 586 4.65 -27.51 -24.41
N ILE B 587 4.58 -26.50 -23.55
CA ILE B 587 5.18 -25.21 -23.83
C ILE B 587 6.20 -24.94 -22.74
N THR B 588 7.46 -24.88 -23.14
CA THR B 588 8.51 -24.41 -22.26
C THR B 588 8.68 -22.94 -22.64
N PRO B 589 8.83 -22.03 -21.67
CA PRO B 589 9.18 -20.65 -22.02
C PRO B 589 10.60 -20.57 -22.55
N CYS B 590 10.75 -19.80 -23.62
CA CYS B 590 12.06 -19.57 -24.22
C CYS B 590 12.92 -18.71 -23.32
N SER B 591 14.23 -18.96 -23.40
CA SER B 591 15.11 -18.84 -22.25
C SER B 591 15.49 -17.41 -21.90
N PHE B 592 16.25 -17.27 -20.82
CA PHE B 592 16.43 -16.00 -20.13
C PHE B 592 17.64 -16.08 -19.22
N GLY B 593 17.89 -14.98 -18.52
CA GLY B 593 18.95 -14.92 -17.55
C GLY B 593 19.47 -13.51 -17.43
N GLY B 594 20.48 -13.35 -16.59
CA GLY B 594 21.04 -12.04 -16.35
C GLY B 594 22.38 -11.83 -17.04
N VAL B 595 22.67 -10.57 -17.35
CA VAL B 595 23.88 -10.20 -18.07
C VAL B 595 24.86 -9.58 -17.07
N SER B 596 25.94 -10.28 -16.80
CA SER B 596 26.98 -9.78 -15.93
C SER B 596 28.23 -9.50 -16.72
N VAL B 597 28.73 -8.27 -16.61
CA VAL B 597 29.97 -7.87 -17.28
C VAL B 597 31.11 -8.11 -16.30
N ILE B 598 32.32 -8.17 -16.83
CA ILE B 598 33.52 -8.33 -16.02
C ILE B 598 34.52 -7.31 -16.52
N THR B 599 34.98 -6.42 -15.64
CA THR B 599 35.93 -5.41 -16.08
C THR B 599 37.08 -5.30 -15.09
N PRO B 600 38.27 -4.90 -15.57
CA PRO B 600 39.34 -4.48 -14.65
C PRO B 600 39.25 -3.03 -14.22
N GLY B 601 38.22 -2.29 -14.62
CA GLY B 601 38.12 -0.89 -14.27
C GLY B 601 38.27 0.00 -15.46
N THR B 602 37.49 1.09 -15.49
CA THR B 602 37.57 2.06 -16.58
C THR B 602 38.83 2.89 -16.51
N ASN B 603 39.38 3.04 -15.30
CA ASN B 603 40.73 3.54 -15.12
C ASN B 603 41.76 2.62 -15.77
N THR B 604 41.56 1.31 -15.67
CA THR B 604 42.53 0.36 -16.20
C THR B 604 42.41 0.20 -17.72
N SER B 605 41.27 -0.26 -18.21
CA SER B 605 41.17 -0.60 -19.63
C SER B 605 39.73 -0.49 -20.07
N ASN B 606 39.53 -0.66 -21.37
CA ASN B 606 38.20 -0.76 -21.95
C ASN B 606 37.86 -2.17 -22.40
N GLN B 607 38.74 -3.13 -22.13
CA GLN B 607 38.43 -4.52 -22.40
C GLN B 607 37.47 -5.05 -21.34
N VAL B 608 36.36 -5.64 -21.81
CA VAL B 608 35.37 -6.22 -20.91
C VAL B 608 35.15 -7.67 -21.30
N ALA B 609 34.57 -8.42 -20.38
CA ALA B 609 34.17 -9.80 -20.62
C ALA B 609 32.77 -9.97 -20.06
N VAL B 610 31.94 -10.74 -20.77
CA VAL B 610 30.55 -10.91 -20.40
C VAL B 610 30.31 -12.36 -20.00
N LEU B 611 29.74 -12.56 -18.82
CA LEU B 611 29.22 -13.85 -18.42
C LEU B 611 27.74 -13.91 -18.72
N TYR B 612 27.36 -14.80 -19.62
CA TYR B 612 25.98 -15.26 -19.71
C TYR B 612 25.77 -16.26 -18.58
N GLN B 613 24.73 -16.05 -17.79
CA GLN B 613 24.58 -16.78 -16.55
C GLN B 613 23.75 -18.04 -16.73
N ASP B 614 24.37 -19.18 -16.44
CA ASP B 614 23.67 -20.44 -16.26
C ASP B 614 23.18 -21.11 -17.52
N VAL B 615 23.59 -20.62 -18.68
CA VAL B 615 23.01 -21.06 -19.94
C VAL B 615 24.08 -21.71 -20.80
N ASN B 616 23.65 -22.61 -21.67
CA ASN B 616 24.52 -23.15 -22.69
C ASN B 616 24.57 -22.12 -23.81
N CYS B 617 25.67 -22.08 -24.54
CA CYS B 617 25.87 -20.88 -25.35
C CYS B 617 26.19 -21.11 -26.82
N THR B 618 25.42 -21.97 -27.49
CA THR B 618 25.17 -21.75 -28.90
C THR B 618 24.06 -20.72 -29.10
N GLU B 619 23.30 -20.43 -28.05
CA GLU B 619 22.06 -19.68 -28.10
C GLU B 619 22.24 -18.19 -27.84
N VAL B 620 23.50 -17.72 -27.82
CA VAL B 620 23.77 -16.28 -27.63
C VAL B 620 23.21 -15.35 -28.71
N PRO B 621 23.29 -15.62 -30.06
CA PRO B 621 22.60 -14.68 -30.99
C PRO B 621 21.07 -14.71 -31.04
N VAL B 622 20.36 -15.47 -30.20
CA VAL B 622 18.93 -15.27 -30.05
C VAL B 622 18.60 -14.78 -28.63
N ALA B 623 19.57 -14.86 -27.71
CA ALA B 623 19.35 -14.51 -26.30
C ALA B 623 19.25 -13.02 -26.06
N ILE B 624 19.71 -12.20 -27.00
CA ILE B 624 19.38 -10.78 -27.02
C ILE B 624 19.00 -10.40 -28.44
N HIS B 625 18.33 -9.26 -28.56
CA HIS B 625 18.26 -8.53 -29.82
C HIS B 625 19.47 -7.62 -29.96
N ALA B 626 20.60 -8.24 -30.30
CA ALA B 626 21.81 -7.50 -30.64
C ALA B 626 21.70 -6.87 -32.01
N ASP B 627 20.84 -7.42 -32.87
CA ASP B 627 20.47 -6.76 -34.12
C ASP B 627 19.68 -5.47 -33.89
N GLN B 628 18.86 -5.44 -32.83
CA GLN B 628 18.25 -4.17 -32.43
C GLN B 628 19.25 -3.28 -31.71
N LEU B 629 20.26 -3.88 -31.07
CA LEU B 629 21.28 -3.11 -30.38
C LEU B 629 22.33 -2.57 -31.36
N THR B 630 23.30 -1.86 -30.80
CA THR B 630 24.41 -1.29 -31.55
C THR B 630 25.34 -2.42 -32.00
N PRO B 631 26.09 -2.25 -33.11
CA PRO B 631 26.95 -3.36 -33.57
C PRO B 631 28.30 -3.47 -32.86
N THR B 632 28.49 -2.82 -31.72
CA THR B 632 29.41 -3.35 -30.71
C THR B 632 28.98 -4.73 -30.25
N TRP B 633 27.67 -4.95 -30.04
CA TRP B 633 27.11 -6.18 -29.48
C TRP B 633 27.16 -7.38 -30.40
N ARG B 634 27.53 -7.24 -31.68
CA ARG B 634 27.67 -8.42 -32.53
C ARG B 634 28.98 -9.17 -32.22
N VAL B 635 29.95 -8.47 -31.63
CA VAL B 635 31.09 -9.13 -31.01
C VAL B 635 30.64 -9.85 -29.75
N TYR B 636 29.69 -9.27 -29.03
CA TYR B 636 29.12 -9.89 -27.84
C TYR B 636 27.96 -10.82 -28.19
N SER B 637 27.57 -10.91 -29.46
CA SER B 637 26.69 -11.95 -29.97
C SER B 637 27.42 -13.17 -30.50
N THR B 638 28.54 -12.98 -31.20
CA THR B 638 29.40 -14.09 -31.61
C THR B 638 30.85 -13.60 -31.63
N GLY B 639 31.75 -14.51 -31.28
CA GLY B 639 33.14 -14.16 -31.13
C GLY B 639 34.00 -15.38 -30.94
N SER B 640 35.29 -15.13 -30.69
CA SER B 640 36.27 -16.21 -30.66
C SER B 640 36.64 -16.62 -29.24
N ASN B 641 36.50 -15.70 -28.28
CA ASN B 641 37.04 -15.90 -26.93
C ASN B 641 35.98 -16.50 -26.03
N VAL B 642 35.55 -17.71 -26.38
CA VAL B 642 34.40 -18.35 -25.79
C VAL B 642 34.87 -19.59 -25.06
N PHE B 643 34.59 -19.68 -23.77
CA PHE B 643 34.96 -20.86 -22.99
C PHE B 643 33.77 -21.29 -22.15
N GLN B 644 33.42 -22.57 -22.22
CA GLN B 644 32.29 -23.08 -21.47
C GLN B 644 32.65 -23.24 -20.00
N THR B 645 31.79 -22.68 -19.15
CA THR B 645 32.04 -22.57 -17.73
C THR B 645 30.75 -23.04 -17.06
N ARG B 646 30.89 -23.57 -15.82
CA ARG B 646 29.83 -24.21 -15.04
C ARG B 646 28.66 -23.28 -14.73
N ALA B 647 28.89 -21.98 -14.56
CA ALA B 647 27.81 -21.05 -14.29
C ALA B 647 27.25 -20.40 -15.56
N GLY B 648 27.29 -21.10 -16.69
CA GLY B 648 27.13 -20.49 -17.99
C GLY B 648 28.46 -19.99 -18.51
N CYS B 649 28.57 -19.88 -19.83
CA CYS B 649 29.88 -19.70 -20.42
C CYS B 649 30.31 -18.23 -20.40
N LEU B 650 31.58 -18.02 -20.69
CA LEU B 650 32.18 -16.69 -20.68
C LEU B 650 32.60 -16.30 -22.09
N ILE B 651 32.26 -15.08 -22.49
CA ILE B 651 32.80 -14.49 -23.70
C ILE B 651 33.63 -13.28 -23.29
N GLY B 652 34.43 -12.79 -24.23
CA GLY B 652 35.25 -11.64 -23.97
C GLY B 652 36.50 -11.90 -23.15
N ALA B 653 36.87 -13.17 -22.95
CA ALA B 653 38.01 -13.51 -22.13
C ALA B 653 38.63 -14.81 -22.61
N GLU B 654 39.90 -14.99 -22.29
CA GLU B 654 40.68 -16.11 -22.78
C GLU B 654 40.89 -17.12 -21.65
N HIS B 655 40.57 -18.39 -21.92
CA HIS B 655 40.76 -19.42 -20.92
C HIS B 655 42.19 -19.91 -20.92
N VAL B 656 42.83 -19.89 -19.75
CA VAL B 656 44.14 -20.50 -19.58
C VAL B 656 44.00 -21.63 -18.58
N ASN B 657 45.00 -22.51 -18.54
CA ASN B 657 45.00 -23.55 -17.53
C ASN B 657 45.78 -23.14 -16.28
N ASN B 658 46.50 -22.04 -16.36
CA ASN B 658 47.50 -21.74 -15.34
C ASN B 658 46.84 -21.03 -14.17
N SER B 659 46.96 -21.61 -12.99
CA SER B 659 46.22 -21.16 -11.82
C SER B 659 47.02 -20.10 -11.07
N TYR B 660 46.36 -18.97 -10.80
CA TYR B 660 46.94 -17.88 -10.04
C TYR B 660 45.95 -17.44 -8.97
N GLU B 661 46.29 -16.32 -8.34
CA GLU B 661 45.47 -15.78 -7.27
C GLU B 661 44.20 -15.15 -7.85
N CYS B 662 43.10 -15.37 -7.15
CA CYS B 662 41.77 -14.99 -7.62
C CYS B 662 41.57 -13.48 -7.53
N ASP B 663 41.76 -12.79 -8.65
CA ASP B 663 41.60 -11.33 -8.65
C ASP B 663 40.13 -10.96 -8.74
N ILE B 664 39.49 -11.29 -9.86
CA ILE B 664 38.07 -11.01 -10.00
C ILE B 664 37.37 -12.36 -9.98
N PRO B 665 36.63 -12.70 -8.92
CA PRO B 665 35.94 -14.00 -8.87
C PRO B 665 34.73 -14.03 -9.77
N ILE B 666 34.56 -15.15 -10.47
CA ILE B 666 33.40 -15.30 -11.33
C ILE B 666 32.36 -16.18 -10.65
N GLY B 667 32.78 -17.34 -10.19
CA GLY B 667 31.89 -18.36 -9.68
C GLY B 667 32.37 -19.71 -10.15
N ALA B 668 32.01 -20.74 -9.35
CA ALA B 668 32.33 -22.17 -9.54
C ALA B 668 33.82 -22.43 -9.66
N GLY B 669 34.61 -21.77 -8.81
CA GLY B 669 36.04 -21.98 -8.79
C GLY B 669 36.83 -21.21 -9.83
N ILE B 670 36.17 -20.41 -10.64
CA ILE B 670 36.79 -19.74 -11.77
C ILE B 670 36.98 -18.29 -11.39
N CYS B 671 38.17 -17.76 -11.63
CA CYS B 671 38.42 -16.35 -11.38
C CYS B 671 39.16 -15.74 -12.55
N ALA B 672 39.11 -14.42 -12.64
CA ALA B 672 39.64 -13.70 -13.79
C ALA B 672 40.61 -12.62 -13.34
N SER B 673 41.53 -12.29 -14.23
CA SER B 673 42.47 -11.20 -14.02
C SER B 673 42.89 -10.65 -15.37
N TYR B 674 43.46 -9.45 -15.34
CA TYR B 674 43.79 -8.71 -16.55
C TYR B 674 45.30 -8.50 -16.61
N GLN B 675 45.98 -9.31 -17.40
CA GLN B 675 47.44 -9.31 -17.43
C GLN B 675 47.92 -9.88 -18.75
N THR B 676 49.23 -9.84 -18.94
CA THR B 676 49.83 -10.46 -20.12
C THR B 676 49.92 -11.97 -19.95
N SER B 689 49.74 -5.75 -24.18
CA SER B 689 49.85 -7.21 -24.20
C SER B 689 48.95 -7.82 -23.15
N GLN B 690 48.30 -6.96 -22.36
CA GLN B 690 47.44 -7.37 -21.28
C GLN B 690 46.11 -7.87 -21.83
N SER B 691 45.56 -8.90 -21.17
CA SER B 691 44.32 -9.50 -21.62
C SER B 691 43.58 -10.07 -20.42
N ILE B 692 42.27 -10.14 -20.54
CA ILE B 692 41.42 -10.73 -19.51
C ILE B 692 41.55 -12.24 -19.60
N ILE B 693 42.29 -12.81 -18.67
CA ILE B 693 42.52 -14.24 -18.69
C ILE B 693 41.57 -14.94 -17.73
N ALA B 694 41.34 -16.22 -17.95
CA ALA B 694 40.37 -16.98 -17.18
C ALA B 694 41.03 -18.22 -16.61
N TYR B 695 40.92 -18.39 -15.30
CA TYR B 695 41.67 -19.42 -14.61
C TYR B 695 40.83 -20.02 -13.50
N THR B 696 41.09 -21.28 -13.23
CA THR B 696 40.75 -21.86 -11.93
C THR B 696 41.69 -21.22 -10.92
N MET B 697 41.16 -20.92 -9.73
CA MET B 697 41.93 -20.31 -8.65
C MET B 697 43.05 -21.22 -8.16
N SER B 698 44.23 -20.63 -7.93
CA SER B 698 45.26 -21.34 -7.21
C SER B 698 44.95 -21.21 -5.73
N LEU B 699 44.91 -22.35 -5.07
CA LEU B 699 44.25 -22.47 -3.78
C LEU B 699 45.10 -21.95 -2.63
N GLY B 700 46.38 -21.77 -2.86
CA GLY B 700 47.36 -21.55 -1.83
C GLY B 700 48.62 -22.29 -2.22
N VAL B 701 49.69 -21.98 -1.50
CA VAL B 701 50.96 -22.63 -1.77
C VAL B 701 50.92 -24.01 -1.15
N GLU B 702 51.30 -25.03 -1.94
CA GLU B 702 51.36 -26.37 -1.40
C GLU B 702 52.60 -26.50 -0.52
N ASN B 703 52.41 -27.13 0.63
CA ASN B 703 53.52 -27.37 1.53
C ASN B 703 53.23 -28.68 2.26
N SER B 704 53.70 -29.78 1.69
CA SER B 704 53.65 -31.05 2.39
C SER B 704 54.77 -31.03 3.42
N VAL B 705 54.42 -30.79 4.67
CA VAL B 705 55.40 -30.61 5.72
C VAL B 705 55.87 -31.98 6.18
N ALA B 706 57.19 -32.17 6.22
CA ALA B 706 57.81 -33.45 6.53
C ALA B 706 57.69 -33.73 8.03
N TYR B 707 56.57 -34.33 8.40
CA TYR B 707 56.43 -34.90 9.73
C TYR B 707 57.30 -36.14 9.83
N SER B 708 57.98 -36.27 10.97
CA SER B 708 58.62 -37.53 11.31
C SER B 708 58.27 -37.84 12.75
N ASN B 709 58.38 -39.12 13.11
CA ASN B 709 57.88 -39.56 14.41
C ASN B 709 58.87 -39.32 15.54
N ASN B 710 60.05 -38.78 15.26
CA ASN B 710 61.01 -38.41 16.29
C ASN B 710 61.76 -37.13 15.94
N SER B 711 61.25 -36.39 14.98
CA SER B 711 61.91 -35.18 14.50
C SER B 711 60.94 -34.02 14.50
N ILE B 712 61.46 -32.81 14.70
CA ILE B 712 60.70 -31.69 15.20
C ILE B 712 61.40 -30.39 14.82
N ALA B 713 60.63 -29.30 14.74
CA ALA B 713 61.13 -28.00 14.30
C ALA B 713 61.00 -26.98 15.43
N ILE B 714 62.09 -26.27 15.71
CA ILE B 714 62.14 -25.28 16.78
C ILE B 714 62.73 -23.99 16.21
N PRO B 715 62.07 -22.84 16.37
CA PRO B 715 62.60 -21.59 15.82
C PRO B 715 63.78 -21.04 16.63
N THR B 716 64.74 -20.49 15.89
CA THR B 716 65.96 -19.94 16.46
C THR B 716 66.00 -18.42 16.37
N ASN B 717 65.02 -17.81 15.71
CA ASN B 717 64.88 -16.37 15.65
C ASN B 717 63.40 -16.07 15.75
N PHE B 718 63.01 -14.84 15.42
CA PHE B 718 61.61 -14.43 15.37
C PHE B 718 61.46 -13.18 14.51
N THR B 719 60.24 -12.62 14.57
CA THR B 719 59.90 -11.34 13.96
C THR B 719 58.79 -10.73 14.81
N ILE B 720 59.00 -9.50 15.28
CA ILE B 720 57.94 -8.73 15.89
C ILE B 720 57.20 -8.02 14.77
N SER B 721 55.89 -8.20 14.72
CA SER B 721 55.07 -7.64 13.65
C SER B 721 53.87 -6.93 14.25
N VAL B 722 53.57 -5.75 13.73
CA VAL B 722 52.29 -5.11 14.01
C VAL B 722 51.42 -5.27 12.76
N THR B 723 50.13 -5.47 12.95
CA THR B 723 49.18 -5.49 11.85
C THR B 723 47.99 -4.64 12.21
N THR B 724 47.14 -4.42 11.22
CA THR B 724 46.10 -3.41 11.30
C THR B 724 44.72 -4.01 11.06
N GLU B 725 43.83 -3.82 12.03
CA GLU B 725 42.42 -4.13 11.85
C GLU B 725 41.68 -2.81 11.82
N ILE B 726 40.64 -2.72 10.99
CA ILE B 726 39.76 -1.58 10.90
C ILE B 726 38.35 -2.08 11.13
N LEU B 727 37.62 -1.47 12.08
CA LEU B 727 36.28 -1.94 12.32
C LEU B 727 35.33 -0.76 12.56
N PRO B 728 34.17 -0.73 11.90
CA PRO B 728 33.23 0.37 12.10
C PRO B 728 32.51 0.35 13.45
N VAL B 729 31.98 1.50 13.83
CA VAL B 729 31.31 1.67 15.11
C VAL B 729 29.83 1.97 14.94
N SER B 730 29.52 3.08 14.26
CA SER B 730 28.19 3.70 14.33
C SER B 730 28.06 4.74 13.23
N MET B 731 26.89 4.79 12.58
CA MET B 731 26.65 5.52 11.34
C MET B 731 26.48 7.03 11.53
N THR B 732 25.95 7.66 10.49
CA THR B 732 25.52 9.04 10.56
C THR B 732 24.18 9.14 11.29
N LYS B 733 24.14 10.00 12.32
CA LYS B 733 22.91 10.30 13.06
C LYS B 733 22.01 11.13 12.16
N THR B 734 20.88 10.55 11.79
CA THR B 734 20.04 11.09 10.72
C THR B 734 18.57 11.10 11.17
N SER B 735 17.89 12.22 10.91
CA SER B 735 16.47 12.31 11.21
C SER B 735 15.71 12.88 10.03
N VAL B 736 14.45 12.44 9.89
CA VAL B 736 13.58 12.79 8.78
C VAL B 736 12.21 13.18 9.34
N ASP B 737 11.71 14.36 8.98
CA ASP B 737 10.33 14.74 9.28
C ASP B 737 9.40 14.04 8.30
N CYS B 738 8.26 13.59 8.83
CA CYS B 738 7.19 12.98 8.06
C CYS B 738 6.59 13.94 7.04
N THR B 739 5.96 14.99 7.54
CA THR B 739 4.99 15.71 6.76
C THR B 739 5.59 16.97 6.18
N MET B 740 6.91 17.07 6.21
CA MET B 740 7.56 18.00 5.30
C MET B 740 8.10 17.24 4.10
N TYR B 741 8.50 15.97 4.33
CA TYR B 741 9.04 15.16 3.25
C TYR B 741 7.94 14.69 2.33
N ILE B 742 6.81 14.30 2.91
CA ILE B 742 5.77 13.67 2.10
C ILE B 742 4.96 14.74 1.37
N CYS B 743 5.00 15.97 1.89
CA CYS B 743 4.20 17.07 1.35
C CYS B 743 4.79 18.41 1.79
N GLY B 744 4.96 19.32 0.84
CA GLY B 744 5.31 20.68 1.19
C GLY B 744 4.11 21.44 1.69
N ASP B 745 4.09 21.68 3.01
CA ASP B 745 3.20 22.48 3.86
C ASP B 745 1.69 22.31 3.59
N SER B 746 1.24 21.12 3.21
CA SER B 746 -0.17 20.86 2.93
C SER B 746 -0.83 20.32 4.19
N THR B 747 -1.97 20.88 4.55
CA THR B 747 -2.72 20.43 5.73
C THR B 747 -3.60 19.23 5.42
N GLU B 748 -4.12 19.16 4.20
CA GLU B 748 -4.99 18.08 3.80
C GLU B 748 -4.22 16.80 3.54
N CYS B 749 -2.91 16.94 3.26
CA CYS B 749 -1.92 15.89 3.46
C CYS B 749 -1.99 15.26 4.85
N SER B 750 -2.04 16.09 5.89
CA SER B 750 -2.08 15.56 7.25
C SER B 750 -3.46 15.00 7.57
N ASN B 751 -4.50 15.57 6.94
CA ASN B 751 -5.85 15.07 7.14
C ASN B 751 -6.06 13.71 6.47
N LEU B 752 -5.47 13.51 5.30
CA LEU B 752 -5.51 12.18 4.69
C LEU B 752 -4.55 11.22 5.37
N LEU B 753 -3.44 11.73 5.90
CA LEU B 753 -2.45 10.95 6.63
C LEU B 753 -3.01 10.40 7.93
N LEU B 754 -3.88 11.16 8.58
CA LEU B 754 -4.45 10.70 9.83
C LEU B 754 -5.59 9.70 9.62
N GLN B 755 -6.06 9.53 8.38
CA GLN B 755 -6.88 8.36 8.07
C GLN B 755 -6.04 7.09 8.10
N TYR B 756 -4.79 7.16 7.64
CA TYR B 756 -3.84 6.11 7.93
C TYR B 756 -3.34 6.19 9.36
N GLY B 757 -3.33 7.37 9.94
CA GLY B 757 -3.00 7.49 11.34
C GLY B 757 -1.62 8.07 11.50
N SER B 758 -0.83 7.41 12.33
CA SER B 758 0.43 7.97 12.80
C SER B 758 1.57 6.98 12.61
N PHE B 759 1.68 6.42 11.39
CA PHE B 759 2.68 5.40 11.04
C PHE B 759 4.09 5.93 11.14
N CYS B 760 4.27 7.16 10.67
CA CYS B 760 5.59 7.73 10.56
C CYS B 760 6.08 8.26 11.89
N THR B 761 5.18 8.42 12.85
CA THR B 761 5.57 8.70 14.23
C THR B 761 6.27 7.52 14.88
N GLN B 762 5.83 6.29 14.57
CA GLN B 762 6.60 5.14 15.06
C GLN B 762 7.85 4.94 14.22
N LEU B 763 7.86 5.47 12.99
CA LEU B 763 9.12 5.54 12.27
C LEU B 763 10.06 6.58 12.87
N ASN B 764 9.51 7.63 13.51
CA ASN B 764 10.34 8.56 14.27
C ASN B 764 10.85 7.92 15.55
N ARG B 765 10.05 7.05 16.16
CA ARG B 765 10.52 6.15 17.22
C ARG B 765 11.64 5.22 16.75
N ALA B 766 11.55 4.74 15.50
CA ALA B 766 12.57 3.86 14.95
C ALA B 766 13.88 4.60 14.68
N LEU B 767 13.81 5.81 14.13
CA LEU B 767 15.05 6.53 13.83
C LEU B 767 15.64 7.16 15.09
N THR B 768 14.83 7.43 16.11
CA THR B 768 15.42 7.87 17.36
C THR B 768 15.98 6.68 18.14
N GLY B 769 15.44 5.49 17.92
CA GLY B 769 16.08 4.28 18.43
C GLY B 769 17.41 4.00 17.77
N ILE B 770 17.48 4.29 16.46
CA ILE B 770 18.74 4.30 15.70
C ILE B 770 19.71 5.33 16.26
N ALA B 771 19.20 6.52 16.56
CA ALA B 771 20.04 7.63 17.00
C ALA B 771 20.53 7.44 18.44
N VAL B 772 19.79 6.69 19.25
CA VAL B 772 20.29 6.42 20.59
C VAL B 772 21.23 5.21 20.56
N GLU B 773 21.08 4.29 19.58
CA GLU B 773 22.05 3.20 19.56
C GLU B 773 23.37 3.61 18.92
N GLN B 774 23.38 4.70 18.13
CA GLN B 774 24.63 5.37 17.72
C GLN B 774 25.45 5.79 18.93
N ASP B 775 24.77 6.40 19.88
CA ASP B 775 25.43 7.00 21.03
C ASP B 775 25.84 5.93 22.03
N LYS B 776 25.03 4.88 22.19
CA LYS B 776 25.43 3.86 23.15
C LYS B 776 26.46 2.91 22.54
N ASN B 777 26.50 2.76 21.21
CA ASN B 777 27.59 2.02 20.58
C ASN B 777 28.90 2.79 20.70
N THR B 778 28.82 4.12 20.59
CA THR B 778 29.99 4.96 20.79
C THR B 778 30.43 4.98 22.25
N GLN B 779 29.47 4.91 23.17
CA GLN B 779 29.78 4.89 24.59
C GLN B 779 30.34 3.54 25.02
N GLU B 780 29.87 2.46 24.40
CA GLU B 780 30.37 1.17 24.79
C GLU B 780 31.69 0.86 24.12
N VAL B 781 32.10 1.62 23.10
CA VAL B 781 33.45 1.40 22.60
C VAL B 781 34.44 2.40 23.17
N PHE B 782 33.98 3.54 23.73
CA PHE B 782 34.97 4.43 24.31
C PHE B 782 34.83 4.76 25.79
N ALA B 783 33.66 4.59 26.42
CA ALA B 783 33.59 4.79 27.87
C ALA B 783 33.75 3.45 28.60
N GLN B 784 34.93 2.86 28.40
CA GLN B 784 35.31 1.62 29.05
C GLN B 784 36.38 1.86 30.11
N VAL B 785 36.80 3.10 30.30
CA VAL B 785 37.74 3.47 31.34
C VAL B 785 37.08 4.48 32.25
N LYS B 786 37.69 4.70 33.41
CA LYS B 786 37.09 5.56 34.41
C LYS B 786 37.76 6.91 34.46
N GLN B 787 39.08 6.92 34.40
CA GLN B 787 39.89 8.11 34.59
C GLN B 787 40.42 8.59 33.26
N ILE B 788 41.11 9.73 33.29
CA ILE B 788 41.86 10.18 32.13
C ILE B 788 43.33 10.11 32.50
N TYR B 789 44.07 9.28 31.78
CA TYR B 789 45.48 9.13 32.09
C TYR B 789 46.31 10.05 31.22
N LYS B 790 47.35 10.61 31.82
CA LYS B 790 48.09 11.72 31.24
C LYS B 790 49.52 11.28 31.00
N THR B 791 50.04 11.59 29.81
CA THR B 791 51.37 11.14 29.42
C THR B 791 52.44 11.94 30.14
N PRO B 792 53.53 11.30 30.55
CA PRO B 792 54.67 12.04 31.07
C PRO B 792 55.42 12.75 29.95
N PRO B 793 56.05 13.89 30.24
CA PRO B 793 56.83 14.56 29.18
C PRO B 793 58.18 13.93 28.95
N ILE B 794 58.71 13.22 29.95
CA ILE B 794 59.98 12.53 29.79
C ILE B 794 59.68 11.23 29.06
N LYS B 795 60.30 11.03 27.91
CA LYS B 795 59.81 10.08 26.93
C LYS B 795 60.88 9.04 26.60
N ASP B 796 61.47 8.50 27.68
CA ASP B 796 62.34 7.34 27.58
C ASP B 796 61.45 6.09 27.58
N PHE B 797 61.59 5.29 26.53
CA PHE B 797 60.86 4.05 26.38
C PHE B 797 61.76 2.86 26.11
N GLY B 798 63.04 2.97 26.43
CA GLY B 798 64.00 1.97 25.99
C GLY B 798 64.24 2.00 24.50
N GLY B 799 64.25 3.18 23.90
CA GLY B 799 64.52 3.33 22.48
C GLY B 799 63.32 3.16 21.58
N PHE B 800 62.14 2.90 22.14
CA PHE B 800 60.97 2.65 21.33
C PHE B 800 60.27 3.96 20.99
N ASN B 801 60.58 4.47 19.80
CA ASN B 801 60.14 5.79 19.34
C ASN B 801 58.67 5.69 18.98
N PHE B 802 57.83 6.26 19.83
CA PHE B 802 56.38 6.11 19.77
C PHE B 802 55.72 7.19 18.94
N SER B 803 56.52 8.04 18.29
CA SER B 803 56.10 9.40 17.92
C SER B 803 55.11 9.43 16.75
N GLN B 804 54.97 8.33 16.02
CA GLN B 804 53.97 8.27 14.99
C GLN B 804 52.58 8.08 15.57
N ILE B 805 52.47 7.30 16.64
CA ILE B 805 51.18 7.03 17.27
C ILE B 805 50.96 7.88 18.51
N LEU B 806 51.94 8.69 18.93
CA LEU B 806 51.67 9.69 19.93
C LEU B 806 50.78 10.79 19.38
N PRO B 807 49.90 11.35 20.21
CA PRO B 807 49.11 12.52 19.80
C PRO B 807 49.98 13.74 19.57
N ASP B 808 49.55 14.58 18.63
CA ASP B 808 50.38 15.69 18.21
C ASP B 808 49.89 16.98 18.85
N PRO B 809 50.67 17.60 19.74
CA PRO B 809 50.26 18.90 20.30
C PRO B 809 50.53 20.06 19.37
N SER B 810 51.31 19.86 18.29
CA SER B 810 51.59 20.92 17.33
C SER B 810 50.34 21.26 16.52
N LYS B 811 49.65 20.24 16.01
CA LYS B 811 48.34 20.47 15.45
C LYS B 811 47.33 20.69 16.56
N PRO B 812 46.31 21.56 16.33
CA PRO B 812 45.26 21.75 17.33
C PRO B 812 44.35 20.54 17.44
N SER B 813 44.17 19.84 16.33
CA SER B 813 43.70 18.47 16.37
C SER B 813 44.76 17.62 17.05
N LYS B 814 44.38 16.99 18.15
CA LYS B 814 45.32 16.22 18.96
C LYS B 814 45.32 14.75 18.59
N ARG B 815 45.18 14.44 17.31
CA ARG B 815 45.28 13.09 16.81
C ARG B 815 46.73 12.67 16.72
N SER B 816 46.93 11.38 16.49
CA SER B 816 48.23 10.91 16.05
C SER B 816 48.40 11.21 14.56
N PHE B 817 49.65 11.06 14.12
CA PHE B 817 50.06 11.35 12.74
C PHE B 817 49.39 10.40 11.76
N ILE B 818 49.27 9.14 12.14
CA ILE B 818 48.56 8.19 11.31
C ILE B 818 47.06 8.39 11.41
N GLU B 819 46.58 8.96 12.52
CA GLU B 819 45.17 9.30 12.60
C GLU B 819 44.86 10.55 11.79
N ASP B 820 45.83 11.46 11.67
CA ASP B 820 45.66 12.62 10.82
C ASP B 820 45.67 12.22 9.34
N LEU B 821 46.55 11.28 8.98
CA LEU B 821 46.57 10.69 7.64
C LEU B 821 45.32 9.89 7.35
N LEU B 822 44.79 9.24 8.38
CA LEU B 822 43.62 8.39 8.26
C LEU B 822 42.35 9.23 8.08
N PHE B 823 42.26 10.34 8.81
CA PHE B 823 41.14 11.24 8.63
C PHE B 823 41.26 12.04 7.35
N ASN B 824 42.48 12.24 6.85
CA ASN B 824 42.64 12.81 5.53
C ASN B 824 42.35 11.80 4.43
N LYS B 825 42.45 10.51 4.72
CA LYS B 825 42.22 9.49 3.70
C LYS B 825 40.73 9.31 3.42
N VAL B 826 39.98 8.90 4.44
CA VAL B 826 38.54 8.70 4.30
C VAL B 826 37.88 10.07 4.37
N THR B 827 37.07 10.40 3.36
CA THR B 827 36.54 11.74 3.23
C THR B 827 35.07 11.71 2.85
N LEU B 828 34.44 12.87 2.90
CA LEU B 828 33.08 13.09 2.41
C LEU B 828 33.06 13.69 1.01
N ALA B 829 33.98 13.28 0.14
CA ALA B 829 34.00 13.78 -1.22
C ALA B 829 33.29 12.84 -2.18
N ASP B 830 32.18 12.25 -1.77
CA ASP B 830 31.57 11.18 -2.55
C ASP B 830 30.41 11.70 -3.40
N ALA B 831 29.53 12.50 -2.80
CA ALA B 831 28.38 13.05 -3.48
C ALA B 831 28.08 14.45 -2.96
N GLY B 832 27.29 15.21 -3.76
CA GLY B 832 26.86 16.57 -3.49
C GLY B 832 25.83 16.72 -2.38
N PHE B 833 25.23 15.60 -1.97
CA PHE B 833 24.44 15.52 -0.76
C PHE B 833 25.22 15.90 0.48
N ILE B 834 26.39 15.25 0.67
CA ILE B 834 27.12 15.36 1.92
C ILE B 834 28.12 16.49 1.88
N LYS B 835 28.26 17.20 0.75
CA LYS B 835 29.05 18.43 0.66
C LYS B 835 28.45 19.57 1.48
N GLN B 836 27.13 19.58 1.64
CA GLN B 836 26.52 20.54 2.54
C GLN B 836 25.61 19.88 3.57
N TYR B 837 25.56 18.54 3.63
CA TYR B 837 25.24 17.87 4.89
C TYR B 837 26.46 17.41 5.68
N GLY B 838 27.65 17.87 5.31
CA GLY B 838 28.75 17.87 6.26
C GLY B 838 28.80 19.17 7.05
N ASP B 839 28.19 20.22 6.51
CA ASP B 839 28.17 21.52 7.16
C ASP B 839 26.79 21.83 7.71
N CYS B 840 26.62 23.06 8.22
CA CYS B 840 25.41 23.41 8.93
C CYS B 840 24.44 24.23 8.09
N LEU B 841 24.79 24.58 6.85
CA LEU B 841 23.89 25.41 6.04
C LEU B 841 22.70 24.61 5.52
N GLY B 842 22.93 23.37 5.08
CA GLY B 842 21.82 22.48 4.83
C GLY B 842 21.16 22.56 3.48
N ASP B 843 21.04 21.40 2.83
CA ASP B 843 20.07 21.14 1.76
C ASP B 843 18.64 21.36 2.23
N ILE B 844 17.75 21.71 1.29
CA ILE B 844 16.46 22.33 1.55
C ILE B 844 15.43 21.42 2.22
N PHE B 855 14.48 17.98 0.54
CA PHE B 855 15.34 17.55 1.63
C PHE B 855 14.70 17.93 2.93
N ASN B 856 13.66 18.76 2.78
CA ASN B 856 12.31 18.57 3.32
C ASN B 856 12.22 17.81 4.66
N GLY B 857 12.93 18.32 5.66
CA GLY B 857 12.86 17.67 6.95
C GLY B 857 13.89 16.58 7.20
N LEU B 858 14.59 16.15 6.16
CA LEU B 858 15.74 15.26 6.30
C LEU B 858 16.89 16.06 6.90
N THR B 859 17.37 15.60 8.05
CA THR B 859 18.38 16.29 8.83
C THR B 859 19.45 15.31 9.25
N VAL B 860 20.64 15.84 9.49
CA VAL B 860 21.77 15.07 9.99
C VAL B 860 22.06 15.58 11.38
N LEU B 861 22.02 14.69 12.36
CA LEU B 861 22.38 15.15 13.69
C LEU B 861 23.89 15.00 13.90
N PRO B 862 24.53 15.98 14.53
CA PRO B 862 25.89 15.77 14.99
C PRO B 862 25.91 14.82 16.18
N PRO B 863 26.99 14.06 16.37
CA PRO B 863 27.06 13.18 17.53
C PRO B 863 27.35 13.94 18.80
N LEU B 864 27.07 13.29 19.92
CA LEU B 864 27.44 13.83 21.21
C LEU B 864 28.96 13.81 21.39
N LEU B 865 29.56 12.66 21.15
CA LEU B 865 31.00 12.51 21.36
C LEU B 865 31.68 12.88 20.06
N THR B 866 32.49 13.94 20.08
CA THR B 866 33.14 14.35 18.86
C THR B 866 34.53 13.74 18.77
N ASP B 867 35.28 14.19 17.76
CA ASP B 867 36.51 13.51 17.36
C ASP B 867 37.66 13.82 18.31
N GLU B 868 37.71 15.04 18.83
CA GLU B 868 38.78 15.38 19.78
C GLU B 868 38.50 14.80 21.16
N MET B 869 37.23 14.51 21.46
CA MET B 869 36.82 13.84 22.67
C MET B 869 37.26 12.39 22.67
N ILE B 870 37.05 11.70 21.56
CA ILE B 870 37.46 10.31 21.48
C ILE B 870 38.94 10.21 21.18
N ALA B 871 39.53 11.28 20.65
CA ALA B 871 40.99 11.35 20.53
C ALA B 871 41.64 11.50 21.89
N GLN B 872 41.03 12.28 22.78
CA GLN B 872 41.46 12.37 24.16
C GLN B 872 41.22 11.09 24.92
N TYR B 873 40.13 10.38 24.58
CA TYR B 873 39.87 9.05 25.11
C TYR B 873 40.92 8.04 24.70
N THR B 874 41.28 7.98 23.41
CA THR B 874 42.27 7.00 22.97
C THR B 874 43.69 7.42 23.35
N SER B 875 43.91 8.72 23.60
CA SER B 875 45.17 9.16 24.19
C SER B 875 45.27 8.71 25.64
N ALA B 876 44.14 8.73 26.37
CA ALA B 876 44.11 8.23 27.73
C ALA B 876 44.25 6.71 27.78
N LEU B 877 43.69 6.03 26.76
CA LEU B 877 43.87 4.59 26.59
C LEU B 877 45.31 4.22 26.34
N LEU B 878 45.96 4.94 25.42
CA LEU B 878 47.34 4.66 25.06
C LEU B 878 48.29 5.02 26.18
N ALA B 879 47.95 6.06 26.95
CA ALA B 879 48.74 6.45 28.12
C ALA B 879 48.61 5.46 29.27
N GLY B 880 47.40 4.97 29.53
CA GLY B 880 47.20 4.02 30.61
C GLY B 880 47.77 2.65 30.32
N THR B 881 47.68 2.22 29.06
CA THR B 881 48.38 1.01 28.65
C THR B 881 49.88 1.19 28.56
N ILE B 882 50.34 2.42 28.31
CA ILE B 882 51.75 2.55 28.04
C ILE B 882 52.49 2.76 29.35
N THR B 883 51.78 3.18 30.40
CA THR B 883 52.45 3.38 31.68
C THR B 883 52.09 2.34 32.71
N SER B 884 50.81 2.01 32.88
CA SER B 884 50.44 1.03 33.87
C SER B 884 50.54 -0.38 33.32
N GLY B 885 50.70 -0.55 32.01
CA GLY B 885 50.42 -1.83 31.42
C GLY B 885 48.93 -2.09 31.45
N TRP B 886 48.57 -3.33 31.70
CA TRP B 886 47.18 -3.75 31.73
C TRP B 886 46.55 -3.58 33.10
N THR B 887 47.32 -3.12 34.09
CA THR B 887 46.94 -3.25 35.49
C THR B 887 45.91 -2.22 35.90
N PHE B 888 45.75 -1.16 35.11
CA PHE B 888 44.71 -0.16 35.30
C PHE B 888 43.31 -0.67 34.98
N GLY B 889 43.17 -1.75 34.23
CA GLY B 889 41.85 -2.18 33.80
C GLY B 889 41.05 -2.86 34.89
N ALA B 890 41.71 -3.38 35.91
CA ALA B 890 41.03 -4.03 37.01
C ALA B 890 40.73 -3.08 38.17
N GLY B 891 41.13 -1.82 38.07
CA GLY B 891 41.08 -0.94 39.22
C GLY B 891 42.01 0.24 39.11
N ALA B 892 42.87 0.42 40.11
CA ALA B 892 43.85 1.48 40.10
C ALA B 892 44.95 1.19 39.09
N ALA B 893 45.62 2.26 38.66
CA ALA B 893 46.72 2.15 37.71
C ALA B 893 48.01 1.93 38.49
N LEU B 894 48.83 1.01 38.03
CA LEU B 894 50.05 0.65 38.74
C LEU B 894 51.20 0.70 37.74
N GLN B 895 52.06 1.72 37.87
CA GLN B 895 53.02 2.03 36.83
C GLN B 895 54.19 1.06 36.87
N ILE B 896 54.81 0.88 35.71
CA ILE B 896 55.81 -0.16 35.48
C ILE B 896 56.70 0.23 34.30
N PRO B 897 58.02 0.22 34.45
CA PRO B 897 58.90 0.37 33.27
C PRO B 897 58.86 -0.85 32.37
N PHE B 898 59.22 -0.62 31.11
CA PHE B 898 58.70 -1.39 29.98
C PHE B 898 59.25 -2.79 29.88
N ALA B 899 60.43 -3.03 30.47
CA ALA B 899 61.17 -4.27 30.24
C ALA B 899 60.50 -5.45 30.92
N MET B 900 60.02 -5.26 32.15
CA MET B 900 59.32 -6.30 32.88
C MET B 900 57.93 -6.53 32.34
N GLN B 901 57.30 -5.46 31.86
CA GLN B 901 55.94 -5.51 31.34
C GLN B 901 55.89 -6.27 30.01
N MET B 902 56.82 -5.92 29.11
CA MET B 902 56.94 -6.63 27.85
C MET B 902 57.50 -8.04 28.04
N ALA B 903 58.38 -8.23 29.05
CA ALA B 903 58.95 -9.55 29.29
C ALA B 903 57.95 -10.51 29.90
N TYR B 904 57.03 -10.01 30.70
CA TYR B 904 55.92 -10.83 31.12
C TYR B 904 54.88 -11.00 30.04
N ARG B 905 54.84 -10.10 29.06
CA ARG B 905 54.08 -10.44 27.87
C ARG B 905 54.77 -11.49 27.01
N PHE B 906 56.11 -11.61 27.09
CA PHE B 906 56.76 -12.82 26.59
C PHE B 906 56.48 -14.02 27.48
N ASN B 907 56.29 -13.81 28.78
CA ASN B 907 55.78 -14.90 29.61
C ASN B 907 54.30 -15.12 29.35
N GLY B 908 53.58 -14.09 28.90
CA GLY B 908 52.19 -14.27 28.50
C GLY B 908 52.03 -15.06 27.23
N ILE B 909 53.03 -15.04 26.35
CA ILE B 909 53.05 -15.96 25.22
C ILE B 909 53.88 -17.19 25.50
N GLY B 910 54.49 -17.28 26.68
CA GLY B 910 55.04 -18.53 27.14
C GLY B 910 56.48 -18.81 26.80
N VAL B 911 57.29 -17.78 26.59
CA VAL B 911 58.74 -17.93 26.58
C VAL B 911 59.28 -17.16 27.77
N THR B 912 60.60 -17.13 27.93
CA THR B 912 61.17 -16.54 29.14
C THR B 912 61.31 -15.02 29.02
N GLN B 913 62.04 -14.45 29.97
CA GLN B 913 62.16 -13.02 30.13
C GLN B 913 63.52 -12.49 29.70
N ASN B 914 64.55 -13.34 29.68
CA ASN B 914 65.92 -12.90 29.47
C ASN B 914 66.21 -12.55 28.03
N VAL B 915 65.38 -13.06 27.10
CA VAL B 915 65.62 -12.90 25.68
C VAL B 915 65.29 -11.49 25.22
N LEU B 916 64.42 -10.81 25.97
CA LEU B 916 64.19 -9.37 25.82
C LEU B 916 65.45 -8.58 26.13
N TYR B 917 66.16 -8.95 27.19
CA TYR B 917 67.38 -8.25 27.56
C TYR B 917 68.50 -8.57 26.59
N GLU B 918 68.47 -9.76 26.01
CA GLU B 918 69.42 -10.07 24.96
C GLU B 918 69.10 -9.38 23.64
N ASN B 919 67.84 -9.14 23.30
CA ASN B 919 67.50 -8.73 21.94
C ASN B 919 66.66 -7.46 21.91
N GLN B 920 66.80 -6.64 22.95
CA GLN B 920 65.96 -5.45 23.15
C GLN B 920 66.24 -4.35 22.13
N LYS B 921 67.47 -4.25 21.64
CA LYS B 921 67.78 -3.30 20.58
C LYS B 921 67.22 -3.75 19.24
N LEU B 922 67.21 -5.07 19.02
CA LEU B 922 66.68 -5.65 17.80
C LEU B 922 65.17 -5.52 17.74
N ILE B 923 64.49 -5.66 18.87
CA ILE B 923 63.05 -5.49 18.86
C ILE B 923 62.66 -4.02 18.90
N ALA B 924 63.59 -3.15 19.32
CA ALA B 924 63.37 -1.71 19.19
C ALA B 924 63.41 -1.27 17.74
N ASN B 925 64.40 -1.76 16.99
CA ASN B 925 64.50 -1.41 15.57
C ASN B 925 63.44 -2.14 14.75
N GLN B 926 63.05 -3.34 15.20
CA GLN B 926 61.97 -4.09 14.56
C GLN B 926 60.63 -3.41 14.79
N PHE B 927 60.45 -2.81 15.96
CA PHE B 927 59.25 -2.03 16.24
C PHE B 927 59.19 -0.75 15.42
N ASN B 928 60.32 -0.06 15.30
CA ASN B 928 60.31 1.22 14.58
C ASN B 928 60.20 1.00 13.07
N SER B 929 60.75 -0.13 12.59
CA SER B 929 60.52 -0.55 11.22
C SER B 929 59.08 -0.97 10.98
N ALA B 930 58.49 -1.65 11.97
CA ALA B 930 57.11 -2.12 11.86
C ALA B 930 56.10 -0.98 11.91
N ILE B 931 56.39 0.07 12.67
CA ILE B 931 55.51 1.23 12.60
C ILE B 931 55.85 2.12 11.42
N GLY B 932 57.04 1.95 10.82
CA GLY B 932 57.30 2.56 9.53
C GLY B 932 56.49 1.99 8.39
N LYS B 933 56.36 0.65 8.34
CA LYS B 933 55.71 0.04 7.17
C LYS B 933 54.19 0.22 7.17
N ILE B 934 53.60 0.40 8.36
CA ILE B 934 52.15 0.54 8.41
C ILE B 934 51.73 1.96 8.05
N GLN B 935 52.60 2.95 8.31
CA GLN B 935 52.27 4.30 7.88
C GLN B 935 52.71 4.51 6.45
N ASP B 936 53.59 3.65 5.94
CA ASP B 936 53.79 3.62 4.50
C ASP B 936 52.62 2.96 3.78
N SER B 937 51.99 1.96 4.42
CA SER B 937 50.84 1.29 3.84
C SER B 937 49.61 2.18 3.89
N LEU B 938 49.49 2.96 4.95
CA LEU B 938 48.49 4.02 4.99
C LEU B 938 48.82 5.15 4.02
N SER B 939 50.12 5.40 3.84
CA SER B 939 50.58 6.33 2.81
C SER B 939 50.43 5.76 1.41
N SER B 940 50.35 4.44 1.28
CA SER B 940 49.95 3.80 0.03
C SER B 940 48.45 3.91 -0.15
N THR B 941 47.98 3.50 -1.33
CA THR B 941 46.55 3.49 -1.62
C THR B 941 45.91 2.13 -1.36
N ALA B 942 46.36 1.42 -0.33
CA ALA B 942 45.68 0.24 0.16
C ALA B 942 44.31 0.62 0.69
N SER B 943 43.28 -0.04 0.16
CA SER B 943 41.90 0.40 0.29
C SER B 943 41.16 -0.46 1.29
N ALA B 944 41.87 -0.80 2.37
CA ALA B 944 41.25 -1.50 3.50
C ALA B 944 40.38 -0.58 4.34
N LEU B 945 40.52 0.73 4.22
CA LEU B 945 39.72 1.71 4.93
C LEU B 945 38.39 1.99 4.24
N GLY B 946 38.18 1.39 3.07
CA GLY B 946 37.02 1.72 2.28
C GLY B 946 35.76 0.99 2.67
N LYS B 947 35.84 0.12 3.69
CA LYS B 947 34.62 -0.46 4.24
C LYS B 947 33.86 0.55 5.07
N LEU B 948 34.58 1.51 5.65
CA LEU B 948 33.97 2.69 6.25
C LEU B 948 33.31 3.54 5.19
N GLN B 949 33.97 3.66 4.03
CA GLN B 949 33.42 4.33 2.87
C GLN B 949 32.23 3.58 2.29
N ASP B 950 32.17 2.26 2.47
CA ASP B 950 31.00 1.49 2.07
C ASP B 950 29.80 1.84 2.92
N VAL B 951 30.01 2.07 4.22
CA VAL B 951 28.95 2.49 5.14
C VAL B 951 28.47 3.89 4.77
N VAL B 952 29.42 4.77 4.41
CA VAL B 952 29.15 6.13 3.93
C VAL B 952 28.38 6.12 2.62
N ASN B 953 28.77 5.27 1.68
CA ASN B 953 28.13 5.24 0.37
C ASN B 953 26.80 4.51 0.41
N GLN B 954 26.63 3.57 1.36
CA GLN B 954 25.32 2.98 1.60
C GLN B 954 24.35 3.98 2.18
N ASN B 955 24.83 4.80 3.14
CA ASN B 955 24.04 5.90 3.70
C ASN B 955 23.65 6.93 2.66
N ALA B 956 24.62 7.35 1.85
CA ALA B 956 24.37 8.35 0.82
C ALA B 956 23.59 7.76 -0.33
N GLN B 957 23.74 6.46 -0.59
CA GLN B 957 23.06 5.82 -1.70
C GLN B 957 21.59 5.58 -1.39
N ALA B 958 21.31 5.15 -0.15
CA ALA B 958 19.94 5.00 0.31
C ALA B 958 19.26 6.34 0.46
N LEU B 959 20.00 7.36 0.89
CA LEU B 959 19.39 8.67 1.01
C LEU B 959 19.21 9.36 -0.32
N ASN B 960 20.10 9.13 -1.30
CA ASN B 960 19.88 9.67 -2.63
C ASN B 960 18.83 8.86 -3.38
N THR B 961 18.59 7.62 -2.97
CA THR B 961 17.42 6.90 -3.42
C THR B 961 16.15 7.53 -2.88
N LEU B 962 16.19 7.98 -1.63
CA LEU B 962 15.03 8.66 -1.05
C LEU B 962 14.84 10.07 -1.63
N VAL B 963 15.93 10.68 -2.09
CA VAL B 963 15.85 11.84 -2.97
C VAL B 963 15.19 11.46 -4.29
N LYS B 964 15.61 10.31 -4.84
CA LYS B 964 15.34 9.98 -6.22
C LYS B 964 13.91 9.50 -6.46
N GLN B 965 13.31 8.82 -5.49
CA GLN B 965 11.90 8.46 -5.65
C GLN B 965 10.93 9.53 -5.19
N LEU B 966 11.39 10.74 -4.86
CA LEU B 966 10.48 11.87 -4.90
C LEU B 966 10.09 12.24 -6.32
N SER B 967 11.01 12.02 -7.26
CA SER B 967 10.72 12.20 -8.68
C SER B 967 9.84 11.10 -9.25
N SER B 968 9.74 9.96 -8.57
CA SER B 968 8.76 8.94 -8.94
C SER B 968 7.36 9.43 -8.57
N ASN B 969 6.44 9.26 -9.50
CA ASN B 969 5.08 9.74 -9.30
C ASN B 969 4.15 8.68 -8.74
N PHE B 970 4.56 7.40 -8.80
CA PHE B 970 3.80 6.20 -8.38
C PHE B 970 2.45 6.09 -9.05
N GLY B 971 2.41 6.32 -10.35
CA GLY B 971 1.20 6.21 -11.12
C GLY B 971 0.41 7.50 -11.20
N ALA B 972 0.80 8.53 -10.46
CA ALA B 972 0.02 9.74 -10.48
C ALA B 972 0.38 10.61 -11.67
N ILE B 973 -0.34 11.73 -11.79
CA ILE B 973 -0.19 12.63 -12.93
C ILE B 973 1.06 13.49 -12.80
N SER B 974 1.57 13.63 -11.58
CA SER B 974 2.78 14.39 -11.35
C SER B 974 3.49 13.78 -10.15
N SER B 975 4.77 14.07 -10.04
CA SER B 975 5.46 13.80 -8.79
C SER B 975 5.62 15.08 -7.98
N VAL B 976 5.07 16.18 -8.47
CA VAL B 976 4.99 17.41 -7.70
C VAL B 976 3.55 17.57 -7.22
N LEU B 977 3.39 17.74 -5.91
CA LEU B 977 2.05 17.86 -5.32
C LEU B 977 1.44 19.22 -5.61
N ASN B 978 2.29 20.24 -5.76
CA ASN B 978 1.78 21.60 -5.94
C ASN B 978 1.27 21.85 -7.35
N ASP B 979 1.65 20.98 -8.30
CA ASP B 979 0.97 20.92 -9.61
C ASP B 979 -0.49 20.53 -9.44
N ILE B 980 -0.73 19.48 -8.65
CA ILE B 980 -2.07 18.95 -8.40
C ILE B 980 -2.88 19.93 -7.56
N LEU B 981 -2.23 20.60 -6.63
CA LEU B 981 -2.91 21.57 -5.78
C LEU B 981 -3.14 22.87 -6.51
N SER B 982 -2.29 23.18 -7.50
CA SER B 982 -2.48 24.37 -8.30
C SER B 982 -3.41 24.12 -9.47
N ARG B 983 -3.75 22.87 -9.76
CA ARG B 983 -4.66 22.58 -10.85
C ARG B 983 -6.00 22.04 -10.40
N LEU B 984 -6.04 21.11 -9.46
CA LEU B 984 -7.23 20.34 -9.21
C LEU B 984 -7.97 20.85 -7.98
N ASP B 985 -9.30 20.79 -8.06
CA ASP B 985 -10.15 20.81 -6.89
C ASP B 985 -9.88 19.55 -6.08
N LYS B 986 -9.92 19.63 -4.72
CA LYS B 986 -9.58 18.48 -3.83
C LYS B 986 -10.36 17.17 -4.01
N VAL B 987 -11.79 17.13 -4.23
CA VAL B 987 -12.45 15.81 -4.31
C VAL B 987 -12.13 14.95 -5.51
N GLU B 988 -11.56 15.55 -6.55
CA GLU B 988 -10.89 14.75 -7.56
C GLU B 988 -9.38 14.76 -7.41
N ALA B 989 -8.84 15.46 -6.41
CA ALA B 989 -7.39 15.46 -6.28
C ALA B 989 -6.86 14.42 -5.32
N GLU B 990 -7.70 13.90 -4.39
CA GLU B 990 -7.20 12.97 -3.35
C GLU B 990 -6.80 11.62 -3.94
N VAL B 991 -7.42 11.24 -5.06
CA VAL B 991 -7.02 10.05 -5.80
C VAL B 991 -5.72 10.26 -6.55
N GLN B 992 -5.30 11.50 -6.78
CA GLN B 992 -3.95 11.75 -7.26
C GLN B 992 -2.98 11.81 -6.08
N ILE B 993 -3.47 12.27 -4.93
CA ILE B 993 -2.62 12.49 -3.76
C ILE B 993 -2.15 11.18 -3.16
N ASP B 994 -3.07 10.21 -2.97
CA ASP B 994 -2.86 9.09 -2.06
C ASP B 994 -1.87 8.06 -2.59
N ARG B 995 -1.73 7.99 -3.90
CA ARG B 995 -0.77 7.08 -4.50
C ARG B 995 0.66 7.58 -4.31
N LEU B 996 0.83 8.91 -4.38
CA LEU B 996 2.09 9.55 -4.05
C LEU B 996 2.40 9.44 -2.57
N ILE B 997 1.34 9.50 -1.74
CA ILE B 997 1.44 9.31 -0.29
C ILE B 997 1.92 7.92 0.05
N THR B 998 1.33 6.90 -0.59
CA THR B 998 1.66 5.52 -0.28
C THR B 998 3.03 5.12 -0.80
N GLY B 999 3.42 5.68 -1.95
CA GLY B 999 4.77 5.47 -2.46
C GLY B 999 5.85 6.12 -1.60
N ARG B 1000 5.55 7.32 -1.08
CA ARG B 1000 6.52 8.01 -0.23
C ARG B 1000 6.60 7.38 1.15
N LEU B 1001 5.46 6.94 1.71
CA LEU B 1001 5.51 6.32 3.03
C LEU B 1001 6.07 4.92 2.94
N GLN B 1002 5.86 4.26 1.80
CA GLN B 1002 6.41 2.94 1.55
C GLN B 1002 7.92 3.01 1.35
N SER B 1003 8.40 4.13 0.81
CA SER B 1003 9.82 4.43 0.77
C SER B 1003 10.38 4.61 2.17
N LEU B 1004 9.61 5.22 3.07
CA LEU B 1004 10.02 5.28 4.49
C LEU B 1004 10.08 3.91 5.17
N GLN B 1005 9.11 2.99 4.93
CA GLN B 1005 9.26 1.67 5.59
C GLN B 1005 10.39 0.85 5.00
N THR B 1006 10.63 0.99 3.69
CA THR B 1006 11.77 0.34 3.04
C THR B 1006 13.10 0.89 3.56
N TYR B 1007 13.14 2.20 3.79
CA TYR B 1007 14.33 2.87 4.30
C TYR B 1007 14.62 2.49 5.74
N VAL B 1008 13.59 2.35 6.57
CA VAL B 1008 13.87 2.00 7.95
C VAL B 1008 14.16 0.52 8.12
N THR B 1009 13.70 -0.35 7.20
CA THR B 1009 14.11 -1.75 7.29
C THR B 1009 15.57 -1.96 6.88
N GLN B 1010 16.02 -1.25 5.83
CA GLN B 1010 17.43 -1.34 5.51
C GLN B 1010 18.30 -0.55 6.50
N GLN B 1011 17.72 0.45 7.17
CA GLN B 1011 18.47 1.18 8.19
C GLN B 1011 18.58 0.39 9.49
N LEU B 1012 17.53 -0.34 9.88
CA LEU B 1012 17.65 -1.20 11.06
C LEU B 1012 18.51 -2.43 10.83
N ILE B 1013 18.62 -2.93 9.59
CA ILE B 1013 19.52 -4.07 9.45
C ILE B 1013 20.98 -3.59 9.34
N ARG B 1014 21.19 -2.34 8.85
CA ARG B 1014 22.49 -1.70 9.04
C ARG B 1014 22.81 -1.39 10.49
N ALA B 1015 21.79 -1.05 11.27
CA ALA B 1015 21.94 -0.84 12.71
C ALA B 1015 22.31 -2.13 13.43
N ALA B 1016 21.75 -3.25 12.98
CA ALA B 1016 22.07 -4.56 13.55
C ALA B 1016 23.49 -4.99 13.24
N GLU B 1017 23.93 -4.81 11.99
CA GLU B 1017 25.27 -5.29 11.64
C GLU B 1017 26.37 -4.37 12.17
N ILE B 1018 26.12 -3.08 12.27
CA ILE B 1018 27.17 -2.22 12.77
C ILE B 1018 27.08 -2.15 14.29
N ARG B 1019 25.93 -2.53 14.84
CA ARG B 1019 25.80 -2.85 16.26
C ARG B 1019 26.59 -4.10 16.62
N ALA B 1020 26.56 -5.12 15.76
CA ALA B 1020 27.28 -6.37 16.02
C ALA B 1020 28.79 -6.16 15.86
N SER B 1021 29.18 -5.31 14.91
CA SER B 1021 30.57 -4.90 14.78
C SER B 1021 31.01 -4.01 15.94
N ALA B 1022 30.10 -3.24 16.52
CA ALA B 1022 30.42 -2.41 17.68
C ALA B 1022 30.60 -3.26 18.92
N ASN B 1023 29.80 -4.32 19.05
CA ASN B 1023 29.96 -5.31 20.13
C ASN B 1023 31.28 -6.05 19.99
N LEU B 1024 31.61 -6.39 18.74
CA LEU B 1024 32.89 -7.01 18.40
C LEU B 1024 34.07 -6.08 18.72
N ALA B 1025 33.91 -4.79 18.42
CA ALA B 1025 34.93 -3.78 18.69
C ALA B 1025 35.15 -3.55 20.16
N ALA B 1026 34.05 -3.57 20.93
CA ALA B 1026 34.10 -3.41 22.38
C ALA B 1026 34.81 -4.58 23.05
N THR B 1027 34.48 -5.81 22.62
CA THR B 1027 35.13 -7.00 23.15
C THR B 1027 36.59 -7.11 22.73
N LYS B 1028 36.87 -6.71 21.48
CA LYS B 1028 38.22 -6.79 20.95
C LYS B 1028 39.13 -5.77 21.58
N MET B 1029 38.61 -4.58 21.88
CA MET B 1029 39.43 -3.59 22.55
C MET B 1029 39.56 -3.92 24.03
N SER B 1030 38.53 -4.54 24.61
CA SER B 1030 38.55 -4.84 26.03
C SER B 1030 39.43 -6.03 26.37
N GLU B 1031 39.69 -6.91 25.41
CA GLU B 1031 40.59 -8.01 25.72
C GLU B 1031 41.89 -8.00 24.92
N CYS B 1032 41.89 -7.54 23.67
CA CYS B 1032 43.11 -7.29 22.94
C CYS B 1032 43.88 -6.10 23.51
N VAL B 1033 43.18 -5.02 23.84
CA VAL B 1033 43.87 -3.80 24.23
C VAL B 1033 44.15 -3.82 25.73
N LEU B 1034 43.12 -4.11 26.53
CA LEU B 1034 43.26 -3.99 27.98
C LEU B 1034 43.86 -5.23 28.61
N GLY B 1035 44.16 -6.27 27.85
CA GLY B 1035 44.88 -7.41 28.38
C GLY B 1035 45.63 -8.06 27.25
N GLN B 1036 46.23 -9.20 27.55
CA GLN B 1036 46.87 -10.04 26.55
C GLN B 1036 46.07 -11.32 26.43
N SER B 1037 45.21 -11.40 25.42
CA SER B 1037 44.43 -12.59 25.14
C SER B 1037 45.32 -13.69 24.62
N LYS B 1038 45.00 -14.93 25.01
CA LYS B 1038 45.71 -16.08 24.49
C LYS B 1038 45.00 -16.70 23.30
N ARG B 1039 43.94 -16.06 22.83
CA ARG B 1039 43.09 -16.68 21.84
C ARG B 1039 43.67 -16.55 20.45
N VAL B 1040 43.63 -17.66 19.72
CA VAL B 1040 44.51 -17.88 18.58
C VAL B 1040 43.96 -17.15 17.36
N ASP B 1041 44.78 -16.22 16.84
CA ASP B 1041 44.46 -15.24 15.79
C ASP B 1041 43.21 -14.42 16.16
N PHE B 1042 43.10 -14.03 17.41
CA PHE B 1042 42.03 -13.13 17.79
C PHE B 1042 42.53 -11.70 17.70
N CYS B 1043 43.64 -11.42 18.35
CA CYS B 1043 44.26 -10.11 18.29
C CYS B 1043 45.39 -10.09 17.27
N GLY B 1044 45.06 -10.44 16.03
CA GLY B 1044 46.03 -10.50 14.97
C GLY B 1044 46.71 -11.86 14.88
N LYS B 1045 47.34 -12.10 13.74
CA LYS B 1045 47.93 -13.39 13.44
C LYS B 1045 49.32 -13.54 14.06
N GLY B 1046 49.48 -14.60 14.84
CA GLY B 1046 50.69 -14.81 15.60
C GLY B 1046 50.40 -14.78 17.09
N TYR B 1047 51.48 -14.87 17.86
CA TYR B 1047 51.37 -14.76 19.31
C TYR B 1047 51.15 -13.30 19.68
N HIS B 1048 50.00 -13.03 20.31
CA HIS B 1048 49.56 -11.67 20.54
C HIS B 1048 50.37 -10.99 21.63
N LEU B 1049 50.87 -9.81 21.31
CA LEU B 1049 51.57 -9.01 22.29
C LEU B 1049 50.75 -7.82 22.74
N MET B 1050 50.48 -6.87 21.85
CA MET B 1050 49.69 -5.69 22.20
C MET B 1050 48.67 -5.44 21.12
N SER B 1051 47.74 -4.54 21.43
CA SER B 1051 46.88 -3.92 20.46
C SER B 1051 46.72 -2.46 20.84
N PHE B 1052 46.77 -1.60 19.84
CA PHE B 1052 46.67 -0.17 20.09
C PHE B 1052 45.49 0.39 19.30
N PRO B 1053 44.70 1.29 19.87
CA PRO B 1053 43.53 1.80 19.14
C PRO B 1053 43.77 3.13 18.44
N GLN B 1054 43.17 3.25 17.26
CA GLN B 1054 43.15 4.51 16.53
C GLN B 1054 41.71 4.81 16.15
N SER B 1055 41.31 6.07 16.25
CA SER B 1055 39.96 6.46 15.91
C SER B 1055 39.83 6.65 14.41
N ALA B 1056 38.62 6.44 13.91
CA ALA B 1056 38.29 6.67 12.52
C ALA B 1056 37.01 7.48 12.51
N PRO B 1057 36.64 8.14 11.42
CA PRO B 1057 35.24 8.54 11.26
C PRO B 1057 34.40 7.28 11.14
N HIS B 1058 33.45 7.16 12.09
CA HIS B 1058 32.52 6.04 12.29
C HIS B 1058 33.21 4.71 12.58
N GLY B 1059 34.45 4.71 13.08
CA GLY B 1059 35.18 3.46 13.15
C GLY B 1059 36.29 3.47 14.18
N VAL B 1060 36.84 2.28 14.40
CA VAL B 1060 37.99 2.06 15.28
C VAL B 1060 39.04 1.27 14.50
N VAL B 1061 40.27 1.78 14.50
CA VAL B 1061 41.39 1.12 13.86
C VAL B 1061 42.29 0.51 14.94
N PHE B 1062 42.54 -0.80 14.84
CA PHE B 1062 43.38 -1.52 15.78
C PHE B 1062 44.79 -1.69 15.24
N LEU B 1063 45.76 -1.75 16.15
CA LEU B 1063 47.17 -1.94 15.80
C LEU B 1063 47.69 -3.15 16.56
N HIS B 1064 47.45 -4.33 16.01
CA HIS B 1064 47.72 -5.57 16.73
C HIS B 1064 49.19 -5.94 16.66
N VAL B 1065 49.91 -5.75 17.75
CA VAL B 1065 51.31 -6.17 17.82
C VAL B 1065 51.36 -7.67 18.07
N THR B 1066 51.98 -8.40 17.16
CA THR B 1066 52.04 -9.84 17.27
C THR B 1066 53.49 -10.30 17.28
N TYR B 1067 53.70 -11.47 17.85
CA TYR B 1067 54.98 -12.17 17.78
C TYR B 1067 54.85 -13.21 16.68
N VAL B 1068 55.83 -13.26 15.80
CA VAL B 1068 55.94 -14.27 14.75
C VAL B 1068 57.32 -14.92 14.87
N PRO B 1069 57.41 -16.22 15.09
CA PRO B 1069 58.72 -16.89 15.13
C PRO B 1069 59.30 -17.06 13.73
N ALA B 1070 60.62 -17.32 13.70
CA ALA B 1070 61.33 -17.46 12.44
C ALA B 1070 62.56 -18.34 12.63
N GLN B 1071 63.10 -18.80 11.50
CA GLN B 1071 64.37 -19.55 11.34
C GLN B 1071 64.37 -20.86 12.13
N GLU B 1072 63.47 -21.74 11.73
CA GLU B 1072 63.37 -23.03 12.39
C GLU B 1072 64.41 -24.00 11.83
N LYS B 1073 64.57 -25.14 12.49
CA LYS B 1073 65.66 -26.05 12.22
C LYS B 1073 65.24 -27.46 12.63
N ASN B 1074 65.74 -28.45 11.89
CA ASN B 1074 65.54 -29.85 12.23
C ASN B 1074 66.26 -30.22 13.51
N PHE B 1075 65.54 -30.86 14.42
CA PHE B 1075 66.12 -31.43 15.62
C PHE B 1075 65.50 -32.78 15.88
N THR B 1076 66.25 -33.66 16.51
CA THR B 1076 65.73 -34.96 16.91
C THR B 1076 65.26 -34.90 18.35
N THR B 1077 64.04 -35.39 18.60
CA THR B 1077 63.48 -35.32 19.93
C THR B 1077 63.27 -36.72 20.49
N ALA B 1078 63.07 -36.76 21.81
CA ALA B 1078 62.75 -37.97 22.55
C ALA B 1078 61.75 -37.61 23.63
N PRO B 1079 60.80 -38.51 23.93
CA PRO B 1079 59.94 -38.27 25.11
C PRO B 1079 60.65 -38.42 26.43
N ALA B 1080 61.38 -39.51 26.63
CA ALA B 1080 61.88 -39.83 27.96
C ALA B 1080 63.32 -40.29 27.89
N ILE B 1081 64.03 -40.06 29.00
CA ILE B 1081 65.43 -40.37 29.13
C ILE B 1081 65.57 -41.40 30.23
N CYS B 1082 66.15 -42.56 29.91
CA CYS B 1082 66.25 -43.65 30.87
C CYS B 1082 67.52 -43.53 31.70
N HIS B 1083 67.36 -42.97 32.89
CA HIS B 1083 68.36 -43.04 33.92
C HIS B 1083 68.03 -44.25 34.80
N ASP B 1084 68.61 -44.35 36.00
CA ASP B 1084 68.86 -45.58 36.74
C ASP B 1084 67.57 -46.14 37.32
N GLY B 1085 66.92 -46.98 36.52
CA GLY B 1085 65.61 -47.51 36.85
C GLY B 1085 64.48 -46.55 36.62
N LYS B 1086 64.71 -45.45 35.93
CA LYS B 1086 63.75 -44.36 35.92
C LYS B 1086 63.82 -43.57 34.63
N ALA B 1087 62.63 -43.31 34.10
CA ALA B 1087 62.48 -42.36 33.00
C ALA B 1087 62.25 -40.98 33.59
N HIS B 1088 62.55 -39.96 32.81
CA HIS B 1088 62.43 -38.58 33.26
C HIS B 1088 61.70 -37.76 32.22
N PHE B 1089 60.94 -36.81 32.68
CA PHE B 1089 60.19 -35.90 31.86
C PHE B 1089 60.44 -34.48 32.33
N PRO B 1090 60.55 -33.51 31.41
CA PRO B 1090 60.89 -32.14 31.83
C PRO B 1090 59.68 -31.44 32.41
N ARG B 1091 59.94 -30.36 33.14
CA ARG B 1091 58.85 -29.58 33.69
C ARG B 1091 58.36 -28.57 32.66
N GLU B 1092 59.19 -28.28 31.66
CA GLU B 1092 58.82 -27.43 30.55
C GLU B 1092 59.64 -27.85 29.33
N GLY B 1093 58.97 -28.01 28.20
CA GLY B 1093 59.62 -28.29 26.95
C GLY B 1093 60.06 -29.73 26.84
N VAL B 1094 60.99 -29.97 25.91
CA VAL B 1094 61.38 -31.33 25.54
C VAL B 1094 62.88 -31.49 25.60
N PHE B 1095 63.31 -32.74 25.39
CA PHE B 1095 64.69 -33.06 25.08
C PHE B 1095 64.91 -32.99 23.58
N VAL B 1096 65.92 -32.23 23.17
CA VAL B 1096 66.29 -32.17 21.76
C VAL B 1096 67.74 -32.57 21.60
N SER B 1097 68.07 -33.01 20.40
CA SER B 1097 69.44 -33.36 20.07
C SER B 1097 70.00 -32.33 19.10
N ASN B 1098 71.27 -31.98 19.29
CA ASN B 1098 72.02 -31.19 18.32
C ASN B 1098 72.81 -32.08 17.37
N GLY B 1099 72.51 -33.37 17.33
CA GLY B 1099 73.26 -34.33 16.56
C GLY B 1099 74.23 -35.10 17.42
N THR B 1100 74.85 -34.42 18.36
CA THR B 1100 75.95 -35.00 19.11
C THR B 1100 75.73 -35.08 20.62
N HIS B 1101 74.82 -34.28 21.17
CA HIS B 1101 74.44 -34.45 22.57
C HIS B 1101 72.93 -34.47 22.67
N TRP B 1102 72.44 -34.40 23.89
CA TRP B 1102 71.04 -34.15 24.14
C TRP B 1102 70.89 -32.98 25.10
N PHE B 1103 69.92 -32.12 24.80
CA PHE B 1103 69.73 -30.89 25.54
C PHE B 1103 68.26 -30.66 25.81
N VAL B 1104 67.97 -30.02 26.94
CA VAL B 1104 66.62 -29.63 27.27
C VAL B 1104 66.42 -28.20 26.76
N THR B 1105 65.21 -27.91 26.29
CA THR B 1105 64.90 -26.68 25.60
C THR B 1105 63.42 -26.41 25.84
N GLN B 1106 63.07 -25.13 26.04
CA GLN B 1106 61.67 -24.71 26.09
C GLN B 1106 60.95 -24.94 24.75
N ARG B 1107 59.62 -24.92 24.81
CA ARG B 1107 58.83 -25.52 23.75
C ARG B 1107 58.61 -24.58 22.57
N ASN B 1108 59.07 -23.33 22.66
CA ASN B 1108 58.74 -22.37 21.62
C ASN B 1108 59.94 -21.68 21.01
N PHE B 1109 61.12 -21.76 21.62
CA PHE B 1109 62.28 -21.06 21.08
C PHE B 1109 63.51 -21.90 21.37
N TYR B 1110 64.52 -21.79 20.51
CA TYR B 1110 65.76 -22.53 20.69
C TYR B 1110 66.59 -21.93 21.82
N GLU B 1111 66.46 -22.53 22.99
CA GLU B 1111 67.39 -22.32 24.10
C GLU B 1111 67.95 -23.68 24.49
N PRO B 1112 69.06 -24.11 23.88
CA PRO B 1112 69.64 -25.41 24.24
C PRO B 1112 70.34 -25.37 25.59
N GLN B 1113 69.78 -26.12 26.53
CA GLN B 1113 70.14 -26.02 27.94
C GLN B 1113 70.45 -27.40 28.47
N ILE B 1114 71.12 -27.42 29.63
CA ILE B 1114 71.66 -28.65 30.18
C ILE B 1114 70.54 -29.44 30.85
N ILE B 1115 70.43 -30.72 30.51
CA ILE B 1115 69.49 -31.61 31.15
C ILE B 1115 69.95 -31.89 32.57
N THR B 1116 69.27 -31.26 33.52
CA THR B 1116 69.59 -31.40 34.93
C THR B 1116 68.43 -32.10 35.62
N THR B 1117 68.49 -32.18 36.94
CA THR B 1117 67.43 -32.88 37.66
C THR B 1117 66.37 -31.95 38.22
N ASP B 1118 66.67 -30.68 38.45
CA ASP B 1118 65.70 -29.77 39.03
C ASP B 1118 64.66 -29.32 38.02
N ASN B 1119 65.00 -29.33 36.73
CA ASN B 1119 64.07 -28.96 35.68
C ASN B 1119 63.34 -30.15 35.07
N THR B 1120 63.52 -31.34 35.63
CA THR B 1120 62.90 -32.55 35.12
C THR B 1120 62.25 -33.31 36.26
N PHE B 1121 61.05 -33.83 36.02
CA PHE B 1121 60.43 -34.64 37.05
C PHE B 1121 60.55 -36.10 36.67
N VAL B 1122 60.51 -36.95 37.70
CA VAL B 1122 60.79 -38.38 37.58
C VAL B 1122 59.48 -39.12 37.68
N SER B 1123 59.28 -40.13 36.83
CA SER B 1123 58.04 -40.89 36.87
C SER B 1123 58.36 -42.37 36.69
N GLY B 1124 58.53 -43.07 37.82
CA GLY B 1124 58.48 -44.53 37.86
C GLY B 1124 59.65 -45.24 37.23
N ASN B 1125 59.30 -46.23 36.42
CA ASN B 1125 60.25 -47.01 35.63
C ASN B 1125 60.33 -46.44 34.22
N CYS B 1126 61.01 -47.17 33.33
CA CYS B 1126 61.12 -46.77 31.94
C CYS B 1126 60.18 -47.51 31.00
N ASP B 1127 59.68 -48.68 31.38
CA ASP B 1127 59.32 -49.69 30.39
C ASP B 1127 57.93 -49.46 29.81
N VAL B 1128 57.12 -48.61 30.43
CA VAL B 1128 55.80 -48.36 29.88
C VAL B 1128 55.88 -47.31 28.76
N VAL B 1129 56.95 -46.53 28.74
CA VAL B 1129 57.05 -45.36 27.87
C VAL B 1129 57.71 -45.75 26.56
N ILE B 1130 57.05 -45.42 25.46
CA ILE B 1130 57.59 -45.63 24.12
C ILE B 1130 58.56 -44.49 23.84
N GLY B 1131 59.54 -44.76 22.97
CA GLY B 1131 60.48 -43.74 22.56
C GLY B 1131 61.54 -43.35 23.57
N ILE B 1132 61.79 -44.19 24.57
CA ILE B 1132 62.78 -43.94 25.60
C ILE B 1132 64.20 -44.00 25.07
N VAL B 1133 65.10 -43.28 25.71
CA VAL B 1133 66.52 -43.23 25.36
C VAL B 1133 67.32 -43.57 26.60
N ASN B 1134 68.17 -44.60 26.49
CA ASN B 1134 69.15 -44.87 27.53
C ASN B 1134 70.20 -43.77 27.55
N ASN B 1135 70.08 -42.87 28.51
CA ASN B 1135 70.96 -41.70 28.59
C ASN B 1135 71.01 -41.27 30.05
N THR B 1136 72.12 -40.65 30.44
CA THR B 1136 72.32 -40.32 31.84
C THR B 1136 71.96 -38.86 32.16
N VAL B 1137 71.60 -38.63 33.42
CA VAL B 1137 70.98 -37.39 33.88
C VAL B 1137 71.91 -36.81 34.94
N TYR B 1138 72.25 -35.54 34.80
CA TYR B 1138 73.34 -34.93 35.55
C TYR B 1138 72.77 -34.11 36.70
N ASP B 1139 73.40 -34.24 37.87
CA ASP B 1139 72.83 -33.63 39.07
C ASP B 1139 73.35 -32.22 39.26
N PRO B 1140 72.47 -31.22 39.39
CA PRO B 1140 72.93 -29.91 39.87
C PRO B 1140 73.05 -29.84 41.38
N LEU B 1141 72.49 -30.81 42.09
CA LEU B 1141 72.60 -30.80 43.55
C LEU B 1141 73.94 -31.37 43.99
N GLN B 1142 74.34 -32.49 43.40
CA GLN B 1142 75.69 -33.02 43.57
C GLN B 1142 76.41 -33.12 42.23
N PRO B 1143 77.03 -32.01 41.74
CA PRO B 1143 78.18 -32.23 40.86
C PRO B 1143 79.52 -32.24 41.60
N GLU B 1144 79.62 -31.50 42.69
CA GLU B 1144 80.89 -31.16 43.33
C GLU B 1144 80.78 -31.15 44.84
N LEU B 1145 79.57 -31.11 45.40
CA LEU B 1145 79.28 -30.60 46.73
C LEU B 1145 79.64 -31.66 47.76
N ASP B 1146 80.94 -31.77 48.02
CA ASP B 1146 81.53 -32.87 48.77
C ASP B 1146 82.49 -32.32 49.82
N SER B 1147 82.62 -33.08 50.90
CA SER B 1147 83.51 -32.70 51.98
C SER B 1147 84.42 -33.87 52.36
N GLN C 14 -49.66 -44.19 -18.99
CA GLN C 14 -50.58 -43.55 -18.06
C GLN C 14 -50.11 -43.74 -16.63
N CYS C 15 -50.72 -43.00 -15.70
CA CYS C 15 -50.35 -43.15 -14.30
C CYS C 15 -50.94 -44.42 -13.69
N VAL C 16 -50.03 -45.24 -13.18
CA VAL C 16 -50.39 -46.32 -12.29
C VAL C 16 -49.96 -45.87 -10.89
N ASN C 17 -50.94 -45.70 -10.01
CA ASN C 17 -50.71 -45.62 -8.58
C ASN C 17 -50.13 -46.93 -8.09
N LEU C 18 -48.85 -46.92 -7.70
CA LEU C 18 -48.12 -48.16 -7.55
C LEU C 18 -47.27 -48.17 -6.29
N THR C 19 -47.32 -47.11 -5.49
CA THR C 19 -46.53 -47.05 -4.26
C THR C 19 -47.07 -47.96 -3.18
N THR C 20 -46.16 -48.71 -2.57
CA THR C 20 -46.49 -49.63 -1.50
C THR C 20 -46.66 -48.78 -0.24
N ARG C 21 -47.56 -49.23 0.64
CA ARG C 21 -47.65 -48.68 1.98
C ARG C 21 -46.39 -49.00 2.76
N THR C 22 -46.09 -48.15 3.74
CA THR C 22 -44.73 -47.69 4.03
C THR C 22 -43.85 -48.77 4.63
N GLN C 23 -42.71 -49.00 3.99
CA GLN C 23 -41.70 -49.96 4.43
C GLN C 23 -40.79 -49.32 5.49
N LEU C 24 -39.67 -49.97 5.73
CA LEU C 24 -38.73 -49.52 6.73
C LEU C 24 -37.96 -48.30 6.22
N PRO C 25 -37.65 -47.35 7.10
CA PRO C 25 -36.57 -46.41 6.83
C PRO C 25 -35.25 -47.17 6.76
N PRO C 26 -34.56 -47.12 5.62
CA PRO C 26 -33.57 -48.16 5.32
C PRO C 26 -32.22 -47.91 5.97
N ALA C 27 -31.26 -48.73 5.57
CA ALA C 27 -29.93 -48.69 6.17
C ALA C 27 -29.14 -47.49 5.67
N TYR C 28 -28.53 -46.78 6.61
CA TYR C 28 -27.72 -45.61 6.32
C TYR C 28 -26.25 -45.99 6.44
N THR C 29 -25.64 -46.21 5.28
CA THR C 29 -24.35 -46.87 5.17
C THR C 29 -23.23 -45.86 5.39
N ASN C 30 -22.10 -46.34 5.91
CA ASN C 30 -20.84 -45.59 5.92
C ASN C 30 -20.40 -45.22 4.51
N SER C 31 -19.80 -44.04 4.39
CA SER C 31 -19.30 -43.56 3.10
C SER C 31 -17.78 -43.52 3.16
N PHE C 32 -17.11 -44.42 2.44
CA PHE C 32 -15.69 -44.64 2.66
C PHE C 32 -14.80 -43.56 2.06
N THR C 33 -14.69 -43.49 0.74
CA THR C 33 -14.44 -42.17 0.19
C THR C 33 -15.52 -41.86 -0.83
N ARG C 34 -15.36 -42.46 -2.02
CA ARG C 34 -16.28 -42.48 -3.17
C ARG C 34 -16.89 -41.12 -3.55
N GLY C 35 -16.11 -40.05 -3.44
CA GLY C 35 -16.68 -38.72 -3.59
C GLY C 35 -15.73 -37.73 -4.25
N VAL C 36 -14.80 -38.26 -5.01
CA VAL C 36 -13.67 -37.48 -5.51
C VAL C 36 -13.92 -37.13 -6.97
N TYR C 37 -13.73 -35.87 -7.32
CA TYR C 37 -13.95 -35.43 -8.67
C TYR C 37 -12.95 -34.37 -9.05
N TYR C 38 -12.91 -34.06 -10.34
CA TYR C 38 -11.99 -33.04 -10.81
C TYR C 38 -12.79 -31.79 -11.18
N PRO C 39 -12.65 -30.70 -10.42
CA PRO C 39 -13.52 -29.53 -10.67
C PRO C 39 -13.08 -28.68 -11.84
N ASP C 40 -11.89 -28.90 -12.39
CA ASP C 40 -11.39 -28.08 -13.48
C ASP C 40 -10.85 -28.97 -14.58
N LYS C 41 -10.71 -28.38 -15.77
CA LYS C 41 -10.21 -29.07 -16.95
C LYS C 41 -8.71 -28.92 -17.14
N VAL C 42 -7.95 -28.74 -16.06
CA VAL C 42 -6.51 -28.58 -16.19
C VAL C 42 -5.81 -29.84 -15.67
N PHE C 43 -4.61 -30.10 -16.18
CA PHE C 43 -3.78 -31.16 -15.65
C PHE C 43 -2.63 -30.56 -14.86
N ARG C 44 -2.32 -31.15 -13.72
CA ARG C 44 -1.08 -30.90 -13.02
C ARG C 44 -0.42 -32.24 -12.77
N SER C 45 0.90 -32.22 -12.61
CA SER C 45 1.67 -33.44 -12.40
C SER C 45 1.84 -33.65 -10.90
N SER C 46 0.71 -33.91 -10.22
CA SER C 46 0.56 -34.10 -8.76
C SER C 46 1.10 -32.90 -7.97
N VAL C 47 0.48 -31.74 -8.17
CA VAL C 47 1.03 -30.51 -7.65
C VAL C 47 0.44 -30.06 -6.32
N LEU C 48 -0.47 -30.87 -5.74
CA LEU C 48 -1.03 -30.75 -4.37
C LEU C 48 -1.79 -29.44 -4.16
N HIS C 49 -2.87 -29.25 -4.91
CA HIS C 49 -3.61 -28.01 -4.81
C HIS C 49 -4.91 -28.20 -4.04
N SER C 50 -5.29 -27.17 -3.28
CA SER C 50 -6.52 -27.20 -2.50
C SER C 50 -7.58 -26.36 -3.21
N THR C 51 -8.84 -26.58 -2.83
CA THR C 51 -9.96 -25.95 -3.52
C THR C 51 -11.17 -25.83 -2.61
N GLN C 52 -12.18 -25.12 -3.12
CA GLN C 52 -13.40 -24.77 -2.40
C GLN C 52 -14.61 -25.08 -3.26
N ASP C 53 -15.38 -26.10 -2.87
CA ASP C 53 -16.53 -26.53 -3.65
C ASP C 53 -17.51 -27.24 -2.74
N LEU C 54 -18.67 -27.56 -3.31
CA LEU C 54 -19.55 -28.59 -2.76
C LEU C 54 -18.81 -29.92 -2.77
N PHE C 55 -18.89 -30.65 -1.67
CA PHE C 55 -18.18 -31.92 -1.61
C PHE C 55 -18.97 -32.95 -0.82
N LEU C 56 -18.36 -34.12 -0.71
CA LEU C 56 -18.91 -35.22 0.07
C LEU C 56 -18.30 -35.22 1.46
N PRO C 57 -19.09 -35.03 2.52
CA PRO C 57 -18.59 -35.33 3.86
C PRO C 57 -18.48 -36.84 4.03
N PHE C 58 -17.23 -37.30 4.12
CA PHE C 58 -16.96 -38.73 4.22
C PHE C 58 -17.30 -39.24 5.59
N PHE C 59 -17.66 -40.53 5.63
CA PHE C 59 -18.08 -41.31 6.79
C PHE C 59 -19.33 -40.75 7.45
N SER C 60 -20.20 -40.17 6.65
CA SER C 60 -21.53 -39.78 7.07
C SER C 60 -22.52 -40.86 6.64
N ASN C 61 -23.79 -40.56 6.74
CA ASN C 61 -24.83 -41.49 6.32
C ASN C 61 -25.05 -41.36 4.83
N VAL C 62 -24.91 -42.47 4.11
CA VAL C 62 -25.44 -42.57 2.76
C VAL C 62 -26.45 -43.72 2.75
N THR C 63 -27.57 -43.49 2.08
CA THR C 63 -28.68 -44.41 2.15
C THR C 63 -28.90 -45.09 0.81
N TRP C 64 -29.43 -46.31 0.88
CA TRP C 64 -29.76 -47.10 -0.29
C TRP C 64 -31.16 -47.62 -0.09
N PHE C 65 -31.84 -47.97 -1.17
CA PHE C 65 -33.25 -48.29 -1.09
C PHE C 65 -33.56 -49.56 -1.86
N HIS C 66 -34.52 -50.32 -1.35
CA HIS C 66 -35.08 -51.45 -2.09
C HIS C 66 -35.96 -50.92 -3.19
N ALA C 67 -35.44 -51.00 -4.42
CA ALA C 67 -36.30 -50.91 -5.59
C ALA C 67 -37.23 -52.12 -5.65
N ILE C 68 -36.66 -53.31 -5.54
CA ILE C 68 -37.39 -54.52 -5.27
C ILE C 68 -37.02 -54.92 -3.86
N HIS C 69 -38.00 -54.93 -2.96
CA HIS C 69 -37.79 -55.56 -1.66
C HIS C 69 -37.92 -57.05 -1.89
N VAL C 70 -36.77 -57.70 -2.09
CA VAL C 70 -36.75 -59.09 -2.51
C VAL C 70 -37.04 -59.99 -1.32
N SER C 71 -38.26 -60.50 -1.27
CA SER C 71 -38.72 -61.41 -0.25
C SER C 71 -38.49 -62.85 -0.69
N GLY C 72 -39.08 -63.80 0.04
CA GLY C 72 -38.86 -65.20 -0.26
C GLY C 72 -39.87 -65.76 -1.23
N THR C 73 -40.65 -66.76 -0.79
CA THR C 73 -41.65 -67.34 -1.67
C THR C 73 -42.95 -66.55 -1.65
N ASN C 74 -43.07 -65.59 -0.73
CA ASN C 74 -44.21 -64.68 -0.70
C ASN C 74 -43.72 -63.26 -0.86
N GLY C 75 -43.93 -62.71 -2.04
CA GLY C 75 -43.65 -61.32 -2.28
C GLY C 75 -44.96 -60.59 -2.47
N THR C 76 -44.87 -59.27 -2.42
CA THR C 76 -46.01 -58.39 -2.70
C THR C 76 -45.60 -57.44 -3.82
N LYS C 77 -46.42 -56.42 -4.02
CA LYS C 77 -45.91 -55.20 -4.58
C LYS C 77 -44.89 -54.59 -3.63
N ARG C 78 -43.74 -54.22 -4.20
CA ARG C 78 -42.56 -53.85 -3.42
C ARG C 78 -42.05 -52.46 -3.80
N PHE C 79 -42.86 -51.71 -4.55
CA PHE C 79 -42.44 -50.40 -5.04
C PHE C 79 -42.70 -49.37 -3.97
N ASP C 80 -41.66 -48.87 -3.33
CA ASP C 80 -41.85 -47.81 -2.36
C ASP C 80 -40.83 -46.71 -2.54
N ASN C 81 -40.68 -46.22 -3.76
CA ASN C 81 -39.73 -45.14 -4.06
C ASN C 81 -40.34 -43.82 -3.60
N PRO C 82 -39.65 -43.01 -2.82
CA PRO C 82 -40.13 -41.65 -2.53
C PRO C 82 -39.51 -40.62 -3.47
N VAL C 83 -40.17 -39.47 -3.54
CA VAL C 83 -39.64 -38.31 -4.24
C VAL C 83 -38.73 -37.58 -3.26
N LEU C 84 -37.50 -37.55 -3.56
CA LEU C 84 -36.50 -37.08 -2.62
C LEU C 84 -36.28 -35.59 -2.77
N PRO C 85 -35.91 -34.86 -1.72
CA PRO C 85 -35.53 -33.46 -1.89
C PRO C 85 -34.14 -33.34 -2.51
N PHE C 86 -33.95 -32.21 -3.18
CA PHE C 86 -32.69 -31.88 -3.84
C PHE C 86 -32.11 -30.71 -3.06
N ASN C 87 -31.15 -31.00 -2.18
CA ASN C 87 -30.56 -29.96 -1.36
C ASN C 87 -29.14 -29.68 -1.87
N ASP C 88 -29.10 -28.76 -2.84
CA ASP C 88 -27.90 -28.07 -3.36
C ASP C 88 -26.90 -29.03 -4.01
N GLY C 89 -27.41 -30.08 -4.65
CA GLY C 89 -26.53 -31.07 -5.22
C GLY C 89 -26.52 -32.32 -4.37
N VAL C 90 -26.54 -33.48 -5.01
CA VAL C 90 -26.65 -34.76 -4.33
C VAL C 90 -25.54 -35.67 -4.80
N TYR C 91 -25.49 -36.87 -4.25
CA TYR C 91 -24.67 -37.95 -4.77
C TYR C 91 -25.55 -39.16 -5.04
N PHE C 92 -25.35 -39.80 -6.18
CA PHE C 92 -26.01 -41.04 -6.49
C PHE C 92 -24.98 -42.13 -6.77
N ALA C 93 -25.30 -43.35 -6.37
CA ALA C 93 -24.58 -44.53 -6.81
C ALA C 93 -25.57 -45.66 -6.98
N SER C 94 -25.15 -46.70 -7.72
CA SER C 94 -26.06 -47.78 -8.06
C SER C 94 -25.29 -49.08 -8.25
N THR C 95 -25.72 -50.12 -7.52
CA THR C 95 -25.17 -51.46 -7.62
C THR C 95 -25.43 -52.10 -8.97
N GLU C 96 -26.61 -51.83 -9.55
CA GLU C 96 -27.35 -52.71 -10.47
C GLU C 96 -26.64 -52.90 -11.82
N LYS C 97 -26.82 -54.09 -12.39
CA LYS C 97 -25.98 -54.56 -13.49
C LYS C 97 -26.78 -54.86 -14.76
N SER C 98 -28.10 -54.68 -14.73
CA SER C 98 -28.91 -54.94 -15.91
C SER C 98 -29.70 -53.70 -16.35
N ASN C 99 -29.24 -52.52 -15.92
CA ASN C 99 -29.47 -51.21 -16.54
C ASN C 99 -30.93 -50.75 -16.44
N ILE C 100 -31.60 -51.21 -15.38
CA ILE C 100 -33.01 -50.90 -15.20
C ILE C 100 -33.23 -49.49 -14.67
N ILE C 101 -32.20 -48.84 -14.13
CA ILE C 101 -32.30 -47.43 -13.76
C ILE C 101 -32.02 -46.64 -15.01
N ARG C 102 -33.06 -46.00 -15.55
CA ARG C 102 -32.94 -45.33 -16.82
C ARG C 102 -33.06 -43.82 -16.72
N GLY C 103 -33.77 -43.30 -15.73
CA GLY C 103 -34.14 -41.90 -15.79
C GLY C 103 -34.18 -41.27 -14.42
N TRP C 104 -34.06 -39.94 -14.42
CA TRP C 104 -34.09 -39.09 -13.24
C TRP C 104 -34.78 -37.79 -13.61
N ILE C 105 -35.56 -37.24 -12.69
CA ILE C 105 -36.15 -35.92 -12.88
C ILE C 105 -35.84 -35.04 -11.68
N PHE C 106 -35.64 -33.76 -11.95
CA PHE C 106 -35.22 -32.77 -10.97
C PHE C 106 -36.13 -31.56 -11.12
N GLY C 107 -36.62 -31.03 -10.00
CA GLY C 107 -37.41 -29.81 -10.08
C GLY C 107 -37.75 -29.28 -8.72
N THR C 108 -38.68 -28.34 -8.70
CA THR C 108 -39.25 -27.83 -7.45
C THR C 108 -40.57 -28.49 -7.11
N THR C 109 -41.56 -28.37 -8.00
CA THR C 109 -42.91 -28.86 -7.74
C THR C 109 -43.35 -29.96 -8.68
N LEU C 110 -42.57 -30.20 -9.77
CA LEU C 110 -42.78 -31.20 -10.83
C LEU C 110 -44.14 -31.02 -11.52
N ASP C 111 -44.50 -29.77 -11.75
CA ASP C 111 -45.86 -29.39 -12.08
C ASP C 111 -45.88 -28.92 -13.53
N SER C 112 -47.04 -28.44 -13.97
CA SER C 112 -47.08 -27.68 -15.20
C SER C 112 -46.82 -26.20 -14.98
N LYS C 113 -46.72 -25.76 -13.72
CA LYS C 113 -46.46 -24.35 -13.46
C LYS C 113 -44.98 -24.08 -13.26
N THR C 114 -44.17 -25.13 -13.17
CA THR C 114 -42.72 -24.99 -13.10
C THR C 114 -42.11 -26.01 -14.06
N GLN C 115 -41.13 -25.57 -14.84
CA GLN C 115 -40.34 -26.49 -15.63
C GLN C 115 -39.46 -27.33 -14.74
N SER C 116 -39.22 -28.56 -15.18
CA SER C 116 -38.44 -29.53 -14.43
C SER C 116 -37.65 -30.37 -15.42
N LEU C 117 -36.54 -30.93 -14.96
CA LEU C 117 -35.54 -31.40 -15.89
C LEU C 117 -35.82 -32.87 -16.21
N LEU C 118 -35.58 -33.24 -17.46
CA LEU C 118 -35.68 -34.63 -17.88
C LEU C 118 -34.30 -35.11 -18.29
N ILE C 119 -33.86 -36.21 -17.69
CA ILE C 119 -32.87 -37.09 -18.29
C ILE C 119 -33.43 -38.50 -18.28
N VAL C 120 -33.40 -39.16 -19.43
CA VAL C 120 -33.67 -40.58 -19.52
C VAL C 120 -32.54 -41.22 -20.31
N ASN C 121 -32.15 -42.41 -19.91
CA ASN C 121 -31.29 -43.20 -20.77
C ASN C 121 -32.16 -44.03 -21.70
N ASN C 122 -31.64 -44.25 -22.89
CA ASN C 122 -32.33 -44.97 -23.94
C ASN C 122 -31.28 -45.93 -24.49
N ALA C 123 -31.73 -46.94 -25.22
CA ALA C 123 -30.84 -47.93 -25.84
C ALA C 123 -29.96 -47.35 -26.94
N THR C 124 -30.32 -46.21 -27.55
CA THR C 124 -29.48 -45.57 -28.54
C THR C 124 -28.96 -44.18 -28.15
N ASN C 125 -29.63 -43.47 -27.24
CA ASN C 125 -29.19 -42.12 -26.90
C ASN C 125 -29.51 -41.80 -25.45
N VAL C 126 -29.37 -40.52 -25.09
CA VAL C 126 -29.84 -39.92 -23.84
C VAL C 126 -30.57 -38.63 -24.20
N VAL C 127 -31.83 -38.53 -23.78
CA VAL C 127 -32.70 -37.43 -24.17
C VAL C 127 -32.77 -36.45 -23.00
N ILE C 128 -32.53 -35.18 -23.28
CA ILE C 128 -32.47 -34.13 -22.26
C ILE C 128 -33.58 -33.12 -22.53
N LYS C 129 -34.41 -32.85 -21.53
CA LYS C 129 -35.42 -31.80 -21.60
C LYS C 129 -35.49 -31.03 -20.30
N VAL C 130 -35.92 -29.77 -20.39
CA VAL C 130 -36.52 -29.04 -19.27
C VAL C 130 -37.90 -28.57 -19.72
N CYS C 131 -38.94 -29.01 -18.99
CA CYS C 131 -40.31 -28.79 -19.45
C CYS C 131 -41.25 -28.90 -18.26
N GLU C 132 -42.48 -28.41 -18.49
CA GLU C 132 -43.53 -28.32 -17.47
C GLU C 132 -44.46 -29.53 -17.52
N PHE C 133 -43.89 -30.68 -17.22
CA PHE C 133 -44.64 -31.92 -17.31
C PHE C 133 -45.49 -32.14 -16.07
N GLN C 134 -46.70 -32.66 -16.28
CA GLN C 134 -47.39 -33.36 -15.20
C GLN C 134 -46.73 -34.72 -15.04
N PHE C 135 -45.77 -34.76 -14.13
CA PHE C 135 -45.09 -36.00 -13.81
C PHE C 135 -45.98 -36.90 -13.00
N CYS C 136 -45.80 -38.20 -13.19
CA CYS C 136 -46.67 -39.16 -12.53
C CYS C 136 -46.22 -39.33 -11.09
N ASN C 137 -47.17 -39.66 -10.22
CA ASN C 137 -46.86 -39.77 -8.79
C ASN C 137 -46.11 -41.06 -8.51
N ASP C 138 -46.40 -42.10 -9.28
CA ASP C 138 -45.53 -43.26 -9.30
C ASP C 138 -45.05 -43.45 -10.73
N PRO C 139 -43.98 -42.77 -11.13
CA PRO C 139 -43.55 -42.83 -12.53
C PRO C 139 -42.67 -44.05 -12.81
N PHE C 140 -43.03 -44.78 -13.85
CA PHE C 140 -42.31 -46.00 -14.19
C PHE C 140 -42.35 -46.16 -15.69
N LEU C 141 -41.48 -47.01 -16.20
CA LEU C 141 -41.46 -47.37 -17.61
C LEU C 141 -41.67 -48.87 -17.75
N GLY C 142 -41.96 -49.31 -18.96
CA GLY C 142 -42.09 -50.74 -19.15
C GLY C 142 -41.14 -51.29 -20.19
N VAL C 143 -40.15 -52.04 -19.73
CA VAL C 143 -39.32 -52.80 -20.65
C VAL C 143 -39.60 -54.27 -20.41
N TYR C 144 -39.45 -55.04 -21.49
CA TYR C 144 -39.96 -56.39 -21.56
C TYR C 144 -39.31 -57.03 -22.76
N TYR C 145 -39.79 -58.21 -23.10
CA TYR C 145 -39.25 -58.97 -24.20
C TYR C 145 -40.37 -59.32 -25.16
N HIS C 146 -40.03 -59.39 -26.44
CA HIS C 146 -40.94 -59.93 -27.42
C HIS C 146 -41.11 -61.44 -27.26
N LYS C 147 -42.17 -61.95 -27.87
CA LYS C 147 -42.29 -63.39 -27.96
C LYS C 147 -41.56 -63.92 -29.19
N ASN C 148 -41.72 -63.24 -30.33
CA ASN C 148 -41.08 -63.68 -31.56
C ASN C 148 -39.59 -63.33 -31.59
N ASN C 149 -39.28 -62.05 -31.35
CA ASN C 149 -37.90 -61.67 -31.08
C ASN C 149 -37.56 -62.10 -29.66
N LYS C 150 -36.28 -62.33 -29.40
CA LYS C 150 -35.90 -62.58 -28.01
C LYS C 150 -35.87 -61.27 -27.22
N SER C 151 -35.04 -60.32 -27.63
CA SER C 151 -34.77 -59.16 -26.79
C SER C 151 -34.72 -57.90 -27.66
N TRP C 152 -35.87 -57.25 -27.79
CA TRP C 152 -35.90 -55.82 -28.05
C TRP C 152 -36.33 -55.15 -26.76
N MET C 153 -35.84 -53.92 -26.55
CA MET C 153 -35.96 -53.32 -25.24
C MET C 153 -36.78 -52.04 -25.33
N GLU C 154 -37.94 -52.13 -25.98
CA GLU C 154 -38.79 -50.97 -26.18
C GLU C 154 -39.49 -50.58 -24.89
N SER C 155 -39.66 -49.27 -24.70
CA SER C 155 -40.10 -48.72 -23.43
C SER C 155 -41.30 -47.82 -23.66
N GLU C 156 -42.13 -47.71 -22.63
CA GLU C 156 -43.33 -46.91 -22.70
C GLU C 156 -43.28 -45.81 -21.65
N PHE C 157 -43.58 -44.58 -22.07
CA PHE C 157 -43.49 -43.42 -21.20
C PHE C 157 -44.77 -43.24 -20.40
N ARG C 158 -44.75 -43.74 -19.18
CA ARG C 158 -45.84 -43.57 -18.24
C ARG C 158 -45.43 -42.54 -17.19
N VAL C 159 -44.34 -41.82 -17.46
CA VAL C 159 -43.76 -40.84 -16.57
C VAL C 159 -44.42 -39.45 -16.65
N TYR C 160 -44.78 -38.96 -17.84
CA TYR C 160 -45.37 -37.64 -17.95
C TYR C 160 -46.72 -37.76 -18.64
N SER C 161 -47.49 -36.68 -18.57
CA SER C 161 -48.68 -36.56 -19.41
C SER C 161 -48.75 -35.23 -20.15
N SER C 162 -48.30 -34.14 -19.53
CA SER C 162 -48.60 -32.79 -20.01
C SER C 162 -47.39 -32.15 -20.67
N ALA C 163 -47.27 -32.35 -21.98
CA ALA C 163 -46.21 -31.75 -22.77
C ALA C 163 -46.59 -30.30 -23.05
N ASN C 164 -46.24 -29.41 -22.13
CA ASN C 164 -46.65 -28.01 -22.23
C ASN C 164 -45.47 -27.11 -21.96
N ASN C 165 -45.29 -26.12 -22.86
CA ASN C 165 -44.25 -25.06 -22.80
C ASN C 165 -42.83 -25.60 -22.78
N CYS C 166 -42.58 -26.72 -23.46
CA CYS C 166 -41.30 -27.43 -23.37
C CYS C 166 -40.22 -26.68 -24.15
N THR C 167 -39.09 -26.40 -23.48
CA THR C 167 -38.14 -25.41 -23.97
C THR C 167 -36.94 -26.00 -24.69
N PHE C 168 -36.15 -26.82 -24.01
CA PHE C 168 -34.84 -27.21 -24.49
C PHE C 168 -34.81 -28.70 -24.78
N GLU C 169 -34.14 -29.07 -25.88
CA GLU C 169 -33.97 -30.45 -26.27
C GLU C 169 -32.50 -30.73 -26.48
N TYR C 170 -32.02 -31.85 -25.94
CA TYR C 170 -30.69 -32.33 -26.29
C TYR C 170 -30.66 -33.84 -26.36
N VAL C 171 -29.94 -34.35 -27.36
CA VAL C 171 -29.67 -35.76 -27.52
C VAL C 171 -28.22 -36.01 -27.17
N SER C 172 -27.97 -36.92 -26.23
CA SER C 172 -26.60 -37.23 -25.85
C SER C 172 -26.27 -38.66 -26.26
N GLN C 173 -25.02 -39.04 -26.06
CA GLN C 173 -24.58 -40.43 -26.16
C GLN C 173 -25.07 -41.18 -24.92
N PRO C 174 -25.29 -42.51 -25.01
CA PRO C 174 -25.70 -43.29 -23.83
C PRO C 174 -24.67 -43.37 -22.72
N PHE C 175 -25.17 -43.50 -21.49
CA PHE C 175 -24.36 -43.30 -20.30
C PHE C 175 -23.97 -44.63 -19.67
N LEU C 176 -24.81 -45.65 -19.82
CA LEU C 176 -24.59 -46.96 -19.25
C LEU C 176 -24.26 -47.95 -20.35
N MET C 177 -23.39 -48.90 -20.05
CA MET C 177 -23.03 -49.94 -20.99
C MET C 177 -22.67 -51.21 -20.23
N ASP C 178 -22.75 -52.34 -20.94
CA ASP C 178 -22.55 -53.65 -20.35
C ASP C 178 -21.66 -54.51 -21.23
N GLY C 184 -17.71 -58.39 -16.56
CA GLY C 184 -18.89 -57.72 -16.06
C GLY C 184 -19.73 -58.60 -15.15
N ASN C 185 -19.10 -59.62 -14.56
CA ASN C 185 -19.84 -60.58 -13.75
C ASN C 185 -20.21 -60.05 -12.37
N PHE C 186 -19.30 -59.32 -11.73
CA PHE C 186 -19.58 -58.82 -10.38
C PHE C 186 -20.20 -57.43 -10.46
N LYS C 187 -20.27 -56.77 -9.31
CA LYS C 187 -21.01 -55.53 -9.20
C LYS C 187 -20.18 -54.36 -9.73
N ASN C 188 -20.43 -53.99 -10.98
CA ASN C 188 -19.97 -52.73 -11.52
C ASN C 188 -20.87 -51.65 -10.93
N LEU C 189 -20.33 -50.91 -9.97
CA LEU C 189 -21.04 -49.80 -9.37
C LEU C 189 -21.06 -48.67 -10.37
N ARG C 190 -22.24 -48.12 -10.61
CA ARG C 190 -22.40 -46.97 -11.49
C ARG C 190 -22.87 -45.82 -10.63
N GLU C 191 -22.14 -44.71 -10.70
CA GLU C 191 -22.40 -43.59 -9.80
C GLU C 191 -22.49 -42.30 -10.60
N PHE C 192 -23.28 -41.37 -10.09
CA PHE C 192 -23.56 -40.12 -10.79
C PHE C 192 -23.69 -39.01 -9.76
N VAL C 193 -23.22 -37.82 -10.11
CA VAL C 193 -23.37 -36.66 -9.24
C VAL C 193 -24.19 -35.61 -9.96
N PHE C 194 -25.36 -35.32 -9.43
CA PHE C 194 -26.20 -34.24 -9.92
C PHE C 194 -25.79 -32.98 -9.18
N LYS C 195 -25.43 -31.94 -9.92
CA LYS C 195 -24.86 -30.73 -9.34
C LYS C 195 -25.69 -29.51 -9.74
N ASN C 196 -25.92 -28.65 -8.76
CA ASN C 196 -26.68 -27.42 -8.97
C ASN C 196 -25.71 -26.25 -8.85
N ILE C 197 -25.39 -25.64 -9.98
CA ILE C 197 -24.57 -24.44 -10.05
C ILE C 197 -25.50 -23.44 -10.76
N ASP C 198 -25.24 -22.14 -10.58
CA ASP C 198 -26.03 -21.11 -11.24
C ASP C 198 -25.81 -21.14 -12.76
N GLY C 199 -26.89 -21.40 -13.48
CA GLY C 199 -26.82 -21.54 -14.92
C GLY C 199 -26.66 -22.96 -15.39
N TYR C 200 -25.70 -23.69 -14.82
CA TYR C 200 -25.17 -24.92 -15.39
C TYR C 200 -25.32 -26.07 -14.42
N PHE C 201 -25.55 -27.27 -14.94
CA PHE C 201 -25.73 -28.46 -14.12
C PHE C 201 -24.81 -29.55 -14.62
N LYS C 202 -23.81 -29.89 -13.83
CA LYS C 202 -22.78 -30.82 -14.26
C LYS C 202 -23.02 -32.22 -13.74
N ILE C 203 -22.59 -33.18 -14.54
CA ILE C 203 -22.71 -34.60 -14.25
C ILE C 203 -21.32 -35.21 -14.13
N TYR C 204 -21.15 -36.03 -13.09
CA TYR C 204 -19.88 -36.64 -12.76
C TYR C 204 -20.07 -38.13 -12.57
N SER C 205 -19.51 -38.92 -13.49
CA SER C 205 -19.91 -40.31 -13.63
C SER C 205 -18.70 -41.22 -13.50
N LYS C 206 -18.98 -42.49 -13.15
CA LYS C 206 -18.03 -43.59 -13.23
C LYS C 206 -18.80 -44.90 -13.26
N HIS C 207 -18.45 -45.76 -14.21
CA HIS C 207 -18.64 -47.19 -14.06
C HIS C 207 -17.40 -47.74 -13.38
N THR C 208 -17.58 -48.30 -12.19
CA THR C 208 -16.45 -48.96 -11.56
C THR C 208 -16.19 -50.30 -12.23
N PRO C 209 -14.98 -50.84 -12.07
CA PRO C 209 -14.78 -52.26 -12.34
C PRO C 209 -15.46 -53.20 -11.34
N ILE C 210 -15.34 -54.48 -11.62
CA ILE C 210 -16.10 -55.53 -10.94
C ILE C 210 -15.56 -55.76 -9.53
N ASN C 211 -16.48 -55.81 -8.58
CA ASN C 211 -16.13 -55.95 -7.17
C ASN C 211 -17.28 -56.65 -6.47
N LEU C 212 -16.97 -57.28 -5.35
CA LEU C 212 -17.97 -57.97 -4.54
C LEU C 212 -17.92 -57.39 -3.14
N VAL C 213 -18.58 -56.24 -2.96
CA VAL C 213 -18.89 -55.67 -1.66
C VAL C 213 -20.40 -55.49 -1.63
N ARG C 214 -21.06 -56.03 -0.60
CA ARG C 214 -22.50 -55.84 -0.48
C ARG C 214 -22.84 -54.42 -0.06
N ASP C 215 -21.96 -53.80 0.73
CA ASP C 215 -22.09 -52.40 1.09
C ASP C 215 -21.35 -51.53 0.07
N LEU C 216 -21.09 -50.29 0.44
CA LEU C 216 -20.18 -49.45 -0.31
C LEU C 216 -18.76 -50.01 -0.26
N PRO C 217 -18.06 -50.07 -1.38
CA PRO C 217 -16.64 -50.43 -1.35
C PRO C 217 -15.77 -49.27 -0.88
N GLN C 218 -14.52 -49.60 -0.60
CA GLN C 218 -13.53 -48.61 -0.19
C GLN C 218 -12.86 -47.98 -1.40
N GLY C 219 -11.75 -47.30 -1.13
CA GLY C 219 -10.90 -46.81 -2.18
C GLY C 219 -11.36 -45.48 -2.74
N PHE C 220 -10.63 -45.05 -3.76
CA PHE C 220 -10.82 -43.74 -4.37
C PHE C 220 -11.31 -43.90 -5.80
N SER C 221 -12.35 -43.14 -6.12
CA SER C 221 -12.88 -43.07 -7.47
C SER C 221 -12.93 -41.62 -7.90
N ALA C 222 -12.24 -41.29 -8.99
CA ALA C 222 -12.19 -39.94 -9.52
C ALA C 222 -13.30 -39.77 -10.54
N LEU C 223 -14.15 -38.77 -10.34
CA LEU C 223 -15.33 -38.57 -11.17
C LEU C 223 -15.06 -37.48 -12.20
N GLU C 224 -15.40 -37.76 -13.42
CA GLU C 224 -15.00 -36.87 -14.49
C GLU C 224 -16.17 -35.99 -14.96
N PRO C 225 -15.92 -34.73 -15.31
CA PRO C 225 -17.02 -33.89 -15.79
C PRO C 225 -17.39 -34.23 -17.23
N LEU C 226 -18.68 -34.46 -17.44
CA LEU C 226 -19.13 -34.82 -18.78
C LEU C 226 -19.79 -33.65 -19.49
N VAL C 227 -20.88 -33.11 -18.95
CA VAL C 227 -21.58 -32.02 -19.62
C VAL C 227 -22.22 -31.13 -18.54
N ASP C 228 -22.11 -29.82 -18.73
CA ASP C 228 -22.87 -28.84 -17.98
C ASP C 228 -24.08 -28.42 -18.82
N LEU C 229 -25.15 -28.02 -18.15
CA LEU C 229 -26.40 -27.79 -18.85
C LEU C 229 -26.86 -26.35 -18.68
N PRO C 230 -26.65 -25.48 -19.69
CA PRO C 230 -26.97 -24.04 -19.54
C PRO C 230 -28.46 -23.70 -19.59
N ILE C 231 -29.14 -23.92 -18.47
CA ILE C 231 -30.56 -23.58 -18.35
C ILE C 231 -30.81 -22.66 -17.16
N GLY C 232 -30.45 -23.10 -15.95
CA GLY C 232 -30.53 -22.25 -14.79
C GLY C 232 -31.90 -22.07 -14.18
N ILE C 233 -32.49 -23.12 -13.63
CA ILE C 233 -33.75 -23.01 -12.90
C ILE C 233 -33.54 -23.40 -11.44
N ASN C 234 -34.54 -23.11 -10.62
CA ASN C 234 -34.58 -23.65 -9.27
C ASN C 234 -34.94 -25.13 -9.34
N ILE C 235 -34.29 -25.92 -8.48
CA ILE C 235 -34.63 -27.33 -8.27
C ILE C 235 -34.65 -27.56 -6.76
N THR C 236 -35.79 -28.03 -6.25
CA THR C 236 -35.93 -28.32 -4.83
C THR C 236 -36.02 -29.82 -4.56
N ARG C 237 -36.49 -30.62 -5.52
CA ARG C 237 -36.69 -32.03 -5.28
C ARG C 237 -36.13 -32.89 -6.41
N PHE C 238 -36.32 -34.20 -6.26
CA PHE C 238 -35.79 -35.20 -7.17
C PHE C 238 -36.62 -36.48 -7.11
N GLN C 239 -36.90 -37.06 -8.27
CA GLN C 239 -37.34 -38.44 -8.34
C GLN C 239 -36.56 -39.12 -9.46
N THR C 240 -36.28 -40.41 -9.32
CA THR C 240 -35.71 -41.14 -10.44
C THR C 240 -36.79 -41.87 -11.23
N LEU C 241 -36.36 -42.62 -12.23
CA LEU C 241 -37.29 -43.35 -13.07
C LEU C 241 -36.76 -44.75 -13.34
N LEU C 242 -37.68 -45.72 -13.31
CA LEU C 242 -37.34 -47.11 -13.45
C LEU C 242 -38.15 -47.73 -14.56
N ALA C 243 -37.65 -48.86 -15.08
CA ALA C 243 -38.27 -49.54 -16.20
C ALA C 243 -38.53 -50.99 -15.82
N LEU C 244 -39.80 -51.41 -15.90
CA LEU C 244 -40.18 -52.73 -15.43
C LEU C 244 -41.46 -53.19 -16.10
N HIS C 245 -41.50 -54.49 -16.43
CA HIS C 245 -42.77 -55.12 -16.82
C HIS C 245 -43.49 -55.62 -15.57
N ARG C 246 -44.14 -54.69 -14.91
CA ARG C 246 -44.80 -54.97 -13.64
C ARG C 246 -46.27 -55.31 -13.87
N SER C 247 -46.73 -56.36 -13.18
CA SER C 247 -48.12 -56.79 -13.16
C SER C 247 -49.04 -55.75 -12.56
N TYR C 248 -50.29 -55.81 -12.99
CA TYR C 248 -51.43 -55.08 -12.47
C TYR C 248 -52.34 -55.98 -11.62
N LEU C 249 -52.08 -57.28 -11.61
CA LEU C 249 -53.08 -58.25 -11.18
C LEU C 249 -52.83 -58.82 -9.79
N THR C 250 -51.67 -59.44 -9.60
CA THR C 250 -51.46 -60.30 -8.45
C THR C 250 -50.11 -60.02 -7.83
N PRO C 251 -50.06 -59.59 -6.56
CA PRO C 251 -48.77 -59.28 -5.93
C PRO C 251 -48.03 -60.50 -5.43
N GLY C 252 -48.76 -61.57 -5.09
CA GLY C 252 -48.13 -62.79 -4.61
C GLY C 252 -47.41 -63.54 -5.72
N ASP C 253 -48.08 -63.72 -6.85
CA ASP C 253 -47.43 -64.04 -8.10
C ASP C 253 -47.11 -62.77 -8.85
N SER C 254 -46.20 -61.97 -8.31
CA SER C 254 -45.72 -60.78 -9.00
C SER C 254 -44.85 -61.17 -10.20
N SER C 255 -44.13 -62.29 -10.07
CA SER C 255 -43.57 -63.12 -11.15
C SER C 255 -42.47 -62.40 -11.93
N SER C 256 -41.80 -61.47 -11.27
CA SER C 256 -40.81 -60.65 -11.95
C SER C 256 -39.48 -61.37 -12.08
N GLY C 257 -38.83 -61.64 -10.94
CA GLY C 257 -37.44 -62.08 -10.93
C GLY C 257 -36.47 -61.06 -11.47
N TRP C 258 -36.78 -59.78 -11.31
CA TRP C 258 -36.07 -58.71 -11.99
C TRP C 258 -35.06 -58.11 -11.03
N THR C 259 -33.76 -58.33 -11.33
CA THR C 259 -32.54 -58.07 -10.53
C THR C 259 -32.71 -58.29 -9.02
N ALA C 260 -33.07 -59.52 -8.69
CA ALA C 260 -33.28 -59.92 -7.30
C ALA C 260 -31.95 -60.03 -6.59
N GLY C 261 -31.75 -59.21 -5.56
CA GLY C 261 -30.51 -59.14 -4.83
C GLY C 261 -29.60 -57.99 -5.21
N ALA C 262 -29.85 -57.32 -6.34
CA ALA C 262 -29.06 -56.16 -6.72
C ALA C 262 -29.96 -54.97 -7.06
N ALA C 263 -31.15 -54.91 -6.46
CA ALA C 263 -32.08 -53.80 -6.64
C ALA C 263 -31.87 -52.69 -5.62
N ALA C 264 -30.65 -52.18 -5.51
CA ALA C 264 -30.29 -51.17 -4.54
C ALA C 264 -29.53 -50.05 -5.22
N TYR C 265 -29.59 -48.86 -4.62
CA TYR C 265 -29.15 -47.65 -5.28
C TYR C 265 -28.79 -46.60 -4.24
N TYR C 266 -27.52 -46.25 -4.19
CA TYR C 266 -26.97 -45.54 -3.05
C TYR C 266 -27.08 -44.04 -3.25
N VAL C 267 -27.59 -43.35 -2.24
CA VAL C 267 -27.99 -41.96 -2.35
C VAL C 267 -27.22 -41.14 -1.30
N GLY C 268 -26.50 -40.11 -1.76
CA GLY C 268 -25.85 -39.19 -0.87
C GLY C 268 -26.21 -37.76 -1.19
N TYR C 269 -25.64 -36.83 -0.41
CA TYR C 269 -25.86 -35.41 -0.57
C TYR C 269 -24.53 -34.66 -0.61
N LEU C 270 -24.57 -33.39 -0.95
CA LEU C 270 -23.36 -32.60 -1.04
C LEU C 270 -23.37 -31.42 -0.07
N GLN C 271 -22.16 -31.00 0.32
CA GLN C 271 -22.01 -29.94 1.31
C GLN C 271 -20.83 -29.10 0.89
N PRO C 272 -20.88 -27.75 1.04
CA PRO C 272 -19.74 -26.90 0.66
C PRO C 272 -18.56 -27.02 1.62
N ARG C 273 -17.44 -27.55 1.12
CA ARG C 273 -16.45 -28.14 1.98
C ARG C 273 -15.07 -27.78 1.42
N THR C 274 -14.02 -27.93 2.23
CA THR C 274 -12.68 -27.51 1.87
C THR C 274 -11.78 -28.74 1.66
N PHE C 275 -11.55 -29.13 0.41
CA PHE C 275 -10.67 -30.26 0.10
C PHE C 275 -9.44 -29.87 -0.72
N LEU C 276 -8.69 -30.91 -1.12
CA LEU C 276 -7.41 -30.85 -1.79
C LEU C 276 -7.44 -31.76 -3.02
N LEU C 277 -6.49 -31.56 -3.94
CA LEU C 277 -6.18 -32.56 -4.95
C LEU C 277 -4.72 -32.99 -4.80
N LYS C 278 -4.35 -34.07 -5.49
CA LYS C 278 -2.99 -34.61 -5.39
C LYS C 278 -1.97 -33.76 -6.12
N GLY C 283 2.55 -38.91 -10.11
CA GLY C 283 2.81 -38.48 -11.48
C GLY C 283 1.63 -37.73 -12.05
N THR C 284 0.44 -38.22 -11.74
CA THR C 284 -0.83 -37.58 -12.04
C THR C 284 -1.54 -37.26 -10.73
N ILE C 285 -2.72 -36.67 -10.86
CA ILE C 285 -3.56 -36.34 -9.70
C ILE C 285 -4.55 -37.46 -9.44
N THR C 286 -4.38 -38.20 -8.35
CA THR C 286 -5.30 -39.29 -8.02
C THR C 286 -6.05 -39.07 -6.72
N ASP C 287 -5.34 -38.90 -5.59
CA ASP C 287 -5.97 -39.00 -4.28
C ASP C 287 -5.53 -37.88 -3.36
N ALA C 288 -6.47 -37.36 -2.58
CA ALA C 288 -6.17 -36.40 -1.52
C ALA C 288 -7.20 -36.54 -0.41
N VAL C 289 -6.71 -36.40 0.82
CA VAL C 289 -7.53 -36.42 2.03
C VAL C 289 -7.27 -35.12 2.78
N ASP C 290 -8.33 -34.37 3.07
CA ASP C 290 -8.13 -32.99 3.49
C ASP C 290 -9.12 -32.68 4.64
N CYS C 291 -9.45 -31.41 4.85
CA CYS C 291 -9.75 -30.69 6.09
C CYS C 291 -11.19 -30.87 6.55
N ALA C 292 -11.67 -32.10 6.56
CA ALA C 292 -13.00 -32.41 7.01
C ALA C 292 -13.07 -33.70 7.79
N LEU C 293 -11.96 -34.42 7.92
CA LEU C 293 -12.04 -35.79 8.37
C LEU C 293 -11.88 -35.90 9.88
N ASP C 294 -10.88 -35.18 10.51
CA ASP C 294 -10.87 -34.18 11.62
C ASP C 294 -9.45 -34.16 12.22
N PRO C 295 -9.14 -33.40 13.39
CA PRO C 295 -8.12 -32.33 13.39
C PRO C 295 -6.71 -32.63 12.89
N LEU C 296 -6.32 -33.91 12.84
CA LEU C 296 -5.14 -34.32 12.08
C LEU C 296 -5.29 -33.96 10.60
N SER C 297 -6.49 -34.17 10.06
CA SER C 297 -6.79 -33.74 8.70
C SER C 297 -6.89 -32.24 8.59
N GLU C 298 -7.30 -31.56 9.65
CA GLU C 298 -7.22 -30.10 9.70
C GLU C 298 -5.78 -29.62 9.84
N THR C 299 -4.92 -30.44 10.42
CA THR C 299 -3.51 -30.09 10.53
C THR C 299 -2.80 -30.28 9.20
N LYS C 300 -3.17 -31.34 8.47
CA LYS C 300 -2.65 -31.57 7.12
C LYS C 300 -3.20 -30.55 6.14
N CYS C 301 -4.43 -30.09 6.39
CA CYS C 301 -5.00 -28.92 5.75
C CYS C 301 -4.19 -27.65 6.00
N THR C 302 -3.79 -27.40 7.25
CA THR C 302 -3.11 -26.13 7.50
C THR C 302 -1.60 -26.23 7.28
N LEU C 303 -1.07 -27.44 7.05
CA LEU C 303 0.35 -27.54 6.75
C LEU C 303 0.63 -27.78 5.28
N LYS C 304 -0.40 -28.20 4.52
CA LYS C 304 -0.35 -28.63 3.11
C LYS C 304 0.65 -29.77 2.92
N SER C 305 0.60 -30.72 3.84
CA SER C 305 1.49 -31.86 3.81
C SER C 305 0.66 -33.11 4.03
N PHE C 306 0.83 -34.08 3.13
CA PHE C 306 0.15 -35.36 3.23
C PHE C 306 0.62 -36.21 4.40
N THR C 307 1.91 -36.19 4.72
CA THR C 307 2.42 -36.84 5.92
C THR C 307 3.00 -35.78 6.83
N VAL C 308 2.59 -35.83 8.10
CA VAL C 308 2.96 -34.83 9.08
C VAL C 308 3.67 -35.52 10.23
N GLU C 309 4.89 -35.08 10.52
CA GLU C 309 5.71 -35.55 11.62
C GLU C 309 5.24 -34.99 12.95
N LYS C 310 5.91 -35.42 14.03
CA LYS C 310 5.49 -35.11 15.39
C LYS C 310 5.73 -33.65 15.77
N GLY C 311 5.06 -33.23 16.83
CA GLY C 311 5.35 -31.94 17.44
C GLY C 311 4.08 -31.18 17.73
N ILE C 312 4.28 -29.95 18.20
CA ILE C 312 3.19 -29.01 18.46
C ILE C 312 2.98 -28.15 17.21
N TYR C 313 1.72 -28.11 16.77
CA TYR C 313 1.30 -27.36 15.60
C TYR C 313 -0.01 -26.71 15.95
N GLN C 314 -0.04 -25.38 15.98
CA GLN C 314 -1.31 -24.66 16.10
C GLN C 314 -1.96 -24.78 14.73
N THR C 315 -3.24 -25.15 14.74
CA THR C 315 -3.90 -25.49 13.49
C THR C 315 -4.76 -24.35 12.99
N SER C 316 -5.74 -23.92 13.78
CA SER C 316 -6.79 -23.04 13.29
C SER C 316 -7.39 -22.32 14.48
N ASN C 317 -8.58 -21.78 14.29
CA ASN C 317 -9.26 -21.05 15.33
C ASN C 317 -10.71 -21.49 15.46
N PHE C 318 -11.24 -21.27 16.65
CA PHE C 318 -12.61 -21.60 17.00
C PHE C 318 -13.26 -20.35 17.54
N ARG C 319 -14.57 -20.44 17.75
CA ARG C 319 -15.35 -19.56 18.61
C ARG C 319 -16.66 -20.26 18.94
N VAL C 320 -17.41 -19.66 19.87
CA VAL C 320 -18.80 -20.09 20.02
C VAL C 320 -19.58 -19.44 18.89
N GLN C 321 -20.42 -20.23 18.20
CA GLN C 321 -21.28 -19.65 17.17
C GLN C 321 -22.37 -18.78 17.80
N PRO C 322 -22.79 -17.73 17.11
CA PRO C 322 -23.94 -16.94 17.59
C PRO C 322 -25.23 -17.73 17.47
N THR C 323 -25.83 -18.03 18.61
CA THR C 323 -26.89 -19.03 18.71
C THR C 323 -28.24 -18.54 18.19
N GLU C 324 -28.59 -17.28 18.41
CA GLU C 324 -29.81 -16.72 17.86
C GLU C 324 -29.58 -15.24 17.59
N SER C 325 -30.61 -14.56 17.09
CA SER C 325 -30.54 -13.13 16.82
C SER C 325 -31.42 -12.38 17.81
N ILE C 326 -30.81 -11.49 18.60
CA ILE C 326 -31.56 -10.65 19.52
C ILE C 326 -31.51 -9.21 19.04
N VAL C 327 -32.53 -8.80 18.31
CA VAL C 327 -32.68 -7.40 17.95
C VAL C 327 -33.17 -6.64 19.18
N ARG C 328 -32.51 -5.54 19.51
CA ARG C 328 -32.94 -4.68 20.62
C ARG C 328 -33.14 -3.28 20.04
N PHE C 329 -34.39 -2.92 19.85
CA PHE C 329 -34.82 -1.65 19.29
C PHE C 329 -35.66 -0.92 20.31
N PRO C 330 -35.75 0.41 20.28
CA PRO C 330 -36.66 1.10 21.18
C PRO C 330 -38.11 0.91 20.75
N ASN C 331 -39.02 1.05 21.71
CA ASN C 331 -40.41 0.68 21.49
C ASN C 331 -41.29 1.86 21.11
N ILE C 332 -40.79 2.77 20.27
CA ILE C 332 -41.63 3.83 19.73
C ILE C 332 -42.64 3.25 18.75
N THR C 333 -43.78 3.93 18.63
CA THR C 333 -44.92 3.37 17.94
C THR C 333 -45.48 4.23 16.81
N ASN C 334 -45.19 5.53 16.78
CA ASN C 334 -45.79 6.40 15.78
C ASN C 334 -45.07 6.26 14.44
N LEU C 335 -45.84 6.35 13.36
CA LEU C 335 -45.29 6.18 12.04
C LEU C 335 -44.54 7.43 11.62
N CYS C 336 -43.62 7.26 10.68
CA CYS C 336 -42.90 8.43 10.23
C CYS C 336 -43.68 9.13 9.12
N PRO C 337 -43.95 10.43 9.25
CA PRO C 337 -44.72 11.13 8.19
C PRO C 337 -43.90 11.47 6.95
N PHE C 338 -43.83 10.50 6.04
CA PHE C 338 -43.25 10.75 4.73
C PHE C 338 -44.25 11.41 3.78
N GLY C 339 -45.54 11.40 4.13
CA GLY C 339 -46.54 11.99 3.25
C GLY C 339 -46.55 13.51 3.29
N GLU C 340 -46.02 14.10 4.36
CA GLU C 340 -45.79 15.53 4.40
C GLU C 340 -44.45 15.93 3.84
N VAL C 341 -43.64 14.95 3.42
CA VAL C 341 -42.36 15.23 2.79
C VAL C 341 -42.56 15.27 1.29
N PHE C 342 -42.97 14.14 0.71
CA PHE C 342 -42.95 14.00 -0.74
C PHE C 342 -44.25 14.51 -1.34
N ASN C 343 -45.36 14.30 -0.65
CA ASN C 343 -46.61 14.95 -1.00
C ASN C 343 -46.89 16.17 -0.15
N ALA C 344 -45.85 16.92 0.20
CA ALA C 344 -46.03 18.31 0.60
C ALA C 344 -46.64 19.07 -0.57
N THR C 345 -47.69 19.84 -0.27
CA THR C 345 -48.46 20.51 -1.31
C THR C 345 -47.70 21.70 -1.86
N ARG C 346 -46.83 22.29 -1.05
CA ARG C 346 -45.93 23.31 -1.54
C ARG C 346 -44.48 22.90 -1.29
N PHE C 347 -43.66 23.00 -2.33
CA PHE C 347 -42.23 22.77 -2.25
C PHE C 347 -41.50 24.10 -2.39
N ALA C 348 -40.38 24.25 -1.69
CA ALA C 348 -39.65 25.49 -1.68
C ALA C 348 -38.79 25.65 -2.93
N SER C 349 -38.21 26.83 -3.09
CA SER C 349 -37.22 27.01 -4.13
C SER C 349 -35.84 26.66 -3.59
N VAL C 350 -34.87 26.56 -4.51
CA VAL C 350 -33.58 25.99 -4.12
C VAL C 350 -32.68 27.03 -3.49
N TYR C 351 -32.97 28.32 -3.67
CA TYR C 351 -32.26 29.35 -2.92
C TYR C 351 -32.77 29.45 -1.49
N ALA C 352 -33.98 28.98 -1.23
CA ALA C 352 -34.65 29.18 0.04
C ALA C 352 -35.30 27.88 0.49
N TRP C 353 -34.51 26.80 0.53
CA TRP C 353 -35.04 25.47 0.78
C TRP C 353 -35.51 25.26 2.21
N ASN C 354 -36.32 24.24 2.41
CA ASN C 354 -36.80 23.86 3.72
C ASN C 354 -36.14 22.58 4.15
N ARG C 355 -35.22 22.68 5.11
CA ARG C 355 -34.76 21.52 5.85
C ARG C 355 -35.89 21.03 6.74
N LYS C 356 -36.17 19.75 6.66
CA LYS C 356 -37.25 19.16 7.42
C LYS C 356 -36.69 18.28 8.53
N ARG C 357 -37.09 18.61 9.75
CA ARG C 357 -36.75 17.79 10.90
C ARG C 357 -37.55 16.51 10.87
N ILE C 358 -36.86 15.39 11.06
CA ILE C 358 -37.51 14.09 11.18
C ILE C 358 -36.99 13.47 12.47
N SER C 359 -37.91 13.18 13.37
CA SER C 359 -37.61 12.56 14.65
C SER C 359 -38.85 11.82 15.12
N ASN C 360 -38.62 10.85 16.03
CA ASN C 360 -39.61 9.91 16.60
C ASN C 360 -40.37 9.17 15.51
N CYS C 361 -39.62 8.35 14.77
CA CYS C 361 -40.16 7.71 13.59
C CYS C 361 -39.89 6.21 13.62
N VAL C 362 -40.96 5.44 13.50
CA VAL C 362 -40.88 4.08 13.00
C VAL C 362 -40.90 4.26 11.49
N ALA C 363 -39.71 4.38 10.92
CA ALA C 363 -39.57 4.87 9.55
C ALA C 363 -39.63 3.71 8.60
N ASP C 364 -40.62 3.73 7.72
CA ASP C 364 -40.78 2.69 6.72
C ASP C 364 -40.30 3.28 5.40
N TYR C 365 -39.04 3.01 5.05
CA TYR C 365 -38.50 3.42 3.78
C TYR C 365 -38.87 2.48 2.65
N SER C 366 -39.52 1.36 2.95
CA SER C 366 -40.08 0.47 1.93
C SER C 366 -41.42 0.95 1.38
N VAL C 367 -41.92 2.11 1.81
CA VAL C 367 -42.83 2.90 1.00
C VAL C 367 -42.06 3.53 -0.16
N LEU C 368 -40.79 3.84 0.06
CA LEU C 368 -40.12 4.86 -0.75
C LEU C 368 -39.17 4.28 -1.78
N TYR C 369 -38.38 3.23 -1.44
CA TYR C 369 -37.48 2.69 -2.46
C TYR C 369 -38.17 1.75 -3.44
N ASN C 370 -39.43 1.39 -3.23
CA ASN C 370 -40.16 0.66 -4.25
C ASN C 370 -41.13 1.52 -5.06
N SER C 371 -41.30 2.78 -4.68
CA SER C 371 -42.28 3.65 -5.33
C SER C 371 -41.79 4.11 -6.69
N ALA C 372 -42.66 3.97 -7.69
CA ALA C 372 -42.37 4.41 -9.04
C ALA C 372 -42.75 5.86 -9.29
N SER C 373 -43.28 6.55 -8.26
CA SER C 373 -43.49 7.98 -8.35
C SER C 373 -42.17 8.74 -8.39
N PHE C 374 -41.16 8.24 -7.71
CA PHE C 374 -39.85 8.88 -7.69
C PHE C 374 -39.06 8.45 -8.93
N SER C 375 -38.42 9.41 -9.58
CA SER C 375 -37.71 9.11 -10.83
C SER C 375 -36.22 8.91 -10.64
N THR C 376 -35.51 9.88 -10.08
CA THR C 376 -34.08 9.79 -9.88
C THR C 376 -33.81 9.51 -8.42
N PHE C 377 -33.14 8.38 -8.16
CA PHE C 377 -33.11 7.79 -6.84
C PHE C 377 -31.70 7.24 -6.64
N LYS C 378 -30.83 8.00 -6.00
CA LYS C 378 -29.46 7.53 -5.84
C LYS C 378 -28.89 7.98 -4.50
N CYS C 379 -28.36 7.02 -3.75
CA CYS C 379 -27.94 7.24 -2.38
C CYS C 379 -26.44 7.08 -2.27
N TYR C 380 -25.86 7.69 -1.23
CA TYR C 380 -24.42 7.86 -1.17
C TYR C 380 -23.79 7.18 0.04
N GLY C 381 -24.24 7.48 1.25
CA GLY C 381 -23.64 6.85 2.40
C GLY C 381 -24.18 5.48 2.71
N VAL C 382 -25.33 5.13 2.15
CA VAL C 382 -26.02 3.88 2.44
C VAL C 382 -26.44 3.23 1.14
N SER C 383 -26.80 1.96 1.23
CA SER C 383 -27.64 1.36 0.20
C SER C 383 -29.10 1.71 0.50
N PRO C 384 -29.97 1.69 -0.52
CA PRO C 384 -31.41 1.83 -0.23
C PRO C 384 -32.01 0.64 0.49
N THR C 385 -31.46 -0.55 0.29
CA THR C 385 -32.08 -1.75 0.82
C THR C 385 -31.79 -1.96 2.31
N LYS C 386 -30.77 -1.30 2.84
CA LYS C 386 -30.47 -1.41 4.26
C LYS C 386 -31.03 -0.23 5.06
N LEU C 387 -31.93 0.54 4.46
CA LEU C 387 -32.48 1.71 5.14
C LEU C 387 -33.47 1.31 6.23
N ASN C 388 -34.29 0.29 5.96
CA ASN C 388 -35.26 -0.18 6.94
C ASN C 388 -34.61 -0.94 8.09
N ASP C 389 -33.42 -1.48 7.88
CA ASP C 389 -32.76 -2.33 8.85
C ASP C 389 -31.96 -1.54 9.89
N LEU C 390 -31.91 -0.22 9.79
CA LEU C 390 -31.05 0.56 10.66
C LEU C 390 -31.86 1.58 11.45
N CYS C 391 -31.30 1.98 12.58
CA CYS C 391 -31.85 3.01 13.44
C CYS C 391 -30.96 4.24 13.35
N PHE C 392 -31.57 5.42 13.38
CA PHE C 392 -30.87 6.67 13.08
C PHE C 392 -31.20 7.70 14.14
N THR C 393 -30.30 8.67 14.26
CA THR C 393 -30.55 9.86 15.05
C THR C 393 -30.68 11.05 14.11
N ASN C 394 -31.79 11.79 14.25
CA ASN C 394 -31.97 13.19 13.83
C ASN C 394 -31.83 13.38 12.31
N VAL C 395 -32.78 12.77 11.62
CA VAL C 395 -32.81 12.75 10.16
C VAL C 395 -33.22 14.12 9.62
N TYR C 396 -32.44 14.66 8.70
CA TYR C 396 -32.80 15.87 7.99
C TYR C 396 -33.26 15.53 6.59
N ALA C 397 -34.53 15.82 6.32
CA ALA C 397 -35.02 15.85 4.95
C ALA C 397 -34.86 17.27 4.43
N ASP C 398 -34.67 17.41 3.12
CA ASP C 398 -34.42 18.73 2.55
C ASP C 398 -34.94 18.79 1.12
N SER C 399 -36.00 19.56 0.91
CA SER C 399 -36.79 19.54 -0.32
C SER C 399 -36.80 20.90 -1.00
N PHE C 400 -36.70 20.89 -2.33
CA PHE C 400 -36.66 22.11 -3.16
C PHE C 400 -37.09 21.76 -4.58
N VAL C 401 -37.00 22.76 -5.46
CA VAL C 401 -37.49 22.68 -6.83
C VAL C 401 -36.35 22.98 -7.80
N ILE C 402 -36.14 22.07 -8.76
CA ILE C 402 -35.07 22.12 -9.76
C ILE C 402 -35.74 22.09 -11.13
N ARG C 403 -35.14 22.84 -12.09
CA ARG C 403 -35.55 22.83 -13.49
C ARG C 403 -35.51 21.46 -14.15
N GLY C 404 -34.46 20.68 -13.95
CA GLY C 404 -34.49 19.29 -14.37
C GLY C 404 -33.34 18.80 -15.22
N ASP C 405 -32.47 19.66 -15.76
CA ASP C 405 -31.25 19.15 -16.39
C ASP C 405 -29.98 19.63 -15.71
N GLU C 406 -30.08 20.39 -14.62
CA GLU C 406 -28.96 20.61 -13.71
C GLU C 406 -29.03 19.68 -12.50
N VAL C 407 -29.57 18.48 -12.67
CA VAL C 407 -29.77 17.56 -11.55
C VAL C 407 -28.49 16.89 -11.10
N ARG C 408 -27.45 16.93 -11.93
CA ARG C 408 -26.12 16.46 -11.54
C ARG C 408 -25.43 17.41 -10.56
N GLN C 409 -25.84 18.68 -10.52
CA GLN C 409 -25.16 19.71 -9.74
C GLN C 409 -25.39 19.56 -8.24
N ILE C 410 -26.48 18.91 -7.83
CA ILE C 410 -26.86 18.75 -6.43
C ILE C 410 -25.92 17.76 -5.71
N ALA C 411 -25.30 16.85 -6.47
CA ALA C 411 -24.38 15.81 -6.01
C ALA C 411 -23.11 16.39 -5.37
N PRO C 412 -22.48 15.68 -4.43
CA PRO C 412 -21.24 16.18 -3.83
C PRO C 412 -20.07 16.12 -4.81
N GLY C 413 -19.10 16.99 -4.55
CA GLY C 413 -17.98 17.16 -5.45
C GLY C 413 -18.35 17.83 -6.76
N GLN C 414 -19.20 18.83 -6.72
CA GLN C 414 -19.70 19.49 -7.92
C GLN C 414 -19.40 20.99 -7.87
N THR C 415 -19.29 21.57 -9.06
CA THR C 415 -18.98 22.99 -9.24
C THR C 415 -19.85 23.55 -10.33
N GLY C 416 -20.61 24.59 -10.02
CA GLY C 416 -21.42 25.23 -11.03
C GLY C 416 -22.44 26.16 -10.41
N LYS C 417 -23.66 26.07 -10.93
CA LYS C 417 -24.68 27.05 -10.57
C LYS C 417 -25.31 26.72 -9.22
N ILE C 418 -25.90 25.53 -9.11
CA ILE C 418 -26.72 25.20 -7.97
C ILE C 418 -25.84 24.80 -6.79
N ALA C 419 -24.65 24.26 -7.08
CA ALA C 419 -23.72 23.83 -6.04
C ALA C 419 -23.07 25.02 -5.36
N ASP C 420 -22.57 25.99 -6.15
CA ASP C 420 -21.85 27.11 -5.56
C ASP C 420 -22.81 28.22 -5.14
N TYR C 421 -23.97 28.29 -5.79
CA TYR C 421 -24.79 29.48 -5.66
C TYR C 421 -26.13 29.21 -5.01
N ASN C 422 -26.60 27.97 -4.97
CA ASN C 422 -27.92 27.70 -4.42
C ASN C 422 -27.88 26.72 -3.26
N TYR C 423 -27.20 25.58 -3.43
CA TYR C 423 -27.20 24.54 -2.40
C TYR C 423 -25.94 23.69 -2.55
N LYS C 424 -25.03 23.82 -1.59
CA LYS C 424 -23.84 22.99 -1.55
C LYS C 424 -24.08 21.78 -0.66
N LEU C 425 -23.75 20.60 -1.16
CA LEU C 425 -23.82 19.37 -0.40
C LEU C 425 -22.41 19.01 0.03
N PRO C 426 -22.18 18.58 1.28
CA PRO C 426 -20.83 18.16 1.67
C PRO C 426 -20.44 16.83 1.04
N ASP C 427 -19.13 16.60 1.00
CA ASP C 427 -18.61 15.45 0.29
C ASP C 427 -18.68 14.18 1.14
N ASP C 428 -18.91 14.34 2.43
CA ASP C 428 -19.15 13.24 3.35
C ASP C 428 -20.64 13.00 3.62
N PHE C 429 -21.48 13.16 2.61
CA PHE C 429 -22.93 13.17 2.73
C PHE C 429 -23.51 11.80 3.08
N THR C 430 -23.99 11.67 4.30
CA THR C 430 -24.70 10.49 4.77
C THR C 430 -26.12 10.58 4.22
N GLY C 431 -26.39 9.82 3.18
CA GLY C 431 -27.77 9.65 2.78
C GLY C 431 -27.94 9.64 1.28
N CYS C 432 -29.04 10.26 0.86
CA CYS C 432 -29.65 10.02 -0.43
C CYS C 432 -30.22 11.30 -1.01
N VAL C 433 -30.34 11.33 -2.33
CA VAL C 433 -31.07 12.38 -3.03
C VAL C 433 -32.26 11.73 -3.73
N ILE C 434 -33.41 12.39 -3.64
CA ILE C 434 -34.65 11.90 -4.24
C ILE C 434 -35.02 12.95 -5.28
N ALA C 435 -35.34 12.51 -6.50
CA ALA C 435 -35.81 13.48 -7.48
C ALA C 435 -36.88 12.85 -8.36
N TRP C 436 -37.94 13.61 -8.57
CA TRP C 436 -39.00 13.21 -9.49
C TRP C 436 -39.51 14.44 -10.24
N ASN C 437 -39.99 14.20 -11.45
CA ASN C 437 -40.59 15.24 -12.26
C ASN C 437 -41.94 15.65 -11.69
N SER C 438 -42.19 16.96 -11.67
CA SER C 438 -43.41 17.54 -11.13
C SER C 438 -43.96 18.59 -12.07
N ASN C 439 -44.09 18.22 -13.34
CA ASN C 439 -44.51 19.16 -14.38
C ASN C 439 -45.98 19.52 -14.25
N ASN C 440 -46.79 18.59 -13.75
CA ASN C 440 -48.15 18.91 -13.38
C ASN C 440 -48.22 19.75 -12.11
N LEU C 441 -47.24 19.63 -11.22
CA LEU C 441 -47.31 20.30 -9.93
C LEU C 441 -46.71 21.70 -9.97
N ASP C 442 -45.55 21.86 -10.61
CA ASP C 442 -44.84 23.12 -10.52
C ASP C 442 -44.66 23.83 -11.86
N SER C 443 -45.40 23.44 -12.89
CA SER C 443 -45.46 24.21 -14.13
C SER C 443 -46.90 24.35 -14.58
N LYS C 444 -47.22 25.52 -15.12
CA LYS C 444 -48.58 25.78 -15.58
C LYS C 444 -48.63 26.29 -17.02
N GLY C 447 -45.91 28.60 -17.06
CA GLY C 447 -45.31 29.89 -16.78
C GLY C 447 -45.22 30.17 -15.31
N ASN C 448 -44.72 29.18 -14.56
CA ASN C 448 -44.59 29.34 -13.11
C ASN C 448 -43.28 30.07 -12.85
N TYR C 449 -43.36 31.40 -12.92
CA TYR C 449 -42.19 32.26 -12.83
C TYR C 449 -41.82 32.63 -11.39
N ASN C 450 -42.61 32.23 -10.41
CA ASN C 450 -42.39 32.74 -9.06
C ASN C 450 -41.33 31.97 -8.29
N TYR C 451 -40.77 30.89 -8.83
CA TYR C 451 -39.67 30.19 -8.17
C TYR C 451 -38.40 30.86 -8.68
N LEU C 452 -37.64 31.40 -7.75
CA LEU C 452 -36.39 32.08 -8.09
C LEU C 452 -35.25 31.14 -7.76
N TYR C 453 -34.16 31.25 -8.51
CA TYR C 453 -32.99 30.43 -8.20
C TYR C 453 -31.75 31.25 -8.46
N ARG C 454 -30.77 31.09 -7.56
CA ARG C 454 -29.69 32.05 -7.47
C ARG C 454 -28.61 31.76 -8.48
N LEU C 455 -28.38 32.72 -9.37
CA LEU C 455 -27.34 32.62 -10.37
C LEU C 455 -26.00 33.15 -9.90
N PHE C 456 -26.01 34.01 -8.88
CA PHE C 456 -24.87 34.86 -8.57
C PHE C 456 -24.62 34.91 -7.07
N ARG C 457 -23.36 34.69 -6.70
CA ARG C 457 -22.94 34.92 -5.32
C ARG C 457 -21.48 35.34 -5.35
N LYS C 458 -21.13 36.29 -4.47
CA LYS C 458 -19.77 36.80 -4.41
C LYS C 458 -18.81 35.79 -3.80
N SER C 459 -19.30 34.95 -2.89
CA SER C 459 -18.49 33.88 -2.34
C SER C 459 -19.16 32.56 -2.68
N ASN C 460 -18.38 31.49 -2.65
CA ASN C 460 -18.94 30.17 -2.74
C ASN C 460 -19.62 29.82 -1.43
N LEU C 461 -20.68 29.02 -1.53
CA LEU C 461 -21.41 28.58 -0.36
C LEU C 461 -20.64 27.51 0.41
N LYS C 462 -20.89 27.47 1.70
CA LYS C 462 -20.54 26.32 2.53
C LYS C 462 -21.58 25.24 2.33
N PRO C 463 -21.26 24.00 2.68
CA PRO C 463 -22.31 22.97 2.78
C PRO C 463 -23.33 23.28 3.87
N PHE C 464 -24.58 22.84 3.58
CA PHE C 464 -25.82 23.14 4.33
C PHE C 464 -26.02 24.64 4.50
N GLU C 465 -25.99 25.35 3.36
CA GLU C 465 -26.21 26.80 3.36
C GLU C 465 -27.18 27.16 2.26
N ARG C 466 -28.17 27.98 2.61
CA ARG C 466 -28.97 28.68 1.61
C ARG C 466 -28.51 30.12 1.53
N ASP C 467 -28.98 30.81 0.50
CA ASP C 467 -28.78 32.25 0.43
C ASP C 467 -30.10 32.89 0.03
N ILE C 468 -30.64 33.71 0.93
CA ILE C 468 -31.83 34.51 0.65
C ILE C 468 -31.51 35.98 0.50
N SER C 469 -30.24 36.33 0.34
CA SER C 469 -29.85 37.73 0.23
C SER C 469 -30.18 38.29 -1.14
N THR C 470 -31.04 39.30 -1.15
CA THR C 470 -31.49 39.93 -2.38
C THR C 470 -30.71 41.21 -2.69
N GLU C 471 -29.53 41.34 -2.10
CA GLU C 471 -28.59 42.41 -2.43
C GLU C 471 -28.06 42.20 -3.84
N ILE C 472 -27.82 43.32 -4.54
CA ILE C 472 -27.43 43.29 -5.94
C ILE C 472 -26.00 42.79 -6.10
N TYR C 473 -25.85 41.69 -6.84
CA TYR C 473 -24.57 41.26 -7.32
C TYR C 473 -24.10 42.23 -8.41
N GLN C 474 -22.94 42.83 -8.16
CA GLN C 474 -22.40 43.76 -9.14
C GLN C 474 -21.03 43.26 -9.58
N ALA C 475 -20.78 43.35 -10.88
CA ALA C 475 -19.62 42.73 -11.50
C ALA C 475 -18.51 43.72 -11.78
N GLY C 476 -18.28 44.69 -10.89
CA GLY C 476 -17.20 45.63 -11.09
C GLY C 476 -16.95 46.49 -9.86
N SER C 477 -16.63 47.77 -10.10
CA SER C 477 -16.49 48.73 -9.02
C SER C 477 -17.66 49.69 -8.95
N THR C 478 -18.76 49.37 -9.61
CA THR C 478 -19.91 50.26 -9.69
C THR C 478 -20.67 50.29 -8.38
N PRO C 479 -20.98 51.47 -7.80
CA PRO C 479 -21.80 51.52 -6.58
C PRO C 479 -23.27 51.21 -6.84
N CYS C 480 -23.56 49.92 -6.90
CA CYS C 480 -24.87 49.40 -7.28
C CYS C 480 -25.64 48.82 -6.11
N ASN C 481 -25.59 49.48 -4.95
CA ASN C 481 -26.43 49.07 -3.83
C ASN C 481 -27.84 49.61 -4.03
N GLY C 482 -28.80 48.70 -4.26
CA GLY C 482 -30.17 49.10 -4.50
C GLY C 482 -30.52 49.36 -5.94
N VAL C 483 -29.56 49.28 -6.86
CA VAL C 483 -29.83 49.45 -8.28
C VAL C 483 -29.10 48.34 -9.04
N GLU C 484 -29.76 47.75 -10.03
CA GLU C 484 -29.11 46.80 -10.91
C GLU C 484 -28.70 47.46 -12.24
N GLY C 485 -27.69 48.32 -12.13
CA GLY C 485 -27.22 49.09 -13.27
C GLY C 485 -26.27 48.35 -14.21
N PHE C 486 -25.22 49.03 -14.64
CA PHE C 486 -24.31 48.45 -15.64
C PHE C 486 -23.36 47.46 -14.99
N ASN C 487 -23.47 46.20 -15.44
CA ASN C 487 -22.87 44.99 -14.85
C ASN C 487 -23.21 44.84 -13.37
N CYS C 488 -24.46 45.16 -13.01
CA CYS C 488 -24.97 44.96 -11.67
C CYS C 488 -26.28 44.21 -11.85
N TYR C 489 -26.44 43.10 -11.14
CA TYR C 489 -27.47 42.14 -11.48
C TYR C 489 -28.22 41.71 -10.22
N PHE C 490 -29.45 41.30 -10.41
CA PHE C 490 -30.12 40.57 -9.36
C PHE C 490 -29.52 39.16 -9.30
N PRO C 491 -29.24 38.63 -8.10
CA PRO C 491 -28.67 37.27 -8.02
C PRO C 491 -29.67 36.18 -8.33
N LEU C 492 -30.94 36.44 -8.08
CA LEU C 492 -32.03 35.52 -8.39
C LEU C 492 -32.58 35.83 -9.77
N GLN C 493 -32.68 34.80 -10.59
CA GLN C 493 -33.43 34.87 -11.82
C GLN C 493 -34.42 33.73 -11.81
N SER C 494 -35.49 33.88 -12.57
CA SER C 494 -36.58 32.92 -12.47
C SER C 494 -36.32 31.69 -13.31
N TYR C 495 -36.96 30.59 -12.90
CA TYR C 495 -37.06 29.42 -13.76
C TYR C 495 -37.93 29.70 -14.98
N GLY C 496 -39.14 30.18 -14.75
CA GLY C 496 -40.10 30.37 -15.82
C GLY C 496 -40.67 29.06 -16.34
N PHE C 497 -41.44 28.37 -15.51
CA PHE C 497 -41.83 27.00 -15.81
C PHE C 497 -43.05 26.96 -16.73
N GLN C 498 -42.79 27.20 -17.99
CA GLN C 498 -43.72 26.72 -18.99
C GLN C 498 -43.53 25.22 -19.18
N PRO C 499 -44.60 24.44 -19.26
CA PRO C 499 -44.44 23.01 -19.55
C PRO C 499 -44.18 22.71 -21.02
N THR C 500 -44.36 23.70 -21.90
CA THR C 500 -43.95 23.62 -23.29
C THR C 500 -42.46 23.88 -23.50
N ASN C 501 -41.73 24.23 -22.45
CA ASN C 501 -40.27 24.26 -22.50
C ASN C 501 -39.71 22.84 -22.52
N GLY C 502 -38.42 22.74 -22.82
CA GLY C 502 -37.83 21.52 -23.32
C GLY C 502 -37.56 20.45 -22.29
N VAL C 503 -36.73 19.49 -22.70
CA VAL C 503 -36.38 18.37 -21.85
C VAL C 503 -35.36 18.83 -20.82
N GLY C 504 -35.62 18.50 -19.56
CA GLY C 504 -34.89 19.05 -18.45
C GLY C 504 -35.39 20.40 -18.01
N TYR C 505 -36.55 20.82 -18.49
CA TYR C 505 -37.17 22.04 -18.03
C TYR C 505 -38.48 21.78 -17.34
N GLN C 506 -38.98 20.55 -17.45
CA GLN C 506 -40.12 20.13 -16.66
C GLN C 506 -39.66 19.96 -15.21
N PRO C 507 -40.34 20.64 -14.25
CA PRO C 507 -39.76 20.90 -12.92
C PRO C 507 -39.58 19.69 -12.02
N TYR C 508 -38.46 19.67 -11.29
CA TYR C 508 -38.12 18.52 -10.47
C TYR C 508 -38.20 18.89 -9.00
N ARG C 509 -39.17 18.29 -8.31
CA ARG C 509 -39.21 18.36 -6.86
C ARG C 509 -38.13 17.46 -6.27
N VAL C 510 -37.06 18.07 -5.79
CA VAL C 510 -35.85 17.32 -5.41
C VAL C 510 -35.68 17.35 -3.90
N VAL C 511 -35.59 16.15 -3.31
CA VAL C 511 -35.61 15.95 -1.86
C VAL C 511 -34.27 15.32 -1.47
N VAL C 512 -33.62 15.88 -0.44
CA VAL C 512 -32.30 15.44 0.02
C VAL C 512 -32.43 14.94 1.45
N LEU C 513 -31.99 13.70 1.71
CA LEU C 513 -32.08 13.08 3.03
C LEU C 513 -30.72 13.01 3.71
N SER C 514 -30.54 13.77 4.77
CA SER C 514 -29.35 13.67 5.60
C SER C 514 -29.68 12.96 6.90
N PHE C 515 -28.74 12.16 7.40
CA PHE C 515 -28.91 11.47 8.67
C PHE C 515 -27.75 11.81 9.60
N GLU C 516 -27.80 11.21 10.78
CA GLU C 516 -26.63 10.98 11.61
C GLU C 516 -26.69 9.55 12.13
N LEU C 517 -25.52 8.97 12.39
CA LEU C 517 -25.41 7.58 12.81
C LEU C 517 -24.62 7.48 14.10
N LEU C 518 -25.08 6.58 14.98
CA LEU C 518 -24.42 6.12 16.21
C LEU C 518 -24.18 7.26 17.21
N HIS C 519 -25.17 8.13 17.32
CA HIS C 519 -25.09 9.29 18.19
C HIS C 519 -25.81 8.92 19.50
N ALA C 520 -26.06 9.91 20.38
CA ALA C 520 -26.95 9.89 21.54
C ALA C 520 -28.33 9.47 21.05
N PRO C 521 -29.06 8.55 21.82
CA PRO C 521 -29.83 7.44 21.21
C PRO C 521 -30.88 7.68 20.13
N ALA C 522 -31.23 6.58 19.46
CA ALA C 522 -31.78 6.60 18.10
C ALA C 522 -33.23 7.09 18.05
N THR C 523 -33.40 8.26 17.47
CA THR C 523 -34.70 8.88 17.30
C THR C 523 -35.53 8.24 16.20
N VAL C 524 -34.91 7.85 15.10
CA VAL C 524 -35.59 7.36 13.91
C VAL C 524 -35.21 5.92 13.68
N CYS C 525 -36.18 5.02 13.78
CA CYS C 525 -35.88 3.59 13.67
C CYS C 525 -36.72 2.98 12.56
N GLY C 526 -36.38 1.75 12.19
CA GLY C 526 -37.07 1.07 11.13
C GLY C 526 -38.28 0.30 11.63
N PRO C 527 -38.84 -0.55 10.75
CA PRO C 527 -40.01 -1.35 11.13
C PRO C 527 -39.71 -2.61 11.91
N LYS C 528 -38.45 -2.90 12.25
CA LYS C 528 -38.14 -4.05 13.06
C LYS C 528 -38.47 -3.78 14.52
N LYS C 529 -38.79 -4.83 15.25
CA LYS C 529 -39.10 -4.69 16.66
C LYS C 529 -38.00 -5.32 17.51
N SER C 530 -38.18 -5.24 18.82
CA SER C 530 -37.22 -5.88 19.70
C SER C 530 -37.53 -7.35 19.87
N THR C 531 -36.47 -8.16 19.74
CA THR C 531 -36.48 -9.53 20.21
C THR C 531 -36.22 -9.43 21.71
N ASN C 532 -36.72 -10.40 22.48
CA ASN C 532 -36.54 -10.36 23.92
C ASN C 532 -35.10 -10.68 24.31
N LEU C 533 -34.62 -9.97 25.33
CA LEU C 533 -33.21 -10.00 25.70
C LEU C 533 -32.86 -11.29 26.43
N VAL C 534 -31.84 -11.98 25.93
CA VAL C 534 -31.27 -13.12 26.62
C VAL C 534 -29.83 -12.75 26.97
N LYS C 535 -29.35 -13.31 28.07
CA LYS C 535 -28.00 -13.04 28.55
C LYS C 535 -27.18 -14.32 28.54
N ASN C 536 -25.86 -14.12 28.69
CA ASN C 536 -24.84 -15.13 29.01
C ASN C 536 -24.69 -16.20 27.93
N LYS C 537 -24.97 -15.85 26.67
CA LYS C 537 -24.74 -16.77 25.57
C LYS C 537 -24.41 -15.96 24.33
N CYS C 538 -23.60 -16.56 23.47
CA CYS C 538 -23.21 -15.90 22.23
C CYS C 538 -24.37 -15.90 21.27
N VAL C 539 -24.91 -14.71 21.04
CA VAL C 539 -26.04 -14.51 20.15
C VAL C 539 -25.61 -13.47 19.12
N ASN C 540 -26.32 -13.43 18.00
CA ASN C 540 -26.32 -12.22 17.21
C ASN C 540 -27.08 -11.15 17.96
N PHE C 541 -26.54 -9.94 18.00
CA PHE C 541 -27.28 -8.84 18.59
C PHE C 541 -27.61 -7.83 17.53
N ASN C 542 -28.53 -6.92 17.86
CA ASN C 542 -28.78 -5.72 17.07
C ASN C 542 -29.25 -4.65 18.05
N PHE C 543 -28.30 -3.85 18.54
CA PHE C 543 -28.61 -2.74 19.42
C PHE C 543 -28.64 -1.48 18.57
N ASN C 544 -29.84 -1.19 18.05
CA ASN C 544 -30.22 0.04 17.33
C ASN C 544 -29.41 0.23 16.05
N GLY C 545 -29.39 -0.81 15.21
CA GLY C 545 -28.62 -0.80 13.99
C GLY C 545 -27.24 -1.38 14.12
N LEU C 546 -26.73 -1.55 15.34
CA LEU C 546 -25.36 -1.99 15.55
C LEU C 546 -25.40 -3.50 15.80
N THR C 547 -24.87 -4.24 14.83
CA THR C 547 -24.95 -5.70 14.90
C THR C 547 -23.62 -6.30 15.35
N GLY C 548 -23.57 -7.63 15.31
CA GLY C 548 -22.36 -8.36 15.64
C GLY C 548 -22.72 -9.64 16.38
N THR C 549 -21.69 -10.24 17.00
CA THR C 549 -21.85 -11.43 17.82
C THR C 549 -21.35 -11.13 19.23
N GLY C 550 -21.74 -11.98 20.18
CA GLY C 550 -21.10 -11.96 21.47
C GLY C 550 -22.07 -12.32 22.58
N VAL C 551 -21.51 -12.40 23.79
CA VAL C 551 -22.25 -12.79 24.98
C VAL C 551 -22.69 -11.52 25.71
N LEU C 552 -23.76 -11.64 26.48
CA LEU C 552 -24.29 -10.50 27.21
C LEU C 552 -24.21 -10.80 28.70
N THR C 553 -23.46 -9.98 29.44
CA THR C 553 -23.49 -10.07 30.88
C THR C 553 -23.90 -8.71 31.43
N GLU C 554 -24.23 -8.70 32.72
CA GLU C 554 -24.49 -7.44 33.41
C GLU C 554 -23.18 -6.70 33.64
N SER C 555 -23.19 -5.39 33.32
CA SER C 555 -22.02 -4.56 33.58
C SER C 555 -21.80 -4.28 35.06
N ASN C 556 -22.91 -4.00 35.79
CA ASN C 556 -23.09 -3.48 37.19
C ASN C 556 -21.97 -2.54 37.65
N LYS C 557 -21.70 -1.53 36.82
CA LYS C 557 -20.55 -0.66 37.00
C LYS C 557 -20.95 0.76 36.65
N LYS C 558 -20.06 1.68 37.00
CA LYS C 558 -20.32 3.11 36.90
C LYS C 558 -20.27 3.55 35.44
N PHE C 559 -21.38 4.13 34.99
CA PHE C 559 -21.58 4.29 33.56
C PHE C 559 -22.07 5.71 33.29
N LEU C 560 -21.67 6.23 32.13
CA LEU C 560 -22.03 7.58 31.71
C LEU C 560 -23.49 7.65 31.30
N PRO C 561 -24.26 8.62 31.89
CA PRO C 561 -25.70 8.43 32.12
C PRO C 561 -26.65 8.36 30.93
N PHE C 562 -26.40 9.05 29.83
CA PHE C 562 -27.38 9.03 28.75
C PHE C 562 -26.74 8.95 27.36
N GLN C 563 -25.77 8.06 27.21
CA GLN C 563 -25.60 7.38 25.94
C GLN C 563 -25.65 5.89 26.26
N GLN C 564 -26.06 5.09 25.27
CA GLN C 564 -26.18 3.66 25.52
C GLN C 564 -24.83 2.96 25.53
N PHE C 565 -23.91 3.42 24.70
CA PHE C 565 -22.68 2.70 24.44
C PHE C 565 -21.63 3.06 25.48
N GLY C 566 -20.82 2.06 25.82
CA GLY C 566 -19.56 2.26 26.48
C GLY C 566 -18.49 1.66 25.59
N ARG C 567 -17.30 2.26 25.52
CA ARG C 567 -16.29 1.77 24.60
C ARG C 567 -14.95 1.59 25.28
N ASP C 568 -14.15 0.74 24.65
CA ASP C 568 -12.80 0.41 25.07
C ASP C 568 -11.80 1.38 24.45
N ILE C 569 -10.52 0.98 24.48
CA ILE C 569 -9.47 1.66 23.73
C ILE C 569 -9.71 1.51 22.23
N ALA C 570 -10.16 0.33 21.79
CA ALA C 570 -10.34 0.02 20.38
C ALA C 570 -11.70 0.45 19.82
N ASP C 571 -12.49 1.21 20.60
CA ASP C 571 -13.73 1.89 20.23
C ASP C 571 -14.85 0.93 19.81
N THR C 572 -14.82 -0.29 20.31
CA THR C 572 -15.90 -1.23 20.14
C THR C 572 -16.73 -1.23 21.41
N THR C 573 -17.99 -1.62 21.28
CA THR C 573 -18.90 -1.60 22.42
C THR C 573 -18.60 -2.76 23.34
N ASP C 574 -17.87 -2.50 24.41
CA ASP C 574 -17.77 -3.45 25.51
C ASP C 574 -18.97 -3.37 26.43
N ALA C 575 -19.67 -2.24 26.43
CA ALA C 575 -20.89 -2.09 27.22
C ALA C 575 -21.92 -1.37 26.37
N VAL C 576 -23.13 -1.89 26.40
CA VAL C 576 -24.25 -1.26 25.72
C VAL C 576 -25.32 -1.09 26.80
N ARG C 577 -26.22 -0.15 26.62
CA ARG C 577 -27.43 -0.09 27.43
C ARG C 577 -28.59 -0.46 26.52
N ASP C 578 -29.51 -1.26 27.02
CA ASP C 578 -30.63 -1.73 26.22
C ASP C 578 -31.66 -0.61 26.02
N PRO C 579 -32.23 -0.46 24.82
CA PRO C 579 -33.21 0.62 24.59
C PRO C 579 -34.56 0.39 25.24
N GLN C 580 -34.95 -0.85 25.48
CA GLN C 580 -36.27 -1.10 26.07
C GLN C 580 -36.27 -0.84 27.57
N THR C 581 -35.58 -1.67 28.33
CA THR C 581 -35.31 -1.36 29.73
C THR C 581 -33.89 -0.84 29.83
N LEU C 582 -33.72 0.29 30.50
CA LEU C 582 -32.49 1.06 30.32
C LEU C 582 -31.47 0.58 31.33
N GLU C 583 -30.88 -0.58 31.02
CA GLU C 583 -29.95 -1.27 31.88
C GLU C 583 -28.72 -1.64 31.08
N ILE C 584 -27.56 -1.54 31.73
CA ILE C 584 -26.29 -1.47 31.04
C ILE C 584 -25.77 -2.89 30.91
N LEU C 585 -25.59 -3.36 29.68
CA LEU C 585 -25.26 -4.75 29.43
C LEU C 585 -23.87 -4.84 28.83
N ASP C 586 -23.03 -5.70 29.43
CA ASP C 586 -21.68 -5.90 28.90
C ASP C 586 -21.76 -6.85 27.71
N ILE C 587 -21.74 -6.26 26.52
CA ILE C 587 -21.49 -7.02 25.31
C ILE C 587 -20.00 -7.27 25.09
N THR C 588 -19.57 -8.45 25.40
CA THR C 588 -18.26 -8.92 25.08
C THR C 588 -18.39 -10.08 24.09
N PRO C 589 -17.40 -10.30 23.21
CA PRO C 589 -17.42 -11.49 22.37
C PRO C 589 -17.13 -12.76 23.17
N CYS C 590 -17.37 -13.88 22.51
CA CYS C 590 -17.47 -15.17 23.18
C CYS C 590 -16.09 -15.76 23.48
N SER C 591 -16.09 -17.02 23.91
CA SER C 591 -14.82 -17.70 24.15
C SER C 591 -14.26 -18.25 22.84
N PHE C 592 -13.10 -17.74 22.47
CA PHE C 592 -12.47 -18.12 21.21
C PHE C 592 -11.00 -18.41 21.50
N GLY C 593 -10.25 -18.62 20.44
CA GLY C 593 -8.82 -18.81 20.60
C GLY C 593 -8.28 -19.65 19.46
N GLY C 594 -6.97 -19.82 19.49
CA GLY C 594 -6.33 -20.74 18.58
C GLY C 594 -6.39 -22.14 19.16
N VAL C 595 -6.10 -23.14 18.34
CA VAL C 595 -6.14 -24.52 18.83
C VAL C 595 -4.93 -25.27 18.27
N SER C 596 -4.29 -26.05 19.14
CA SER C 596 -3.09 -26.79 18.77
C SER C 596 -3.36 -28.28 18.80
N VAL C 597 -2.73 -28.99 17.86
CA VAL C 597 -2.89 -30.42 17.71
C VAL C 597 -1.54 -31.06 18.01
N ILE C 598 -1.53 -32.04 18.89
CA ILE C 598 -0.30 -32.74 19.24
C ILE C 598 -0.30 -34.08 18.54
N THR C 599 0.79 -34.41 17.86
CA THR C 599 0.84 -35.68 17.18
C THR C 599 2.14 -36.42 17.48
N PRO C 600 2.12 -37.76 17.44
CA PRO C 600 3.38 -38.52 17.39
C PRO C 600 3.93 -38.69 15.99
N GLY C 601 3.29 -38.11 14.97
CA GLY C 601 3.78 -38.21 13.61
C GLY C 601 3.10 -39.35 12.89
N THR C 602 2.77 -39.15 11.61
CA THR C 602 2.00 -40.13 10.85
C THR C 602 2.79 -41.38 10.47
N ASN C 603 4.12 -41.34 10.58
CA ASN C 603 4.89 -42.58 10.53
C ASN C 603 4.65 -43.42 11.77
N THR C 604 4.45 -42.77 12.92
CA THR C 604 4.18 -43.51 14.15
C THR C 604 2.70 -43.87 14.26
N SER C 605 1.83 -42.86 14.37
CA SER C 605 0.42 -43.12 14.66
C SER C 605 -0.42 -41.95 14.20
N ASN C 606 -1.71 -42.20 14.06
CA ASN C 606 -2.64 -41.18 13.59
C ASN C 606 -3.62 -40.74 14.65
N GLN C 607 -3.47 -41.22 15.88
CA GLN C 607 -4.18 -40.61 16.99
C GLN C 607 -3.50 -39.29 17.33
N VAL C 608 -4.32 -38.31 17.73
CA VAL C 608 -3.84 -36.97 18.02
C VAL C 608 -4.35 -36.51 19.37
N ALA C 609 -3.67 -35.51 19.92
CA ALA C 609 -4.08 -34.85 21.16
C ALA C 609 -4.32 -33.38 20.87
N VAL C 610 -5.38 -32.84 21.46
CA VAL C 610 -5.87 -31.51 21.13
C VAL C 610 -5.75 -30.64 22.38
N LEU C 611 -5.06 -29.52 22.25
CA LEU C 611 -5.06 -28.48 23.29
C LEU C 611 -5.89 -27.32 22.80
N TYR C 612 -6.92 -26.97 23.56
CA TYR C 612 -7.61 -25.70 23.36
C TYR C 612 -6.89 -24.70 24.27
N GLN C 613 -6.56 -23.55 23.71
CA GLN C 613 -5.54 -22.71 24.32
C GLN C 613 -6.13 -21.62 25.17
N ASP C 614 -5.67 -21.53 26.42
CA ASP C 614 -6.02 -20.45 27.31
C ASP C 614 -7.41 -20.50 27.87
N VAL C 615 -8.08 -21.64 27.84
CA VAL C 615 -9.51 -21.70 28.14
C VAL C 615 -9.75 -22.55 29.37
N ASN C 616 -11.00 -22.59 29.80
CA ASN C 616 -11.43 -23.54 30.80
C ASN C 616 -11.83 -24.86 30.14
N CYS C 617 -11.83 -25.91 30.95
CA CYS C 617 -12.47 -27.15 30.55
C CYS C 617 -13.96 -27.15 30.83
N THR C 618 -14.46 -26.13 31.53
CA THR C 618 -15.90 -25.95 31.67
C THR C 618 -16.52 -25.52 30.36
N GLU C 619 -15.92 -24.52 29.71
CA GLU C 619 -16.51 -23.84 28.57
C GLU C 619 -16.21 -24.54 27.25
N VAL C 620 -15.39 -25.58 27.26
CA VAL C 620 -14.98 -26.23 26.01
C VAL C 620 -16.07 -26.99 25.22
N PRO C 621 -17.15 -27.58 25.82
CA PRO C 621 -18.19 -28.12 24.89
C PRO C 621 -19.15 -27.09 24.32
N VAL C 622 -18.96 -25.79 24.52
CA VAL C 622 -19.61 -24.79 23.69
C VAL C 622 -18.61 -23.92 22.94
N ALA C 623 -17.33 -23.93 23.34
CA ALA C 623 -16.31 -23.16 22.62
C ALA C 623 -16.00 -23.81 21.28
N ILE C 624 -16.06 -25.14 21.22
CA ILE C 624 -16.06 -25.81 19.93
C ILE C 624 -17.45 -25.63 19.31
N HIS C 625 -17.52 -25.64 17.98
CA HIS C 625 -18.78 -25.53 17.24
C HIS C 625 -19.58 -26.82 17.38
N ALA C 626 -20.25 -27.00 18.52
CA ALA C 626 -20.56 -28.34 19.04
C ALA C 626 -21.70 -29.02 18.31
N ASP C 627 -22.82 -28.32 18.18
CA ASP C 627 -23.89 -28.81 17.31
C ASP C 627 -23.58 -28.58 15.84
N GLN C 628 -22.67 -27.65 15.51
CA GLN C 628 -22.32 -27.41 14.13
C GLN C 628 -21.39 -28.47 13.57
N LEU C 629 -20.60 -29.14 14.41
CA LEU C 629 -19.70 -30.14 13.90
C LEU C 629 -20.23 -31.55 14.21
N THR C 630 -19.42 -32.54 13.88
CA THR C 630 -19.85 -33.93 13.81
C THR C 630 -19.44 -34.67 15.10
N PRO C 631 -19.96 -35.89 15.35
CA PRO C 631 -19.42 -36.70 16.46
C PRO C 631 -17.97 -37.22 16.33
N THR C 632 -17.30 -37.03 15.21
CA THR C 632 -15.85 -37.11 15.25
C THR C 632 -15.25 -35.95 16.05
N TRP C 633 -15.85 -34.76 15.97
CA TRP C 633 -15.45 -33.66 16.82
C TRP C 633 -16.00 -33.73 18.25
N ARG C 634 -16.88 -34.68 18.59
CA ARG C 634 -17.37 -34.73 19.97
C ARG C 634 -16.54 -35.66 20.84
N VAL C 635 -15.64 -36.44 20.26
CA VAL C 635 -14.62 -37.07 21.10
C VAL C 635 -13.47 -36.09 21.33
N TYR C 636 -13.38 -35.05 20.50
CA TYR C 636 -12.55 -33.89 20.74
C TYR C 636 -13.36 -32.71 21.27
N SER C 637 -14.50 -32.98 21.86
CA SER C 637 -15.22 -32.04 22.70
C SER C 637 -15.39 -32.56 24.12
N THR C 638 -15.67 -33.86 24.27
CA THR C 638 -15.77 -34.49 25.57
C THR C 638 -15.16 -35.88 25.48
N GLY C 639 -14.21 -36.17 26.36
CA GLY C 639 -13.59 -37.48 26.39
C GLY C 639 -13.26 -37.87 27.80
N SER C 640 -12.60 -39.03 27.92
CA SER C 640 -12.10 -39.45 29.21
C SER C 640 -10.91 -38.61 29.65
N ASN C 641 -9.96 -38.41 28.74
CA ASN C 641 -8.86 -37.46 28.97
C ASN C 641 -9.45 -36.08 28.79
N VAL C 642 -9.83 -35.45 29.90
CA VAL C 642 -10.05 -34.02 29.94
C VAL C 642 -9.12 -33.49 31.02
N PHE C 643 -8.13 -32.70 30.64
CA PHE C 643 -7.13 -32.21 31.57
C PHE C 643 -7.07 -30.69 31.50
N GLN C 644 -7.14 -30.05 32.66
CA GLN C 644 -7.04 -28.61 32.73
C GLN C 644 -5.59 -28.25 33.00
N THR C 645 -4.99 -27.56 32.05
CA THR C 645 -3.63 -27.09 32.22
C THR C 645 -3.62 -25.62 32.55
N ARG C 646 -2.41 -25.08 32.71
CA ARG C 646 -2.26 -23.63 32.80
C ARG C 646 -2.43 -22.96 31.44
N ALA C 647 -2.14 -23.67 30.36
CA ALA C 647 -2.28 -23.09 29.04
C ALA C 647 -3.63 -23.37 28.41
N GLY C 648 -4.54 -23.98 29.15
CA GLY C 648 -5.88 -24.19 28.65
C GLY C 648 -6.36 -25.60 28.94
N CYS C 649 -7.30 -26.04 28.12
CA CYS C 649 -7.87 -27.37 28.27
C CYS C 649 -7.18 -28.32 27.31
N LEU C 650 -6.54 -29.34 27.88
CA LEU C 650 -5.91 -30.39 27.10
C LEU C 650 -6.77 -31.64 27.13
N ILE C 651 -7.14 -32.13 25.96
CA ILE C 651 -7.86 -33.39 25.86
C ILE C 651 -7.06 -34.34 24.98
N GLY C 652 -7.34 -35.63 25.12
CA GLY C 652 -6.71 -36.65 24.31
C GLY C 652 -5.36 -37.11 24.78
N ALA C 653 -4.88 -36.61 25.93
CA ALA C 653 -3.56 -36.94 26.42
C ALA C 653 -3.65 -37.46 27.84
N GLU C 654 -2.94 -38.54 28.12
CA GLU C 654 -3.06 -39.24 29.39
C GLU C 654 -2.18 -38.60 30.44
N HIS C 655 -2.80 -37.85 31.34
CA HIS C 655 -2.05 -37.19 32.41
C HIS C 655 -1.65 -38.20 33.48
N VAL C 656 -0.35 -38.29 33.73
CA VAL C 656 0.20 -39.14 34.77
C VAL C 656 0.96 -38.25 35.74
N ASN C 657 1.22 -38.78 36.93
CA ASN C 657 2.06 -38.05 37.87
C ASN C 657 3.53 -38.38 37.70
N ASN C 658 3.85 -39.40 36.91
CA ASN C 658 5.21 -39.72 36.58
C ASN C 658 5.73 -38.67 35.59
N SER C 659 7.03 -38.39 35.67
CA SER C 659 7.56 -37.22 35.01
C SER C 659 8.80 -37.61 34.22
N TYR C 660 8.84 -37.20 32.95
CA TYR C 660 9.87 -37.63 32.02
C TYR C 660 10.42 -36.43 31.27
N GLU C 661 11.34 -36.73 30.34
CA GLU C 661 11.95 -35.68 29.54
C GLU C 661 11.07 -35.36 28.33
N CYS C 662 11.35 -34.22 27.71
CA CYS C 662 10.39 -33.61 26.80
C CYS C 662 10.50 -34.19 25.41
N ASP C 663 9.49 -34.96 25.01
CA ASP C 663 9.34 -35.30 23.60
C ASP C 663 8.73 -34.11 22.85
N ILE C 664 7.53 -33.71 23.21
CA ILE C 664 6.86 -32.60 22.55
C ILE C 664 6.64 -31.48 23.57
N PRO C 665 7.12 -30.26 23.31
CA PRO C 665 6.83 -29.13 24.22
C PRO C 665 5.39 -28.67 24.11
N ILE C 666 4.77 -28.43 25.27
CA ILE C 666 3.42 -27.90 25.34
C ILE C 666 3.40 -26.50 25.95
N GLY C 667 3.82 -26.40 27.20
CA GLY C 667 3.68 -25.17 27.94
C GLY C 667 3.51 -25.46 29.42
N ALA C 668 4.06 -24.55 30.25
CA ALA C 668 4.01 -24.56 31.72
C ALA C 668 4.59 -25.83 32.33
N GLY C 669 5.69 -26.31 31.76
CA GLY C 669 6.34 -27.50 32.25
C GLY C 669 5.63 -28.79 31.94
N ILE C 670 4.81 -28.82 30.93
CA ILE C 670 4.11 -30.05 30.56
C ILE C 670 4.69 -30.50 29.23
N CYS C 671 5.00 -31.79 29.13
CA CYS C 671 5.37 -32.36 27.85
C CYS C 671 4.56 -33.64 27.64
N ALA C 672 4.54 -34.08 26.39
CA ALA C 672 3.69 -35.18 25.98
C ALA C 672 4.51 -36.20 25.20
N SER C 673 4.20 -37.47 25.42
CA SER C 673 4.84 -38.53 24.64
C SER C 673 3.79 -39.49 24.14
N TYR C 674 4.25 -40.53 23.48
CA TYR C 674 3.40 -41.59 22.94
C TYR C 674 3.88 -42.91 23.54
N GLN C 675 3.23 -43.35 24.62
CA GLN C 675 3.81 -44.41 25.44
C GLN C 675 2.76 -45.45 25.81
N THR C 676 3.25 -46.64 26.14
CA THR C 676 2.42 -47.71 26.67
C THR C 676 1.97 -47.38 28.08
N SER C 689 -1.43 -50.77 23.24
CA SER C 689 -1.30 -50.26 24.60
C SER C 689 -0.63 -48.90 24.58
N GLN C 690 0.06 -48.61 23.47
CA GLN C 690 0.70 -47.31 23.27
C GLN C 690 -0.34 -46.23 23.06
N SER C 691 -0.17 -45.12 23.76
CA SER C 691 -1.15 -44.05 23.73
C SER C 691 -0.46 -42.73 24.03
N ILE C 692 -1.13 -41.64 23.70
CA ILE C 692 -0.57 -40.31 23.89
C ILE C 692 -0.72 -39.92 25.35
N ILE C 693 0.40 -39.70 26.00
CA ILE C 693 0.42 -39.46 27.42
C ILE C 693 0.72 -37.98 27.65
N ALA C 694 0.55 -37.55 28.90
CA ALA C 694 0.86 -36.19 29.31
C ALA C 694 1.57 -36.25 30.65
N TYR C 695 2.58 -35.41 30.82
CA TYR C 695 3.41 -35.50 32.02
C TYR C 695 4.02 -34.16 32.32
N THR C 696 4.35 -33.98 33.60
CA THR C 696 5.13 -32.85 34.08
C THR C 696 6.56 -33.03 33.59
N MET C 697 7.21 -31.92 33.21
CA MET C 697 8.62 -31.94 32.88
C MET C 697 9.49 -32.27 34.08
N SER C 698 10.06 -33.48 34.07
CA SER C 698 11.13 -33.80 35.01
C SER C 698 12.38 -33.11 34.52
N LEU C 699 13.01 -32.34 35.41
CA LEU C 699 14.05 -31.43 34.99
C LEU C 699 15.42 -32.09 34.89
N GLY C 700 15.53 -33.34 35.31
CA GLY C 700 16.80 -34.03 35.27
C GLY C 700 16.87 -35.04 36.38
N VAL C 701 17.99 -35.75 36.42
CA VAL C 701 18.30 -36.65 37.52
C VAL C 701 18.66 -35.76 38.71
N GLU C 702 18.14 -36.09 39.88
CA GLU C 702 18.48 -35.32 41.06
C GLU C 702 19.79 -35.81 41.67
N ASN C 703 20.67 -34.86 41.95
CA ASN C 703 21.85 -35.17 42.76
C ASN C 703 21.66 -34.45 44.09
N SER C 704 21.35 -35.23 45.11
CA SER C 704 21.70 -34.81 46.45
C SER C 704 23.22 -34.85 46.53
N VAL C 705 23.84 -33.66 46.53
CA VAL C 705 25.28 -33.61 46.41
C VAL C 705 25.92 -33.86 47.77
N ALA C 706 26.75 -34.89 47.84
CA ALA C 706 27.40 -35.28 49.09
C ALA C 706 28.54 -34.32 49.42
N TYR C 707 28.19 -33.23 50.10
CA TYR C 707 29.20 -32.30 50.55
C TYR C 707 29.92 -32.84 51.78
N SER C 708 31.24 -32.76 51.74
CA SER C 708 32.05 -32.77 52.94
C SER C 708 32.89 -31.51 52.95
N ASN C 709 33.13 -31.00 54.15
CA ASN C 709 33.99 -29.85 54.25
C ASN C 709 35.46 -30.22 54.43
N ASN C 710 35.78 -31.51 54.48
CA ASN C 710 37.16 -31.95 54.51
C ASN C 710 37.37 -33.24 53.71
N SER C 711 36.68 -33.38 52.59
CA SER C 711 36.94 -34.50 51.68
C SER C 711 36.63 -34.11 50.25
N ILE C 712 37.09 -34.95 49.31
CA ILE C 712 37.10 -34.65 47.88
C ILE C 712 36.87 -35.93 47.10
N ALA C 713 36.47 -35.77 45.83
CA ALA C 713 36.42 -36.87 44.87
C ALA C 713 37.41 -36.59 43.76
N ILE C 714 38.44 -37.42 43.64
CA ILE C 714 39.49 -37.26 42.65
C ILE C 714 39.43 -38.43 41.68
N PRO C 715 39.42 -38.20 40.37
CA PRO C 715 39.32 -39.30 39.41
C PRO C 715 40.61 -40.11 39.28
N THR C 716 40.44 -41.42 39.15
CA THR C 716 41.55 -42.33 38.95
C THR C 716 41.61 -42.90 37.53
N ASN C 717 40.72 -42.46 36.64
CA ASN C 717 40.77 -42.83 35.24
C ASN C 717 40.19 -41.66 34.46
N PHE C 718 39.79 -41.92 33.22
CA PHE C 718 39.24 -40.85 32.39
C PHE C 718 38.30 -41.42 31.36
N THR C 719 37.93 -40.57 30.41
CA THR C 719 37.17 -40.94 29.23
C THR C 719 37.56 -39.98 28.12
N ILE C 720 38.08 -40.52 27.03
CA ILE C 720 38.26 -39.75 25.81
C ILE C 720 36.89 -39.59 25.15
N SER C 721 36.42 -38.36 25.04
CA SER C 721 35.09 -38.09 24.51
C SER C 721 35.21 -37.16 23.32
N VAL C 722 34.35 -37.39 22.34
CA VAL C 722 34.19 -36.49 21.20
C VAL C 722 32.73 -36.05 21.15
N THR C 723 32.51 -34.80 20.77
CA THR C 723 31.16 -34.30 20.57
C THR C 723 31.06 -33.69 19.20
N THR C 724 29.95 -33.94 18.53
CA THR C 724 29.64 -33.26 17.30
C THR C 724 29.05 -31.89 17.60
N GLU C 725 29.06 -31.03 16.58
CA GLU C 725 28.32 -29.77 16.62
C GLU C 725 27.93 -29.45 15.19
N ILE C 726 26.64 -29.33 14.94
CA ILE C 726 26.13 -29.08 13.59
C ILE C 726 25.97 -27.58 13.44
N LEU C 727 26.66 -27.00 12.45
CA LEU C 727 26.64 -25.55 12.34
C LEU C 727 26.56 -25.08 10.90
N PRO C 728 25.56 -24.27 10.55
CA PRO C 728 25.51 -23.71 9.20
C PRO C 728 26.49 -22.56 9.03
N VAL C 729 26.88 -22.34 7.78
CA VAL C 729 27.76 -21.24 7.40
C VAL C 729 27.07 -20.29 6.43
N SER C 730 26.53 -20.84 5.34
CA SER C 730 25.97 -20.02 4.27
C SER C 730 24.53 -20.46 4.04
N MET C 731 23.95 -19.93 2.96
CA MET C 731 22.64 -20.33 2.48
C MET C 731 22.62 -20.16 0.96
N THR C 732 21.42 -20.18 0.41
CA THR C 732 21.29 -20.32 -1.04
C THR C 732 21.33 -18.98 -1.75
N LYS C 733 22.30 -18.84 -2.66
CA LYS C 733 22.41 -17.65 -3.49
C LYS C 733 21.36 -17.70 -4.59
N THR C 734 20.58 -16.63 -4.67
CA THR C 734 19.60 -16.52 -5.74
C THR C 734 19.51 -15.10 -6.26
N SER C 735 18.83 -14.96 -7.40
CA SER C 735 18.52 -13.67 -7.98
C SER C 735 17.25 -13.76 -8.80
N VAL C 736 16.39 -12.76 -8.68
CA VAL C 736 15.13 -12.70 -9.43
C VAL C 736 15.10 -11.35 -10.15
N ASP C 737 14.85 -11.39 -11.47
CA ASP C 737 14.67 -10.20 -12.29
C ASP C 737 13.36 -9.52 -11.90
N CYS C 738 13.28 -8.21 -12.07
CA CYS C 738 12.12 -7.43 -11.64
C CYS C 738 10.91 -7.69 -12.53
N THR C 739 11.04 -7.32 -13.81
CA THR C 739 9.89 -7.13 -14.68
C THR C 739 9.36 -8.48 -15.15
N MET C 740 10.22 -9.48 -15.21
CA MET C 740 9.72 -10.80 -15.51
C MET C 740 9.83 -11.74 -14.31
N TYR C 741 9.89 -11.18 -13.10
CA TYR C 741 9.02 -11.71 -12.06
C TYR C 741 7.61 -11.25 -12.33
N ILE C 742 7.48 -9.98 -12.73
CA ILE C 742 6.16 -9.34 -12.77
C ILE C 742 5.38 -9.78 -14.00
N CYS C 743 5.99 -9.74 -15.19
CA CYS C 743 5.23 -10.05 -16.41
C CYS C 743 6.14 -10.62 -17.50
N GLY C 744 5.64 -11.60 -18.23
CA GLY C 744 6.34 -12.08 -19.41
C GLY C 744 6.22 -11.08 -20.54
N ASP C 745 7.37 -10.47 -20.88
CA ASP C 745 7.70 -9.61 -22.02
C ASP C 745 6.81 -8.37 -22.20
N SER C 746 6.13 -7.91 -21.16
CA SER C 746 5.25 -6.76 -21.28
C SER C 746 6.04 -5.51 -20.94
N THR C 747 6.17 -4.62 -21.93
CA THR C 747 6.94 -3.40 -21.78
C THR C 747 6.16 -2.37 -20.97
N GLU C 748 4.84 -2.53 -20.93
CA GLU C 748 3.91 -1.68 -20.18
C GLU C 748 4.10 -1.83 -18.67
N CYS C 749 4.61 -2.99 -18.23
CA CYS C 749 5.07 -3.14 -16.84
C CYS C 749 6.26 -2.26 -16.54
N SER C 750 7.18 -2.10 -17.51
CA SER C 750 8.34 -1.24 -17.28
C SER C 750 7.94 0.22 -17.31
N ASN C 751 6.96 0.56 -18.16
CA ASN C 751 6.44 1.92 -18.22
C ASN C 751 5.65 2.28 -16.98
N LEU C 752 4.91 1.33 -16.42
CA LEU C 752 4.25 1.56 -15.15
C LEU C 752 5.24 1.48 -13.99
N LEU C 753 6.32 0.72 -14.17
CA LEU C 753 7.31 0.52 -13.12
C LEU C 753 8.15 1.76 -12.92
N LEU C 754 8.39 2.50 -13.99
CA LEU C 754 9.16 3.73 -13.86
C LEU C 754 8.33 4.88 -13.32
N GLN C 755 7.00 4.75 -13.28
CA GLN C 755 6.19 5.63 -12.45
C GLN C 755 6.49 5.43 -10.97
N TYR C 756 6.63 4.17 -10.55
CA TYR C 756 7.20 3.86 -9.26
C TYR C 756 8.70 4.02 -9.23
N GLY C 757 9.38 3.89 -10.37
CA GLY C 757 10.80 4.08 -10.37
C GLY C 757 11.57 2.82 -10.07
N SER C 758 12.58 2.94 -9.21
CA SER C 758 13.67 1.97 -9.15
C SER C 758 13.72 1.22 -7.83
N PHE C 759 12.57 0.78 -7.32
CA PHE C 759 12.52 0.06 -6.05
C PHE C 759 13.11 -1.33 -6.18
N CYS C 760 12.89 -1.95 -7.33
CA CYS C 760 13.28 -3.32 -7.50
C CYS C 760 14.77 -3.42 -7.82
N THR C 761 15.37 -2.30 -8.26
CA THR C 761 16.82 -2.17 -8.30
C THR C 761 17.42 -2.20 -6.91
N GLN C 762 16.73 -1.62 -5.93
CA GLN C 762 17.19 -1.68 -4.55
C GLN C 762 17.00 -3.09 -3.98
N LEU C 763 15.93 -3.76 -4.42
CA LEU C 763 15.70 -5.15 -4.07
C LEU C 763 16.77 -6.07 -4.66
N ASN C 764 17.17 -5.76 -5.90
CA ASN C 764 18.22 -6.49 -6.58
C ASN C 764 19.57 -6.24 -5.95
N ARG C 765 19.79 -5.02 -5.46
CA ARG C 765 21.04 -4.70 -4.78
C ARG C 765 21.08 -5.31 -3.38
N ALA C 766 19.90 -5.51 -2.78
CA ALA C 766 19.81 -6.18 -1.49
C ALA C 766 20.14 -7.67 -1.60
N LEU C 767 19.60 -8.33 -2.63
CA LEU C 767 19.96 -9.74 -2.85
C LEU C 767 21.36 -9.88 -3.43
N THR C 768 21.85 -8.84 -4.10
CA THR C 768 23.22 -8.79 -4.59
C THR C 768 24.20 -8.72 -3.43
N GLY C 769 23.90 -7.90 -2.41
CA GLY C 769 24.72 -7.84 -1.22
C GLY C 769 24.61 -9.09 -0.36
N ILE C 770 23.46 -9.77 -0.43
CA ILE C 770 23.29 -11.11 0.15
C ILE C 770 24.20 -12.12 -0.53
N ALA C 771 24.27 -12.07 -1.87
CA ALA C 771 25.07 -13.03 -2.61
C ALA C 771 26.55 -12.72 -2.54
N VAL C 772 26.89 -11.46 -2.28
CA VAL C 772 28.26 -11.12 -1.85
C VAL C 772 28.54 -11.74 -0.49
N GLU C 773 27.57 -11.64 0.43
CA GLU C 773 27.78 -12.06 1.82
C GLU C 773 27.84 -13.56 2.00
N GLN C 774 27.28 -14.33 1.07
CA GLN C 774 27.31 -15.80 1.17
C GLN C 774 28.70 -16.36 0.92
N ASP C 775 29.26 -16.08 -0.27
CA ASP C 775 30.61 -16.53 -0.61
C ASP C 775 31.66 -15.75 0.16
N LYS C 776 31.33 -14.52 0.58
CA LYS C 776 32.15 -13.74 1.49
C LYS C 776 32.24 -14.39 2.87
N ASN C 777 31.11 -14.92 3.37
CA ASN C 777 31.07 -15.54 4.69
C ASN C 777 31.76 -16.89 4.70
N THR C 778 31.66 -17.63 3.59
CA THR C 778 32.47 -18.85 3.46
C THR C 778 33.94 -18.54 3.25
N GLN C 779 34.26 -17.36 2.72
CA GLN C 779 35.66 -16.96 2.66
C GLN C 779 36.20 -16.58 4.03
N GLU C 780 35.40 -15.93 4.90
CA GLU C 780 35.98 -15.63 6.22
C GLU C 780 35.97 -16.83 7.13
N VAL C 781 35.09 -17.81 6.89
CA VAL C 781 35.18 -19.01 7.70
C VAL C 781 36.30 -19.89 7.19
N PHE C 782 36.35 -20.16 5.88
CA PHE C 782 37.20 -21.24 5.44
C PHE C 782 38.60 -20.83 5.00
N ALA C 783 38.81 -19.61 4.53
CA ALA C 783 40.10 -19.27 3.94
C ALA C 783 41.06 -18.62 4.93
N GLN C 784 41.06 -19.06 6.17
CA GLN C 784 41.87 -18.48 7.23
C GLN C 784 43.28 -19.02 7.26
N VAL C 785 43.61 -19.98 6.40
CA VAL C 785 44.96 -20.51 6.29
C VAL C 785 45.65 -19.79 5.16
N LYS C 786 46.97 -19.91 5.10
CA LYS C 786 47.73 -19.21 4.09
C LYS C 786 48.20 -20.15 2.99
N GLN C 787 48.11 -21.44 3.23
CA GLN C 787 48.80 -22.42 2.40
C GLN C 787 47.98 -23.69 2.24
N ILE C 788 48.55 -24.63 1.51
CA ILE C 788 47.98 -25.96 1.33
C ILE C 788 48.94 -26.92 2.01
N TYR C 789 48.41 -27.76 2.88
CA TYR C 789 49.25 -28.69 3.62
C TYR C 789 48.81 -30.13 3.32
N LYS C 790 49.79 -31.00 3.20
CA LYS C 790 49.51 -32.40 2.94
C LYS C 790 50.23 -33.29 3.93
N THR C 791 49.58 -34.37 4.27
CA THR C 791 50.09 -35.39 5.17
C THR C 791 51.22 -36.17 4.50
N PRO C 792 52.15 -36.70 5.29
CA PRO C 792 53.00 -37.78 4.80
C PRO C 792 52.18 -39.04 4.57
N PRO C 793 52.52 -39.83 3.55
CA PRO C 793 51.74 -41.06 3.30
C PRO C 793 52.01 -42.17 4.30
N ILE C 794 53.17 -42.16 4.96
CA ILE C 794 53.39 -43.10 6.03
C ILE C 794 52.64 -42.63 7.27
N LYS C 795 51.58 -43.36 7.60
CA LYS C 795 50.60 -42.87 8.56
C LYS C 795 50.83 -43.50 9.93
N ASP C 796 51.98 -43.17 10.50
CA ASP C 796 52.30 -43.58 11.87
C ASP C 796 52.08 -42.38 12.78
N PHE C 797 50.99 -42.43 13.53
CA PHE C 797 50.62 -41.36 14.45
C PHE C 797 50.45 -41.86 15.87
N GLY C 798 51.27 -42.83 16.27
CA GLY C 798 51.08 -43.42 17.59
C GLY C 798 49.92 -44.38 17.63
N GLY C 799 49.57 -44.96 16.49
CA GLY C 799 48.51 -45.95 16.43
C GLY C 799 47.11 -45.39 16.29
N PHE C 800 46.96 -44.22 15.69
CA PHE C 800 45.66 -43.57 15.66
C PHE C 800 45.09 -43.59 14.24
N ASN C 801 43.95 -44.24 14.09
CA ASN C 801 43.37 -44.50 12.77
C ASN C 801 42.43 -43.35 12.42
N PHE C 802 42.89 -42.46 11.55
CA PHE C 802 42.11 -41.30 11.11
C PHE C 802 41.44 -41.55 9.76
N SER C 803 40.98 -42.78 9.53
CA SER C 803 40.55 -43.23 8.20
C SER C 803 39.25 -42.59 7.75
N GLN C 804 38.29 -42.44 8.64
CA GLN C 804 36.98 -41.95 8.23
C GLN C 804 36.93 -40.43 8.14
N ILE C 805 37.94 -39.77 8.69
CA ILE C 805 38.04 -38.32 8.57
C ILE C 805 39.09 -37.90 7.55
N LEU C 806 40.05 -38.77 7.22
CA LEU C 806 40.83 -38.44 6.05
C LEU C 806 40.05 -38.78 4.79
N PRO C 807 40.05 -37.88 3.80
CA PRO C 807 39.61 -38.27 2.47
C PRO C 807 40.53 -39.29 1.85
N ASP C 808 39.96 -40.19 1.07
CA ASP C 808 40.74 -41.24 0.44
C ASP C 808 41.19 -40.79 -0.93
N PRO C 809 42.29 -41.32 -1.46
CA PRO C 809 42.55 -41.19 -2.90
C PRO C 809 41.76 -42.18 -3.74
N SER C 810 41.11 -43.16 -3.12
CA SER C 810 40.38 -44.18 -3.87
C SER C 810 39.08 -43.63 -4.45
N LYS C 811 38.35 -42.83 -3.68
CA LYS C 811 37.19 -42.17 -4.24
C LYS C 811 37.63 -40.98 -5.11
N PRO C 812 36.92 -40.71 -6.21
CA PRO C 812 37.19 -39.48 -6.97
C PRO C 812 36.74 -38.23 -6.22
N SER C 813 35.71 -38.37 -5.39
CA SER C 813 35.42 -37.36 -4.39
C SER C 813 36.53 -37.35 -3.36
N LYS C 814 37.07 -36.17 -3.08
CA LYS C 814 38.05 -36.01 -2.03
C LYS C 814 37.42 -35.51 -0.74
N ARG C 815 36.22 -35.97 -0.43
CA ARG C 815 35.64 -35.77 0.87
C ARG C 815 36.02 -36.92 1.78
N SER C 816 35.87 -36.71 3.09
CA SER C 816 36.00 -37.80 4.02
C SER C 816 34.76 -38.67 3.98
N PHE C 817 34.88 -39.85 4.59
CA PHE C 817 33.83 -40.87 4.55
C PHE C 817 32.65 -40.46 5.41
N ILE C 818 32.95 -39.79 6.51
CA ILE C 818 31.96 -39.16 7.37
C ILE C 818 31.28 -38.02 6.63
N GLU C 819 32.04 -37.26 5.85
CA GLU C 819 31.47 -36.23 4.99
C GLU C 819 30.72 -36.82 3.81
N ASP C 820 31.11 -38.03 3.38
CA ASP C 820 30.41 -38.70 2.28
C ASP C 820 29.03 -39.18 2.71
N LEU C 821 28.95 -39.81 3.89
CA LEU C 821 27.64 -40.20 4.43
C LEU C 821 26.85 -39.00 4.92
N LEU C 822 27.53 -37.93 5.29
CA LEU C 822 26.88 -36.69 5.66
C LEU C 822 26.25 -36.01 4.45
N PHE C 823 26.94 -36.04 3.30
CA PHE C 823 26.36 -35.48 2.08
C PHE C 823 25.27 -36.38 1.53
N ASN C 824 25.36 -37.67 1.82
CA ASN C 824 24.22 -38.57 1.59
C ASN C 824 23.04 -38.23 2.50
N LYS C 825 23.31 -37.77 3.72
CA LYS C 825 22.25 -37.42 4.66
C LYS C 825 21.55 -36.12 4.29
N VAL C 826 22.18 -35.25 3.52
CA VAL C 826 21.56 -34.01 3.08
C VAL C 826 20.87 -34.24 1.75
N THR C 827 19.57 -33.94 1.69
CA THR C 827 18.82 -33.94 0.46
C THR C 827 18.37 -32.51 0.15
N LEU C 828 17.56 -32.37 -0.88
CA LEU C 828 16.96 -31.06 -1.20
C LEU C 828 15.60 -31.26 -1.86
N ILE C 850 11.96 -27.59 -3.81
CA ILE C 850 12.96 -28.65 -3.81
C ILE C 850 13.39 -28.93 -5.25
N CYS C 851 12.59 -28.46 -6.19
CA CYS C 851 12.89 -28.66 -7.61
C CYS C 851 13.81 -27.56 -8.12
N ALA C 852 14.04 -27.58 -9.44
CA ALA C 852 14.83 -26.52 -10.07
C ALA C 852 14.05 -25.22 -10.13
N GLN C 853 12.93 -25.23 -10.85
CA GLN C 853 11.92 -24.16 -10.96
C GLN C 853 12.48 -22.86 -11.51
N LYS C 854 13.45 -22.96 -12.40
CA LYS C 854 14.20 -21.80 -12.88
C LYS C 854 13.56 -21.20 -14.13
N PHE C 855 12.30 -20.78 -13.98
CA PHE C 855 11.48 -20.38 -15.11
C PHE C 855 10.92 -18.98 -14.96
N ASN C 856 10.33 -18.67 -13.82
CA ASN C 856 9.48 -17.48 -13.70
C ASN C 856 10.25 -16.30 -13.12
N GLY C 857 11.38 -16.00 -13.76
CA GLY C 857 12.30 -15.03 -13.20
C GLY C 857 13.31 -15.59 -12.24
N LEU C 858 13.20 -16.87 -11.90
CA LEU C 858 13.94 -17.45 -10.80
C LEU C 858 15.31 -17.89 -11.30
N THR C 859 16.35 -17.30 -10.73
CA THR C 859 17.70 -17.81 -10.97
C THR C 859 18.33 -18.13 -9.63
N VAL C 860 19.11 -19.20 -9.61
CA VAL C 860 19.83 -19.64 -8.42
C VAL C 860 21.30 -19.50 -8.76
N LEU C 861 22.00 -18.67 -8.00
CA LEU C 861 23.40 -18.49 -8.29
C LEU C 861 24.23 -19.60 -7.66
N PRO C 862 25.07 -20.27 -8.44
CA PRO C 862 26.02 -21.22 -7.86
C PRO C 862 27.11 -20.49 -7.11
N PRO C 863 27.69 -21.10 -6.08
CA PRO C 863 28.73 -20.42 -5.31
C PRO C 863 30.04 -20.38 -6.07
N LEU C 864 30.92 -19.49 -5.61
CA LEU C 864 32.29 -19.45 -6.10
C LEU C 864 33.05 -20.70 -5.68
N LEU C 865 32.97 -21.05 -4.42
CA LEU C 865 33.80 -22.10 -3.88
C LEU C 865 33.11 -23.43 -4.10
N THR C 866 33.68 -24.25 -4.97
CA THR C 866 33.18 -25.61 -5.16
C THR C 866 33.54 -26.45 -3.94
N ASP C 867 32.75 -27.51 -3.74
CA ASP C 867 32.83 -28.29 -2.50
C ASP C 867 34.06 -29.18 -2.43
N GLU C 868 34.68 -29.45 -3.57
CA GLU C 868 35.94 -30.19 -3.55
C GLU C 868 37.11 -29.35 -3.08
N MET C 869 37.17 -28.06 -3.43
CA MET C 869 38.24 -27.24 -2.87
C MET C 869 37.94 -26.77 -1.46
N ILE C 870 36.66 -26.74 -1.07
CA ILE C 870 36.25 -26.75 0.33
C ILE C 870 36.76 -27.98 1.07
N ALA C 871 36.66 -29.15 0.43
CA ALA C 871 37.16 -30.39 1.01
C ALA C 871 38.68 -30.42 1.05
N GLN C 872 39.31 -29.77 0.07
CA GLN C 872 40.76 -29.66 0.02
C GLN C 872 41.26 -28.68 1.09
N TYR C 873 40.47 -27.65 1.39
CA TYR C 873 40.80 -26.75 2.49
C TYR C 873 40.65 -27.41 3.83
N THR C 874 39.63 -28.26 4.01
CA THR C 874 39.49 -29.01 5.26
C THR C 874 40.57 -30.07 5.41
N SER C 875 41.01 -30.66 4.29
CA SER C 875 42.08 -31.64 4.34
C SER C 875 43.42 -30.99 4.62
N ALA C 876 43.62 -29.76 4.12
CA ALA C 876 44.81 -29.00 4.46
C ALA C 876 44.80 -28.55 5.91
N LEU C 877 43.60 -28.24 6.43
CA LEU C 877 43.41 -27.91 7.84
C LEU C 877 43.71 -29.10 8.74
N LEU C 878 43.24 -30.28 8.36
CA LEU C 878 43.47 -31.47 9.17
C LEU C 878 44.91 -31.95 9.05
N ALA C 879 45.55 -31.69 7.91
CA ALA C 879 46.96 -32.00 7.72
C ALA C 879 47.84 -31.10 8.57
N GLY C 880 47.49 -29.82 8.67
CA GLY C 880 48.18 -28.93 9.58
C GLY C 880 47.90 -29.24 11.04
N THR C 881 46.71 -29.77 11.32
CA THR C 881 46.34 -30.21 12.67
C THR C 881 47.14 -31.41 13.10
N ILE C 882 47.34 -32.38 12.21
CA ILE C 882 48.11 -33.57 12.57
C ILE C 882 49.60 -33.24 12.63
N THR C 883 50.11 -32.48 11.65
CA THR C 883 51.54 -32.27 11.58
C THR C 883 52.01 -31.19 12.55
N SER C 884 51.42 -30.01 12.51
CA SER C 884 51.90 -28.90 13.29
C SER C 884 50.90 -28.42 14.32
N GLY C 885 49.62 -28.75 14.19
CA GLY C 885 48.63 -28.44 15.20
C GLY C 885 48.19 -27.00 15.25
N TRP C 886 49.07 -26.14 15.74
CA TRP C 886 48.75 -24.75 16.01
C TRP C 886 49.84 -23.80 15.56
N THR C 887 51.04 -24.30 15.28
CA THR C 887 52.17 -23.46 14.97
C THR C 887 52.07 -22.88 13.58
N PHE C 888 51.50 -23.65 12.66
CA PHE C 888 51.19 -23.17 11.31
C PHE C 888 50.09 -22.11 11.30
N GLY C 889 49.20 -22.11 12.30
CA GLY C 889 48.28 -21.00 12.43
C GLY C 889 48.95 -19.77 13.01
N ALA C 890 49.94 -19.96 13.85
CA ALA C 890 50.64 -18.84 14.46
C ALA C 890 51.68 -18.25 13.53
N GLY C 891 52.57 -19.09 13.01
CA GLY C 891 53.65 -18.65 12.17
C GLY C 891 53.93 -19.66 11.08
N ALA C 892 55.18 -20.07 10.96
CA ALA C 892 55.55 -21.13 10.03
C ALA C 892 55.08 -22.48 10.55
N ALA C 893 55.01 -23.45 9.65
CA ALA C 893 54.55 -24.79 10.01
C ALA C 893 55.66 -25.56 10.69
N LEU C 894 55.60 -25.65 12.01
CA LEU C 894 56.63 -26.33 12.78
C LEU C 894 56.11 -27.70 13.17
N GLN C 895 56.71 -28.73 12.60
CA GLN C 895 56.24 -30.09 12.82
C GLN C 895 56.67 -30.57 14.20
N ILE C 896 55.95 -31.58 14.67
CA ILE C 896 56.12 -32.14 16.00
C ILE C 896 55.63 -33.58 15.91
N PRO C 897 56.32 -34.56 16.49
CA PRO C 897 55.75 -35.91 16.59
C PRO C 897 54.58 -35.91 17.56
N PHE C 898 53.58 -36.72 17.22
CA PHE C 898 52.21 -36.46 17.63
C PHE C 898 51.94 -36.82 19.07
N ALA C 899 52.82 -37.64 19.66
CA ALA C 899 52.74 -37.95 21.08
C ALA C 899 53.06 -36.73 21.93
N MET C 900 54.09 -35.98 21.54
CA MET C 900 54.36 -34.72 22.22
C MET C 900 53.38 -33.61 21.84
N GLN C 901 52.69 -33.75 20.70
CA GLN C 901 51.63 -32.82 20.35
C GLN C 901 50.41 -33.00 21.26
N MET C 902 50.00 -34.25 21.50
CA MET C 902 48.92 -34.47 22.45
C MET C 902 49.38 -34.26 23.89
N ALA C 903 50.68 -34.44 24.16
CA ALA C 903 51.21 -34.18 25.49
C ALA C 903 51.25 -32.71 25.81
N TYR C 904 51.54 -31.89 24.78
CA TYR C 904 51.34 -30.44 24.82
C TYR C 904 49.88 -30.08 25.07
N ARG C 905 48.96 -30.83 24.46
CA ARG C 905 47.56 -30.58 24.74
C ARG C 905 47.09 -31.12 26.10
N PHE C 906 47.81 -32.07 26.70
CA PHE C 906 47.56 -32.38 28.12
C PHE C 906 48.11 -31.31 29.04
N ASN C 907 49.25 -30.72 28.70
CA ASN C 907 49.76 -29.65 29.56
C ASN C 907 49.03 -28.33 29.33
N GLY C 908 48.29 -28.22 28.23
CA GLY C 908 47.31 -27.14 28.12
C GLY C 908 46.19 -27.27 29.14
N ILE C 909 45.72 -28.49 29.38
CA ILE C 909 44.70 -28.73 30.39
C ILE C 909 45.31 -29.22 31.70
N GLY C 910 46.61 -28.96 31.90
CA GLY C 910 47.21 -29.12 33.22
C GLY C 910 47.52 -30.54 33.59
N VAL C 911 47.68 -31.42 32.62
CA VAL C 911 47.93 -32.83 32.87
C VAL C 911 49.37 -33.12 32.47
N THR C 912 50.08 -33.83 33.35
CA THR C 912 51.50 -34.10 33.19
C THR C 912 51.76 -35.08 32.05
N GLN C 913 53.05 -35.20 31.72
CA GLN C 913 53.49 -35.77 30.45
C GLN C 913 53.37 -37.28 30.44
N ASN C 914 53.50 -37.92 31.61
CA ASN C 914 53.72 -39.35 31.71
C ASN C 914 52.48 -40.17 31.41
N VAL C 915 51.30 -39.55 31.54
CA VAL C 915 50.01 -40.24 31.55
C VAL C 915 49.66 -40.79 30.19
N LEU C 916 50.01 -40.03 29.14
CA LEU C 916 49.91 -40.45 27.74
C LEU C 916 50.81 -41.65 27.47
N TYR C 917 52.01 -41.63 28.01
CA TYR C 917 52.97 -42.66 27.72
C TYR C 917 52.69 -43.92 28.53
N GLU C 918 51.95 -43.77 29.63
CA GLU C 918 51.34 -44.94 30.25
C GLU C 918 50.19 -45.48 29.42
N ASN C 919 49.29 -44.63 28.95
CA ASN C 919 47.98 -45.10 28.50
C ASN C 919 47.73 -44.85 27.03
N GLN C 920 48.81 -44.93 26.23
CA GLN C 920 48.82 -44.66 24.79
C GLN C 920 47.84 -45.51 24.00
N LYS C 921 47.86 -46.83 24.25
CA LYS C 921 47.00 -47.76 23.53
C LYS C 921 45.56 -47.64 23.98
N LEU C 922 45.36 -47.30 25.25
CA LEU C 922 44.02 -47.14 25.80
C LEU C 922 43.35 -45.87 25.26
N ILE C 923 44.13 -44.80 25.11
CA ILE C 923 43.67 -43.56 24.49
C ILE C 923 43.38 -43.76 23.00
N ALA C 924 44.21 -44.57 22.32
CA ALA C 924 44.00 -44.84 20.90
C ALA C 924 42.78 -45.73 20.66
N ASN C 925 42.54 -46.68 21.57
CA ASN C 925 41.37 -47.54 21.48
C ASN C 925 40.10 -46.78 21.82
N GLN C 926 40.18 -45.86 22.80
CA GLN C 926 39.08 -44.99 23.15
C GLN C 926 38.73 -44.03 22.03
N PHE C 927 39.76 -43.55 21.32
CA PHE C 927 39.59 -42.64 20.20
C PHE C 927 38.94 -43.34 19.02
N ASN C 928 39.42 -44.55 18.69
CA ASN C 928 38.90 -45.26 17.53
C ASN C 928 37.51 -45.82 17.78
N SER C 929 37.24 -46.21 19.04
CA SER C 929 35.90 -46.64 19.42
C SER C 929 34.94 -45.46 19.48
N ALA C 930 35.46 -44.28 19.86
CA ALA C 930 34.67 -43.06 19.93
C ALA C 930 34.27 -42.57 18.55
N ILE C 931 35.19 -42.63 17.58
CA ILE C 931 34.83 -42.17 16.24
C ILE C 931 34.01 -43.23 15.52
N GLY C 932 34.14 -44.51 15.91
CA GLY C 932 33.23 -45.53 15.42
C GLY C 932 31.81 -45.36 15.93
N LYS C 933 31.69 -44.90 17.18
CA LYS C 933 30.37 -44.56 17.73
C LYS C 933 29.81 -43.30 17.11
N ILE C 934 30.68 -42.39 16.67
CA ILE C 934 30.24 -41.20 15.91
C ILE C 934 29.68 -41.60 14.54
N GLN C 935 30.34 -42.56 13.87
CA GLN C 935 29.86 -43.12 12.61
C GLN C 935 28.55 -43.88 12.79
N ASP C 936 28.41 -44.60 13.91
CA ASP C 936 27.18 -45.34 14.14
C ASP C 936 26.04 -44.42 14.58
N SER C 937 26.37 -43.31 15.22
CA SER C 937 25.35 -42.34 15.60
C SER C 937 24.85 -41.57 14.39
N LEU C 938 25.78 -41.08 13.57
CA LEU C 938 25.37 -40.17 12.51
C LEU C 938 25.06 -40.93 11.24
N SER C 939 25.40 -42.22 11.20
CA SER C 939 24.91 -43.09 10.14
C SER C 939 23.54 -43.65 10.46
N SER C 940 23.06 -43.45 11.68
CA SER C 940 21.73 -43.86 12.07
C SER C 940 20.70 -42.79 11.69
N THR C 941 19.48 -42.98 12.18
CA THR C 941 18.43 -41.99 11.98
C THR C 941 18.39 -40.94 13.07
N ALA C 942 19.29 -41.02 14.05
CA ALA C 942 19.45 -39.98 15.05
C ALA C 942 20.06 -38.77 14.39
N SER C 943 19.20 -37.86 13.93
CA SER C 943 19.61 -36.81 12.99
C SER C 943 19.40 -35.44 13.61
N ALA C 944 20.45 -34.97 14.28
CA ALA C 944 20.58 -33.56 14.63
C ALA C 944 21.26 -32.77 13.52
N LEU C 945 21.65 -33.44 12.44
CA LEU C 945 22.21 -32.89 11.21
C LEU C 945 21.25 -31.97 10.48
N GLY C 946 19.94 -32.16 10.64
CA GLY C 946 18.98 -31.56 9.73
C GLY C 946 18.57 -30.14 10.05
N LYS C 947 19.35 -29.43 10.87
CA LYS C 947 19.23 -27.98 10.99
C LYS C 947 19.52 -27.29 9.67
N LEU C 948 20.54 -27.78 8.96
CA LEU C 948 20.88 -27.41 7.59
C LEU C 948 19.73 -27.68 6.64
N GLN C 949 19.09 -28.85 6.83
CA GLN C 949 17.92 -29.22 6.05
C GLN C 949 16.72 -28.33 6.36
N ASP C 950 16.62 -27.86 7.61
CA ASP C 950 15.58 -26.90 7.97
C ASP C 950 15.82 -25.55 7.35
N VAL C 951 17.09 -25.15 7.22
CA VAL C 951 17.47 -23.90 6.55
C VAL C 951 17.12 -23.96 5.06
N VAL C 952 17.42 -25.11 4.44
CA VAL C 952 17.07 -25.39 3.04
C VAL C 952 15.57 -25.46 2.84
N ASN C 953 14.85 -26.01 3.83
CA ASN C 953 13.39 -26.08 3.77
C ASN C 953 12.74 -24.72 3.98
N GLN C 954 13.38 -23.85 4.78
CA GLN C 954 12.93 -22.46 4.93
C GLN C 954 13.08 -21.68 3.64
N ASN C 955 14.21 -21.87 2.94
CA ASN C 955 14.43 -21.19 1.67
C ASN C 955 13.53 -21.75 0.58
N ALA C 956 13.23 -23.05 0.65
CA ALA C 956 12.34 -23.69 -0.31
C ALA C 956 10.90 -23.27 -0.10
N GLN C 957 10.47 -23.13 1.17
CA GLN C 957 9.10 -22.69 1.41
C GLN C 957 8.94 -21.20 1.17
N ALA C 958 10.02 -20.43 1.30
CA ALA C 958 9.94 -19.01 0.99
C ALA C 958 9.92 -18.78 -0.50
N LEU C 959 10.66 -19.62 -1.24
CA LEU C 959 10.65 -19.58 -2.69
C LEU C 959 9.33 -20.05 -3.26
N ASN C 960 8.74 -21.09 -2.66
CA ASN C 960 7.46 -21.59 -3.14
C ASN C 960 6.31 -20.68 -2.72
N THR C 961 6.50 -19.94 -1.63
CA THR C 961 5.59 -18.85 -1.26
C THR C 961 5.64 -17.73 -2.29
N LEU C 962 6.84 -17.43 -2.77
CA LEU C 962 7.02 -16.42 -3.82
C LEU C 962 6.47 -16.90 -5.16
N VAL C 963 6.51 -18.20 -5.40
CA VAL C 963 5.86 -18.81 -6.57
C VAL C 963 4.34 -18.70 -6.45
N LYS C 964 3.78 -19.07 -5.30
CA LYS C 964 2.33 -19.15 -5.20
C LYS C 964 1.69 -17.79 -4.96
N GLN C 965 2.48 -16.75 -4.67
CA GLN C 965 1.89 -15.41 -4.65
C GLN C 965 1.72 -14.84 -6.04
N LEU C 966 2.38 -15.41 -7.05
CA LEU C 966 2.08 -15.06 -8.44
C LEU C 966 0.73 -15.61 -8.87
N SER C 967 0.31 -16.72 -8.28
CA SER C 967 -1.02 -17.25 -8.52
C SER C 967 -2.11 -16.39 -7.90
N SER C 968 -1.79 -15.64 -6.85
CA SER C 968 -2.70 -14.65 -6.28
C SER C 968 -2.89 -13.48 -7.23
N ASN C 969 -4.14 -13.03 -7.36
CA ASN C 969 -4.47 -11.97 -8.30
C ASN C 969 -4.61 -10.60 -7.65
N PHE C 970 -4.77 -10.55 -6.32
CA PHE C 970 -4.88 -9.35 -5.48
C PHE C 970 -6.02 -8.43 -5.90
N GLY C 971 -7.20 -9.01 -6.13
CA GLY C 971 -8.36 -8.23 -6.51
C GLY C 971 -8.41 -7.82 -7.96
N ALA C 972 -7.50 -8.33 -8.79
CA ALA C 972 -7.65 -8.13 -10.22
C ALA C 972 -8.58 -9.20 -10.80
N ILE C 973 -8.84 -9.09 -12.10
CA ILE C 973 -9.70 -10.07 -12.74
C ILE C 973 -8.94 -11.35 -13.06
N SER C 974 -7.61 -11.28 -13.08
CA SER C 974 -6.78 -12.45 -13.30
C SER C 974 -5.45 -12.23 -12.60
N SER C 975 -4.69 -13.31 -12.48
CA SER C 975 -3.30 -13.19 -12.11
C SER C 975 -2.38 -13.33 -13.32
N VAL C 976 -2.96 -13.43 -14.52
CA VAL C 976 -2.21 -13.47 -15.78
C VAL C 976 -2.38 -12.12 -16.45
N LEU C 977 -1.26 -11.43 -16.67
CA LEU C 977 -1.30 -10.06 -17.16
C LEU C 977 -1.62 -10.00 -18.64
N ASN C 978 -1.14 -10.98 -19.40
CA ASN C 978 -1.30 -10.99 -20.85
C ASN C 978 -2.73 -11.34 -21.22
N ASP C 979 -3.40 -12.11 -20.36
CA ASP C 979 -4.84 -12.33 -20.46
C ASP C 979 -5.63 -11.04 -20.27
N ILE C 980 -5.20 -10.21 -19.32
CA ILE C 980 -5.85 -8.93 -19.04
C ILE C 980 -5.62 -7.96 -20.18
N LEU C 981 -4.40 -7.99 -20.74
CA LEU C 981 -4.07 -7.19 -21.91
C LEU C 981 -4.79 -7.66 -23.17
N SER C 982 -5.00 -8.96 -23.33
CA SER C 982 -5.71 -9.46 -24.48
C SER C 982 -7.22 -9.23 -24.39
N ARG C 983 -7.78 -9.33 -23.19
CA ARG C 983 -9.22 -9.12 -23.03
C ARG C 983 -9.57 -7.63 -23.03
N LEU C 984 -8.72 -6.81 -22.43
CA LEU C 984 -9.08 -5.42 -22.19
C LEU C 984 -8.11 -4.47 -22.86
N ASP C 985 -8.69 -3.41 -23.43
CA ASP C 985 -8.00 -2.24 -23.90
C ASP C 985 -7.30 -1.55 -22.73
N LYS C 986 -6.07 -1.05 -22.93
CA LYS C 986 -5.10 -0.80 -21.81
C LYS C 986 -5.45 0.23 -20.73
N VAL C 987 -6.20 1.44 -20.97
CA VAL C 987 -6.46 2.34 -19.82
C VAL C 987 -7.29 1.81 -18.65
N GLU C 988 -8.25 0.95 -18.92
CA GLU C 988 -8.93 0.26 -17.83
C GLU C 988 -8.17 -0.96 -17.35
N ALA C 989 -7.28 -1.49 -18.19
CA ALA C 989 -6.47 -2.64 -17.79
C ALA C 989 -5.35 -2.23 -16.85
N GLU C 990 -4.98 -0.94 -16.89
CA GLU C 990 -3.88 -0.36 -16.09
C GLU C 990 -4.15 -0.44 -14.60
N VAL C 991 -5.43 -0.36 -14.22
CA VAL C 991 -5.86 -0.41 -12.82
C VAL C 991 -5.61 -1.79 -12.23
N GLN C 992 -6.06 -2.83 -12.93
CA GLN C 992 -5.93 -4.20 -12.42
C GLN C 992 -4.49 -4.71 -12.57
N ILE C 993 -3.81 -4.22 -13.60
CA ILE C 993 -2.39 -4.52 -13.79
C ILE C 993 -1.57 -3.87 -12.69
N ASP C 994 -1.95 -2.65 -12.27
CA ASP C 994 -1.35 -1.95 -11.15
C ASP C 994 -1.62 -2.62 -9.81
N ARG C 995 -2.79 -3.27 -9.66
CA ARG C 995 -3.07 -4.11 -8.50
C ARG C 995 -2.14 -5.31 -8.43
N LEU C 996 -1.85 -5.91 -9.60
CA LEU C 996 -0.90 -7.01 -9.65
C LEU C 996 0.53 -6.54 -9.39
N ILE C 997 0.86 -5.32 -9.83
CA ILE C 997 2.15 -4.66 -9.56
C ILE C 997 2.35 -4.43 -8.06
N THR C 998 1.32 -3.89 -7.39
CA THR C 998 1.41 -3.63 -5.95
C THR C 998 1.43 -4.89 -5.11
N GLY C 999 0.60 -5.88 -5.47
CA GLY C 999 0.53 -7.11 -4.69
C GLY C 999 1.77 -7.98 -4.84
N ARG C 1000 2.30 -8.07 -6.07
CA ARG C 1000 3.56 -8.76 -6.27
C ARG C 1000 4.74 -7.93 -5.78
N LEU C 1001 4.56 -6.61 -5.68
CA LEU C 1001 5.61 -5.73 -5.19
C LEU C 1001 5.82 -5.88 -3.69
N GLN C 1002 4.73 -5.93 -2.92
CA GLN C 1002 4.90 -6.19 -1.49
C GLN C 1002 5.18 -7.66 -1.22
N SER C 1003 4.80 -8.55 -2.15
CA SER C 1003 5.23 -9.95 -2.08
C SER C 1003 6.75 -10.09 -2.21
N LEU C 1004 7.33 -9.33 -3.15
CA LEU C 1004 8.78 -9.25 -3.32
C LEU C 1004 9.45 -8.60 -2.13
N GLN C 1005 8.84 -7.55 -1.58
CA GLN C 1005 9.45 -6.82 -0.49
C GLN C 1005 9.42 -7.61 0.81
N THR C 1006 8.35 -8.39 1.01
CA THR C 1006 8.25 -9.32 2.12
C THR C 1006 9.26 -10.45 1.99
N TYR C 1007 9.45 -10.94 0.75
CA TYR C 1007 10.40 -12.01 0.48
C TYR C 1007 11.84 -11.56 0.70
N VAL C 1008 12.16 -10.36 0.22
CA VAL C 1008 13.49 -9.77 0.36
C VAL C 1008 13.79 -9.45 1.83
N THR C 1009 12.76 -9.01 2.58
CA THR C 1009 12.85 -8.75 4.01
C THR C 1009 13.16 -10.01 4.81
N GLN C 1010 12.51 -11.11 4.41
CA GLN C 1010 12.79 -12.44 4.94
C GLN C 1010 14.18 -12.94 4.59
N GLN C 1011 14.63 -12.68 3.36
CA GLN C 1011 15.98 -13.08 2.94
C GLN C 1011 17.07 -12.29 3.66
N LEU C 1012 16.79 -11.01 3.97
CA LEU C 1012 17.74 -10.20 4.72
C LEU C 1012 17.84 -10.61 6.18
N ILE C 1013 16.72 -10.97 6.81
CA ILE C 1013 16.81 -11.34 8.21
C ILE C 1013 17.34 -12.77 8.36
N ARG C 1014 17.11 -13.63 7.35
CA ARG C 1014 17.71 -14.95 7.33
C ARG C 1014 19.20 -14.87 7.04
N ALA C 1015 19.59 -13.85 6.27
CA ALA C 1015 20.99 -13.52 6.08
C ALA C 1015 21.64 -13.00 7.35
N ALA C 1016 20.85 -12.35 8.22
CA ALA C 1016 21.38 -11.92 9.52
C ALA C 1016 21.64 -13.11 10.47
N GLU C 1017 20.76 -14.15 10.49
CA GLU C 1017 21.16 -15.34 11.27
C GLU C 1017 22.30 -16.10 10.62
N ILE C 1018 22.42 -16.03 9.29
CA ILE C 1018 23.47 -16.83 8.68
C ILE C 1018 24.81 -16.10 8.77
N ARG C 1019 24.82 -14.77 8.90
CA ARG C 1019 26.09 -14.11 9.14
C ARG C 1019 26.46 -14.18 10.61
N ALA C 1020 25.46 -14.31 11.49
CA ALA C 1020 25.75 -14.54 12.91
C ALA C 1020 26.29 -15.95 13.12
N SER C 1021 25.75 -16.91 12.39
CA SER C 1021 26.24 -18.28 12.42
C SER C 1021 27.60 -18.40 11.76
N ALA C 1022 27.88 -17.55 10.77
CA ALA C 1022 29.19 -17.53 10.15
C ALA C 1022 30.24 -16.90 11.06
N ASN C 1023 29.84 -15.90 11.85
CA ASN C 1023 30.76 -15.27 12.80
C ASN C 1023 31.11 -16.21 13.93
N LEU C 1024 30.11 -16.93 14.44
CA LEU C 1024 30.37 -17.98 15.43
C LEU C 1024 31.10 -19.17 14.84
N ALA C 1025 30.91 -19.44 13.54
CA ALA C 1025 31.59 -20.55 12.88
C ALA C 1025 33.07 -20.28 12.69
N ALA C 1026 33.40 -19.04 12.29
CA ALA C 1026 34.79 -18.64 12.15
C ALA C 1026 35.47 -18.54 13.51
N THR C 1027 34.71 -18.13 14.53
CA THR C 1027 35.23 -18.07 15.90
C THR C 1027 35.48 -19.44 16.48
N LYS C 1028 34.55 -20.38 16.25
CA LYS C 1028 34.68 -21.74 16.77
C LYS C 1028 35.78 -22.52 16.06
N MET C 1029 35.95 -22.29 14.75
CA MET C 1029 36.98 -23.04 14.04
C MET C 1029 38.34 -22.43 14.34
N SER C 1030 38.39 -21.10 14.48
CA SER C 1030 39.65 -20.41 14.72
C SER C 1030 40.11 -20.55 16.16
N GLU C 1031 39.22 -20.94 17.06
CA GLU C 1031 39.71 -21.23 18.39
C GLU C 1031 39.85 -22.71 18.68
N CYS C 1032 38.81 -23.50 18.43
CA CYS C 1032 38.86 -24.91 18.79
C CYS C 1032 39.69 -25.70 17.80
N VAL C 1033 39.74 -25.25 16.56
CA VAL C 1033 40.51 -25.96 15.55
C VAL C 1033 41.95 -25.48 15.53
N LEU C 1034 42.14 -24.17 15.51
CA LEU C 1034 43.51 -23.63 15.45
C LEU C 1034 44.22 -23.64 16.79
N GLY C 1035 43.53 -23.88 17.89
CA GLY C 1035 44.21 -23.88 19.16
C GLY C 1035 43.52 -24.79 20.15
N GLN C 1036 44.04 -24.78 21.36
CA GLN C 1036 43.40 -25.40 22.49
C GLN C 1036 42.86 -24.30 23.39
N SER C 1037 41.54 -24.19 23.46
CA SER C 1037 40.90 -23.08 24.15
C SER C 1037 40.71 -23.44 25.62
N LYS C 1038 40.84 -22.44 26.49
CA LYS C 1038 40.55 -22.60 27.90
C LYS C 1038 39.16 -22.11 28.25
N ARG C 1039 38.38 -21.70 27.25
CA ARG C 1039 37.01 -21.30 27.46
C ARG C 1039 36.17 -22.53 27.73
N VAL C 1040 35.38 -22.49 28.81
CA VAL C 1040 34.78 -23.70 29.34
C VAL C 1040 33.52 -24.02 28.57
N ASP C 1041 33.52 -25.19 27.90
CA ASP C 1041 32.50 -25.74 27.01
C ASP C 1041 32.17 -24.85 25.81
N PHE C 1042 33.12 -24.03 25.39
CA PHE C 1042 33.02 -23.40 24.09
C PHE C 1042 33.36 -24.42 23.01
N CYS C 1043 34.42 -25.19 23.22
CA CYS C 1043 34.78 -26.28 22.33
C CYS C 1043 34.31 -27.62 22.89
N GLY C 1044 33.01 -27.70 23.17
CA GLY C 1044 32.44 -28.95 23.65
C GLY C 1044 32.59 -29.18 25.14
N LYS C 1045 31.68 -29.97 25.71
CA LYS C 1045 31.62 -30.14 27.16
C LYS C 1045 32.72 -31.07 27.66
N GLY C 1046 33.59 -30.53 28.49
CA GLY C 1046 34.79 -31.19 28.94
C GLY C 1046 36.01 -30.35 28.65
N TYR C 1047 37.16 -30.83 29.13
CA TYR C 1047 38.42 -30.15 28.87
C TYR C 1047 38.84 -30.43 27.44
N HIS C 1048 38.98 -29.37 26.66
CA HIS C 1048 39.14 -29.47 25.21
C HIS C 1048 40.54 -29.92 24.86
N LEU C 1049 40.64 -30.85 23.90
CA LEU C 1049 41.95 -31.27 23.43
C LEU C 1049 42.29 -30.67 22.08
N MET C 1050 41.52 -31.00 21.05
CA MET C 1050 41.65 -30.44 19.71
C MET C 1050 40.31 -30.65 19.03
N SER C 1051 40.15 -30.09 17.84
CA SER C 1051 38.89 -30.23 17.14
C SER C 1051 39.15 -30.48 15.67
N PHE C 1052 38.17 -31.11 15.01
CA PHE C 1052 38.30 -31.50 13.62
C PHE C 1052 37.12 -30.98 12.82
N PRO C 1053 37.32 -30.07 11.87
CA PRO C 1053 36.21 -29.64 11.03
C PRO C 1053 35.87 -30.65 9.94
N GLN C 1054 34.58 -30.78 9.69
CA GLN C 1054 34.09 -31.58 8.58
C GLN C 1054 32.99 -30.81 7.86
N SER C 1055 33.11 -30.72 6.54
CA SER C 1055 32.26 -29.80 5.78
C SER C 1055 30.86 -30.36 5.57
N ALA C 1056 29.93 -29.46 5.32
CA ALA C 1056 28.52 -29.75 5.13
C ALA C 1056 28.02 -28.93 3.96
N PRO C 1057 26.87 -29.29 3.37
CA PRO C 1057 26.20 -28.33 2.49
C PRO C 1057 25.70 -27.13 3.29
N HIS C 1058 26.18 -25.95 2.88
CA HIS C 1058 26.02 -24.64 3.52
C HIS C 1058 26.50 -24.59 4.97
N GLY C 1059 27.51 -25.38 5.33
CA GLY C 1059 27.92 -25.44 6.71
C GLY C 1059 29.18 -26.23 6.90
N VAL C 1060 29.55 -26.41 8.16
CA VAL C 1060 30.69 -27.23 8.56
C VAL C 1060 30.38 -27.78 9.96
N VAL C 1061 30.74 -29.04 10.19
CA VAL C 1061 30.52 -29.62 11.51
C VAL C 1061 31.87 -29.91 12.13
N PHE C 1062 31.89 -30.10 13.44
CA PHE C 1062 33.11 -30.10 14.21
C PHE C 1062 33.18 -31.28 15.16
N LEU C 1063 34.39 -31.70 15.49
CA LEU C 1063 34.60 -32.90 16.29
C LEU C 1063 35.42 -32.52 17.52
N HIS C 1064 34.73 -32.05 18.54
CA HIS C 1064 35.39 -31.48 19.72
C HIS C 1064 35.85 -32.60 20.63
N VAL C 1065 37.15 -32.86 20.63
CA VAL C 1065 37.71 -33.90 21.48
C VAL C 1065 37.82 -33.37 22.90
N THR C 1066 37.02 -33.93 23.80
CA THR C 1066 36.96 -33.42 25.15
C THR C 1066 37.42 -34.48 26.13
N TYR C 1067 38.16 -34.03 27.13
CA TYR C 1067 38.50 -34.85 28.28
C TYR C 1067 37.26 -34.98 29.13
N VAL C 1068 36.93 -36.21 29.52
CA VAL C 1068 36.00 -36.48 30.61
C VAL C 1068 36.76 -37.30 31.64
N PRO C 1069 36.77 -36.91 32.92
CA PRO C 1069 37.38 -37.76 33.94
C PRO C 1069 36.46 -38.89 34.34
N ALA C 1070 37.04 -39.92 34.96
CA ALA C 1070 36.27 -41.10 35.36
C ALA C 1070 36.93 -41.81 36.53
N GLN C 1071 36.15 -42.72 37.13
CA GLN C 1071 36.52 -43.64 38.23
C GLN C 1071 37.01 -42.89 39.47
N GLU C 1072 36.16 -42.00 39.95
CA GLU C 1072 36.49 -41.20 41.12
C GLU C 1072 36.02 -41.89 42.39
N LYS C 1073 36.59 -41.45 43.51
CA LYS C 1073 36.37 -42.04 44.82
C LYS C 1073 36.74 -41.03 45.89
N ASN C 1074 36.34 -41.32 47.13
CA ASN C 1074 36.54 -40.40 48.25
C ASN C 1074 38.00 -40.35 48.67
N PHE C 1075 38.43 -39.15 49.10
CA PHE C 1075 39.75 -38.95 49.64
C PHE C 1075 39.69 -37.96 50.78
N THR C 1076 40.37 -38.28 51.87
CA THR C 1076 40.46 -37.38 53.00
C THR C 1076 41.50 -36.30 52.71
N THR C 1077 41.15 -35.04 52.99
CA THR C 1077 42.04 -33.96 52.62
C THR C 1077 42.25 -32.97 53.77
N ALA C 1078 43.31 -32.18 53.62
CA ALA C 1078 43.69 -31.09 54.51
C ALA C 1078 44.22 -29.93 53.68
N PRO C 1079 44.01 -28.69 54.11
CA PRO C 1079 44.61 -27.56 53.39
C PRO C 1079 46.12 -27.41 53.57
N ALA C 1080 46.63 -27.51 54.78
CA ALA C 1080 48.05 -27.24 55.00
C ALA C 1080 48.56 -28.10 56.14
N ILE C 1081 49.85 -28.38 56.11
CA ILE C 1081 50.49 -29.31 57.03
C ILE C 1081 51.60 -28.58 57.75
N CYS C 1082 51.55 -28.59 59.08
CA CYS C 1082 52.68 -28.11 59.89
C CYS C 1082 53.72 -29.20 59.93
N HIS C 1083 54.93 -28.89 59.46
CA HIS C 1083 56.02 -29.86 59.66
C HIS C 1083 56.56 -29.74 61.08
N ASP C 1084 57.21 -28.63 61.39
CA ASP C 1084 57.72 -28.34 62.72
C ASP C 1084 57.72 -26.81 62.94
N GLY C 1085 56.56 -26.30 63.37
CA GLY C 1085 56.31 -24.87 63.36
C GLY C 1085 56.36 -24.25 61.98
N LYS C 1086 55.91 -25.00 60.97
CA LYS C 1086 56.34 -24.71 59.60
C LYS C 1086 55.26 -25.22 58.67
N ALA C 1087 54.38 -24.32 58.24
CA ALA C 1087 53.22 -24.70 57.46
C ALA C 1087 53.58 -24.77 55.99
N HIS C 1088 53.11 -25.81 55.32
CA HIS C 1088 53.48 -26.05 53.94
C HIS C 1088 52.23 -26.14 53.09
N PHE C 1089 52.40 -25.83 51.81
CA PHE C 1089 51.34 -25.67 50.85
C PHE C 1089 51.75 -26.36 49.56
N PRO C 1090 50.84 -27.04 48.88
CA PRO C 1090 51.22 -27.76 47.67
C PRO C 1090 51.36 -26.80 46.50
N ARG C 1091 52.39 -27.06 45.69
CA ARG C 1091 52.75 -26.13 44.63
C ARG C 1091 51.78 -26.22 43.47
N GLU C 1092 51.31 -27.43 43.14
CA GLU C 1092 50.35 -27.60 42.06
C GLU C 1092 49.21 -28.54 42.42
N GLY C 1093 49.20 -29.07 43.62
CA GLY C 1093 48.27 -30.12 43.98
C GLY C 1093 47.49 -29.79 45.23
N VAL C 1094 46.99 -30.84 45.90
CA VAL C 1094 46.37 -30.75 47.23
C VAL C 1094 46.95 -31.84 48.12
N PHE C 1095 46.74 -31.69 49.43
CA PHE C 1095 47.13 -32.73 50.38
C PHE C 1095 46.02 -33.75 50.57
N VAL C 1096 46.35 -35.03 50.30
CA VAL C 1096 45.38 -36.12 50.20
C VAL C 1096 45.80 -37.21 51.18
N SER C 1097 44.81 -37.78 51.88
CA SER C 1097 45.07 -38.92 52.75
C SER C 1097 44.34 -40.15 52.26
N ASN C 1098 44.98 -41.31 52.44
CA ASN C 1098 44.29 -42.59 52.38
C ASN C 1098 43.95 -43.11 53.76
N GLY C 1099 43.98 -42.24 54.77
CA GLY C 1099 43.79 -42.63 56.15
C GLY C 1099 45.10 -42.95 56.85
N THR C 1100 45.87 -43.89 56.31
CA THR C 1100 47.07 -44.35 57.01
C THR C 1100 48.28 -43.48 56.73
N HIS C 1101 48.16 -42.58 55.76
CA HIS C 1101 49.30 -41.83 55.24
C HIS C 1101 48.77 -40.60 54.55
N TRP C 1102 49.61 -39.58 54.39
CA TRP C 1102 49.27 -38.38 53.64
C TRP C 1102 50.12 -38.25 52.39
N PHE C 1103 49.49 -37.82 51.29
CA PHE C 1103 50.13 -37.67 49.99
C PHE C 1103 49.82 -36.31 49.38
N VAL C 1104 50.49 -36.02 48.27
CA VAL C 1104 50.02 -35.07 47.27
C VAL C 1104 49.69 -35.87 46.03
N THR C 1105 48.62 -35.49 45.33
CA THR C 1105 48.40 -35.82 43.93
C THR C 1105 48.10 -34.55 43.15
N GLN C 1106 47.85 -34.73 41.85
CA GLN C 1106 47.35 -33.68 40.98
C GLN C 1106 45.93 -33.29 41.41
N ARG C 1107 45.58 -32.01 41.22
CA ARG C 1107 44.22 -31.55 41.44
C ARG C 1107 43.25 -32.13 40.41
N ASN C 1108 43.74 -32.44 39.22
CA ASN C 1108 42.92 -32.96 38.14
C ASN C 1108 42.87 -34.48 38.13
N PHE C 1109 43.80 -35.18 38.75
CA PHE C 1109 43.87 -36.63 38.59
C PHE C 1109 44.47 -37.27 39.83
N TYR C 1110 44.01 -38.47 40.18
CA TYR C 1110 44.64 -39.16 41.29
C TYR C 1110 45.90 -39.85 40.79
N GLU C 1111 47.00 -39.14 40.82
CA GLU C 1111 48.31 -39.69 40.50
C GLU C 1111 49.17 -39.34 41.72
N PRO C 1112 49.14 -40.17 42.77
CA PRO C 1112 49.66 -39.71 44.07
C PRO C 1112 51.17 -39.78 44.16
N GLN C 1113 51.72 -38.96 45.06
CA GLN C 1113 53.16 -38.97 45.30
C GLN C 1113 53.44 -38.53 46.73
N ILE C 1114 54.71 -38.73 47.11
CA ILE C 1114 55.21 -38.43 48.45
C ILE C 1114 55.29 -36.91 48.63
N ILE C 1115 54.79 -36.44 49.78
CA ILE C 1115 55.00 -35.06 50.21
C ILE C 1115 56.48 -34.86 50.50
N THR C 1116 57.15 -34.08 49.66
CA THR C 1116 58.52 -33.69 50.00
C THR C 1116 58.60 -32.18 50.12
N THR C 1117 59.77 -31.72 50.58
CA THR C 1117 60.14 -30.32 50.60
C THR C 1117 60.24 -29.71 49.22
N ASP C 1118 60.64 -30.48 48.21
CA ASP C 1118 60.63 -29.97 46.85
C ASP C 1118 59.22 -29.89 46.30
N ASN C 1119 58.36 -30.79 46.76
CA ASN C 1119 56.98 -30.89 46.29
C ASN C 1119 56.14 -29.72 46.77
N THR C 1120 56.47 -29.18 47.94
CA THR C 1120 55.61 -28.23 48.62
C THR C 1120 56.32 -26.91 48.81
N PHE C 1121 55.56 -25.82 48.79
CA PHE C 1121 56.13 -24.55 49.17
C PHE C 1121 55.65 -24.17 50.56
N VAL C 1122 56.60 -23.73 51.36
CA VAL C 1122 56.37 -23.19 52.69
C VAL C 1122 55.85 -21.77 52.54
N SER C 1123 54.95 -21.36 53.45
CA SER C 1123 54.70 -19.94 53.71
C SER C 1123 54.37 -19.81 55.20
N GLY C 1124 55.40 -19.56 56.01
CA GLY C 1124 55.18 -19.22 57.39
C GLY C 1124 54.89 -20.40 58.30
N ASN C 1125 54.59 -20.05 59.56
CA ASN C 1125 54.33 -21.02 60.60
C ASN C 1125 52.85 -21.40 60.60
N CYS C 1126 52.44 -22.12 61.64
CA CYS C 1126 51.22 -22.91 61.61
C CYS C 1126 50.07 -22.29 62.38
N ASP C 1127 50.17 -21.02 62.74
CA ASP C 1127 49.26 -20.39 63.69
C ASP C 1127 47.87 -20.08 63.12
N VAL C 1128 47.77 -19.58 61.89
CA VAL C 1128 46.56 -18.89 61.47
C VAL C 1128 45.65 -19.80 60.65
N VAL C 1129 46.13 -20.93 60.21
CA VAL C 1129 45.41 -21.76 59.25
C VAL C 1129 44.57 -22.76 60.02
N ILE C 1130 43.30 -22.84 59.69
CA ILE C 1130 42.45 -23.91 60.18
C ILE C 1130 42.58 -25.09 59.22
N GLY C 1131 42.51 -26.31 59.74
CA GLY C 1131 42.78 -27.48 58.93
C GLY C 1131 44.23 -27.87 58.90
N ILE C 1132 45.05 -27.38 59.82
CA ILE C 1132 46.39 -27.90 60.03
C ILE C 1132 46.33 -29.31 60.59
N VAL C 1133 46.95 -30.25 59.90
CA VAL C 1133 47.36 -31.49 60.52
C VAL C 1133 48.87 -31.41 60.72
N ASN C 1134 49.35 -32.25 61.62
CA ASN C 1134 50.76 -32.30 61.95
C ASN C 1134 51.36 -33.56 61.35
N ASN C 1135 52.27 -33.39 60.40
CA ASN C 1135 52.88 -34.52 59.72
C ASN C 1135 54.26 -34.10 59.25
N THR C 1136 55.08 -35.09 58.90
CA THR C 1136 56.40 -34.77 58.39
C THR C 1136 56.33 -34.31 56.93
N VAL C 1137 57.30 -33.48 56.57
CA VAL C 1137 57.58 -33.12 55.19
C VAL C 1137 58.97 -33.62 54.92
N TYR C 1138 59.14 -34.40 53.86
CA TYR C 1138 60.40 -35.11 53.66
C TYR C 1138 61.44 -34.20 53.01
N ASP C 1139 62.61 -34.18 53.59
CA ASP C 1139 63.73 -33.54 52.92
C ASP C 1139 64.65 -34.62 52.37
N PRO C 1140 64.88 -34.65 51.05
CA PRO C 1140 65.90 -35.54 50.48
C PRO C 1140 67.28 -34.91 50.42
N LEU C 1141 67.76 -34.39 51.55
CA LEU C 1141 69.10 -33.87 51.67
C LEU C 1141 69.91 -34.61 52.73
N GLN C 1142 69.36 -34.69 53.95
CA GLN C 1142 69.98 -35.44 55.04
C GLN C 1142 70.30 -36.93 54.85
N PRO C 1143 69.52 -37.77 54.12
CA PRO C 1143 69.95 -39.19 54.03
C PRO C 1143 71.13 -39.45 53.13
N GLU C 1144 71.48 -38.52 52.24
CA GLU C 1144 72.77 -38.65 51.58
C GLU C 1144 73.86 -37.88 52.33
N LEU C 1145 73.46 -37.09 53.34
CA LEU C 1145 74.42 -36.60 54.33
C LEU C 1145 74.47 -37.54 55.54
N ASP C 1146 74.92 -38.75 55.25
CA ASP C 1146 75.65 -39.58 56.19
C ASP C 1146 77.12 -39.19 56.29
N SER C 1147 77.65 -38.55 55.25
CA SER C 1147 79.02 -38.07 55.21
C SER C 1147 79.07 -36.75 54.44
N GLN D 1 31.66 32.62 -87.32
CA GLN D 1 30.73 33.51 -86.61
C GLN D 1 29.35 32.89 -86.76
N VAL D 2 28.38 33.31 -85.92
CA VAL D 2 27.07 32.68 -85.98
C VAL D 2 26.08 33.57 -86.74
N GLN D 3 25.30 32.92 -87.57
CA GLN D 3 24.24 33.53 -88.37
C GLN D 3 23.18 32.46 -88.54
N LEU D 4 21.98 32.77 -88.09
CA LEU D 4 20.98 31.76 -87.80
C LEU D 4 20.15 31.48 -89.04
N VAL D 5 20.41 30.33 -89.66
CA VAL D 5 19.75 29.91 -90.89
C VAL D 5 18.37 29.40 -90.52
N GLU D 6 17.37 30.26 -90.65
CA GLU D 6 16.00 29.91 -90.32
C GLU D 6 15.12 30.23 -91.51
N SER D 7 14.14 29.38 -91.78
CA SER D 7 13.31 29.55 -92.97
C SER D 7 11.92 29.01 -92.66
N GLY D 8 11.15 28.75 -93.72
CA GLY D 8 9.85 28.14 -93.59
C GLY D 8 8.73 29.06 -93.18
N GLY D 9 8.95 30.38 -93.22
CA GLY D 9 7.87 31.33 -93.07
C GLY D 9 6.93 31.28 -94.26
N GLY D 10 5.64 31.32 -93.97
CA GLY D 10 4.67 31.10 -95.03
C GLY D 10 3.22 31.17 -94.60
N VAL D 11 2.37 30.40 -95.27
CA VAL D 11 0.93 30.58 -95.21
C VAL D 11 0.36 30.01 -93.92
N VAL D 12 -0.45 30.82 -93.24
CA VAL D 12 -1.14 30.41 -92.03
C VAL D 12 -2.45 31.19 -91.94
N GLN D 13 -3.48 30.50 -91.47
CA GLN D 13 -4.71 31.17 -91.08
C GLN D 13 -4.48 31.86 -89.73
N PRO D 14 -5.23 32.91 -89.42
CA PRO D 14 -5.24 33.41 -88.03
C PRO D 14 -5.95 32.43 -87.11
N GLY D 15 -5.29 32.16 -85.99
CA GLY D 15 -5.70 31.05 -85.15
C GLY D 15 -5.36 29.68 -85.72
N ARG D 16 -4.19 29.53 -86.34
CA ARG D 16 -3.78 28.22 -86.85
C ARG D 16 -2.35 27.95 -86.45
N SER D 17 -2.02 26.70 -86.18
CA SER D 17 -0.69 26.32 -85.78
C SER D 17 0.21 26.22 -87.01
N LEU D 18 1.23 27.08 -87.05
CA LEU D 18 2.33 26.92 -87.99
C LEU D 18 3.57 26.58 -87.19
N ARG D 19 4.32 25.58 -87.64
CA ARG D 19 5.49 25.12 -86.93
C ARG D 19 6.75 25.65 -87.61
N LEU D 20 7.14 26.86 -87.22
CA LEU D 20 8.23 27.60 -87.84
C LEU D 20 9.55 27.03 -87.34
N SER D 21 10.62 27.28 -88.09
CA SER D 21 11.93 26.73 -87.78
C SER D 21 12.92 27.81 -87.35
N CYS D 22 13.81 27.45 -86.43
CA CYS D 22 15.04 28.22 -86.21
C CYS D 22 16.21 27.25 -86.09
N ALA D 23 16.73 26.83 -87.23
CA ALA D 23 17.93 26.03 -87.24
C ALA D 23 19.13 26.93 -87.03
N ALA D 24 20.25 26.33 -86.65
CA ALA D 24 21.34 27.11 -86.11
C ALA D 24 22.61 26.80 -86.87
N SER D 25 23.61 27.67 -86.69
CA SER D 25 24.92 27.45 -87.28
C SER D 25 25.97 28.06 -86.36
N GLY D 26 27.02 27.28 -86.13
CA GLY D 26 28.20 27.79 -85.48
C GLY D 26 28.45 27.35 -84.05
N PHE D 27 27.41 27.23 -83.24
CA PHE D 27 27.61 27.14 -81.79
C PHE D 27 27.12 25.79 -81.27
N THR D 28 27.61 25.42 -80.09
CA THR D 28 27.17 24.20 -79.43
C THR D 28 25.77 24.39 -78.85
N PHE D 29 25.04 23.29 -78.68
CA PHE D 29 23.59 23.39 -78.67
C PHE D 29 23.01 23.07 -77.30
N SER D 30 23.66 22.22 -76.52
CA SER D 30 23.31 22.05 -75.12
C SER D 30 24.26 22.82 -74.20
N SER D 31 24.78 23.96 -74.65
CA SER D 31 25.48 24.87 -73.76
C SER D 31 25.19 26.34 -74.07
N TYR D 32 24.18 26.60 -74.90
CA TYR D 32 23.65 27.96 -75.08
C TYR D 32 22.13 27.96 -74.95
N GLY D 33 21.63 28.92 -74.18
CA GLY D 33 20.21 29.16 -74.10
C GLY D 33 19.78 30.21 -75.10
N MET D 34 19.05 29.75 -76.11
CA MET D 34 18.75 30.60 -77.25
C MET D 34 17.46 31.37 -76.99
N HIS D 35 17.53 32.66 -77.29
CA HIS D 35 16.40 33.56 -77.21
C HIS D 35 15.63 33.60 -78.52
N TRP D 36 14.59 34.41 -78.51
CA TRP D 36 13.85 34.82 -79.69
C TRP D 36 13.56 36.32 -79.57
N VAL D 37 13.87 37.07 -80.62
CA VAL D 37 13.52 38.49 -80.72
C VAL D 37 12.69 38.66 -81.98
N ARG D 38 11.52 39.28 -81.86
CA ARG D 38 10.71 39.61 -83.02
C ARG D 38 10.94 41.06 -83.45
N GLN D 39 10.45 41.38 -84.66
CA GLN D 39 10.45 42.76 -85.17
C GLN D 39 9.37 42.88 -86.23
N ALA D 40 8.39 43.74 -86.01
CA ALA D 40 7.44 44.01 -87.07
C ALA D 40 8.07 44.92 -88.13
N PRO D 41 7.73 44.75 -89.41
CA PRO D 41 8.18 45.71 -90.43
C PRO D 41 7.43 47.03 -90.31
N GLY D 42 8.15 48.06 -89.83
CA GLY D 42 7.54 49.33 -89.50
C GLY D 42 7.64 49.73 -88.04
N LYS D 43 8.00 48.81 -87.15
CA LYS D 43 8.25 49.10 -85.75
C LYS D 43 9.65 48.61 -85.38
N GLY D 44 10.02 48.82 -84.12
CA GLY D 44 11.31 48.39 -83.63
C GLY D 44 11.29 46.95 -83.12
N LEU D 45 12.43 46.54 -82.57
CA LEU D 45 12.61 45.21 -81.99
C LEU D 45 11.89 45.07 -80.64
N GLU D 46 11.58 43.82 -80.28
CA GLU D 46 11.15 43.47 -78.92
C GLU D 46 11.44 41.99 -78.70
N TRP D 47 12.07 41.67 -77.57
CA TRP D 47 12.22 40.30 -77.08
C TRP D 47 10.89 39.62 -76.79
N VAL D 48 10.83 38.31 -77.09
CA VAL D 48 9.59 37.56 -77.02
C VAL D 48 9.72 36.25 -76.22
N ALA D 49 10.84 35.51 -76.38
CA ALA D 49 10.88 34.13 -75.88
C ALA D 49 12.32 33.62 -75.78
N VAL D 50 12.53 32.63 -74.91
CA VAL D 50 13.84 32.01 -74.62
C VAL D 50 13.61 30.65 -73.96
N ILE D 51 14.45 29.65 -74.31
CA ILE D 51 14.56 28.42 -73.53
C ILE D 51 15.92 28.18 -72.88
N TRP D 52 16.00 27.11 -72.08
CA TRP D 52 17.26 26.52 -71.63
C TRP D 52 17.66 25.34 -72.52
N TYR D 53 18.68 24.60 -72.05
CA TYR D 53 19.45 23.69 -72.89
C TYR D 53 18.93 22.25 -72.81
N ASP D 54 17.85 22.01 -72.08
CA ASP D 54 17.22 20.70 -72.06
C ASP D 54 15.70 20.76 -71.97
N GLY D 55 15.10 21.91 -72.27
CA GLY D 55 13.68 22.11 -72.11
C GLY D 55 13.21 22.14 -70.67
N SER D 56 14.00 22.69 -69.75
CA SER D 56 13.61 22.72 -68.36
C SER D 56 12.64 23.86 -68.08
N ASN D 57 13.05 25.10 -68.35
CA ASN D 57 12.18 26.25 -68.23
C ASN D 57 12.09 26.97 -69.57
N LYS D 58 10.88 27.46 -69.87
CA LYS D 58 10.58 28.06 -71.16
C LYS D 58 9.96 29.44 -70.91
N PHE D 59 10.80 30.44 -70.73
CA PHE D 59 10.35 31.81 -70.49
C PHE D 59 9.84 32.46 -71.77
N TYR D 60 8.70 33.14 -71.64
CA TYR D 60 8.23 34.03 -72.67
C TYR D 60 8.05 35.41 -72.06
N ALA D 61 7.78 36.41 -72.90
CA ALA D 61 7.71 37.79 -72.44
C ALA D 61 6.38 38.09 -71.74
N ASP D 62 6.23 39.33 -71.29
CA ASP D 62 5.17 39.67 -70.34
C ASP D 62 3.79 39.86 -70.98
N SER D 63 3.66 39.78 -72.31
CA SER D 63 2.34 39.89 -72.94
C SER D 63 1.98 38.65 -73.73
N VAL D 64 2.95 37.75 -73.94
CA VAL D 64 2.79 36.61 -74.84
C VAL D 64 3.06 35.30 -74.09
N LYS D 65 2.84 35.30 -72.78
CA LYS D 65 3.28 34.20 -71.94
C LYS D 65 2.30 33.03 -72.01
N GLY D 66 2.85 31.87 -72.39
CA GLY D 66 2.07 30.65 -72.40
C GLY D 66 1.49 30.28 -73.75
N ARG D 67 1.40 31.24 -74.67
CA ARG D 67 0.77 31.04 -75.98
C ARG D 67 1.72 30.39 -76.98
N PHE D 68 2.99 30.26 -76.62
CA PHE D 68 3.96 29.61 -77.48
C PHE D 68 4.48 28.42 -76.72
N THR D 69 5.03 27.45 -77.44
CA THR D 69 5.98 26.54 -76.83
C THR D 69 7.17 26.33 -77.77
N ILE D 70 8.24 27.07 -77.49
CA ILE D 70 9.52 26.84 -78.14
C ILE D 70 10.23 25.77 -77.32
N SER D 71 10.95 24.89 -78.02
CA SER D 71 11.57 23.74 -77.39
C SER D 71 12.83 23.39 -78.17
N ARG D 72 13.32 22.17 -77.96
CA ARG D 72 14.47 21.66 -78.70
C ARG D 72 14.37 20.15 -78.81
N ASP D 73 15.10 19.60 -79.78
CA ASP D 73 15.33 18.17 -79.87
C ASP D 73 16.69 17.97 -80.52
N ASN D 74 17.49 17.07 -79.95
CA ASN D 74 18.89 16.91 -80.38
C ASN D 74 19.03 16.15 -81.69
N SER D 75 17.97 15.51 -82.19
CA SER D 75 18.07 14.72 -83.41
C SER D 75 17.54 15.48 -84.62
N LYS D 76 16.47 16.26 -84.43
CA LYS D 76 15.77 16.97 -85.50
C LYS D 76 16.62 18.10 -86.11
N ASN D 77 17.44 18.75 -85.27
CA ASN D 77 18.38 19.84 -85.60
C ASN D 77 17.65 21.05 -86.21
N THR D 78 16.44 21.32 -85.73
CA THR D 78 15.69 22.55 -85.96
C THR D 78 15.22 23.08 -84.60
N LEU D 79 14.34 24.08 -84.65
CA LEU D 79 13.63 24.54 -83.46
C LEU D 79 12.15 24.61 -83.84
N TYR D 80 11.36 23.66 -83.37
CA TYR D 80 9.95 23.57 -83.77
C TYR D 80 9.10 24.23 -82.69
N LEU D 81 7.82 24.47 -83.01
CA LEU D 81 6.95 25.32 -82.20
C LEU D 81 5.49 25.01 -82.52
N GLN D 82 4.58 25.30 -81.59
CA GLN D 82 3.24 25.68 -82.04
C GLN D 82 2.87 27.03 -81.41
N MET D 83 2.66 28.00 -82.29
CA MET D 83 1.98 29.25 -81.94
C MET D 83 0.49 28.91 -81.83
N THR D 84 -0.04 29.17 -80.65
CA THR D 84 -1.37 28.71 -80.33
C THR D 84 -2.31 29.90 -80.14
N SER D 85 -3.25 30.05 -81.08
CA SER D 85 -4.39 30.98 -81.05
C SER D 85 -3.95 32.45 -81.01
N LEU D 86 -3.38 32.91 -82.13
CA LEU D 86 -2.91 34.28 -82.25
C LEU D 86 -4.10 35.24 -82.34
N ARG D 87 -3.91 36.46 -81.84
CA ARG D 87 -4.94 37.49 -81.79
C ARG D 87 -4.56 38.67 -82.68
N ALA D 88 -4.20 38.34 -83.93
CA ALA D 88 -3.60 39.19 -84.97
C ALA D 88 -2.34 39.90 -84.49
N GLU D 89 -1.43 39.14 -83.86
CA GLU D 89 -0.20 39.71 -83.31
C GLU D 89 1.06 39.20 -84.00
N ASP D 90 0.98 38.11 -84.77
CA ASP D 90 2.18 37.45 -85.29
C ASP D 90 2.53 37.92 -86.71
N THR D 91 2.44 39.22 -86.95
CA THR D 91 2.85 39.84 -88.21
C THR D 91 4.21 40.51 -88.08
N ALA D 92 5.29 39.75 -88.09
CA ALA D 92 6.61 40.29 -87.78
C ALA D 92 7.70 39.52 -88.52
N VAL D 93 8.93 39.99 -88.34
CA VAL D 93 10.14 39.27 -88.73
C VAL D 93 10.73 38.67 -87.47
N TYR D 94 10.49 37.38 -87.25
CA TYR D 94 11.08 36.68 -86.11
C TYR D 94 12.57 36.49 -86.31
N TYR D 95 13.31 36.55 -85.22
CA TYR D 95 14.71 36.15 -85.16
C TYR D 95 14.88 35.30 -83.92
N CYS D 96 15.92 34.48 -83.90
CA CYS D 96 16.46 33.96 -82.66
C CYS D 96 17.56 34.90 -82.15
N ALA D 97 18.19 34.54 -81.03
CA ALA D 97 19.32 35.28 -80.46
C ALA D 97 20.18 34.36 -79.61
N ARG D 98 21.48 34.30 -79.92
CA ARG D 98 22.48 33.66 -79.05
C ARG D 98 23.05 34.68 -78.08
N ALA D 99 22.95 34.37 -76.79
CA ALA D 99 23.56 35.16 -75.74
C ALA D 99 24.68 34.37 -75.07
N ASP D 100 25.67 35.07 -74.51
CA ASP D 100 26.91 34.40 -74.13
C ASP D 100 27.36 34.98 -72.77
N TYR D 101 26.48 35.75 -72.10
CA TYR D 101 26.60 36.32 -70.74
C TYR D 101 27.83 37.24 -70.56
N GLY D 102 27.70 38.40 -71.17
CA GLY D 102 28.51 39.57 -70.92
C GLY D 102 27.65 40.58 -70.20
N ASP D 103 26.99 40.10 -69.13
CA ASP D 103 25.90 40.76 -68.38
C ASP D 103 24.73 41.13 -69.30
N PHE D 104 24.11 40.04 -69.81
CA PHE D 104 22.80 40.00 -70.47
C PHE D 104 22.77 40.77 -71.79
N PHE D 105 23.58 40.31 -72.74
CA PHE D 105 23.74 40.94 -74.04
C PHE D 105 23.22 39.99 -75.12
N PHE D 106 23.24 40.45 -76.37
CA PHE D 106 22.97 39.61 -77.53
C PHE D 106 24.08 39.83 -78.54
N ASP D 107 24.52 38.77 -79.21
CA ASP D 107 25.74 38.88 -80.00
C ASP D 107 25.48 39.03 -81.50
N TYR D 108 24.86 38.04 -82.12
CA TYR D 108 24.68 38.07 -83.57
C TYR D 108 23.26 37.71 -83.95
N TRP D 109 22.85 38.20 -85.12
CA TRP D 109 21.46 38.19 -85.52
C TRP D 109 21.41 37.68 -86.95
N GLY D 110 20.49 36.77 -87.23
CA GLY D 110 20.47 36.04 -88.48
C GLY D 110 19.83 36.81 -89.63
N GLN D 111 18.96 36.10 -90.35
CA GLN D 111 18.34 36.70 -91.53
C GLN D 111 16.85 37.03 -91.30
N GLY D 112 16.11 36.18 -90.60
CA GLY D 112 14.71 36.52 -90.31
C GLY D 112 13.60 35.74 -91.00
N THR D 113 12.92 34.91 -90.21
CA THR D 113 11.67 34.29 -90.64
C THR D 113 10.54 35.29 -90.55
N LEU D 114 9.73 35.36 -91.61
CA LEU D 114 8.55 36.20 -91.66
C LEU D 114 7.32 35.34 -91.84
N VAL D 115 6.41 35.38 -90.87
CA VAL D 115 5.14 34.68 -90.92
C VAL D 115 4.03 35.72 -91.02
N THR D 116 3.04 35.47 -91.86
CA THR D 116 1.99 36.44 -92.19
C THR D 116 0.63 35.76 -92.11
N VAL D 117 -0.31 36.41 -91.41
CA VAL D 117 -1.72 36.06 -91.56
C VAL D 117 -2.36 36.99 -92.59
N SER D 118 -3.41 36.48 -93.23
CA SER D 118 -4.11 37.24 -94.29
C SER D 118 -5.40 37.77 -93.70
N SER D 119 -5.50 39.09 -93.58
CA SER D 119 -6.68 39.73 -93.01
C SER D 119 -7.75 39.97 -94.08
N SER E 1 9.47 43.48 -69.73
CA SER E 1 9.22 44.50 -68.71
C SER E 1 8.62 45.76 -69.33
N TYR E 2 8.66 46.88 -68.62
CA TYR E 2 8.15 48.13 -69.17
C TYR E 2 9.18 48.73 -70.12
N GLU E 3 8.68 49.58 -71.03
CA GLU E 3 9.47 50.08 -72.15
C GLU E 3 10.42 51.18 -71.70
N LEU E 4 11.61 51.19 -72.32
CA LEU E 4 12.63 52.18 -72.02
C LEU E 4 12.30 53.51 -72.68
N THR E 5 12.82 54.59 -72.07
CA THR E 5 12.64 55.94 -72.59
C THR E 5 13.71 56.22 -73.64
N GLN E 6 13.27 56.71 -74.79
CA GLN E 6 14.14 56.93 -75.94
C GLN E 6 13.70 58.19 -76.66
N PRO E 7 14.57 58.79 -77.46
CA PRO E 7 14.11 59.78 -78.46
C PRO E 7 13.67 59.10 -79.73
N PRO E 8 12.59 59.57 -80.37
CA PRO E 8 12.15 58.92 -81.63
C PRO E 8 13.02 59.28 -82.83
N SER E 9 13.38 60.55 -83.02
CA SER E 9 14.10 60.98 -84.21
C SER E 9 14.90 62.24 -83.90
N VAL E 10 16.21 62.18 -84.15
CA VAL E 10 17.10 63.32 -84.02
C VAL E 10 17.68 63.62 -85.39
N SER E 11 17.48 64.84 -85.87
CA SER E 11 17.99 65.28 -87.17
C SER E 11 19.01 66.39 -86.96
N VAL E 12 20.26 66.13 -87.34
CA VAL E 12 21.36 67.07 -87.13
C VAL E 12 22.40 66.85 -88.22
N SER E 13 22.99 67.95 -88.72
CA SER E 13 24.07 67.89 -89.72
C SER E 13 25.15 69.00 -89.71
N PRO E 14 25.83 69.34 -88.57
CA PRO E 14 27.26 69.68 -88.70
C PRO E 14 28.17 68.47 -88.49
N GLY E 15 29.49 68.70 -88.46
CA GLY E 15 30.42 67.60 -88.24
C GLY E 15 30.45 67.13 -86.80
N GLN E 16 30.04 67.98 -85.87
CA GLN E 16 29.90 67.58 -84.47
C GLN E 16 28.66 66.71 -84.30
N THR E 17 28.85 65.55 -83.68
CA THR E 17 27.80 64.55 -83.54
C THR E 17 27.17 64.64 -82.15
N ALA E 18 25.86 64.92 -82.11
CA ALA E 18 25.14 65.01 -80.86
C ALA E 18 24.87 63.61 -80.28
N ARG E 19 24.94 63.51 -78.96
CA ARG E 19 24.80 62.22 -78.29
C ARG E 19 23.33 61.91 -78.04
N ILE E 20 22.92 60.68 -78.36
CA ILE E 20 21.58 60.20 -78.07
C ILE E 20 21.49 59.86 -76.58
N THR E 21 20.53 60.49 -75.89
CA THR E 21 20.36 60.34 -74.45
C THR E 21 19.27 59.31 -74.17
N CYS E 22 19.64 58.22 -73.50
CA CYS E 22 18.72 57.17 -73.07
C CYS E 22 18.63 57.20 -71.55
N SER E 23 17.42 57.42 -71.02
CA SER E 23 17.24 57.63 -69.60
C SER E 23 16.49 56.49 -68.92
N GLY E 24 16.48 56.47 -67.60
CA GLY E 24 15.77 55.45 -66.85
C GLY E 24 16.50 54.97 -65.62
N ASP E 25 15.75 54.50 -64.62
CA ASP E 25 16.36 54.05 -63.38
C ASP E 25 16.67 52.55 -63.39
N ALA E 26 16.37 51.85 -64.49
CA ALA E 26 16.61 50.41 -64.57
C ALA E 26 18.02 50.07 -65.03
N LEU E 27 18.86 51.08 -65.34
CA LEU E 27 20.19 50.84 -65.86
C LEU E 27 21.19 50.54 -64.75
N SER E 28 20.83 50.78 -63.50
CA SER E 28 21.73 50.43 -62.40
C SER E 28 21.74 48.93 -62.14
N LYS E 29 20.63 48.24 -62.38
CA LYS E 29 20.51 46.86 -61.97
C LYS E 29 21.16 45.91 -62.98
N HIS E 30 20.85 46.07 -64.28
CA HIS E 30 21.68 45.72 -65.43
C HIS E 30 21.43 46.74 -66.52
N TYR E 31 22.43 46.94 -67.37
CA TYR E 31 22.71 48.27 -67.90
C TYR E 31 22.50 48.38 -69.41
N GLY E 32 22.41 49.64 -69.86
CA GLY E 32 21.80 49.97 -71.13
C GLY E 32 22.72 49.69 -72.31
N TYR E 33 22.16 48.95 -73.27
CA TYR E 33 22.94 48.46 -74.38
C TYR E 33 22.51 49.08 -75.69
N TRP E 34 23.17 48.62 -76.76
CA TRP E 34 23.09 49.19 -78.10
C TRP E 34 22.99 48.06 -79.11
N TYR E 35 21.95 48.10 -79.94
CA TYR E 35 21.78 47.10 -80.98
C TYR E 35 21.48 47.80 -82.29
N GLN E 36 22.13 47.32 -83.34
CA GLN E 36 22.06 47.99 -84.62
C GLN E 36 20.87 47.46 -85.40
N GLN E 37 20.56 48.13 -86.50
CA GLN E 37 19.71 47.60 -87.55
C GLN E 37 20.33 48.13 -88.84
N LYS E 38 21.22 47.34 -89.42
CA LYS E 38 22.00 47.74 -90.57
C LYS E 38 21.16 47.74 -91.84
N PRO E 39 21.63 48.42 -92.89
CA PRO E 39 21.18 48.10 -94.25
C PRO E 39 21.43 46.64 -94.60
N GLY E 40 20.42 46.01 -95.18
CA GLY E 40 20.39 44.57 -95.35
C GLY E 40 19.51 43.84 -94.36
N GLN E 41 19.03 44.55 -93.32
CA GLN E 41 18.34 44.03 -92.12
C GLN E 41 19.18 42.91 -91.48
N ALA E 42 20.44 43.24 -91.20
CA ALA E 42 21.39 42.34 -90.56
C ALA E 42 21.92 43.04 -89.32
N PRO E 43 21.26 42.90 -88.17
CA PRO E 43 21.77 43.53 -86.95
C PRO E 43 23.02 42.84 -86.42
N VAL E 44 23.90 43.62 -85.82
CA VAL E 44 25.01 43.09 -85.06
C VAL E 44 25.06 43.83 -83.73
N LEU E 45 25.66 43.18 -82.74
CA LEU E 45 26.22 43.87 -81.60
C LEU E 45 27.42 44.67 -82.05
N VAL E 46 27.52 45.92 -81.58
CA VAL E 46 28.72 46.72 -81.82
C VAL E 46 29.48 47.05 -80.54
N ILE E 47 28.83 47.00 -79.37
CA ILE E 47 29.45 47.35 -78.08
C ILE E 47 28.76 46.56 -76.96
N PHE E 48 29.54 45.80 -76.17
CA PHE E 48 28.97 45.02 -75.08
C PHE E 48 29.71 45.30 -73.79
N LYS E 49 29.01 45.06 -72.66
CA LYS E 49 29.37 45.35 -71.25
C LYS E 49 29.59 46.84 -70.96
N ASP E 50 29.03 47.73 -71.80
CA ASP E 50 29.24 49.18 -71.98
C ASP E 50 30.67 49.62 -72.34
N SER E 51 31.59 48.69 -72.58
CA SER E 51 33.01 49.03 -72.58
C SER E 51 33.79 48.49 -73.76
N GLU E 52 33.54 47.24 -74.18
CA GLU E 52 34.39 46.60 -75.18
C GLU E 52 33.59 46.24 -76.43
N ARG E 53 34.19 46.49 -77.55
CA ARG E 53 33.83 46.14 -78.91
C ARG E 53 34.51 44.84 -79.30
N PRO E 54 33.84 43.94 -80.03
CA PRO E 54 34.46 42.64 -80.35
C PRO E 54 35.47 42.75 -81.49
N SER E 55 35.98 41.57 -81.86
CA SER E 55 37.06 41.46 -82.84
C SER E 55 36.55 41.72 -84.25
N GLY E 56 37.37 42.45 -85.03
CA GLY E 56 37.05 42.76 -86.40
C GLY E 56 35.95 43.77 -86.60
N ILE E 57 35.68 44.62 -85.61
CA ILE E 57 34.62 45.61 -85.69
C ILE E 57 35.11 46.76 -86.56
N PRO E 58 34.23 47.44 -87.29
CA PRO E 58 34.55 48.80 -87.75
C PRO E 58 34.69 49.70 -86.54
N GLU E 59 35.87 50.30 -86.43
CA GLU E 59 36.32 50.84 -85.16
C GLU E 59 35.68 52.19 -84.88
N ARG E 60 34.82 52.21 -83.88
CA ARG E 60 34.20 53.42 -83.39
C ARG E 60 34.42 53.52 -81.90
N PHE E 61 33.68 54.39 -81.23
CA PHE E 61 33.89 54.68 -79.81
C PHE E 61 33.17 53.66 -78.93
N SER E 62 33.05 53.98 -77.64
CA SER E 62 32.41 53.09 -76.67
C SER E 62 31.51 53.88 -75.73
N GLY E 63 31.08 53.23 -74.66
CA GLY E 63 30.30 53.87 -73.62
C GLY E 63 31.10 54.13 -72.34
N SER E 64 30.51 54.94 -71.46
CA SER E 64 31.16 55.38 -70.23
C SER E 64 30.33 55.14 -68.97
N SER E 65 29.00 55.22 -69.09
CA SER E 65 27.97 55.04 -68.05
C SER E 65 28.15 56.03 -66.89
N SER E 66 28.01 57.30 -67.22
CA SER E 66 28.11 58.35 -66.21
C SER E 66 26.77 58.53 -65.51
N GLY E 67 26.56 57.74 -64.44
CA GLY E 67 25.33 57.88 -63.69
C GLY E 67 24.14 57.21 -64.35
N THR E 68 23.12 58.02 -64.61
CA THR E 68 21.87 57.51 -65.18
C THR E 68 22.00 57.21 -66.67
N THR E 69 22.45 58.19 -67.46
CA THR E 69 22.45 58.05 -68.91
C THR E 69 23.86 57.69 -69.41
N ILE E 70 23.92 57.01 -70.55
CA ILE E 70 25.17 56.62 -71.17
C ILE E 70 25.29 57.29 -72.53
N THR E 71 26.42 57.94 -72.78
CA THR E 71 26.81 58.37 -74.11
C THR E 71 27.27 57.16 -74.92
N LEU E 72 26.88 57.10 -76.18
CA LEU E 72 26.99 55.87 -76.97
C LEU E 72 28.29 55.81 -77.77
N THR E 73 28.35 54.83 -78.66
CA THR E 73 29.57 54.36 -79.31
C THR E 73 29.88 55.07 -80.61
N VAL E 74 29.11 56.11 -80.98
CA VAL E 74 29.24 56.75 -82.29
C VAL E 74 30.49 57.62 -82.35
N SER E 75 31.24 57.47 -83.43
CA SER E 75 32.45 58.25 -83.68
C SER E 75 32.13 59.16 -84.87
N GLY E 76 33.18 59.71 -85.49
CA GLY E 76 33.02 60.54 -86.67
C GLY E 76 32.46 59.77 -87.86
N VAL E 77 31.56 60.45 -88.56
CA VAL E 77 30.60 59.75 -89.40
C VAL E 77 31.20 59.41 -90.76
N GLN E 78 30.75 58.28 -91.30
CA GLN E 78 31.07 57.80 -92.63
C GLN E 78 29.80 57.90 -93.48
N ALA E 79 29.82 57.28 -94.65
CA ALA E 79 28.62 57.23 -95.48
C ALA E 79 27.71 56.06 -95.15
N GLU E 80 28.11 55.18 -94.23
CA GLU E 80 27.36 53.97 -93.91
C GLU E 80 26.55 54.13 -92.62
N ASP E 81 26.35 55.37 -92.16
CA ASP E 81 25.74 55.64 -90.86
C ASP E 81 24.22 55.73 -90.90
N GLU E 82 23.55 55.01 -91.82
CA GLU E 82 22.09 55.03 -91.86
C GLU E 82 21.47 54.20 -90.74
N ALA E 83 22.23 53.28 -90.15
CA ALA E 83 21.71 52.35 -89.16
C ALA E 83 21.51 53.04 -87.80
N ASP E 84 20.58 52.50 -87.02
CA ASP E 84 20.10 53.12 -85.80
C ASP E 84 20.40 52.25 -84.57
N TYR E 85 19.90 52.69 -83.41
CA TYR E 85 20.26 52.10 -82.12
C TYR E 85 19.04 51.71 -81.31
N TYR E 86 19.23 50.68 -80.49
CA TYR E 86 18.21 50.10 -79.63
C TYR E 86 18.72 50.13 -78.20
N CYS E 87 18.04 50.85 -77.33
CA CYS E 87 18.38 50.78 -75.91
C CYS E 87 17.95 49.45 -75.34
N GLN E 88 18.83 48.86 -74.53
CA GLN E 88 18.49 47.59 -73.92
C GLN E 88 19.11 47.56 -72.53
N SER E 89 18.29 47.93 -71.54
CA SER E 89 18.69 47.88 -70.14
C SER E 89 17.99 46.71 -69.48
N ALA E 90 18.79 45.72 -69.09
CA ALA E 90 18.26 44.45 -68.63
C ALA E 90 17.90 44.51 -67.15
N ASP E 91 17.41 43.38 -66.65
CA ASP E 91 17.05 43.25 -65.25
C ASP E 91 18.06 42.35 -64.55
N SER E 92 17.78 42.00 -63.29
CA SER E 92 18.74 41.26 -62.50
C SER E 92 18.66 39.76 -62.76
N SER E 93 17.57 39.12 -62.32
CA SER E 93 17.47 37.66 -62.46
C SER E 93 16.11 37.17 -62.91
N ALA E 94 15.10 38.04 -63.03
CA ALA E 94 13.85 37.69 -63.68
C ALA E 94 14.00 37.65 -65.20
N THR E 95 15.01 38.36 -65.73
CA THR E 95 15.52 38.30 -67.11
C THR E 95 14.46 38.68 -68.15
N TYR E 96 14.09 39.95 -68.13
CA TYR E 96 13.23 40.61 -69.11
C TYR E 96 14.06 41.59 -69.93
N TRP E 97 13.82 41.59 -71.25
CA TRP E 97 14.54 42.43 -72.20
C TRP E 97 13.56 43.28 -72.97
N VAL E 98 13.79 44.59 -72.96
CA VAL E 98 13.00 45.55 -73.73
C VAL E 98 13.91 46.38 -74.63
N PHE E 99 13.60 46.34 -75.92
CA PHE E 99 14.41 47.04 -76.93
C PHE E 99 13.88 48.41 -77.24
N GLY E 100 12.58 48.61 -77.19
CA GLY E 100 11.99 49.86 -77.60
C GLY E 100 11.80 49.96 -79.09
N GLY E 101 11.25 51.09 -79.53
CA GLY E 101 11.03 51.33 -80.94
C GLY E 101 12.26 51.80 -81.68
N GLY E 102 13.30 52.17 -80.94
CA GLY E 102 14.56 52.54 -81.53
C GLY E 102 14.69 54.01 -81.89
N THR E 103 15.79 54.30 -82.57
CA THR E 103 16.19 55.62 -82.99
C THR E 103 16.19 55.67 -84.52
N LYS E 104 16.72 56.77 -85.06
CA LYS E 104 17.16 56.85 -86.44
C LYS E 104 18.48 57.61 -86.49
N LEU E 105 19.28 57.32 -87.52
CA LEU E 105 20.47 58.10 -87.83
C LEU E 105 20.47 58.44 -89.31
N THR E 106 20.19 59.71 -89.62
CA THR E 106 20.24 60.23 -90.98
C THR E 106 20.82 61.63 -90.91
N VAL E 107 21.81 61.91 -91.76
CA VAL E 107 22.44 63.23 -91.79
C VAL E 107 21.51 64.23 -92.48
N GLN F 1 -36.14 74.57 51.33
CA GLN F 1 -37.24 73.89 50.68
C GLN F 1 -37.12 73.98 49.16
N VAL F 2 -37.26 72.84 48.50
CA VAL F 2 -37.28 72.83 47.05
C VAL F 2 -38.64 73.30 46.54
N GLN F 3 -38.64 73.89 45.36
CA GLN F 3 -39.87 74.41 44.75
C GLN F 3 -39.99 73.89 43.33
N LEU F 4 -41.22 73.57 42.95
CA LEU F 4 -41.54 73.21 41.58
C LEU F 4 -42.25 74.39 40.94
N VAL F 5 -41.56 75.10 40.05
CA VAL F 5 -42.05 76.31 39.42
C VAL F 5 -42.44 75.94 38.00
N GLU F 6 -43.64 76.34 37.58
CA GLU F 6 -44.11 75.96 36.26
C GLU F 6 -45.00 77.06 35.70
N SER F 7 -44.94 77.22 34.38
CA SER F 7 -45.59 78.34 33.72
C SER F 7 -45.96 77.91 32.29
N GLY F 8 -46.46 78.86 31.52
CA GLY F 8 -46.71 78.66 30.10
C GLY F 8 -48.17 78.54 29.70
N GLY F 9 -49.09 78.34 30.65
CA GLY F 9 -50.47 78.02 30.35
C GLY F 9 -51.26 79.22 29.84
N GLY F 10 -52.42 78.90 29.26
CA GLY F 10 -53.26 79.92 28.68
C GLY F 10 -54.16 79.48 27.54
N VAL F 11 -54.08 80.17 26.42
CA VAL F 11 -55.02 80.02 25.30
C VAL F 11 -54.21 79.58 24.09
N VAL F 12 -54.60 78.44 23.51
CA VAL F 12 -53.95 77.96 22.30
C VAL F 12 -55.05 77.39 21.41
N GLN F 13 -54.85 77.49 20.10
CA GLN F 13 -55.67 76.73 19.18
C GLN F 13 -55.39 75.23 19.32
N PRO F 14 -56.43 74.41 19.26
CA PRO F 14 -56.24 72.99 18.97
C PRO F 14 -55.73 72.78 17.55
N GLY F 15 -54.98 71.70 17.38
CA GLY F 15 -54.28 71.49 16.14
C GLY F 15 -52.98 72.25 15.94
N ARG F 16 -52.43 72.86 17.00
CA ARG F 16 -51.12 73.50 16.92
C ARG F 16 -50.41 73.43 18.28
N SER F 17 -49.11 73.67 18.26
CA SER F 17 -48.23 73.43 19.40
C SER F 17 -48.24 74.58 20.40
N LEU F 18 -48.05 74.25 21.68
CA LEU F 18 -47.73 75.20 22.74
C LEU F 18 -46.67 74.57 23.62
N ARG F 19 -45.82 75.39 24.20
CA ARG F 19 -44.75 74.94 25.06
C ARG F 19 -45.09 75.32 26.50
N LEU F 20 -45.33 74.31 27.33
CA LEU F 20 -45.67 74.56 28.72
C LEU F 20 -44.43 74.23 29.53
N SER F 21 -43.99 75.19 30.34
CA SER F 21 -42.68 75.14 30.98
C SER F 21 -42.79 74.62 32.40
N CYS F 22 -41.65 74.17 32.92
CA CYS F 22 -41.53 73.75 34.31
C CYS F 22 -40.09 73.91 34.75
N ALA F 23 -39.84 74.94 35.55
CA ALA F 23 -38.53 75.16 36.15
C ALA F 23 -38.36 74.29 37.38
N ALA F 24 -37.16 74.30 37.93
CA ALA F 24 -36.88 73.53 39.13
C ALA F 24 -35.87 74.30 39.97
N SER F 25 -35.85 73.98 41.26
CA SER F 25 -35.02 74.69 42.21
C SER F 25 -34.77 73.82 43.43
N GLY F 26 -33.61 73.98 44.03
CA GLY F 26 -33.33 73.41 45.34
C GLY F 26 -32.68 72.04 45.31
N PHE F 27 -33.30 71.09 44.63
CA PHE F 27 -32.89 69.69 44.68
C PHE F 27 -31.85 69.42 43.61
N THR F 28 -31.29 68.22 43.67
CA THR F 28 -30.49 67.71 42.56
C THR F 28 -31.38 67.35 41.37
N PHE F 29 -31.31 68.18 40.33
CA PHE F 29 -32.18 68.12 39.17
C PHE F 29 -31.92 66.89 38.31
N SER F 30 -30.65 66.52 38.17
CA SER F 30 -30.24 65.45 37.29
C SER F 30 -30.29 64.08 37.95
N SER F 31 -30.81 63.97 39.17
CA SER F 31 -30.84 62.71 39.88
C SER F 31 -32.24 62.13 40.03
N TYR F 32 -33.27 62.79 39.51
CA TYR F 32 -34.62 62.23 39.62
C TYR F 32 -35.26 62.22 38.24
N GLY F 33 -36.15 61.26 38.02
CA GLY F 33 -37.09 61.33 36.92
C GLY F 33 -38.41 61.92 37.37
N MET F 34 -38.88 62.94 36.65
CA MET F 34 -40.05 63.69 37.06
C MET F 34 -41.24 63.43 36.15
N HIS F 35 -42.38 63.96 36.55
CA HIS F 35 -43.65 63.70 35.92
C HIS F 35 -44.43 64.98 35.72
N TRP F 36 -45.04 65.11 34.54
CA TRP F 36 -46.17 65.99 34.35
C TRP F 36 -47.43 65.20 34.66
N VAL F 37 -48.30 65.76 35.49
CA VAL F 37 -49.61 65.19 35.78
C VAL F 37 -50.64 66.30 35.54
N ARG F 38 -51.54 66.10 34.59
CA ARG F 38 -52.58 67.08 34.35
C ARG F 38 -53.83 66.71 35.12
N GLN F 39 -54.78 67.66 35.20
CA GLN F 39 -56.06 67.44 35.85
C GLN F 39 -57.03 68.44 35.25
N ALA F 40 -58.16 67.95 34.76
CA ALA F 40 -59.22 68.85 34.32
C ALA F 40 -59.91 69.47 35.54
N PRO F 41 -60.29 70.75 35.49
CA PRO F 41 -61.01 71.37 36.61
C PRO F 41 -62.43 70.83 36.74
N GLY F 42 -62.76 70.33 37.94
CA GLY F 42 -64.00 69.62 38.16
C GLY F 42 -63.88 68.11 38.14
N LYS F 43 -62.72 67.59 37.75
CA LYS F 43 -62.50 66.14 37.70
C LYS F 43 -61.09 65.90 38.25
N GLY F 44 -60.65 64.64 38.29
CA GLY F 44 -59.42 64.29 38.95
C GLY F 44 -58.19 64.35 38.09
N LEU F 45 -57.12 63.79 38.63
CA LEU F 45 -55.78 63.89 38.07
C LEU F 45 -55.55 62.76 37.07
N GLU F 46 -54.61 62.99 36.14
CA GLU F 46 -54.09 61.88 35.34
C GLU F 46 -52.64 62.17 35.00
N TRP F 47 -51.79 61.16 35.15
CA TRP F 47 -50.38 61.28 34.80
C TRP F 47 -50.20 61.35 33.27
N VAL F 48 -49.26 62.19 32.82
CA VAL F 48 -48.96 62.38 31.40
C VAL F 48 -47.63 61.72 31.01
N ALA F 49 -46.52 62.14 31.62
CA ALA F 49 -45.20 62.02 31.02
C ALA F 49 -44.20 61.58 32.07
N VAL F 50 -43.12 60.92 31.64
CA VAL F 50 -41.95 60.65 32.50
C VAL F 50 -40.71 60.59 31.61
N ILE F 51 -39.57 61.04 32.13
CA ILE F 51 -38.27 60.63 31.62
C ILE F 51 -37.42 60.06 32.74
N TRP F 52 -36.17 59.80 32.43
CA TRP F 52 -35.19 59.34 33.41
C TRP F 52 -34.65 60.50 34.24
N TYR F 53 -33.58 60.20 34.98
CA TYR F 53 -32.73 61.21 35.59
C TYR F 53 -31.95 62.02 34.56
N ASP F 54 -31.70 61.46 33.38
CA ASP F 54 -31.06 62.17 32.28
C ASP F 54 -31.88 62.16 31.00
N GLY F 55 -33.05 61.52 31.01
CA GLY F 55 -33.89 61.48 29.83
C GLY F 55 -33.47 60.47 28.78
N SER F 56 -33.23 59.22 29.17
CA SER F 56 -32.71 58.24 28.22
C SER F 56 -33.83 57.66 27.36
N ASN F 57 -34.91 57.23 27.99
CA ASN F 57 -36.18 56.96 27.36
C ASN F 57 -37.06 58.18 27.50
N LYS F 58 -38.14 58.18 26.73
CA LYS F 58 -39.21 59.16 26.84
C LYS F 58 -40.51 58.37 26.91
N PHE F 59 -41.01 58.11 28.11
CA PHE F 59 -42.18 57.25 28.30
C PHE F 59 -43.39 58.08 28.69
N TYR F 60 -44.52 57.81 28.04
CA TYR F 60 -45.71 58.66 28.15
C TYR F 60 -46.89 57.82 28.58
N ALA F 61 -48.03 58.49 28.76
CA ALA F 61 -49.26 57.79 29.03
C ALA F 61 -49.94 57.43 27.72
N ASP F 62 -50.90 56.49 27.79
CA ASP F 62 -51.58 56.02 26.59
C ASP F 62 -52.56 57.03 25.99
N SER F 63 -53.00 58.01 26.80
CA SER F 63 -53.82 59.11 26.29
C SER F 63 -53.00 60.05 25.41
N VAL F 64 -51.71 60.17 25.68
CA VAL F 64 -50.92 61.24 25.08
C VAL F 64 -49.82 60.68 24.18
N LYS F 65 -50.07 59.52 23.57
CA LYS F 65 -49.07 58.87 22.75
C LYS F 65 -48.92 59.55 21.39
N GLY F 66 -47.68 59.92 21.07
CA GLY F 66 -47.32 60.52 19.79
C GLY F 66 -47.41 62.03 19.75
N ARG F 67 -48.20 62.61 20.65
CA ARG F 67 -48.57 64.02 20.64
C ARG F 67 -47.52 64.88 21.37
N PHE F 68 -46.64 64.25 22.13
CA PHE F 68 -45.81 64.96 23.10
C PHE F 68 -44.36 64.53 22.96
N THR F 69 -43.46 65.45 23.28
CA THR F 69 -42.14 65.03 23.74
C THR F 69 -41.75 65.92 24.92
N ILE F 70 -40.98 65.35 25.86
CA ILE F 70 -40.46 66.12 26.99
C ILE F 70 -38.95 65.95 27.02
N SER F 71 -38.28 66.93 27.61
CA SER F 71 -36.83 66.96 27.71
C SER F 71 -36.44 67.82 28.90
N ARG F 72 -35.44 67.36 29.65
CA ARG F 72 -34.85 68.14 30.73
C ARG F 72 -33.63 68.88 30.19
N ASP F 73 -33.28 69.95 30.89
CA ASP F 73 -31.96 70.57 30.74
C ASP F 73 -31.46 71.08 32.10
N ASN F 74 -30.20 70.78 32.39
CA ASN F 74 -29.77 70.74 33.77
C ASN F 74 -29.15 72.04 34.24
N SER F 75 -28.39 72.71 33.37
CA SER F 75 -27.85 74.02 33.72
C SER F 75 -28.95 75.07 33.71
N LYS F 76 -29.91 74.93 32.80
CA LYS F 76 -31.07 75.82 32.79
C LYS F 76 -32.13 75.43 33.79
N ASN F 77 -32.04 74.20 34.35
CA ASN F 77 -32.82 73.68 35.49
C ASN F 77 -34.32 73.64 35.18
N THR F 78 -34.65 73.31 33.92
CA THR F 78 -36.01 73.38 33.41
C THR F 78 -36.36 72.07 32.71
N LEU F 79 -37.65 71.87 32.50
CA LEU F 79 -38.15 70.76 31.69
C LEU F 79 -39.47 71.23 31.11
N TYR F 80 -39.85 70.74 29.94
CA TYR F 80 -41.01 71.33 29.27
C TYR F 80 -41.76 70.29 28.46
N LEU F 81 -42.74 70.77 27.69
CA LEU F 81 -43.62 69.96 26.86
C LEU F 81 -43.64 70.49 25.44
N GLN F 82 -44.08 69.68 24.48
CA GLN F 82 -44.72 70.29 23.30
C GLN F 82 -46.07 69.59 23.11
N MET F 83 -47.14 70.38 23.18
CA MET F 83 -48.52 69.87 23.11
C MET F 83 -49.05 70.04 21.68
N THR F 84 -48.28 69.43 20.78
CA THR F 84 -48.29 69.63 19.33
C THR F 84 -49.43 68.87 18.67
N SER F 85 -50.26 69.62 17.92
CA SER F 85 -51.39 69.18 17.12
C SER F 85 -52.41 68.44 17.99
N LEU F 86 -52.88 69.18 19.00
CA LEU F 86 -53.52 68.60 20.17
C LEU F 86 -54.97 68.22 19.85
N ARG F 87 -55.43 67.13 20.45
CA ARG F 87 -56.72 66.53 20.08
C ARG F 87 -57.84 66.97 21.02
N ALA F 88 -57.68 68.14 21.67
CA ALA F 88 -58.62 68.83 22.57
C ALA F 88 -59.00 68.01 23.80
N GLU F 89 -58.14 67.09 24.24
CA GLU F 89 -58.27 66.43 25.53
C GLU F 89 -57.55 67.24 26.60
N ASP F 90 -56.78 68.24 26.18
CA ASP F 90 -56.06 69.13 27.07
C ASP F 90 -56.89 70.34 27.50
N THR F 91 -58.06 70.10 28.07
CA THR F 91 -58.86 71.12 28.75
C THR F 91 -58.63 71.08 30.24
N ALA F 92 -57.35 71.18 30.65
CA ALA F 92 -56.91 70.73 31.96
C ALA F 92 -55.97 71.74 32.59
N VAL F 93 -55.55 71.44 33.82
CA VAL F 93 -54.50 72.18 34.51
C VAL F 93 -53.38 71.19 34.75
N TYR F 94 -52.19 71.49 34.24
CA TYR F 94 -51.04 70.61 34.33
C TYR F 94 -50.26 70.91 35.61
N TYR F 95 -49.67 69.86 36.20
CA TYR F 95 -48.81 69.97 37.39
C TYR F 95 -47.56 69.14 37.21
N CYS F 96 -46.44 69.68 37.66
CA CYS F 96 -45.21 68.92 37.70
C CYS F 96 -45.14 68.09 38.98
N ALA F 97 -44.55 66.91 38.87
CA ALA F 97 -44.45 65.98 39.99
C ALA F 97 -43.01 65.51 40.11
N ARG F 98 -42.35 65.89 41.21
CA ARG F 98 -41.02 65.37 41.50
C ARG F 98 -41.17 64.03 42.20
N ALA F 99 -40.43 63.04 41.74
CA ALA F 99 -40.39 61.73 42.35
C ALA F 99 -39.08 61.56 43.12
N ASP F 100 -39.01 60.52 43.96
CA ASP F 100 -37.86 60.33 44.84
C ASP F 100 -37.43 58.87 44.99
N TYR F 101 -38.14 57.94 44.33
CA TYR F 101 -37.97 56.47 44.37
C TYR F 101 -38.07 55.93 45.80
N GLY F 102 -39.30 56.01 46.30
CA GLY F 102 -39.76 55.21 47.41
C GLY F 102 -40.63 54.10 46.85
N ASP F 103 -40.07 53.41 45.84
CA ASP F 103 -40.74 52.53 44.88
C ASP F 103 -41.89 53.26 44.18
N PHE F 104 -41.47 54.29 43.43
CA PHE F 104 -42.26 55.04 42.44
C PHE F 104 -43.43 55.81 43.07
N PHE F 105 -43.09 56.75 43.95
CA PHE F 105 -44.04 57.73 44.48
C PHE F 105 -43.60 59.12 44.05
N PHE F 106 -44.56 60.04 43.98
CA PHE F 106 -44.28 61.44 43.69
C PHE F 106 -44.13 62.18 45.01
N ASP F 107 -43.06 62.96 45.14
CA ASP F 107 -42.77 63.64 46.40
C ASP F 107 -43.40 65.03 46.46
N TYR F 108 -43.14 65.87 45.46
CA TYR F 108 -43.51 67.27 45.51
C TYR F 108 -44.21 67.72 44.24
N TRP F 109 -44.88 68.86 44.33
CA TRP F 109 -45.83 69.31 43.32
C TRP F 109 -45.66 70.79 43.01
N GLY F 110 -46.07 71.16 41.80
CA GLY F 110 -46.10 72.54 41.39
C GLY F 110 -47.44 73.20 41.61
N GLN F 111 -47.47 74.51 41.36
CA GLN F 111 -48.69 75.28 41.58
C GLN F 111 -49.73 75.09 40.49
N GLY F 112 -49.30 74.90 39.24
CA GLY F 112 -50.30 74.70 38.19
C GLY F 112 -50.18 75.64 37.01
N THR F 113 -50.13 75.04 35.82
CA THR F 113 -50.29 75.77 34.57
C THR F 113 -51.67 75.44 34.04
N LEU F 114 -52.52 76.44 33.92
CA LEU F 114 -53.88 76.22 33.46
C LEU F 114 -53.99 76.60 31.99
N VAL F 115 -54.49 75.66 31.19
CA VAL F 115 -54.70 75.85 29.77
C VAL F 115 -56.18 75.61 29.47
N THR F 116 -56.75 76.47 28.62
CA THR F 116 -58.11 76.31 28.12
C THR F 116 -57.97 76.53 26.61
N VAL F 117 -58.11 75.44 25.86
CA VAL F 117 -57.81 75.48 24.44
C VAL F 117 -58.96 76.14 23.68
N SER F 118 -58.61 76.92 22.66
CA SER F 118 -59.52 77.87 22.03
C SER F 118 -60.13 77.19 20.81
N SER F 119 -61.13 76.36 21.07
CA SER F 119 -61.82 75.63 20.04
C SER F 119 -62.79 76.55 19.33
N SER G 1 -53.27 51.20 30.53
CA SER G 1 -53.53 50.20 31.57
C SER G 1 -54.98 50.24 32.03
N TYR G 2 -55.34 49.33 32.92
CA TYR G 2 -56.67 49.33 33.50
C TYR G 2 -56.77 50.40 34.58
N GLU G 3 -58.01 50.66 35.01
CA GLU G 3 -58.28 51.69 35.99
C GLU G 3 -58.53 51.11 37.38
N LEU G 4 -57.89 51.72 38.37
CA LEU G 4 -58.09 51.31 39.76
C LEU G 4 -59.47 51.72 40.25
N THR G 5 -60.02 50.86 41.09
CA THR G 5 -61.37 51.05 41.60
C THR G 5 -61.32 52.07 42.73
N GLN G 6 -61.89 53.24 42.48
CA GLN G 6 -61.98 54.30 43.46
C GLN G 6 -63.36 54.23 44.09
N PRO G 7 -63.46 54.50 45.39
CA PRO G 7 -64.75 54.81 45.96
C PRO G 7 -65.12 56.25 45.65
N PRO G 8 -66.30 56.51 45.08
CA PRO G 8 -66.56 57.86 44.55
C PRO G 8 -66.93 58.88 45.60
N SER G 9 -67.59 58.47 46.68
CA SER G 9 -68.07 59.41 47.69
C SER G 9 -68.20 58.66 49.00
N VAL G 10 -67.28 58.91 49.93
CA VAL G 10 -67.47 58.48 51.31
C VAL G 10 -67.65 59.78 52.10
N SER G 11 -68.89 60.23 52.20
CA SER G 11 -69.22 61.49 52.83
C SER G 11 -69.83 61.19 54.18
N VAL G 12 -69.00 61.23 55.21
CA VAL G 12 -69.38 60.71 56.52
C VAL G 12 -69.30 61.84 57.53
N SER G 13 -70.27 61.89 58.44
CA SER G 13 -70.04 62.61 59.69
C SER G 13 -70.46 61.87 60.96
N PRO G 14 -69.82 60.72 61.38
CA PRO G 14 -69.95 60.30 62.78
C PRO G 14 -68.82 60.87 63.60
N GLY G 15 -68.67 60.41 64.84
CA GLY G 15 -67.41 60.63 65.54
C GLY G 15 -66.25 59.91 64.89
N GLN G 16 -66.46 58.64 64.54
CA GLN G 16 -65.40 57.87 63.87
C GLN G 16 -65.59 57.87 62.36
N THR G 17 -64.51 58.06 61.63
CA THR G 17 -64.53 58.14 60.18
C THR G 17 -64.55 56.73 59.59
N ALA G 18 -65.41 56.53 58.57
CA ALA G 18 -65.48 55.25 57.87
C ALA G 18 -64.25 55.03 56.98
N ARG G 19 -63.96 53.77 56.69
CA ARG G 19 -62.76 53.39 55.96
C ARG G 19 -62.98 53.55 54.45
N ILE G 20 -62.37 54.60 53.90
CA ILE G 20 -62.31 54.82 52.47
C ILE G 20 -61.42 53.72 51.90
N THR G 21 -61.86 53.08 50.81
CA THR G 21 -61.30 51.78 50.44
C THR G 21 -61.08 51.69 48.95
N CYS G 22 -59.81 51.70 48.54
CA CYS G 22 -59.42 51.56 47.15
C CYS G 22 -58.93 50.14 46.90
N SER G 23 -59.13 49.66 45.67
CA SER G 23 -58.68 48.32 45.33
C SER G 23 -58.22 48.19 43.88
N GLY G 24 -58.02 46.96 43.45
CA GLY G 24 -57.38 46.63 42.19
C GLY G 24 -56.57 45.37 42.38
N ASP G 25 -56.42 44.55 41.34
CA ASP G 25 -55.81 43.23 41.50
C ASP G 25 -54.29 43.30 41.61
N ALA G 26 -53.67 44.38 41.15
CA ALA G 26 -52.22 44.51 41.26
C ALA G 26 -51.80 45.28 42.51
N LEU G 27 -52.73 45.51 43.44
CA LEU G 27 -52.38 46.16 44.70
C LEU G 27 -51.61 45.22 45.61
N SER G 28 -51.77 43.91 45.43
CA SER G 28 -50.81 42.96 45.97
C SER G 28 -49.45 43.11 45.31
N LYS G 29 -49.40 43.43 44.02
CA LYS G 29 -48.15 43.37 43.28
C LYS G 29 -47.32 44.63 43.54
N HIS G 30 -47.85 45.80 43.21
CA HIS G 30 -47.33 47.04 43.77
C HIS G 30 -48.40 47.65 44.65
N TYR G 31 -48.05 47.87 45.91
CA TYR G 31 -48.98 48.49 46.84
C TYR G 31 -49.09 49.99 46.59
N GLY G 32 -50.27 50.52 46.90
CA GLY G 32 -50.65 51.85 46.49
C GLY G 32 -50.31 52.94 47.50
N TYR G 33 -50.44 54.17 47.02
CA TYR G 33 -50.10 55.36 47.79
C TYR G 33 -51.31 56.27 47.72
N TRP G 34 -51.62 56.93 48.83
CA TRP G 34 -52.63 57.99 48.80
C TRP G 34 -52.06 59.35 49.08
N TYR G 35 -52.74 60.33 48.50
CA TYR G 35 -52.37 61.72 48.49
C TYR G 35 -53.62 62.50 48.89
N GLN G 36 -53.47 63.80 49.10
CA GLN G 36 -54.66 64.64 49.22
C GLN G 36 -54.59 65.83 48.28
N GLN G 37 -55.67 65.98 47.51
CA GLN G 37 -55.91 67.17 46.70
C GLN G 37 -56.32 68.24 47.70
N LYS G 38 -55.37 69.06 48.11
CA LYS G 38 -55.66 70.14 49.03
C LYS G 38 -56.29 71.31 48.29
N PRO G 39 -57.02 72.17 49.01
CA PRO G 39 -57.32 73.51 48.46
C PRO G 39 -56.04 74.32 48.28
N GLY G 40 -55.90 74.91 47.09
CA GLY G 40 -54.71 75.64 46.72
C GLY G 40 -53.94 75.04 45.57
N GLN G 41 -54.41 73.90 45.04
CA GLN G 41 -53.83 73.10 43.95
C GLN G 41 -52.39 72.67 44.25
N ALA G 42 -52.14 72.33 45.51
CA ALA G 42 -50.87 71.78 45.98
C ALA G 42 -51.18 70.41 46.59
N PRO G 43 -50.96 69.32 45.85
CA PRO G 43 -51.13 67.99 46.45
C PRO G 43 -50.07 67.68 47.50
N VAL G 44 -50.53 67.10 48.60
CA VAL G 44 -49.65 66.65 49.66
C VAL G 44 -49.69 65.12 49.66
N LEU G 45 -48.71 64.52 50.33
CA LEU G 45 -48.67 63.07 50.50
C LEU G 45 -49.04 62.74 51.94
N VAL G 46 -50.00 61.82 52.12
CA VAL G 46 -50.49 61.50 53.44
C VAL G 46 -50.16 60.08 53.89
N ILE G 47 -50.13 59.10 52.98
CA ILE G 47 -49.71 57.75 53.34
C ILE G 47 -48.98 57.13 52.15
N PHE G 48 -47.84 56.51 52.43
CA PHE G 48 -47.04 55.83 51.42
C PHE G 48 -46.47 54.56 52.02
N LYS G 49 -46.44 53.50 51.18
CA LYS G 49 -46.06 52.11 51.48
C LYS G 49 -46.89 51.46 52.58
N ASP G 50 -48.13 51.94 52.75
CA ASP G 50 -49.25 51.47 53.58
C ASP G 50 -49.07 51.59 55.10
N SER G 51 -47.87 51.89 55.59
CA SER G 51 -47.66 52.02 57.02
C SER G 51 -46.86 53.26 57.40
N GLU G 52 -45.83 53.61 56.64
CA GLU G 52 -44.88 54.61 57.09
C GLU G 52 -45.37 56.00 56.69
N ARG G 53 -44.94 56.98 57.47
CA ARG G 53 -45.64 58.24 57.46
C ARG G 53 -44.75 59.36 56.92
N PRO G 54 -45.31 60.37 56.26
CA PRO G 54 -44.48 61.46 55.70
C PRO G 54 -44.00 62.45 56.76
N SER G 55 -43.33 63.48 56.25
CA SER G 55 -42.69 64.49 57.09
C SER G 55 -43.68 65.56 57.51
N GLY G 56 -43.71 65.85 58.82
CA GLY G 56 -44.64 66.81 59.38
C GLY G 56 -46.09 66.38 59.35
N ILE G 57 -46.35 65.08 59.40
CA ILE G 57 -47.66 64.49 59.13
C ILE G 57 -48.51 64.72 60.37
N PRO G 58 -49.82 64.94 60.25
CA PRO G 58 -50.68 64.91 61.45
C PRO G 58 -50.80 63.51 62.03
N GLU G 59 -51.04 63.49 63.33
CA GLU G 59 -50.81 62.31 64.16
C GLU G 59 -51.96 61.33 64.03
N ARG G 60 -51.75 60.27 63.26
CA ARG G 60 -52.70 59.21 63.06
C ARG G 60 -51.98 57.90 63.33
N PHE G 61 -52.50 56.81 62.79
CA PHE G 61 -51.98 55.48 62.98
C PHE G 61 -51.27 55.03 61.70
N SER G 62 -50.98 53.74 61.60
CA SER G 62 -50.55 53.13 60.35
C SER G 62 -51.64 52.21 59.80
N GLY G 63 -51.76 52.19 58.48
CA GLY G 63 -52.77 51.39 57.82
C GLY G 63 -52.27 49.98 57.60
N SER G 64 -53.11 49.20 56.94
CA SER G 64 -52.72 47.82 56.66
C SER G 64 -52.75 47.49 55.17
N SER G 65 -53.73 48.04 54.44
CA SER G 65 -54.19 47.59 53.12
C SER G 65 -54.46 46.09 53.12
N SER G 66 -55.49 45.72 53.89
CA SER G 66 -55.82 44.32 54.13
C SER G 66 -56.43 43.67 52.89
N GLY G 67 -55.82 42.57 52.48
CA GLY G 67 -56.15 42.01 51.20
C GLY G 67 -55.58 42.87 50.09
N THR G 68 -56.30 42.85 48.96
CA THR G 68 -55.93 43.72 47.84
C THR G 68 -56.72 45.02 47.89
N THR G 69 -57.48 45.22 48.97
CA THR G 69 -58.15 46.46 49.24
C THR G 69 -57.25 47.36 50.08
N ILE G 70 -57.77 48.50 50.54
CA ILE G 70 -57.00 49.43 51.36
C ILE G 70 -57.78 49.73 52.64
N THR G 71 -57.14 49.50 53.79
CA THR G 71 -57.60 50.08 55.05
C THR G 71 -56.62 51.13 55.51
N LEU G 72 -57.09 52.36 55.67
CA LEU G 72 -56.20 53.50 55.87
C LEU G 72 -55.91 53.71 57.35
N THR G 73 -55.32 54.86 57.67
CA THR G 73 -54.80 55.22 59.00
C THR G 73 -55.80 56.01 59.84
N VAL G 74 -57.10 55.92 59.56
CA VAL G 74 -57.98 57.05 59.89
C VAL G 74 -58.45 56.95 61.34
N SER G 75 -58.92 58.08 61.86
CA SER G 75 -59.15 58.29 63.28
C SER G 75 -60.46 59.05 63.44
N GLY G 76 -60.68 59.61 64.63
CA GLY G 76 -61.83 60.46 64.86
C GLY G 76 -61.75 61.78 64.10
N VAL G 77 -62.92 62.42 63.96
CA VAL G 77 -63.11 63.42 62.91
C VAL G 77 -62.47 64.76 63.26
N GLN G 78 -61.81 65.34 62.26
CA GLN G 78 -61.10 66.62 62.31
C GLN G 78 -61.74 67.56 61.30
N ALA G 79 -61.19 68.76 61.19
CA ALA G 79 -61.74 69.76 60.28
C ALA G 79 -60.97 69.88 58.97
N GLU G 80 -60.28 68.81 58.55
CA GLU G 80 -59.42 68.87 57.38
C GLU G 80 -59.94 68.05 56.20
N ASP G 81 -61.09 67.41 56.37
CA ASP G 81 -61.49 66.38 55.41
C ASP G 81 -62.34 66.90 54.24
N GLU G 82 -62.13 68.15 53.80
CA GLU G 82 -62.54 68.52 52.46
C GLU G 82 -61.61 67.93 51.41
N ALA G 83 -60.35 67.71 51.78
CA ALA G 83 -59.41 67.05 50.90
C ALA G 83 -59.72 65.56 50.78
N ASP G 84 -59.85 65.11 49.55
CA ASP G 84 -60.17 63.73 49.23
C ASP G 84 -58.88 62.93 49.09
N TYR G 85 -58.99 61.74 48.52
CA TYR G 85 -57.85 60.84 48.46
C TYR G 85 -57.71 60.27 47.06
N TYR G 86 -56.47 60.15 46.60
CA TYR G 86 -56.18 59.70 45.24
C TYR G 86 -55.27 58.49 45.31
N CYS G 87 -55.72 57.39 44.70
CA CYS G 87 -54.91 56.18 44.65
C CYS G 87 -53.76 56.34 43.67
N GLN G 88 -52.60 55.81 44.06
CA GLN G 88 -51.47 55.81 43.14
C GLN G 88 -50.60 54.59 43.38
N SER G 89 -50.52 53.74 42.37
CA SER G 89 -49.58 52.66 42.35
C SER G 89 -49.05 52.53 40.93
N ALA G 90 -47.74 52.30 40.82
CA ALA G 90 -47.12 52.09 39.53
C ALA G 90 -47.33 50.65 39.08
N ASP G 91 -47.04 50.41 37.81
CA ASP G 91 -47.00 49.05 37.29
C ASP G 91 -45.58 48.50 37.45
N SER G 92 -45.32 47.39 36.78
CA SER G 92 -44.06 46.68 36.97
C SER G 92 -42.91 47.36 36.24
N SER G 93 -42.97 47.42 34.91
CA SER G 93 -41.85 47.92 34.14
C SER G 93 -42.23 48.82 32.98
N ALA G 94 -43.51 48.99 32.66
CA ALA G 94 -43.89 49.89 31.58
C ALA G 94 -44.03 51.33 32.03
N THR G 95 -43.88 51.59 33.34
CA THR G 95 -43.85 52.91 34.01
C THR G 95 -45.12 53.72 33.75
N TYR G 96 -46.22 53.22 34.31
CA TYR G 96 -47.50 53.89 34.19
C TYR G 96 -47.96 54.29 35.58
N TRP G 97 -48.68 55.41 35.65
CA TRP G 97 -49.14 55.89 36.94
C TRP G 97 -50.61 56.26 36.82
N VAL G 98 -51.40 55.72 37.74
CA VAL G 98 -52.86 55.84 37.69
C VAL G 98 -53.34 56.67 38.88
N PHE G 99 -54.44 57.37 38.68
CA PHE G 99 -55.00 58.21 39.71
C PHE G 99 -56.45 57.90 40.02
N GLY G 100 -57.28 57.82 39.00
CA GLY G 100 -58.71 57.92 39.19
C GLY G 100 -59.13 59.37 39.28
N GLY G 101 -60.40 59.56 39.61
CA GLY G 101 -60.90 60.90 39.83
C GLY G 101 -60.73 61.35 41.27
N GLY G 102 -60.27 60.44 42.11
CA GLY G 102 -60.21 60.72 43.53
C GLY G 102 -61.47 60.25 44.23
N THR G 103 -61.50 60.46 45.54
CA THR G 103 -62.66 60.13 46.35
C THR G 103 -63.46 61.41 46.60
N LYS G 104 -64.41 61.34 47.53
CA LYS G 104 -65.03 62.55 48.05
C LYS G 104 -65.29 62.33 49.53
N LEU G 105 -64.92 63.32 50.34
CA LEU G 105 -65.12 63.29 51.78
C LEU G 105 -65.82 64.58 52.20
N THR G 106 -66.90 64.46 52.97
CA THR G 106 -67.69 65.62 53.36
C THR G 106 -68.37 65.34 54.69
N VAL G 107 -68.11 66.20 55.67
CA VAL G 107 -68.87 66.23 56.92
C VAL G 107 -70.31 66.68 56.66
N GLN H 1 -63.95 -77.10 -6.30
CA GLN H 1 -63.41 -75.93 -6.98
C GLN H 1 -64.05 -74.65 -6.42
N VAL H 2 -63.23 -73.59 -6.35
CA VAL H 2 -63.71 -72.29 -5.90
C VAL H 2 -64.54 -71.64 -7.00
N GLN H 3 -65.33 -70.64 -6.61
CA GLN H 3 -66.29 -70.06 -7.55
C GLN H 3 -66.58 -68.60 -7.25
N LEU H 4 -67.20 -67.96 -8.25
CA LEU H 4 -67.55 -66.56 -8.25
C LEU H 4 -69.07 -66.46 -8.33
N VAL H 5 -69.66 -65.59 -7.52
CA VAL H 5 -71.10 -65.39 -7.49
C VAL H 5 -71.40 -64.01 -8.05
N GLU H 6 -71.76 -63.93 -9.32
CA GLU H 6 -72.00 -62.63 -9.92
C GLU H 6 -73.49 -62.41 -10.09
N SER H 7 -73.91 -61.17 -9.84
CA SER H 7 -75.32 -60.84 -9.67
C SER H 7 -75.54 -59.41 -10.12
N GLY H 8 -76.65 -58.83 -9.67
CA GLY H 8 -76.99 -57.45 -9.95
C GLY H 8 -77.70 -57.24 -11.27
N GLY H 9 -77.92 -58.30 -12.06
CA GLY H 9 -78.41 -58.18 -13.41
C GLY H 9 -79.91 -57.91 -13.46
N GLY H 10 -80.36 -57.62 -14.67
CA GLY H 10 -81.77 -57.37 -14.90
C GLY H 10 -82.01 -56.35 -15.99
N VAL H 11 -83.18 -55.73 -15.99
CA VAL H 11 -83.55 -54.73 -16.99
C VAL H 11 -83.53 -53.36 -16.34
N VAL H 12 -83.29 -52.34 -17.17
CA VAL H 12 -83.15 -50.96 -16.70
C VAL H 12 -83.57 -50.05 -17.85
N GLN H 13 -83.98 -48.85 -17.49
CA GLN H 13 -84.16 -47.80 -18.48
C GLN H 13 -82.80 -47.34 -19.00
N PRO H 14 -82.69 -46.94 -20.27
CA PRO H 14 -81.40 -46.47 -20.76
C PRO H 14 -81.07 -45.07 -20.26
N GLY H 15 -79.79 -44.89 -19.91
CA GLY H 15 -79.30 -43.58 -19.54
C GLY H 15 -79.35 -43.27 -18.06
N ARG H 16 -79.75 -44.23 -17.23
CA ARG H 16 -79.72 -44.07 -15.78
C ARG H 16 -79.04 -45.27 -15.11
N SER H 17 -78.94 -45.24 -13.78
CA SER H 17 -77.92 -46.01 -13.06
C SER H 17 -78.38 -47.42 -12.75
N LEU H 18 -77.45 -48.38 -12.79
CA LEU H 18 -77.70 -49.77 -12.40
C LEU H 18 -76.39 -50.37 -11.91
N ARG H 19 -76.46 -51.16 -10.84
CA ARG H 19 -75.29 -51.78 -10.22
C ARG H 19 -75.26 -53.29 -10.45
N LEU H 20 -74.05 -53.81 -10.69
CA LEU H 20 -73.85 -55.20 -11.08
C LEU H 20 -72.81 -55.83 -10.16
N SER H 21 -73.24 -56.62 -9.18
CA SER H 21 -72.37 -57.09 -8.12
C SER H 21 -71.78 -58.45 -8.44
N CYS H 22 -70.65 -58.77 -7.82
CA CYS H 22 -69.96 -60.03 -8.09
C CYS H 22 -69.20 -60.48 -6.86
N ALA H 23 -69.83 -61.35 -6.07
CA ALA H 23 -69.21 -61.90 -4.89
C ALA H 23 -68.17 -62.94 -5.28
N ALA H 24 -67.14 -63.03 -4.46
CA ALA H 24 -66.07 -63.99 -4.67
C ALA H 24 -66.09 -64.97 -3.50
N SER H 25 -65.62 -66.18 -3.75
CA SER H 25 -65.76 -67.23 -2.76
C SER H 25 -64.66 -68.27 -2.94
N GLY H 26 -64.14 -68.72 -1.81
CA GLY H 26 -63.26 -69.87 -1.81
C GLY H 26 -61.78 -69.55 -1.87
N PHE H 27 -61.44 -68.41 -2.43
CA PHE H 27 -60.04 -67.98 -2.51
C PHE H 27 -59.86 -66.71 -1.69
N THR H 28 -58.62 -66.25 -1.61
CA THR H 28 -58.38 -64.96 -0.99
C THR H 28 -58.76 -63.82 -1.94
N PHE H 29 -59.49 -62.86 -1.42
CA PHE H 29 -59.96 -61.74 -2.22
C PHE H 29 -58.88 -60.69 -2.39
N SER H 30 -57.93 -60.69 -1.45
CA SER H 30 -56.89 -59.67 -1.36
C SER H 30 -55.60 -60.11 -2.03
N SER H 31 -55.67 -60.87 -3.12
CA SER H 31 -54.48 -61.16 -3.90
C SER H 31 -54.74 -61.18 -5.40
N TYR H 32 -55.99 -61.08 -5.83
CA TYR H 32 -56.27 -61.26 -7.25
C TYR H 32 -57.08 -60.11 -7.81
N GLY H 33 -56.69 -59.64 -8.99
CA GLY H 33 -57.49 -58.70 -9.74
C GLY H 33 -58.63 -59.38 -10.48
N MET H 34 -59.78 -58.70 -10.50
CA MET H 34 -60.96 -59.19 -11.18
C MET H 34 -61.22 -58.35 -12.43
N HIS H 35 -61.63 -59.01 -13.50
CA HIS H 35 -62.03 -58.35 -14.73
C HIS H 35 -63.53 -58.37 -14.91
N TRP H 36 -63.98 -57.62 -15.90
CA TRP H 36 -65.33 -57.70 -16.42
C TRP H 36 -65.31 -57.67 -17.94
N VAL H 37 -66.06 -58.58 -18.54
CA VAL H 37 -66.11 -58.73 -19.98
C VAL H 37 -67.57 -58.58 -20.40
N ARG H 38 -67.85 -57.64 -21.30
CA ARG H 38 -69.21 -57.51 -21.81
C ARG H 38 -69.33 -58.12 -23.20
N GLN H 39 -70.49 -58.69 -23.47
CA GLN H 39 -70.72 -59.36 -24.75
C GLN H 39 -72.20 -59.27 -25.06
N ALA H 40 -72.55 -58.43 -26.03
CA ALA H 40 -73.89 -58.58 -26.60
C ALA H 40 -73.95 -59.88 -27.40
N PRO H 41 -75.03 -60.65 -27.24
CA PRO H 41 -75.14 -61.95 -27.95
C PRO H 41 -75.32 -61.77 -29.45
N GLY H 42 -74.76 -62.71 -30.20
CA GLY H 42 -74.63 -62.58 -31.62
C GLY H 42 -73.31 -62.00 -32.08
N LYS H 43 -72.51 -61.45 -31.17
CA LYS H 43 -71.20 -60.92 -31.52
C LYS H 43 -70.20 -61.29 -30.42
N GLY H 44 -68.97 -60.82 -30.60
CA GLY H 44 -67.86 -61.27 -29.80
C GLY H 44 -67.77 -60.64 -28.42
N LEU H 45 -66.86 -61.20 -27.63
CA LEU H 45 -66.64 -60.77 -26.26
C LEU H 45 -65.76 -59.51 -26.24
N GLU H 46 -65.91 -58.73 -25.17
CA GLU H 46 -65.10 -57.53 -25.00
C GLU H 46 -64.96 -57.20 -23.52
N TRP H 47 -63.72 -57.14 -23.05
CA TRP H 47 -63.38 -56.71 -21.70
C TRP H 47 -63.75 -55.24 -21.50
N VAL H 48 -64.36 -54.94 -20.36
CA VAL H 48 -64.84 -53.59 -20.10
C VAL H 48 -64.12 -52.93 -18.92
N ALA H 49 -63.78 -53.69 -17.87
CA ALA H 49 -63.32 -53.06 -16.64
C ALA H 49 -62.41 -53.99 -15.84
N VAL H 50 -61.45 -53.38 -15.13
CA VAL H 50 -60.55 -54.10 -14.24
C VAL H 50 -60.09 -53.11 -13.17
N ILE H 51 -59.83 -53.62 -11.96
CA ILE H 51 -59.00 -52.93 -10.98
C ILE H 51 -57.91 -53.87 -10.51
N TRP H 52 -57.15 -53.43 -9.50
CA TRP H 52 -56.08 -54.21 -8.90
C TRP H 52 -56.59 -55.33 -8.00
N TYR H 53 -55.68 -55.91 -7.23
CA TYR H 53 -56.07 -56.80 -6.15
C TYR H 53 -56.66 -56.02 -4.98
N ASP H 54 -56.24 -54.77 -4.81
CA ASP H 54 -56.78 -53.88 -3.79
C ASP H 54 -57.50 -52.69 -4.41
N GLY H 55 -57.62 -52.65 -5.73
CA GLY H 55 -58.21 -51.53 -6.43
C GLY H 55 -57.42 -50.24 -6.39
N SER H 56 -56.10 -50.31 -6.63
CA SER H 56 -55.26 -49.11 -6.56
C SER H 56 -55.48 -48.22 -7.79
N ASN H 57 -55.77 -48.83 -8.93
CA ASN H 57 -56.01 -48.11 -10.16
C ASN H 57 -57.22 -48.70 -10.86
N LYS H 58 -57.93 -47.83 -11.56
CA LYS H 58 -59.20 -48.17 -12.18
C LYS H 58 -59.07 -48.03 -13.70
N PHE H 59 -58.84 -49.15 -14.37
CA PHE H 59 -58.55 -49.15 -15.79
C PHE H 59 -59.67 -49.81 -16.57
N TYR H 60 -60.04 -49.19 -17.68
CA TYR H 60 -61.29 -49.49 -18.35
C TYR H 60 -61.06 -49.68 -19.83
N ALA H 61 -62.07 -50.19 -20.51
CA ALA H 61 -62.10 -50.18 -21.96
C ALA H 61 -62.22 -48.75 -22.46
N ASP H 62 -61.54 -48.47 -23.59
CA ASP H 62 -61.27 -47.10 -24.01
C ASP H 62 -62.49 -46.38 -24.59
N SER H 63 -63.51 -47.13 -25.02
CA SER H 63 -64.72 -46.51 -25.54
C SER H 63 -65.59 -45.95 -24.43
N VAL H 64 -65.54 -46.59 -23.25
CA VAL H 64 -66.52 -46.36 -22.20
C VAL H 64 -65.91 -45.67 -21.00
N LYS H 65 -64.88 -44.85 -21.24
CA LYS H 65 -64.11 -44.20 -20.19
C LYS H 65 -64.92 -43.11 -19.49
N GLY H 66 -64.72 -43.01 -18.18
CA GLY H 66 -65.21 -41.89 -17.41
C GLY H 66 -66.62 -42.01 -16.86
N ARG H 67 -67.41 -42.93 -17.41
CA ARG H 67 -68.82 -43.03 -17.04
C ARG H 67 -69.05 -43.95 -15.85
N PHE H 68 -68.08 -44.81 -15.55
CA PHE H 68 -68.31 -45.91 -14.64
C PHE H 68 -67.19 -45.97 -13.63
N THR H 69 -67.56 -45.99 -12.35
CA THR H 69 -66.58 -46.29 -11.30
C THR H 69 -66.91 -47.67 -10.75
N ILE H 70 -65.86 -48.49 -10.65
CA ILE H 70 -66.00 -49.84 -10.13
C ILE H 70 -65.19 -49.86 -8.84
N SER H 71 -65.60 -50.72 -7.91
CA SER H 71 -64.99 -50.72 -6.59
C SER H 71 -65.09 -52.11 -5.99
N ARG H 72 -64.09 -52.46 -5.18
CA ARG H 72 -64.12 -53.65 -4.36
C ARG H 72 -64.07 -53.20 -2.91
N ASP H 73 -64.32 -54.15 -2.01
CA ASP H 73 -63.89 -54.05 -0.62
C ASP H 73 -63.64 -55.46 -0.12
N ASN H 74 -62.55 -55.62 0.63
CA ASN H 74 -62.08 -56.95 1.03
C ASN H 74 -62.94 -57.54 2.14
N SER H 75 -63.62 -56.70 2.92
CA SER H 75 -64.52 -57.22 3.93
C SER H 75 -65.81 -57.77 3.32
N LYS H 76 -66.34 -57.10 2.30
CA LYS H 76 -67.60 -57.55 1.74
C LYS H 76 -67.44 -58.70 0.76
N ASN H 77 -66.21 -58.90 0.22
CA ASN H 77 -65.80 -60.00 -0.68
C ASN H 77 -66.59 -59.97 -2.01
N THR H 78 -67.01 -58.77 -2.43
CA THR H 78 -67.70 -58.56 -3.69
C THR H 78 -66.98 -57.48 -4.47
N LEU H 79 -67.23 -57.47 -5.77
CA LEU H 79 -66.96 -56.30 -6.59
C LEU H 79 -68.26 -55.95 -7.27
N TYR H 80 -68.59 -54.67 -7.28
CA TYR H 80 -69.83 -54.24 -7.91
C TYR H 80 -69.50 -53.17 -8.94
N LEU H 81 -70.51 -52.81 -9.73
CA LEU H 81 -70.31 -51.86 -10.81
C LEU H 81 -71.32 -50.75 -10.57
N GLN H 82 -71.32 -49.69 -11.39
CA GLN H 82 -72.42 -48.73 -11.42
C GLN H 82 -72.49 -48.23 -12.86
N MET H 83 -73.67 -48.26 -13.47
CA MET H 83 -73.83 -47.91 -14.89
C MET H 83 -74.45 -46.53 -15.09
N THR H 84 -73.64 -45.48 -14.92
CA THR H 84 -74.15 -44.13 -15.13
C THR H 84 -74.22 -43.75 -16.61
N SER H 85 -75.45 -43.47 -17.08
CA SER H 85 -75.77 -42.77 -18.33
C SER H 85 -75.27 -43.51 -19.58
N LEU H 86 -75.78 -44.72 -19.75
CA LEU H 86 -75.43 -45.53 -20.90
C LEU H 86 -76.17 -45.06 -22.14
N ARG H 87 -75.65 -45.42 -23.30
CA ARG H 87 -76.19 -45.03 -24.60
C ARG H 87 -76.67 -46.25 -25.40
N ALA H 88 -77.33 -47.16 -24.66
CA ALA H 88 -77.91 -48.45 -25.07
C ALA H 88 -76.88 -49.40 -25.69
N GLU H 89 -75.64 -49.31 -25.23
CA GLU H 89 -74.59 -50.24 -25.59
C GLU H 89 -74.56 -51.44 -24.67
N ASP H 90 -75.26 -51.36 -23.53
CA ASP H 90 -75.27 -52.44 -22.56
C ASP H 90 -76.50 -53.32 -22.72
N THR H 91 -76.65 -53.87 -23.92
CA THR H 91 -77.46 -55.05 -24.15
C THR H 91 -76.58 -56.30 -24.10
N ALA H 92 -75.83 -56.48 -23.02
CA ALA H 92 -74.66 -57.34 -23.04
C ALA H 92 -74.65 -58.29 -21.86
N VAL H 93 -73.99 -59.43 -22.06
CA VAL H 93 -73.73 -60.42 -21.02
C VAL H 93 -72.44 -60.05 -20.32
N TYR H 94 -72.50 -59.88 -19.01
CA TYR H 94 -71.36 -59.43 -18.22
C TYR H 94 -70.84 -60.54 -17.32
N TYR H 95 -69.56 -60.87 -17.49
CA TYR H 95 -68.91 -61.99 -16.80
C TYR H 95 -67.96 -61.50 -15.72
N CYS H 96 -67.69 -62.37 -14.75
CA CYS H 96 -66.55 -62.19 -13.86
C CYS H 96 -65.47 -63.20 -14.21
N ALA H 97 -64.31 -62.69 -14.60
CA ALA H 97 -63.18 -63.52 -14.97
C ALA H 97 -62.04 -63.30 -13.99
N ARG H 98 -61.67 -64.36 -13.28
CA ARG H 98 -60.58 -64.34 -12.31
C ARG H 98 -59.24 -64.26 -13.04
N ALA H 99 -58.37 -63.38 -12.58
CA ALA H 99 -57.11 -63.16 -13.25
C ALA H 99 -55.96 -63.15 -12.25
N ASP H 100 -54.95 -64.01 -12.51
CA ASP H 100 -53.95 -64.38 -11.51
C ASP H 100 -52.50 -64.18 -11.93
N TYR H 101 -52.25 -63.43 -13.01
CA TYR H 101 -50.94 -63.03 -13.57
C TYR H 101 -50.08 -64.24 -13.97
N GLY H 102 -50.55 -64.89 -15.02
CA GLY H 102 -49.74 -65.77 -15.84
C GLY H 102 -49.50 -65.07 -17.14
N ASP H 103 -49.08 -63.80 -17.01
CA ASP H 103 -49.13 -62.74 -18.02
C ASP H 103 -50.54 -62.60 -18.58
N PHE H 104 -51.44 -62.30 -17.63
CA PHE H 104 -52.81 -61.80 -17.82
C PHE H 104 -53.71 -62.80 -18.55
N PHE H 105 -53.98 -63.94 -17.91
CA PHE H 105 -55.02 -64.79 -18.45
C PHE H 105 -56.29 -64.60 -17.63
N PHE H 106 -57.30 -65.39 -17.97
CA PHE H 106 -58.62 -65.29 -17.36
C PHE H 106 -58.97 -66.69 -16.86
N ASP H 107 -58.86 -66.89 -15.55
CA ASP H 107 -58.92 -68.23 -14.98
C ASP H 107 -60.34 -68.75 -14.87
N TYR H 108 -61.14 -68.13 -14.02
CA TYR H 108 -62.47 -68.64 -13.74
C TYR H 108 -63.47 -67.65 -14.29
N TRP H 109 -64.09 -68.04 -15.40
CA TRP H 109 -65.10 -67.23 -16.06
C TRP H 109 -66.37 -67.37 -15.26
N GLY H 110 -67.22 -66.36 -15.32
CA GLY H 110 -68.42 -66.37 -14.54
C GLY H 110 -69.56 -67.12 -15.20
N GLN H 111 -70.76 -66.83 -14.72
CA GLN H 111 -71.95 -67.36 -15.37
C GLN H 111 -72.55 -66.36 -16.34
N GLY H 112 -72.29 -65.08 -16.15
CA GLY H 112 -72.80 -64.07 -17.06
C GLY H 112 -74.04 -63.38 -16.51
N THR H 113 -73.95 -62.07 -16.34
CA THR H 113 -75.05 -61.25 -15.86
C THR H 113 -75.54 -60.36 -17.01
N LEU H 114 -76.84 -60.41 -17.26
CA LEU H 114 -77.46 -59.65 -18.34
C LEU H 114 -77.93 -58.29 -17.85
N VAL H 115 -77.57 -57.26 -18.62
CA VAL H 115 -78.31 -56.01 -18.69
C VAL H 115 -78.78 -55.85 -20.13
N THR H 116 -80.05 -55.47 -20.30
CA THR H 116 -80.64 -55.13 -21.60
C THR H 116 -81.66 -54.04 -21.28
N VAL H 117 -81.73 -53.01 -22.14
CA VAL H 117 -82.66 -51.92 -21.88
C VAL H 117 -83.93 -52.09 -22.68
N SER H 118 -85.03 -51.54 -22.15
CA SER H 118 -86.34 -51.59 -22.78
C SER H 118 -86.57 -50.23 -23.45
N SER H 119 -86.05 -50.08 -24.65
CA SER H 119 -86.22 -48.86 -25.42
C SER H 119 -87.35 -49.01 -26.44
N SER I 1 -57.79 -50.67 -29.17
CA SER I 1 -56.69 -51.31 -29.90
C SER I 1 -57.21 -52.06 -31.11
N TYR I 2 -56.29 -52.69 -31.83
CA TYR I 2 -56.64 -53.48 -33.00
C TYR I 2 -57.30 -54.81 -32.58
N GLU I 3 -58.23 -55.25 -33.42
CA GLU I 3 -58.87 -56.54 -33.23
C GLU I 3 -58.00 -57.62 -33.85
N LEU I 4 -58.04 -58.81 -33.24
CA LEU I 4 -57.15 -59.89 -33.65
C LEU I 4 -57.64 -60.54 -34.93
N THR I 5 -56.70 -60.69 -35.86
CA THR I 5 -56.99 -61.11 -37.23
C THR I 5 -57.25 -62.61 -37.24
N GLN I 6 -58.52 -62.95 -37.15
CA GLN I 6 -59.00 -64.26 -36.76
C GLN I 6 -59.71 -64.90 -37.94
N PRO I 7 -60.05 -66.18 -37.86
CA PRO I 7 -61.12 -66.68 -38.73
C PRO I 7 -62.48 -66.52 -38.07
N PRO I 8 -63.50 -66.15 -38.84
CA PRO I 8 -64.85 -66.10 -38.24
C PRO I 8 -65.53 -67.44 -38.21
N SER I 9 -65.18 -68.36 -39.10
CA SER I 9 -65.81 -69.66 -39.21
C SER I 9 -64.86 -70.63 -39.90
N VAL I 10 -64.53 -71.73 -39.22
CA VAL I 10 -63.82 -72.86 -39.85
C VAL I 10 -64.74 -74.06 -39.76
N SER I 11 -65.61 -74.23 -40.76
CA SER I 11 -66.51 -75.38 -40.81
C SER I 11 -65.73 -76.56 -41.34
N VAL I 12 -65.44 -77.53 -40.47
CA VAL I 12 -64.41 -78.50 -40.78
C VAL I 12 -64.86 -79.92 -40.44
N SER I 13 -64.76 -80.81 -41.45
CA SER I 13 -64.95 -82.25 -41.28
C SER I 13 -64.16 -83.16 -42.24
N PRO I 14 -62.80 -83.19 -42.21
CA PRO I 14 -62.12 -84.49 -42.41
C PRO I 14 -61.89 -85.17 -41.06
N GLY I 15 -61.06 -86.21 -41.04
CA GLY I 15 -60.58 -86.72 -39.76
C GLY I 15 -59.67 -85.72 -39.05
N GLN I 16 -58.76 -85.10 -39.81
CA GLN I 16 -57.94 -84.03 -39.28
C GLN I 16 -58.77 -82.74 -39.22
N THR I 17 -58.59 -81.97 -38.15
CA THR I 17 -59.17 -80.65 -38.06
C THR I 17 -58.18 -79.66 -38.65
N ALA I 18 -58.66 -78.84 -39.59
CA ALA I 18 -57.80 -77.86 -40.25
C ALA I 18 -57.48 -76.70 -39.32
N ARG I 19 -56.50 -75.91 -39.72
CA ARG I 19 -55.79 -75.04 -38.80
C ARG I 19 -56.53 -73.74 -38.58
N ILE I 20 -57.04 -73.55 -37.36
CA ILE I 20 -57.56 -72.26 -36.94
C ILE I 20 -56.34 -71.36 -36.70
N THR I 21 -56.34 -70.16 -37.28
CA THR I 21 -55.14 -69.35 -37.35
C THR I 21 -55.45 -67.88 -37.07
N CYS I 22 -55.03 -67.40 -35.91
CA CYS I 22 -55.30 -66.04 -35.48
C CYS I 22 -53.97 -65.32 -35.22
N SER I 23 -53.91 -64.05 -35.61
CA SER I 23 -52.62 -63.37 -35.65
C SER I 23 -52.67 -61.92 -35.18
N GLY I 24 -51.54 -61.22 -35.32
CA GLY I 24 -51.46 -59.83 -34.91
C GLY I 24 -50.07 -59.39 -34.45
N ASP I 25 -49.81 -58.08 -34.47
CA ASP I 25 -48.47 -57.59 -34.17
C ASP I 25 -48.18 -57.50 -32.68
N ALA I 26 -49.20 -57.42 -31.83
CA ALA I 26 -48.99 -57.47 -30.39
C ALA I 26 -48.83 -58.89 -29.87
N LEU I 27 -49.11 -59.89 -30.71
CA LEU I 27 -48.80 -61.27 -30.41
C LEU I 27 -47.30 -61.52 -30.48
N SER I 28 -46.58 -60.73 -31.27
CA SER I 28 -45.12 -60.70 -31.23
C SER I 28 -44.60 -60.19 -29.90
N LYS I 29 -45.30 -59.23 -29.27
CA LYS I 29 -44.86 -58.67 -28.01
C LYS I 29 -45.06 -59.65 -26.87
N HIS I 30 -46.29 -60.06 -26.63
CA HIS I 30 -46.61 -61.02 -25.58
C HIS I 30 -47.46 -62.10 -26.23
N TYR I 31 -47.27 -63.34 -25.81
CA TYR I 31 -47.93 -64.47 -26.45
C TYR I 31 -49.43 -64.51 -26.14
N GLY I 32 -50.20 -64.98 -27.12
CA GLY I 32 -51.63 -64.89 -27.08
C GLY I 32 -52.29 -66.11 -26.48
N TYR I 33 -53.53 -65.91 -26.02
CA TYR I 33 -54.27 -66.94 -25.32
C TYR I 33 -55.52 -67.27 -26.12
N TRP I 34 -56.13 -68.39 -25.78
CA TRP I 34 -57.34 -68.81 -26.45
C TRP I 34 -58.40 -69.20 -25.43
N TYR I 35 -59.64 -68.90 -25.78
CA TYR I 35 -60.77 -69.19 -24.93
C TYR I 35 -61.88 -69.76 -25.79
N GLN I 36 -62.63 -70.71 -25.26
CA GLN I 36 -63.78 -71.19 -26.00
C GLN I 36 -65.01 -70.38 -25.66
N GLN I 37 -66.07 -70.66 -26.40
CA GLN I 37 -67.42 -70.25 -26.01
C GLN I 37 -68.27 -71.50 -26.13
N LYS I 38 -68.37 -72.25 -25.04
CA LYS I 38 -69.17 -73.45 -25.02
C LYS I 38 -70.65 -73.08 -24.95
N PRO I 39 -71.52 -73.90 -25.55
CA PRO I 39 -72.94 -73.85 -25.22
C PRO I 39 -73.16 -74.17 -23.74
N GLY I 40 -74.09 -73.44 -23.14
CA GLY I 40 -74.14 -73.30 -21.70
C GLY I 40 -73.43 -72.06 -21.19
N GLN I 41 -72.66 -71.41 -22.07
CA GLN I 41 -72.11 -70.05 -21.93
C GLN I 41 -71.10 -69.95 -20.79
N ALA I 42 -70.24 -70.96 -20.70
CA ALA I 42 -69.07 -70.95 -19.83
C ALA I 42 -67.84 -70.95 -20.73
N PRO I 43 -67.14 -69.82 -20.85
CA PRO I 43 -65.83 -69.83 -21.51
C PRO I 43 -64.80 -70.50 -20.61
N VAL I 44 -63.86 -71.20 -21.24
CA VAL I 44 -62.79 -71.90 -20.53
C VAL I 44 -61.46 -71.53 -21.15
N LEU I 45 -60.41 -71.60 -20.34
CA LEU I 45 -59.05 -71.47 -20.83
C LEU I 45 -58.59 -72.78 -21.41
N VAL I 46 -58.16 -72.76 -22.68
CA VAL I 46 -57.76 -73.98 -23.36
C VAL I 46 -56.26 -74.06 -23.63
N ILE I 47 -55.59 -72.94 -23.88
CA ILE I 47 -54.14 -72.94 -24.00
C ILE I 47 -53.62 -71.64 -23.38
N PHE I 48 -52.59 -71.77 -22.55
CA PHE I 48 -51.98 -70.64 -21.90
C PHE I 48 -50.48 -70.83 -21.98
N LYS I 49 -49.81 -69.73 -22.36
CA LYS I 49 -48.37 -69.57 -22.69
C LYS I 49 -47.93 -70.36 -23.92
N ASP I 50 -48.88 -70.86 -24.73
CA ASP I 50 -48.73 -71.57 -26.00
C ASP I 50 -47.88 -72.83 -25.97
N SER I 51 -47.69 -73.42 -24.79
CA SER I 51 -46.92 -74.63 -24.58
C SER I 51 -47.62 -75.63 -23.68
N GLU I 52 -48.34 -75.16 -22.66
CA GLU I 52 -48.80 -76.01 -21.59
C GLU I 52 -50.32 -75.93 -21.42
N ARG I 53 -50.89 -77.07 -21.09
CA ARG I 53 -52.31 -77.32 -20.96
C ARG I 53 -52.78 -77.03 -19.55
N PRO I 54 -54.02 -76.59 -19.37
CA PRO I 54 -54.56 -76.42 -18.02
C PRO I 54 -54.89 -77.75 -17.36
N SER I 55 -55.10 -77.68 -16.05
CA SER I 55 -55.64 -78.81 -15.32
C SER I 55 -57.12 -78.95 -15.63
N GLY I 56 -57.57 -80.18 -15.76
CA GLY I 56 -58.94 -80.44 -16.16
C GLY I 56 -59.26 -80.17 -17.61
N ILE I 57 -58.26 -80.13 -18.47
CA ILE I 57 -58.45 -79.82 -19.88
C ILE I 57 -58.95 -81.07 -20.60
N PRO I 58 -59.68 -80.92 -21.71
CA PRO I 58 -59.80 -82.03 -22.67
C PRO I 58 -58.42 -82.35 -23.22
N GLU I 59 -58.09 -83.64 -23.23
CA GLU I 59 -56.71 -84.04 -23.40
C GLU I 59 -56.37 -84.09 -24.89
N ARG I 60 -55.46 -83.22 -25.29
CA ARG I 60 -55.12 -82.95 -26.68
C ARG I 60 -53.64 -82.72 -26.83
N PHE I 61 -53.24 -82.10 -27.93
CA PHE I 61 -51.89 -81.59 -28.18
C PHE I 61 -51.86 -80.15 -27.62
N SER I 62 -50.78 -79.40 -27.81
CA SER I 62 -50.72 -78.05 -27.31
C SER I 62 -50.63 -77.04 -28.46
N GLY I 63 -50.51 -75.77 -28.09
CA GLY I 63 -50.24 -74.74 -29.06
C GLY I 63 -48.79 -74.79 -29.52
N SER I 64 -48.53 -74.13 -30.63
CA SER I 64 -47.16 -73.92 -31.05
C SER I 64 -46.81 -72.46 -31.24
N SER I 65 -47.72 -71.70 -31.86
CA SER I 65 -47.71 -70.24 -32.03
C SER I 65 -46.46 -69.74 -32.77
N SER I 66 -46.30 -70.27 -33.98
CA SER I 66 -45.11 -69.98 -34.76
C SER I 66 -45.20 -68.59 -35.39
N GLY I 67 -44.40 -67.67 -34.85
CA GLY I 67 -44.35 -66.34 -35.37
C GLY I 67 -45.56 -65.49 -34.99
N THR I 68 -46.05 -64.78 -35.99
CA THR I 68 -47.05 -63.74 -35.79
C THR I 68 -48.44 -64.35 -35.61
N THR I 69 -48.63 -65.59 -36.04
CA THR I 69 -49.88 -66.32 -35.88
C THR I 69 -49.85 -67.18 -34.63
N ILE I 70 -50.97 -67.84 -34.33
CA ILE I 70 -50.99 -68.98 -33.41
C ILE I 70 -51.59 -70.19 -34.09
N THR I 71 -50.77 -71.22 -34.27
CA THR I 71 -51.24 -72.59 -34.42
C THR I 71 -51.48 -73.17 -33.04
N LEU I 72 -52.64 -73.80 -32.84
CA LEU I 72 -53.11 -74.18 -31.52
C LEU I 72 -53.26 -75.69 -31.33
N THR I 73 -54.01 -76.04 -30.28
CA THR I 73 -54.07 -77.30 -29.56
C THR I 73 -55.10 -78.30 -30.10
N VAL I 74 -55.43 -78.25 -31.40
CA VAL I 74 -56.56 -79.06 -31.84
C VAL I 74 -56.05 -80.46 -32.20
N SER I 75 -56.98 -81.42 -32.22
CA SER I 75 -56.70 -82.82 -32.45
C SER I 75 -57.61 -83.24 -33.60
N GLY I 76 -57.78 -84.56 -33.77
CA GLY I 76 -58.81 -85.07 -34.66
C GLY I 76 -60.21 -84.84 -34.12
N VAL I 77 -61.19 -85.09 -35.01
CA VAL I 77 -62.57 -84.65 -34.77
C VAL I 77 -63.27 -85.53 -33.72
N GLN I 78 -63.85 -84.86 -32.73
CA GLN I 78 -64.54 -85.43 -31.58
C GLN I 78 -65.98 -84.93 -31.59
N ALA I 79 -66.69 -85.17 -30.48
CA ALA I 79 -68.07 -84.72 -30.38
C ALA I 79 -68.22 -83.37 -29.67
N GLU I 80 -67.15 -82.82 -29.10
CA GLU I 80 -67.24 -81.60 -28.33
C GLU I 80 -66.76 -80.39 -29.13
N ASP I 81 -66.36 -80.59 -30.38
CA ASP I 81 -65.61 -79.62 -31.16
C ASP I 81 -66.47 -78.49 -31.70
N GLU I 82 -67.80 -78.59 -31.65
CA GLU I 82 -68.66 -77.58 -32.23
C GLU I 82 -68.76 -76.31 -31.39
N ALA I 83 -68.32 -76.36 -30.13
CA ALA I 83 -68.00 -75.14 -29.41
C ALA I 83 -66.80 -74.47 -30.05
N ASP I 84 -66.93 -73.17 -30.29
CA ASP I 84 -65.96 -72.43 -31.08
C ASP I 84 -64.82 -71.92 -30.19
N TYR I 85 -64.02 -71.03 -30.74
CA TYR I 85 -62.85 -70.50 -30.06
C TYR I 85 -62.82 -69.00 -30.19
N TYR I 86 -62.10 -68.35 -29.26
CA TYR I 86 -61.95 -66.91 -29.23
C TYR I 86 -60.48 -66.59 -29.03
N CYS I 87 -59.99 -65.63 -29.79
CA CYS I 87 -58.63 -65.15 -29.62
C CYS I 87 -58.55 -64.29 -28.36
N GLN I 88 -57.35 -64.21 -27.79
CA GLN I 88 -57.09 -63.34 -26.65
C GLN I 88 -55.62 -62.95 -26.63
N SER I 89 -55.36 -61.65 -26.63
CA SER I 89 -54.01 -61.16 -26.39
C SER I 89 -54.08 -59.92 -25.53
N ALA I 90 -53.19 -59.84 -24.56
CA ALA I 90 -52.92 -58.61 -23.87
C ALA I 90 -52.03 -57.74 -24.74
N ASP I 91 -51.97 -56.45 -24.40
CA ASP I 91 -51.08 -55.53 -25.09
C ASP I 91 -49.72 -55.52 -24.40
N SER I 92 -48.93 -54.48 -24.69
CA SER I 92 -47.59 -54.36 -24.13
C SER I 92 -47.62 -54.03 -22.65
N SER I 93 -48.07 -52.82 -22.31
CA SER I 93 -48.15 -52.43 -20.90
C SER I 93 -49.38 -51.62 -20.54
N ALA I 94 -50.21 -51.20 -21.50
CA ALA I 94 -51.31 -50.29 -21.19
C ALA I 94 -52.59 -50.99 -20.77
N THR I 95 -52.53 -52.32 -20.55
CA THR I 95 -53.55 -53.20 -19.97
C THR I 95 -54.87 -53.17 -20.76
N TYR I 96 -54.78 -53.68 -21.98
CA TYR I 96 -55.93 -53.85 -22.87
C TYR I 96 -55.99 -55.29 -23.33
N TRP I 97 -57.21 -55.78 -23.50
CA TRP I 97 -57.43 -57.17 -23.89
C TRP I 97 -58.38 -57.22 -25.06
N VAL I 98 -57.90 -57.78 -26.17
CA VAL I 98 -58.61 -57.81 -27.43
C VAL I 98 -58.94 -59.25 -27.79
N PHE I 99 -59.95 -59.41 -28.62
CA PHE I 99 -60.66 -60.66 -28.78
C PHE I 99 -60.78 -61.15 -30.21
N GLY I 100 -60.85 -60.27 -31.18
CA GLY I 100 -61.45 -60.64 -32.43
C GLY I 100 -62.96 -60.76 -32.25
N GLY I 101 -63.57 -61.60 -33.09
CA GLY I 101 -64.99 -61.85 -32.97
C GLY I 101 -65.36 -63.25 -32.52
N GLY I 102 -64.39 -64.14 -32.47
CA GLY I 102 -64.68 -65.54 -32.26
C GLY I 102 -64.67 -66.31 -33.57
N THR I 103 -64.38 -67.60 -33.46
CA THR I 103 -64.38 -68.49 -34.60
C THR I 103 -65.74 -69.18 -34.67
N LYS I 104 -65.82 -70.17 -35.56
CA LYS I 104 -66.92 -71.12 -35.56
C LYS I 104 -66.43 -72.44 -36.13
N LEU I 105 -66.49 -73.48 -35.31
CA LEU I 105 -66.05 -74.80 -35.71
C LEU I 105 -67.29 -75.66 -35.93
N THR I 106 -67.39 -76.26 -37.12
CA THR I 106 -68.61 -76.95 -37.52
C THR I 106 -68.25 -78.24 -38.25
N VAL I 107 -68.79 -79.36 -37.79
CA VAL I 107 -68.63 -80.63 -38.48
C VAL I 107 -69.52 -80.66 -39.73
C1 NAG J . 9.41 22.23 -64.22
C2 NAG J . 8.66 23.29 -65.08
C3 NAG J . 8.22 22.73 -66.46
C4 NAG J . 7.66 21.30 -66.43
C5 NAG J . 8.35 20.38 -65.42
C6 NAG J . 8.74 19.05 -66.03
C7 NAG J . 7.34 25.12 -63.99
C8 NAG J . 8.39 26.13 -64.40
N2 NAG J . 7.52 23.83 -64.34
O3 NAG J . 9.32 22.79 -67.36
O4 NAG J . 6.25 21.31 -66.23
O5 NAG J . 9.58 20.99 -64.99
O6 NAG J . 9.96 19.16 -66.75
O7 NAG J . 6.33 25.47 -63.37
C1 NAG J . 5.61 21.06 -67.50
C2 NAG J . 4.40 20.13 -67.31
C3 NAG J . 3.65 19.94 -68.64
C4 NAG J . 3.27 21.27 -69.30
C5 NAG J . 4.54 22.13 -69.47
C6 NAG J . 4.27 23.52 -70.01
C7 NAG J . 4.72 18.53 -65.47
C8 NAG J . 5.21 17.16 -65.10
N2 NAG J . 4.81 18.85 -66.77
O3 NAG J . 2.48 19.14 -68.41
O4 NAG J . 2.66 21.03 -70.57
O5 NAG J . 5.19 22.29 -68.20
O6 NAG J . 4.04 23.51 -71.41
O7 NAG J . 4.29 19.32 -64.65
C1 BMA J . 1.25 21.37 -70.61
C2 BMA J . 0.78 21.54 -72.09
C3 BMA J . -0.70 22.07 -72.08
C4 BMA J . -1.66 21.15 -71.24
C5 BMA J . -1.06 20.75 -69.84
C6 BMA J . -1.79 19.55 -69.24
O2 BMA J . 0.78 20.25 -72.72
O3 BMA J . -1.26 22.30 -73.40
O4 BMA J . -2.91 21.80 -71.05
O5 BMA J . 0.39 20.42 -69.95
O6 BMA J . -1.66 19.55 -67.82
C1 MAN J . -1.65 23.67 -73.62
C2 MAN J . -2.91 23.65 -74.56
C3 MAN J . -2.47 23.33 -76.02
C4 MAN J . -1.31 24.25 -76.54
C5 MAN J . -0.12 24.25 -75.56
C6 MAN J . 0.92 25.32 -75.87
O2 MAN J . -3.57 24.95 -74.63
O3 MAN J . -3.57 23.35 -76.92
O4 MAN J . -0.87 23.82 -77.81
O5 MAN J . -0.57 24.48 -74.16
O6 MAN J . 1.03 25.45 -77.30
C1 NAG J . -4.88 24.96 -73.99
C2 NAG J . -5.99 25.17 -75.08
C3 NAG J . -7.41 25.11 -74.46
C4 NAG J . -7.60 23.84 -73.61
C5 NAG J . -6.51 23.74 -72.54
C6 NAG J . -6.60 22.48 -71.72
C7 NAG J . -5.79 27.67 -75.54
C8 NAG J . -5.58 28.64 -76.67
N2 NAG J . -5.80 26.37 -75.90
O3 NAG J . -8.38 25.16 -75.49
O4 NAG J . -8.88 23.87 -72.99
O5 NAG J . -5.21 23.75 -73.16
O6 NAG J . -7.82 22.43 -71.00
O7 NAG J . -5.95 28.08 -74.37
C1 NAG J . 1.35 20.28 -74.03
C2 NAG J . 2.30 19.08 -74.27
C3 NAG J . 2.79 19.06 -75.73
C4 NAG J . 1.62 19.08 -76.73
C5 NAG J . 0.73 20.30 -76.47
C6 NAG J . -0.51 20.33 -77.32
C7 NAG J . 3.86 18.07 -72.67
C8 NAG J . 5.05 18.30 -71.79
N2 NAG J . 3.43 19.13 -73.36
O3 NAG J . 3.56 17.89 -75.95
O4 NAG J . 2.11 19.16 -78.06
O5 NAG J . 0.29 20.29 -75.09
O6 NAG J . -0.18 20.26 -78.70
O7 NAG J . 3.31 16.98 -72.73
C1 BMA J . -1.33 18.22 -67.31
C2 BMA J . -2.02 18.03 -65.91
C3 BMA J . -1.78 16.59 -65.38
C4 BMA J . -2.03 15.45 -66.43
C5 BMA J . -1.30 15.79 -67.76
C6 BMA J . -1.60 14.81 -68.87
O2 BMA J . -3.42 18.22 -65.99
O3 BMA J . -2.55 16.32 -64.21
O4 BMA J . -1.57 14.21 -65.94
O5 BMA J . -1.70 17.12 -68.19
O6 BMA J . -2.98 14.93 -69.18
C1 FUC J . 10.74 17.96 -66.58
C2 FUC J . 11.03 17.42 -67.99
C3 FUC J . 11.94 18.45 -68.75
C4 FUC J . 13.25 18.83 -67.96
C5 FUC J . 12.92 19.19 -66.48
C6 FUC J . 14.13 19.18 -65.57
O2 FUC J . 9.85 17.13 -68.71
O3 FUC J . 12.34 17.90 -70.00
O4 FUC J . 14.17 17.76 -68.00
O5 FUC J . 11.95 18.24 -65.88
C1 NAG K . 24.34 53.36 -52.42
C2 NAG K . 23.47 54.63 -52.26
C3 NAG K . 23.62 55.20 -50.83
C4 NAG K . 23.35 54.14 -49.75
C5 NAG K . 24.24 52.91 -49.98
C6 NAG K . 23.98 51.77 -49.03
C7 NAG K . 22.89 56.37 -53.89
C8 NAG K . 23.42 57.37 -54.88
N2 NAG K . 23.80 55.64 -53.25
O3 NAG K . 22.76 56.32 -50.70
O4 NAG K . 23.65 54.63 -48.44
O5 NAG K . 24.05 52.40 -51.33
O6 NAG K . 24.28 50.52 -49.63
O7 NAG K . 21.69 56.22 -53.69
C1 NAG K . 22.53 55.07 -47.62
C2 NAG K . 22.49 54.46 -46.18
C3 NAG K . 21.43 55.16 -45.29
C4 NAG K . 21.59 56.68 -45.31
C5 NAG K . 21.55 57.20 -46.75
C6 NAG K . 21.77 58.69 -46.87
C7 NAG K . 21.31 52.22 -46.60
C8 NAG K . 21.49 50.76 -46.36
N2 NAG K . 22.34 53.00 -46.15
O3 NAG K . 21.53 54.67 -43.97
O4 NAG K . 20.57 57.30 -44.55
O5 NAG K . 22.57 56.56 -47.53
O6 NAG K . 22.32 59.25 -45.67
O7 NAG K . 20.31 52.67 -47.15
C1 NAG L . -34.18 55.02 23.82
C2 NAG L . -35.51 55.82 23.61
C3 NAG L . -35.27 57.10 22.80
C4 NAG L . -34.53 56.85 21.47
C5 NAG L . -33.45 55.77 21.55
C6 NAG L . -32.17 56.10 20.81
C7 NAG L . -37.82 54.86 23.25
C8 NAG L . -38.35 55.65 24.42
N2 NAG L . -36.51 54.99 22.95
O3 NAG L . -34.56 58.03 23.61
O4 NAG L . -35.45 56.52 20.44
O5 NAG L . -33.10 55.59 22.94
O6 NAG L . -32.12 57.48 20.48
O7 NAG L . -38.55 54.13 22.61
C1 NAG L . -35.80 57.78 19.84
C2 NAG L . -35.48 57.76 18.33
C3 NAG L . -35.94 59.07 17.68
C4 NAG L . -37.42 59.37 17.96
C5 NAG L . -37.67 59.36 19.47
C6 NAG L . -39.13 59.51 19.85
C7 NAG L . -33.60 56.71 17.14
C8 NAG L . -32.11 56.61 17.04
N2 NAG L . -34.07 57.53 18.10
O3 NAG L . -35.66 59.02 16.28
O4 NAG L . -37.74 60.67 17.44
O5 NAG L . -37.24 58.11 20.04
O6 NAG L . -39.61 60.83 19.59
O7 NAG L . -34.36 56.10 16.40
C1 BMA L . -38.62 60.59 16.30
C2 BMA L . -39.37 61.92 16.18
C3 BMA L . -40.34 61.81 14.95
C4 BMA L . -39.60 61.44 13.62
C5 BMA L . -38.71 60.19 13.82
C6 BMA L . -37.77 59.97 12.64
O2 BMA L . -38.44 62.96 15.91
O3 BMA L . -41.18 62.97 14.77
O4 BMA L . -40.55 61.20 12.58
O5 BMA L . -37.90 60.32 15.07
O6 BMA L . -37.30 58.62 12.63
C1 MAN L . -42.53 62.73 15.21
C2 MAN L . -43.43 63.86 14.64
C3 MAN L . -43.14 65.16 15.43
C4 MAN L . -43.37 65.01 16.96
C5 MAN L . -42.45 63.88 17.48
C6 MAN L . -42.73 63.53 18.93
O2 MAN L . -44.80 63.58 14.85
O3 MAN L . -43.84 66.30 14.95
O4 MAN L . -43.09 66.20 17.63
O5 MAN L . -42.66 62.66 16.67
O6 MAN L . -43.00 64.75 19.64
C1 NAG L . -45.52 63.44 13.59
C2 NAG L . -46.38 64.71 13.37
C3 NAG L . -47.13 64.65 12.02
C4 NAG L . -46.17 64.39 10.86
C5 NAG L . -45.36 63.10 11.11
C6 NAG L . -44.31 62.84 10.05
C7 NAG L . -48.29 64.34 15.02
C8 NAG L . -48.99 64.99 16.18
N2 NAG L . -47.27 65.05 14.49
O3 NAG L . -47.82 65.88 11.81
O4 NAG L . -46.89 64.26 9.64
O5 NAG L . -44.66 63.19 12.37
O6 NAG L . -44.12 63.95 9.19
O7 NAG L . -48.66 63.24 14.61
C1 NAG L . -38.71 64.11 16.72
C2 NAG L . -37.46 64.62 17.45
C3 NAG L . -37.78 65.93 18.20
C4 NAG L . -38.35 67.00 17.27
C5 NAG L . -39.58 66.46 16.54
C6 NAG L . -40.08 67.40 15.46
C7 NAG L . -35.64 63.38 18.52
C8 NAG L . -35.27 62.33 19.53
N2 NAG L . -36.95 63.63 18.38
O3 NAG L . -36.61 66.42 18.84
O4 NAG L . -38.72 68.15 18.01
O5 NAG L . -39.28 65.21 15.88
O6 NAG L . -41.30 68.02 15.85
O7 NAG L . -34.79 63.97 17.87
C1 BMA L . -35.89 58.55 12.95
C2 BMA L . -35.27 57.30 12.25
C3 BMA L . -33.71 57.28 12.44
C4 BMA L . -32.99 58.65 12.20
C5 BMA L . -33.72 59.77 12.98
C6 BMA L . -33.16 61.15 12.71
O2 BMA L . -35.51 57.33 10.85
O3 BMA L . -33.10 56.26 11.65
O4 BMA L . -31.64 58.58 12.59
O5 BMA L . -35.13 59.74 12.60
O6 BMA L . -33.52 61.51 11.39
C1 FUC L . -30.96 58.16 21.04
C2 FUC L . -31.33 59.66 20.95
C3 FUC L . -32.31 60.01 22.06
C4 FUC L . -31.66 59.84 23.45
C5 FUC L . -31.22 58.36 23.64
C6 FUC L . -30.23 58.18 24.77
O2 FUC L . -31.88 59.98 19.68
O3 FUC L . -32.74 61.37 21.95
O4 FUC L . -30.57 60.70 23.60
O5 FUC L . -30.61 57.74 22.41
C1 NAG M . -48.49 32.67 48.20
C2 NAG M . -49.88 31.99 48.07
C3 NAG M . -49.73 30.47 48.20
C4 NAG M . -48.72 29.90 47.19
C5 NAG M . -47.37 30.62 47.36
C6 NAG M . -46.32 30.22 46.35
C7 NAG M . -51.80 33.34 48.74
C8 NAG M . -52.68 33.78 49.87
N2 NAG M . -50.81 32.51 49.05
O3 NAG M . -51.03 29.91 48.05
O4 NAG M . -48.48 28.51 47.35
O5 NAG M . -47.54 32.05 47.24
O6 NAG M . -45.30 31.21 46.25
O7 NAG M . -51.99 33.73 47.59
C1 NAG M . -49.22 27.60 46.49
C2 NAG M . -48.49 27.15 45.16
C3 NAG M . -49.26 26.01 44.46
C4 NAG M . -49.58 24.86 45.41
C5 NAG M . -50.36 25.38 46.61
C6 NAG M . -50.68 24.32 47.63
C7 NAG M . -48.97 29.11 43.60
C8 NAG M . -48.27 30.11 42.74
N2 NAG M . -48.15 28.24 44.24
O3 NAG M . -48.49 25.53 43.35
O4 NAG M . -50.35 23.86 44.73
O5 NAG M . -49.60 26.39 47.28
O6 NAG M . -49.83 23.18 47.50
O7 NAG M . -50.20 29.10 43.71
C1 NAG N . -34.48 -43.94 -28.37
C2 NAG N . -35.70 -43.02 -28.19
C3 NAG N . -36.35 -42.68 -29.54
C4 NAG N . -35.33 -42.07 -30.50
C5 NAG N . -34.21 -43.10 -30.71
C6 NAG N . -33.08 -42.61 -31.59
C7 NAG N . -36.96 -43.26 -26.03
C8 NAG N . -36.23 -42.04 -25.47
N2 NAG N . -36.67 -43.64 -27.29
O3 NAG N . -37.45 -41.81 -29.27
O4 NAG N . -35.90 -41.76 -31.78
O5 NAG N . -33.61 -43.41 -29.44
O6 NAG N . -31.94 -42.29 -30.82
O7 NAG N . -37.79 -43.87 -25.36
C1 NAG N . -36.24 -40.38 -32.04
C2 NAG N . -35.36 -39.67 -33.12
C3 NAG N . -35.97 -38.31 -33.54
C4 NAG N . -37.41 -38.47 -33.99
C5 NAG N . -38.23 -39.02 -32.80
C6 NAG N . -39.69 -39.25 -33.10
C7 NAG N . -33.35 -38.91 -31.75
C8 NAG N . -31.86 -39.01 -31.73
N2 NAG N . -33.94 -39.56 -32.78
O3 NAG N . -35.13 -37.76 -34.55
O4 NAG N . -37.96 -37.25 -34.47
O5 NAG N . -37.69 -40.30 -32.40
O6 NAG N . -40.36 -38.02 -33.38
O7 NAG N . -33.97 -38.26 -30.89
C1 BMA N . -38.15 -37.32 -35.92
C2 BMA N . -39.15 -36.25 -36.39
C3 BMA N . -39.23 -36.28 -37.96
C4 BMA N . -37.83 -36.24 -38.67
C5 BMA N . -36.90 -37.33 -38.07
C6 BMA N . -35.49 -37.28 -38.59
O2 BMA N . -38.72 -34.96 -36.02
O3 BMA N . -40.06 -35.24 -38.44
O4 BMA N . -37.99 -36.45 -40.06
O5 BMA N . -36.88 -37.17 -36.61
O6 BMA N . -34.98 -38.60 -38.62
C1 NAG O . -54.57 -42.96 -9.14
C2 NAG O . -55.87 -43.32 -9.92
C3 NAG O . -57.15 -42.91 -9.14
C4 NAG O . -57.10 -41.51 -8.52
C5 NAG O . -55.73 -41.12 -7.98
C6 NAG O . -55.79 -40.57 -6.58
C7 NAG O . -56.05 -43.40 -12.42
C8 NAG O . -56.30 -44.89 -12.35
N2 NAG O . -55.87 -42.74 -11.25
O3 NAG O . -57.43 -43.88 -8.14
O4 NAG O . -57.59 -40.52 -9.43
O5 NAG O . -54.90 -42.29 -7.90
O6 NAG O . -56.77 -41.30 -5.84
O7 NAG O . -56.01 -42.80 -13.48
C1 NAG O . -58.98 -40.36 -9.07
C2 NAG O . -59.30 -38.91 -8.69
C3 NAG O . -60.80 -38.77 -8.36
C4 NAG O . -61.70 -39.28 -9.50
C5 NAG O . -61.29 -40.70 -9.94
C6 NAG O . -61.96 -41.15 -11.22
C7 NAG O . -57.81 -37.31 -7.59
C8 NAG O . -57.02 -36.99 -6.36
N2 NAG O . -58.49 -38.46 -7.58
O3 NAG O . -61.08 -37.42 -8.05
O4 NAG O . -63.05 -39.28 -9.07
O5 NAG O . -59.88 -40.79 -10.18
O6 NAG O . -63.30 -41.58 -10.99
O7 NAG O . -57.83 -36.57 -8.56
C1 BMA O . -63.89 -38.30 -9.73
C2 BMA O . -65.38 -38.74 -9.72
C3 BMA O . -66.15 -37.69 -10.59
C4 BMA O . -66.03 -36.24 -10.01
C5 BMA O . -64.51 -35.87 -9.83
C6 BMA O . -64.32 -34.59 -9.06
O2 BMA O . -65.88 -38.65 -8.39
O3 BMA O . -67.53 -37.99 -10.85
O4 BMA O . -66.65 -35.31 -10.86
O5 BMA O . -63.79 -36.97 -9.14
O6 BMA O . -63.03 -34.04 -9.32
C1 MAN O . -67.69 -38.51 -12.19
C2 MAN O . -69.21 -38.37 -12.52
C3 MAN O . -70.00 -39.53 -11.90
C4 MAN O . -69.49 -40.88 -12.40
C5 MAN O . -68.03 -41.04 -11.93
C6 MAN O . -67.40 -42.29 -12.47
O2 MAN O . -69.39 -38.48 -13.92
O3 MAN O . -71.39 -39.42 -12.13
O4 MAN O . -70.29 -41.93 -11.91
O5 MAN O . -67.20 -39.88 -12.36
O6 MAN O . -68.37 -43.32 -12.37
C1 NAG O . -69.80 -37.21 -14.49
C2 NAG O . -71.31 -37.33 -14.82
C3 NAG O . -71.85 -36.01 -15.41
C4 NAG O . -71.55 -34.82 -14.49
C5 NAG O . -70.04 -34.74 -14.20
C6 NAG O . -69.70 -33.67 -13.18
C7 NAG O . -71.26 -38.83 -16.89
C8 NAG O . -71.81 -40.13 -17.40
N2 NAG O . -71.66 -38.50 -15.63
O3 NAG O . -73.26 -36.13 -15.62
O4 NAG O . -71.97 -33.61 -15.11
O5 NAG O . -69.56 -35.98 -13.65
O6 NAG O . -69.16 -34.25 -11.98
O7 NAG O . -70.52 -38.13 -17.58
C1 NAG O . -66.83 -39.69 -8.08
C2 NAG O . -66.63 -40.25 -6.66
C3 NAG O . -67.76 -41.25 -6.32
C4 NAG O . -69.15 -40.64 -6.51
C5 NAG O . -69.29 -40.09 -7.94
C6 NAG O . -70.58 -39.32 -8.14
C7 NAG O . -64.22 -40.23 -6.18
C8 NAG O . -62.97 -41.05 -6.10
N2 NAG O . -65.34 -40.89 -6.52
O3 NAG O . -67.62 -41.69 -4.97
O4 NAG O . -70.14 -41.62 -6.29
O5 NAG O . -68.21 -39.18 -8.22
O6 NAG O . -71.52 -40.06 -8.89
O7 NAG O . -64.23 -39.02 -5.96
C1 BMA O . -62.13 -34.20 -8.19
C2 BMA O . -61.11 -33.03 -8.16
C3 BMA O . -60.20 -33.13 -6.89
C4 BMA O . -60.99 -33.37 -5.55
C5 BMA O . -61.99 -34.55 -5.73
C6 BMA O . -62.90 -34.72 -4.54
O2 BMA O . -61.77 -31.78 -8.08
O3 BMA O . -59.36 -31.99 -6.75
O4 BMA O . -60.09 -33.67 -4.50
O5 BMA O . -62.82 -34.27 -6.90
O6 BMA O . -63.80 -33.61 -4.52
C1 FUC O . -56.20 -41.94 -4.69
C2 FUC O . -57.39 -42.50 -3.90
C3 FUC O . -57.97 -43.70 -4.67
C4 FUC O . -56.95 -44.86 -4.78
C5 FUC O . -55.58 -44.39 -5.36
C6 FUC O . -54.43 -45.27 -4.94
O2 FUC O . -58.38 -41.52 -3.67
O3 FUC O . -59.11 -44.20 -3.98
O4 FUC O . -56.75 -45.48 -3.51
O5 FUC O . -55.19 -42.97 -4.99
C1 NAG P . -34.44 -59.65 -33.18
C2 NAG P . -34.69 -59.13 -34.60
C3 NAG P . -33.37 -58.73 -35.28
C4 NAG P . -32.58 -57.72 -34.43
C5 NAG P . -32.33 -58.33 -33.04
C6 NAG P . -31.64 -57.40 -32.08
C7 NAG P . -36.66 -59.91 -35.83
C8 NAG P . -37.25 -61.03 -36.64
N2 NAG P . -35.41 -60.10 -35.40
O3 NAG P . -33.70 -58.24 -36.58
O4 NAG P . -31.30 -57.41 -34.98
O5 NAG P . -33.59 -58.69 -32.43
O6 NAG P . -32.20 -57.50 -30.78
O7 NAG P . -37.29 -58.90 -35.56
C1 NAG P . -31.21 -56.20 -35.77
C2 NAG P . -30.59 -54.95 -35.05
C3 NAG P . -30.33 -53.80 -36.05
C4 NAG P . -29.55 -54.26 -37.28
C5 NAG P . -30.28 -55.43 -37.96
C6 NAG P . -29.52 -56.00 -39.14
C7 NAG P . -32.59 -54.03 -33.77
C8 NAG P . -33.01 -53.64 -32.38
N2 NAG P . -31.33 -54.50 -33.87
O3 NAG P . -29.62 -52.76 -35.39
O4 NAG P . -29.42 -53.19 -38.21
O5 NAG P . -30.43 -56.50 -37.00
O6 NAG P . -28.36 -56.70 -38.72
O7 NAG P . -33.37 -53.93 -34.73
C1 NAG Q . 7.00 10.87 43.55
C2 NAG Q . 7.25 9.36 43.64
C3 NAG Q . 7.27 8.91 45.11
C4 NAG Q . 8.33 9.67 45.91
C5 NAG Q . 8.07 11.17 45.83
C6 NAG Q . 9.18 11.99 46.44
C7 NAG Q . 6.44 8.12 41.69
C8 NAG Q . 5.28 7.38 41.08
N2 NAG Q . 6.22 8.63 42.90
O3 NAG Q . 7.52 7.51 45.16
O4 NAG Q . 8.30 9.25 47.27
O5 NAG Q . 7.98 11.59 44.45
O6 NAG Q . 10.18 12.30 45.48
O7 NAG Q . 7.51 8.25 41.11
C1 NAG R . 25.75 34.04 13.48
C2 NAG R . 26.23 32.76 12.77
C3 NAG R . 27.13 33.12 11.57
C4 NAG R . 26.44 34.07 10.61
C5 NAG R . 25.94 35.32 11.34
C6 NAG R . 25.09 36.23 10.48
C7 NAG R . 26.56 30.61 13.91
C8 NAG R . 27.38 29.84 14.89
N2 NAG R . 26.93 31.88 13.70
O3 NAG R . 27.51 31.93 10.90
O4 NAG R . 27.33 34.46 9.57
O5 NAG R . 25.13 34.95 12.47
O6 NAG R . 25.84 37.36 10.03
O7 NAG R . 25.59 30.11 13.34
C1 NAG S . 32.92 30.91 31.56
C2 NAG S . 33.14 31.81 32.80
C3 NAG S . 33.30 33.28 32.38
C4 NAG S . 34.38 33.46 31.33
C5 NAG S . 34.09 32.57 30.12
C6 NAG S . 35.20 32.61 29.08
C7 NAG S . 32.11 30.86 34.83
C8 NAG S . 30.89 30.83 35.69
N2 NAG S . 32.05 31.67 33.75
O3 NAG S . 33.60 34.07 33.52
O4 NAG S . 34.44 34.82 30.91
O5 NAG S . 33.96 31.21 30.54
O6 NAG S . 36.08 31.49 29.26
O7 NAG S . 33.09 30.18 35.06
C1 NAG T . 66.62 5.65 34.06
C2 NAG T . 67.87 4.92 33.54
C3 NAG T . 69.15 5.59 34.06
C4 NAG T . 69.19 7.08 33.74
C5 NAG T . 67.93 7.77 34.30
C6 NAG T . 67.83 9.22 33.87
C7 NAG T . 67.49 2.56 33.02
C8 NAG T . 67.53 1.16 33.54
N2 NAG T . 67.84 3.51 33.89
O3 NAG T . 70.27 4.95 33.48
O4 NAG T . 70.35 7.68 34.32
O5 NAG T . 66.75 7.12 33.80
O6 NAG T . 67.99 9.35 32.47
O7 NAG T . 67.17 2.82 31.87
C1 NAG U . 9.20 42.58 -19.56
C2 NAG U . 10.51 43.25 -19.10
C3 NAG U . 11.67 42.88 -20.06
C4 NAG U . 11.79 41.37 -20.25
C5 NAG U . 10.45 40.76 -20.68
C6 NAG U . 10.47 39.25 -20.75
C7 NAG U . 10.27 45.32 -17.82
C8 NAG U . 10.13 46.82 -17.90
N2 NAG U . 10.37 44.69 -19.00
O3 NAG U . 12.88 43.41 -19.55
O4 NAG U . 12.81 41.05 -21.18
O5 NAG U . 9.44 41.12 -19.74
O6 NAG U . 9.88 38.69 -19.59
O7 NAG U . 10.29 44.72 -16.77
C1 NAG V . -17.62 38.06 -31.24
C2 NAG V . -17.23 38.20 -32.76
C3 NAG V . -16.27 39.40 -32.94
C4 NAG V . -16.84 40.69 -32.36
C5 NAG V . -17.23 40.50 -30.88
C6 NAG V . -17.96 41.69 -30.30
C7 NAG V . -16.79 36.49 -34.48
C8 NAG V . -16.08 35.20 -34.80
N2 NAG V . -16.61 36.98 -33.24
O3 NAG V . -16.02 39.58 -34.33
O4 NAG V . -15.89 41.72 -32.47
O5 NAG V . -18.12 39.37 -30.73
O6 NAG V . -19.28 41.33 -29.88
O7 NAG V . -17.51 37.06 -35.30
C1 NAG W . -43.42 29.94 32.80
C2 NAG W . -44.08 30.73 31.63
C3 NAG W . -45.61 30.62 31.69
C4 NAG W . -46.05 29.15 31.67
C5 NAG W . -45.52 28.51 32.95
C6 NAG W . -45.90 27.06 33.11
C7 NAG W . -43.20 32.85 30.61
C8 NAG W . -43.08 32.16 29.28
N2 NAG W . -43.67 32.14 31.65
O3 NAG W . -46.14 31.38 30.60
O4 NAG W . -47.46 28.96 31.61
O5 NAG W . -44.08 28.58 32.93
O6 NAG W . -44.75 26.23 32.97
O7 NAG W . -42.88 34.03 30.75
C1 NAG X . -4.87 39.99 29.87
C2 NAG X . -3.42 39.76 29.39
C3 NAG X . -2.52 40.95 29.77
C4 NAG X . -3.10 42.28 29.28
C5 NAG X . -4.54 42.46 29.81
C6 NAG X . -5.22 43.68 29.25
C7 NAG X . -2.58 37.98 31.02
C8 NAG X . -1.97 36.62 31.04
N2 NAG X . -2.84 38.47 29.78
O3 NAG X . -1.23 40.76 29.19
O4 NAG X . -2.30 43.36 29.73
O5 NAG X . -5.35 41.32 29.44
O6 NAG X . -5.68 44.55 30.28
O7 NAG X . -2.82 38.60 32.07
C1 NAG Y . -42.48 36.23 6.44
C2 NAG Y . -42.42 37.74 6.00
C3 NAG Y . -43.05 37.95 4.60
C4 NAG Y . -42.51 36.97 3.56
C5 NAG Y . -42.74 35.54 4.04
C6 NAG Y . -42.16 34.50 3.11
C7 NAG Y . -42.52 39.72 7.42
C8 NAG Y . -43.31 40.49 8.42
N2 NAG Y . -43.07 38.60 6.97
O3 NAG Y . -42.74 39.28 4.19
O4 NAG Y . -43.19 37.15 2.32
O5 NAG Y . -42.07 35.36 5.31
O6 NAG Y . -42.19 34.92 1.75
O7 NAG Y . -41.42 40.10 7.03
C1 NAG Z . 26.55 3.31 -40.57
C2 NAG Z . 27.53 2.53 -39.67
C3 NAG Z . 28.60 1.82 -40.52
C4 NAG Z . 27.98 0.94 -41.62
C5 NAG Z . 27.06 1.79 -42.49
C6 NAG Z . 26.36 1.01 -43.58
C7 NAG Z . 27.63 3.67 -37.49
C8 NAG Z . 28.44 4.55 -36.60
N2 NAG Z . 28.16 3.39 -38.68
O3 NAG Z . 29.42 1.02 -39.67
O4 NAG Z . 29.00 0.41 -42.44
O5 NAG Z . 26.04 2.42 -41.67
O6 NAG Z . 27.21 0.91 -44.72
O7 NAG Z . 26.53 3.23 -37.16
C1 NAG AA . 44.24 5.71 -13.50
C2 NAG AA . 44.62 6.02 -12.04
C3 NAG AA . 46.08 6.47 -11.95
C4 NAG AA . 47.03 5.44 -12.57
C5 NAG AA . 46.64 5.18 -14.03
C6 NAG AA . 47.42 4.05 -14.66
C7 NAG AA . 42.65 6.72 -10.75
C8 NAG AA . 41.86 7.87 -10.24
N2 NAG AA . 43.73 7.03 -11.46
O3 NAG AA . 46.42 6.68 -10.58
O4 NAG AA . 48.37 5.92 -12.51
O5 NAG AA . 45.25 4.79 -14.11
O6 NAG AA . 46.58 2.95 -14.95
O7 NAG AA . 42.32 5.55 -10.54
C1 NAG BA . 25.16 -27.54 -24.95
C2 NAG BA . 25.36 -28.68 -23.91
C3 NAG BA . 25.94 -29.94 -24.58
C4 NAG BA . 25.11 -30.39 -25.77
C5 NAG BA . 24.93 -29.24 -26.78
C6 NAG BA . 23.96 -29.58 -27.89
C7 NAG BA . 27.33 -27.83 -22.55
C8 NAG BA . 27.74 -27.51 -21.15
N2 NAG BA . 26.07 -28.29 -22.70
O3 NAG BA . 26.00 -30.99 -23.60
O4 NAG BA . 25.74 -31.48 -26.42
O5 NAG BA . 24.41 -28.06 -26.12
O6 NAG BA . 22.69 -28.96 -27.66
O7 NAG BA . 28.13 -27.68 -23.49
C1 NAG CA . 45.05 -26.75 -21.23
C2 NAG CA . 46.25 -27.43 -21.92
C3 NAG CA . 45.80 -28.26 -23.14
C4 NAG CA . 44.69 -29.24 -22.77
C5 NAG CA . 43.52 -28.50 -22.11
C6 NAG CA . 42.44 -29.44 -21.62
C7 NAG CA . 47.39 -25.45 -23.05
C8 NAG CA . 48.71 -24.73 -23.12
N2 NAG CA . 47.37 -26.52 -22.23
O3 NAG CA . 46.92 -28.98 -23.66
O4 NAG CA . 44.23 -29.92 -23.94
O5 NAG CA . 43.99 -27.76 -20.97
O6 NAG CA . 42.18 -30.47 -22.55
O7 NAG CA . 46.43 -25.05 -23.72
C1 NAG DA . 59.56 -44.19 14.25
C2 NAG DA . 59.83 -44.81 15.64
C3 NAG DA . 60.87 -45.94 15.52
C4 NAG DA . 60.46 -46.99 14.49
C5 NAG DA . 60.20 -46.33 13.13
C6 NAG DA . 59.65 -47.28 12.10
C7 NAG DA . 59.48 -43.27 17.52
C8 NAG DA . 60.10 -42.24 18.40
N2 NAG DA . 60.28 -43.80 16.58
O3 NAG DA . 61.02 -46.56 16.80
O4 NAG DA . 61.48 -47.97 14.35
O5 NAG DA . 59.23 -45.27 13.28
O6 NAG DA . 58.68 -48.15 12.68
O7 NAG DA . 58.31 -43.62 17.63
C1 NAG EA . 64.62 -31.68 7.75
C2 NAG EA . 64.52 -30.48 6.78
C3 NAG EA . 63.68 -30.87 5.55
C4 NAG EA . 64.22 -32.12 4.85
C5 NAG EA . 64.30 -33.29 5.86
C6 NAG EA . 64.99 -34.49 5.28
C7 NAG EA . 64.74 -28.34 7.93
C8 NAG EA . 64.01 -27.19 8.57
N2 NAG EA . 63.98 -29.31 7.42
O3 NAG EA . 63.64 -29.78 4.63
O4 NAG EA . 63.37 -32.48 3.78
O5 NAG EA . 65.07 -32.89 7.01
O6 NAG EA . 66.39 -34.42 5.45
O7 NAG EA . 65.97 -28.38 7.89
C1 NAG FA . -5.52 25.98 -50.05
C2 NAG FA . -6.42 24.90 -49.43
C3 NAG FA . -6.35 23.59 -50.24
C4 NAG FA . -6.62 23.82 -51.72
C5 NAG FA . -5.66 24.87 -52.28
C6 NAG FA . -5.92 25.22 -53.72
C7 NAG FA . -6.99 24.53 -47.07
C8 NAG FA . -6.44 24.28 -45.69
N2 NAG FA . -6.08 24.66 -48.04
O3 NAG FA . -7.28 22.65 -49.72
O4 NAG FA . -6.47 22.60 -52.44
O5 NAG FA . -5.78 26.08 -51.51
O6 NAG FA . -4.74 25.05 -54.50
O7 NAG FA . -8.18 24.60 -47.30
C1 NAG GA . 13.44 43.47 -46.42
C2 NAG GA . 12.03 43.31 -47.06
C3 NAG GA . 11.41 44.70 -47.37
C4 NAG GA . 11.36 45.57 -46.11
C5 NAG GA . 12.80 45.81 -45.67
C6 NAG GA . 12.94 46.69 -44.45
C7 NAG GA . 11.27 41.52 -48.65
C8 NAG GA . 10.14 41.14 -47.70
N2 NAG GA . 12.09 42.52 -48.28
O3 NAG GA . 10.15 44.51 -48.00
O4 NAG GA . 10.70 46.83 -46.31
O5 NAG GA . 13.40 44.55 -45.34
O6 NAG GA . 13.39 45.95 -43.33
O7 NAG GA . 11.42 40.93 -49.71
C1 NAG HA . 28.03 6.45 -43.65
C2 NAG HA . 28.66 5.13 -43.18
C3 NAG HA . 29.65 4.57 -44.22
C4 NAG HA . 28.99 4.46 -45.60
C5 NAG HA . 28.35 5.79 -46.02
C6 NAG HA . 27.56 5.70 -47.31
C7 NAG HA . 30.25 5.93 -41.34
C8 NAG HA . 30.54 5.73 -39.88
N2 NAG HA . 29.24 5.18 -41.82
O3 NAG HA . 30.06 3.28 -43.80
O4 NAG HA . 29.96 4.10 -46.58
O5 NAG HA . 27.43 6.24 -45.00
O6 NAG HA . 28.26 6.32 -48.38
O7 NAG HA . 30.90 6.72 -42.03
C1 NAG IA . -8.84 31.44 -45.11
C2 NAG IA . -9.56 30.64 -46.24
C3 NAG IA . -11.05 31.00 -46.26
C4 NAG IA . -11.71 30.78 -44.89
C5 NAG IA . -10.98 31.59 -43.81
C6 NAG IA . -11.48 31.31 -42.41
C7 NAG IA . -8.72 29.91 -48.42
C8 NAG IA . -8.08 30.33 -49.71
N2 NAG IA . -8.95 30.89 -47.53
O3 NAG IA . -11.72 30.21 -47.24
O4 NAG IA . -13.08 31.19 -44.94
O5 NAG IA . -9.57 31.26 -43.81
O6 NAG IA . -12.84 30.92 -42.41
O7 NAG IA . -9.01 28.74 -48.19
C1 NAG JA . 2.29 -42.92 -15.27
C2 NAG JA . 1.62 -43.78 -14.18
C3 NAG JA . 2.40 -45.09 -14.00
C4 NAG JA . 2.58 -45.85 -15.32
C5 NAG JA . 3.23 -44.95 -16.37
C6 NAG JA . 3.27 -45.59 -17.74
C7 NAG JA . 0.53 -42.23 -12.61
C8 NAG JA . 0.59 -41.62 -11.25
N2 NAG JA . 1.52 -43.07 -12.92
O3 NAG JA . 1.72 -45.92 -13.06
O4 NAG JA . 3.42 -46.98 -15.11
O5 NAG JA . 2.47 -43.72 -16.51
O6 NAG JA . 3.45 -47.00 -17.65
O7 NAG JA . -0.39 -42.00 -13.40
C1 NAG KA . -41.33 0.60 26.46
C2 NAG KA . -41.66 -0.55 27.44
C3 NAG KA . -41.81 0.00 28.87
C4 NAG KA . -40.58 0.80 29.31
C5 NAG KA . -40.28 1.92 28.30
C6 NAG KA . -39.00 2.67 28.60
C7 NAG KA . -42.85 -2.46 26.47
C8 NAG KA . -44.17 -3.04 26.11
N2 NAG KA . -42.86 -1.25 27.03
O3 NAG KA . -42.04 -1.08 29.77
O4 NAG KA . -40.81 1.38 30.59
O5 NAG KA . -40.14 1.36 26.97
O6 NAG KA . -38.04 1.84 29.23
O7 NAG KA . -41.79 -3.07 26.25
C1 NAG LA . -48.48 10.75 -2.68
C2 NAG LA . -48.17 9.39 -2.02
C3 NAG LA . -48.54 8.23 -2.97
C4 NAG LA . -49.99 8.34 -3.47
C5 NAG LA . -50.22 9.70 -4.13
C6 NAG LA . -51.66 9.92 -4.52
C7 NAG LA . -46.30 9.69 -0.45
C8 NAG LA . -44.82 9.52 -0.24
N2 NAG LA . -46.76 9.30 -1.65
O3 NAG LA . -48.35 7.00 -2.30
O4 NAG LA . -50.26 7.29 -4.40
O5 NAG LA . -49.87 10.74 -3.21
O6 NAG LA . -52.27 10.91 -3.71
O7 NAG LA . -47.03 10.17 0.41
C1 NAG MA . -11.11 -22.01 34.84
C2 NAG MA . -12.10 -22.14 36.02
C3 NAG MA . -11.49 -21.55 37.29
C4 NAG MA . -10.13 -22.15 37.62
C5 NAG MA . -9.19 -21.96 36.42
C6 NAG MA . -7.86 -22.66 36.60
C7 NAG MA . -14.55 -22.03 36.01
C8 NAG MA . -15.76 -21.24 35.60
N2 NAG MA . -13.37 -21.50 35.70
O3 NAG MA . -12.39 -21.76 38.39
O4 NAG MA . -9.58 -21.51 38.76
O5 NAG MA . -9.79 -22.53 35.24
O6 NAG MA . -7.59 -23.52 35.49
O7 NAG MA . -14.65 -23.11 36.59
C1 NAG NA . -1.69 -38.41 40.97
C2 NAG NA . -2.27 -39.78 41.38
C3 NAG NA . -3.75 -39.66 41.76
C4 NAG NA . -3.97 -38.59 42.83
C5 NAG NA . -3.39 -37.25 42.37
C6 NAG NA . -3.46 -36.18 43.45
C7 NAG NA . -1.11 -41.68 40.31
C8 NAG NA . -1.07 -42.60 39.14
N2 NAG NA . -2.09 -40.76 40.32
O3 NAG NA . -4.23 -40.92 42.22
O4 NAG NA . -5.37 -38.43 43.08
O5 NAG NA . -2.00 -37.41 42.03
O6 NAG NA . -2.37 -36.30 44.35
O7 NAG NA . -0.28 -41.74 41.21
C1 NAG OA . 34.26 -29.24 59.07
C2 NAG OA . 35.50 -28.47 59.60
C3 NAG OA . 35.71 -28.72 61.10
C4 NAG OA . 34.44 -28.44 61.91
C5 NAG OA . 33.27 -29.27 61.35
C6 NAG OA . 31.96 -28.97 62.03
C7 NAG OA . 37.18 -28.11 57.85
C8 NAG OA . 38.42 -28.63 57.19
N2 NAG OA . 36.69 -28.84 58.85
O3 NAG OA . 36.77 -27.90 61.57
O4 NAG OA . 34.65 -28.78 63.28
O5 NAG OA . 33.10 -28.97 59.95
O6 NAG OA . 31.51 -30.07 62.80
O7 NAG OA . 36.63 -27.07 57.47
C1 NAG PA . 32.01 -40.39 49.91
C2 NAG PA . 31.19 -40.90 48.68
C3 NAG PA . 29.70 -40.53 48.84
C4 NAG PA . 29.13 -41.03 50.17
C5 NAG PA . 29.95 -40.46 51.33
C6 NAG PA . 29.53 -41.02 52.67
C7 NAG PA . 32.59 -41.01 46.67
C8 NAG PA . 33.03 -40.31 45.43
N2 NAG PA . 31.72 -40.37 47.44
O3 NAG PA . 28.96 -41.09 47.77
O4 NAG PA . 27.78 -40.61 50.30
O5 NAG PA . 31.34 -40.81 51.17
O6 NAG PA . 30.67 -41.29 53.49
O7 NAG PA . 33.04 -42.12 46.98
C1 NAG QA . -27.33 -41.88 10.47
C2 NAG QA . -26.88 -40.79 11.49
C3 NAG QA . -27.23 -41.20 12.94
C4 NAG QA . -28.71 -41.58 13.08
C5 NAG QA . -29.08 -42.68 12.07
C6 NAG QA . -30.55 -43.02 12.07
C7 NAG QA . -24.35 -41.07 11.49
C8 NAG QA . -23.09 -40.30 11.25
N2 NAG QA . -25.49 -40.36 11.34
O3 NAG QA . -26.92 -40.12 13.81
O4 NAG QA . -28.97 -42.05 14.40
O5 NAG QA . -28.75 -42.25 10.73
O6 NAG QA . -31.19 -42.63 13.28
O7 NAG QA . -24.32 -42.27 11.79
C1 NAG RA . -46.69 -21.33 -23.07
C2 NAG RA . -48.23 -21.46 -22.90
C3 NAG RA . -48.94 -20.20 -23.42
C4 NAG RA . -48.37 -18.93 -22.78
C5 NAG RA . -46.86 -18.84 -23.00
C6 NAG RA . -46.22 -17.68 -22.28
C7 NAG RA . -49.40 -23.60 -22.91
C8 NAG RA . -49.86 -24.76 -23.74
N2 NAG RA . -48.74 -22.65 -23.56
O3 NAG RA . -50.33 -20.30 -23.13
O4 NAG RA . -49.01 -17.78 -23.35
O5 NAG RA . -46.23 -20.04 -22.51
O6 NAG RA . -47.08 -16.55 -22.27
O7 NAG RA . -49.63 -23.54 -21.71
#